data_9AXF
#
_entry.id   9AXF
#
_cell.length_a   1.00
_cell.length_b   1.00
_cell.length_c   1.00
_cell.angle_alpha   90.00
_cell.angle_beta   90.00
_cell.angle_gamma   90.00
#
_symmetry.space_group_name_H-M   'P 1'
#
loop_
_entity.id
_entity.type
_entity.pdbx_description
1 polymer 'Extracellular calcium-sensing receptor'
2 polymer 'Guanine nucleotide-binding protein G(i) subunit alpha-1,Adenylate cyclase-stimulating G alpha protein'
3 polymer 'Guanine nucleotide-binding protein G(I)/G(S)/G(T) subunit beta-1'
4 polymer 'Guanine nucleotide-binding protein G(I)/G(S)/G(O) subunit gamma-2'
5 polymer 'Single-chain antibody fragment scFv16'
6 polymer 'Nanobody Nb-35'
7 branched 2-acetamido-2-deoxy-beta-D-glucopyranose-(1-4)-2-acetamido-2-deoxy-beta-D-glucopyranose
8 non-polymer 2-acetamido-2-deoxy-beta-D-glucopyranose
9 non-polymer CYCLOMETHYLTRYPTOPHAN
10 non-polymer 'PHOSPHATE ION'
11 non-polymer 'CALCIUM ION'
12 non-polymer 3-(2-chlorophenyl)-N-[(1R)-1-(3-methoxyphenyl)ethyl]propan-1-amine
13 non-polymer 'Lauryl Maltose Neopentyl Glycol'
14 non-polymer 'CHOLESTEROL HEMISUCCINATE'
15 non-polymer CHOLESTEROL
#
loop_
_entity_poly.entity_id
_entity_poly.type
_entity_poly.pdbx_seq_one_letter_code
_entity_poly.pdbx_strand_id
1 'polypeptide(L)'
;MAFYSCCWVLLALTWHTSAYGPDQRAQKKGDIILGGLFPIHFGVAAKDQDLKSRPESVECIRYNFRGFRWLQAMIFAIEE
INSSPALLPNLTLGYRIFDTCNTVSKALEATLSFVAQNKIDSLNLDEFCNCSEHIPSTIAVVGATGSGVSTAVANLLGLF
YIPQVSYASSSRLLSNKNQFKSFLRTIPNDEHQATAMADIIEYFRWNWVGTIAADDDYGRPGIEKFREEAEERDICIDFS
ELISQYSDEEEIQHVVEVIQNSTAKVIVVFSSGPDLEPLIKEIVRRNITGKIWLASEAWASSSLIAMPQYFHVVGGTIGF
ALKAGQIPGFREFLKKVHPRKSVHNGFAKEFWEETFNCHLQEGAKGPLPVDTFLRGHEESGDRFSNSSTAFRPLCTGDEN
ISSVETPYIDYTHLRISYNVYLAVYSIAHALQDIYTCLPGRGLFTNGSCADIKKVEAWQVLKHLRHLNFTNNMGEQVTFD
ECGDLVGNYSIINWHLSPEDGSIVFKEVGYYNVYAKKGERLFINEEKILWSGFSREVPFSNCSRDCLAGTRKGIIEGEPT
CCFECVECPDGEYSDETDASACNKCPDDFWSNENHTSCIAKEIEFLSWTEPFGIALTLFAVLGIFLTAFVLGVFIKFRNT
PIVKATNRELSYLLLFSLLCCFSSSLFFIGEPQDWTCRLRQPAFGISFVLCISCILVKTNRVLLVFEAKIPTSFHRKWWG
LNLQFLLVFLCTFMQIVICVIWLYTAPPSSYRNQELEDEIIFITCHEGSLMALGFLIGYTCLLAAICFFFAFKSRKLPEN
FNEAKFITFSMLIFFIVWISFIPAYASTYGKFVSAVEVIAILAASFGLLACIFFNKIYIILFKPSRNTIEEVRCSTAAHA
FKVAARATLRRSNVSRKRSSSLGDYKDDDDK
;
R,Q
2 'polypeptide(L)'
;MGCTLSAEDKAAVERSKMIEKQLQKDKQVYRATHRLLLLGADNSGKSTIVKQMRILHGGSGGSGGTSGIFETKFQVDKVN
FHMFDVGGQRDERRKWIQCFNDVTAIIFVVDSSDYNRLQEALNDFKSIWNNRWLRTISVILFLNKQDLLAEKVLAGKSKI
EDYFPEFARYTTPEDATPEPGEDPRVTRAKYFIRDEFLRISTASGDGRHYCYPHFTCAVDTENARRIFNDCKDIILQMNL
REYNLV
;
A
3 'polypeptide(L)'
;MDYKDDDDKSELDQLRQEAEQLKNQIRDARKACADATLSQITNNIDPVGRIQMRTRRTLRGHLAKIYAMHWGTDSRLLVS
ASQDGKLIIWDSYTTNKVHAIPLRSSWVMTCAYAPSGNYVACGGLDNICSIYNLKTREGNVRVSRELAGHTGYLSCCRFL
DDNQIVTSSGDTTCALWDIETGQQTTTFTGHTGDVMSLSLAPDTRLFVSGACDASAKLWDVREGMCRQTFTGHESDINAI
CFFPNGNAFATGSDDATCRLFDLRADQELMTYSHDNIICGITSVSFSKSGRLLLAGYDDFNCNVWDALKADRAGVLAGHD
NRVSCLGVTDDGMAVATGSWDSFLKIWN
;
B
4 'polypeptide(L)' MASNNTASIAQARKLVEQLKMEANIDRIKVSKAAADLMAYCEAHAKEDPLLTPVPASENPFREKKFFCAIL G
5 'polypeptide(L)'
;MLLVNQSHQGFNKEHTSKMVSAIVLYVLLAAAAHSAFADVQLVESGGGLVQPGGSRKLSCSASGFAFSSFGMHWVRQAPE
KGLEWVAYISSGSGTIYYADTVKGRFTISRDDPKNTLFLQMTSLRSEDTAMYYCVRSIYYYGSSPFDFWGQGTTLTVSSG
GGGSGGGGSGGGGSDIVMTQATSSVPVTPGESVSISCRSSKSLLHSNGNTYLYWFLQRPGQSPQLLIYRMSNLASGVPDR
FSGSGSGTAFTLTISRLEAEDVGVYYCMQHLEYPLTFGAGTKLELKAAAHHHHHHHH
;
H
6 'polypeptide(L)'
;MKYLLPTAAAGLLLLAAQPAMAQVQLQESGGGLVQPGGSLRLSCAASGFTFSNYKMNWVRQAPGKGLEWVSDISQSGASI
SYTGSVKGRFTISRDNAKNTLYLQMNSLKPEDTAVYYCARCPAPFTRDCFDVTSTTYAYRGQGTQVTVSSHHHHHHEPEA
;
N
#
loop_
_chem_comp.id
_chem_comp.type
_chem_comp.name
_chem_comp.formula
9IG non-polymer 3-(2-chlorophenyl)-N-[(1R)-1-(3-methoxyphenyl)ethyl]propan-1-amine 'C18 H22 Cl N O'
AV0 non-polymer 'Lauryl Maltose Neopentyl Glycol' 'C47 H88 O22'
CA non-polymer 'CALCIUM ION' 'Ca 2'
CLR non-polymer CHOLESTEROL 'C27 H46 O'
NAG D-saccharide, beta linking 2-acetamido-2-deoxy-beta-D-glucopyranose 'C8 H15 N O6'
PO4 non-polymer 'PHOSPHATE ION' 'O4 P -3'
Y01 non-polymer 'CHOLESTEROL HEMISUCCINATE' 'C31 H50 O4'
#
# COMPACT_ATOMS: atom_id res chain seq x y z
N TYR A 20 -74.78 -71.04 -26.58
CA TYR A 20 -74.09 -71.69 -27.69
C TYR A 20 -74.46 -73.18 -27.79
N GLY A 21 -73.91 -73.98 -26.89
CA GLY A 21 -74.18 -75.39 -26.87
C GLY A 21 -74.75 -75.82 -25.54
N PRO A 22 -75.27 -77.06 -25.47
CA PRO A 22 -75.87 -77.53 -24.20
C PRO A 22 -74.91 -77.45 -23.02
N ASP A 23 -73.63 -77.72 -23.25
CA ASP A 23 -72.62 -77.63 -22.20
C ASP A 23 -71.93 -76.28 -22.17
N GLN A 24 -72.33 -75.34 -23.03
CA GLN A 24 -71.58 -74.10 -23.22
C GLN A 24 -72.32 -72.87 -22.70
N ARG A 25 -73.34 -73.05 -21.87
CA ARG A 25 -73.93 -71.91 -21.18
C ARG A 25 -74.66 -72.41 -19.95
N ALA A 26 -75.13 -71.47 -19.14
CA ALA A 26 -75.90 -71.78 -17.93
C ALA A 26 -77.15 -70.92 -17.92
N GLN A 27 -78.32 -71.56 -17.96
CA GLN A 27 -79.58 -70.83 -17.95
C GLN A 27 -80.45 -71.28 -16.78
N LYS A 28 -81.18 -70.32 -16.22
CA LYS A 28 -82.31 -70.62 -15.35
C LYS A 28 -83.41 -69.62 -15.67
N LYS A 29 -84.63 -70.14 -15.82
CA LYS A 29 -85.77 -69.31 -16.21
C LYS A 29 -86.37 -68.60 -15.01
N GLY A 30 -86.82 -67.37 -15.23
CA GLY A 30 -87.40 -66.60 -14.16
C GLY A 30 -88.21 -65.44 -14.70
N ASP A 31 -88.67 -64.59 -13.78
CA ASP A 31 -89.43 -63.42 -14.16
C ASP A 31 -88.54 -62.35 -14.75
N ILE A 32 -87.36 -62.15 -14.17
CA ILE A 32 -86.42 -61.12 -14.59
C ILE A 32 -85.08 -61.78 -14.83
N ILE A 33 -84.50 -61.54 -16.00
CA ILE A 33 -83.31 -62.25 -16.47
C ILE A 33 -82.09 -61.34 -16.34
N LEU A 34 -81.02 -61.88 -15.75
CA LEU A 34 -79.73 -61.22 -15.64
C LEU A 34 -78.73 -61.92 -16.55
N GLY A 35 -77.90 -61.14 -17.24
CA GLY A 35 -76.87 -61.69 -18.06
C GLY A 35 -75.54 -61.83 -17.35
N GLY A 36 -74.71 -62.74 -17.84
CA GLY A 36 -73.42 -63.00 -17.23
C GLY A 36 -72.36 -63.25 -18.28
N LEU A 37 -71.13 -62.90 -17.94
CA LEU A 37 -69.99 -63.04 -18.83
C LEU A 37 -68.76 -63.35 -17.99
N PHE A 38 -68.27 -64.58 -18.05
CA PHE A 38 -67.14 -64.98 -17.25
C PHE A 38 -66.13 -65.73 -18.11
N PRO A 39 -64.84 -65.59 -17.82
CA PRO A 39 -63.83 -66.31 -18.57
C PRO A 39 -63.56 -67.71 -18.04
N ILE A 40 -64.41 -68.67 -18.39
CA ILE A 40 -64.18 -70.05 -17.99
C ILE A 40 -62.92 -70.62 -18.62
N HIS A 41 -62.38 -69.96 -19.64
CA HIS A 41 -61.13 -70.36 -20.26
C HIS A 41 -60.19 -69.16 -20.32
N PHE A 42 -58.90 -69.45 -20.40
CA PHE A 42 -57.88 -68.40 -20.45
C PHE A 42 -57.68 -67.81 -21.83
N GLY A 43 -58.01 -68.55 -22.88
CA GLY A 43 -57.78 -68.05 -24.22
C GLY A 43 -58.40 -68.97 -25.25
N VAL A 44 -58.04 -68.73 -26.50
CA VAL A 44 -58.56 -69.51 -27.62
C VAL A 44 -57.39 -70.07 -28.41
N ALA A 45 -57.64 -71.17 -29.12
CA ALA A 45 -56.61 -71.82 -29.90
C ALA A 45 -56.06 -70.89 -30.98
N ALA A 46 -54.74 -70.80 -31.06
CA ALA A 46 -54.09 -69.93 -32.03
C ALA A 46 -53.96 -70.61 -33.38
N LYS A 47 -55.07 -71.13 -33.91
CA LYS A 47 -55.08 -71.78 -35.22
C LYS A 47 -55.28 -70.70 -36.27
N ASP A 48 -54.19 -70.29 -36.92
CA ASP A 48 -54.28 -69.27 -37.95
C ASP A 48 -55.11 -69.75 -39.13
N GLN A 49 -55.90 -68.85 -39.70
CA GLN A 49 -56.76 -69.16 -40.83
C GLN A 49 -56.18 -68.52 -42.09
N ASP A 50 -55.99 -69.34 -43.13
CA ASP A 50 -55.62 -68.84 -44.44
C ASP A 50 -56.84 -68.61 -45.33
N LEU A 51 -58.05 -68.79 -44.77
CA LEU A 51 -59.30 -68.57 -45.49
C LEU A 51 -59.39 -69.42 -46.76
N LYS A 52 -58.85 -70.64 -46.69
CA LYS A 52 -59.01 -71.59 -47.78
C LYS A 52 -60.37 -72.28 -47.75
N SER A 53 -61.01 -72.35 -46.59
CA SER A 53 -62.34 -72.90 -46.44
C SER A 53 -63.16 -71.96 -45.57
N ARG A 54 -64.46 -72.24 -45.49
CA ARG A 54 -65.36 -71.39 -44.71
C ARG A 54 -64.90 -71.37 -43.25
N PRO A 55 -64.71 -70.18 -42.67
CA PRO A 55 -64.19 -70.11 -41.30
C PRO A 55 -65.08 -70.79 -40.28
N GLU A 56 -64.50 -71.68 -39.48
CA GLU A 56 -65.25 -72.40 -38.47
C GLU A 56 -65.22 -71.62 -37.15
N SER A 57 -65.69 -72.24 -36.08
CA SER A 57 -65.66 -71.61 -34.77
C SER A 57 -64.26 -71.74 -34.17
N VAL A 58 -64.00 -70.92 -33.16
CA VAL A 58 -62.72 -70.91 -32.48
C VAL A 58 -62.84 -71.72 -31.19
N GLU A 59 -61.77 -72.44 -30.85
CA GLU A 59 -61.77 -73.35 -29.71
C GLU A 59 -60.96 -72.75 -28.57
N CYS A 60 -61.55 -72.76 -27.37
CA CYS A 60 -60.86 -72.29 -26.18
C CYS A 60 -59.97 -73.41 -25.64
N ILE A 61 -58.88 -73.02 -24.96
CA ILE A 61 -57.81 -73.98 -24.70
C ILE A 61 -57.63 -74.29 -23.22
N ARG A 62 -57.24 -73.31 -22.41
CA ARG A 62 -56.93 -73.58 -21.01
C ARG A 62 -58.17 -73.36 -20.15
N TYR A 63 -58.30 -74.14 -19.07
CA TYR A 63 -59.45 -74.07 -18.20
C TYR A 63 -59.13 -73.22 -16.97
N ASN A 64 -60.01 -72.29 -16.66
CA ASN A 64 -59.85 -71.37 -15.54
C ASN A 64 -60.82 -71.75 -14.43
N PHE A 65 -60.29 -72.28 -13.33
CA PHE A 65 -61.13 -72.64 -12.20
C PHE A 65 -61.57 -71.42 -11.40
N ARG A 66 -60.75 -70.37 -11.39
CA ARG A 66 -61.13 -69.13 -10.73
C ARG A 66 -62.33 -68.49 -11.40
N GLY A 67 -62.39 -68.52 -12.73
CA GLY A 67 -63.55 -68.00 -13.43
C GLY A 67 -64.81 -68.80 -13.16
N PHE A 68 -64.67 -70.13 -13.08
CA PHE A 68 -65.83 -70.95 -12.73
C PHE A 68 -66.27 -70.67 -11.29
N ARG A 69 -65.32 -70.37 -10.40
CA ARG A 69 -65.69 -69.97 -9.04
C ARG A 69 -66.46 -68.66 -9.05
N TRP A 70 -66.06 -67.71 -9.90
CA TRP A 70 -66.79 -66.45 -10.01
C TRP A 70 -68.21 -66.68 -10.53
N LEU A 71 -68.35 -67.53 -11.55
CA LEU A 71 -69.66 -67.89 -12.06
C LEU A 71 -70.53 -68.51 -10.96
N GLN A 72 -69.93 -69.41 -10.17
CA GLN A 72 -70.65 -70.03 -9.07
C GLN A 72 -71.04 -68.99 -8.02
N ALA A 73 -70.20 -67.97 -7.82
CA ALA A 73 -70.54 -66.90 -6.89
C ALA A 73 -71.77 -66.13 -7.37
N MET A 74 -71.84 -65.85 -8.67
CA MET A 74 -73.03 -65.21 -9.21
C MET A 74 -74.28 -66.07 -9.01
N ILE A 75 -74.16 -67.36 -9.31
CA ILE A 75 -75.31 -68.26 -9.14
C ILE A 75 -75.73 -68.33 -7.68
N PHE A 76 -74.75 -68.38 -6.77
CA PHE A 76 -75.03 -68.42 -5.35
C PHE A 76 -75.77 -67.17 -4.90
N ALA A 77 -75.33 -66.00 -5.36
CA ALA A 77 -76.00 -64.77 -5.00
C ALA A 77 -77.44 -64.76 -5.50
N ILE A 78 -77.66 -65.20 -6.73
CA ILE A 78 -79.01 -65.22 -7.28
C ILE A 78 -79.91 -66.16 -6.47
N GLU A 79 -79.40 -67.35 -6.15
CA GLU A 79 -80.19 -68.30 -5.38
C GLU A 79 -80.48 -67.79 -3.97
N GLU A 80 -79.49 -67.15 -3.35
CA GLU A 80 -79.70 -66.59 -2.02
C GLU A 80 -80.75 -65.49 -2.04
N ILE A 81 -80.74 -64.65 -3.08
CA ILE A 81 -81.77 -63.62 -3.20
C ILE A 81 -83.14 -64.25 -3.42
N ASN A 82 -83.19 -65.32 -4.21
CA ASN A 82 -84.46 -66.00 -4.43
C ASN A 82 -85.01 -66.60 -3.14
N SER A 83 -84.13 -67.17 -2.31
CA SER A 83 -84.59 -67.75 -1.05
C SER A 83 -85.06 -66.69 -0.07
N SER A 84 -84.45 -65.51 -0.11
CA SER A 84 -84.79 -64.46 0.84
C SER A 84 -86.18 -63.90 0.57
N PRO A 85 -87.08 -63.90 1.56
CA PRO A 85 -88.40 -63.29 1.33
C PRO A 85 -88.39 -61.78 1.35
N ALA A 86 -87.46 -61.17 2.10
CA ALA A 86 -87.44 -59.71 2.23
C ALA A 86 -87.10 -59.04 0.91
N LEU A 87 -86.16 -59.60 0.15
CA LEU A 87 -85.72 -59.02 -1.12
C LEU A 87 -86.58 -59.57 -2.25
N LEU A 88 -87.26 -58.67 -2.95
CA LEU A 88 -88.13 -59.01 -4.07
C LEU A 88 -89.15 -60.10 -3.69
N PRO A 89 -90.13 -59.77 -2.84
CA PRO A 89 -91.17 -60.76 -2.52
C PRO A 89 -91.91 -61.20 -3.78
N ASN A 90 -92.22 -62.49 -3.85
CA ASN A 90 -93.02 -63.11 -4.90
C ASN A 90 -92.45 -62.94 -6.30
N LEU A 91 -91.17 -62.61 -6.43
CA LEU A 91 -90.54 -62.41 -7.73
C LEU A 91 -89.29 -63.27 -7.81
N THR A 92 -89.13 -63.96 -8.94
CA THR A 92 -88.00 -64.85 -9.13
C THR A 92 -87.06 -64.30 -10.19
N LEU A 93 -85.76 -64.35 -9.92
CA LEU A 93 -84.73 -63.89 -10.84
C LEU A 93 -84.16 -65.08 -11.59
N GLY A 94 -84.08 -64.96 -12.92
CA GLY A 94 -83.42 -65.93 -13.75
C GLY A 94 -82.09 -65.39 -14.26
N TYR A 95 -81.37 -66.25 -14.98
CA TYR A 95 -80.07 -65.85 -15.51
C TYR A 95 -79.74 -66.59 -16.79
N ARG A 96 -78.86 -65.98 -17.58
CA ARG A 96 -78.27 -66.58 -18.78
C ARG A 96 -76.79 -66.20 -18.79
N ILE A 97 -75.91 -67.19 -18.67
CA ILE A 97 -74.49 -66.97 -18.48
C ILE A 97 -73.71 -67.68 -19.58
N PHE A 98 -72.79 -66.95 -20.21
CA PHE A 98 -71.96 -67.45 -21.29
C PHE A 98 -70.48 -67.27 -20.93
N ASP A 99 -69.63 -67.83 -21.78
CA ASP A 99 -68.18 -67.80 -21.59
C ASP A 99 -67.55 -66.87 -22.61
N THR A 100 -66.70 -65.94 -22.14
CA THR A 100 -66.01 -65.02 -23.03
C THR A 100 -64.66 -65.55 -23.49
N CYS A 101 -64.03 -66.41 -22.70
CA CYS A 101 -62.70 -66.96 -23.01
C CYS A 101 -61.65 -65.86 -23.16
N ASN A 102 -61.83 -64.76 -22.42
CA ASN A 102 -60.92 -63.60 -22.48
C ASN A 102 -60.77 -63.09 -23.91
N THR A 103 -61.83 -63.21 -24.70
CA THR A 103 -61.80 -62.84 -26.10
C THR A 103 -62.99 -61.95 -26.42
N VAL A 104 -62.78 -60.99 -27.31
CA VAL A 104 -63.83 -60.04 -27.66
C VAL A 104 -64.92 -60.70 -28.49
N SER A 105 -64.55 -61.68 -29.33
CA SER A 105 -65.51 -62.26 -30.26
C SER A 105 -66.60 -63.06 -29.54
N LYS A 106 -66.20 -63.91 -28.60
CA LYS A 106 -67.18 -64.69 -27.84
C LYS A 106 -68.09 -63.78 -27.03
N ALA A 107 -67.51 -62.76 -26.39
CA ALA A 107 -68.31 -61.82 -25.61
C ALA A 107 -69.28 -61.06 -26.50
N LEU A 108 -68.87 -60.73 -27.72
CA LEU A 108 -69.76 -60.02 -28.63
C LEU A 108 -70.90 -60.92 -29.10
N GLU A 109 -70.63 -62.20 -29.34
CA GLU A 109 -71.72 -63.12 -29.67
C GLU A 109 -72.70 -63.23 -28.52
N ALA A 110 -72.18 -63.32 -27.29
CA ALA A 110 -73.06 -63.36 -26.13
C ALA A 110 -73.88 -62.08 -26.00
N THR A 111 -73.25 -60.93 -26.27
CA THR A 111 -73.96 -59.66 -26.21
C THR A 111 -75.04 -59.57 -27.27
N LEU A 112 -74.78 -60.11 -28.46
CA LEU A 112 -75.80 -60.16 -29.50
C LEU A 112 -76.99 -61.00 -29.03
N SER A 113 -76.70 -62.13 -28.38
CA SER A 113 -77.78 -62.93 -27.82
C SER A 113 -78.54 -62.16 -26.75
N PHE A 114 -77.82 -61.33 -25.98
CA PHE A 114 -78.47 -60.50 -24.97
C PHE A 114 -79.43 -59.50 -25.58
N VAL A 115 -79.00 -58.82 -26.65
CA VAL A 115 -79.78 -57.73 -27.23
C VAL A 115 -80.63 -58.17 -28.42
N ALA A 116 -80.75 -59.47 -28.66
CA ALA A 116 -81.59 -59.97 -29.74
C ALA A 116 -83.02 -59.48 -29.65
N GLN A 117 -83.52 -59.21 -28.45
CA GLN A 117 -84.89 -58.73 -28.26
C GLN A 117 -84.99 -57.21 -28.28
N ASN A 118 -83.95 -56.49 -27.88
CA ASN A 118 -83.95 -55.04 -28.03
C ASN A 118 -83.75 -54.64 -29.50
N LYS A 119 -83.15 -55.52 -30.30
CA LYS A 119 -82.93 -55.21 -31.71
C LYS A 119 -84.20 -55.25 -32.53
N ILE A 120 -85.34 -55.67 -31.96
CA ILE A 120 -86.59 -55.71 -32.72
C ILE A 120 -86.99 -54.31 -33.18
N ASP A 121 -87.00 -53.35 -32.26
CA ASP A 121 -87.38 -51.97 -32.58
C ASP A 121 -86.13 -51.13 -32.87
N SER A 122 -85.36 -51.59 -33.86
CA SER A 122 -84.14 -50.91 -34.28
C SER A 122 -84.45 -50.08 -35.52
N LEU A 123 -84.07 -48.80 -35.49
CA LEU A 123 -84.44 -47.89 -36.57
C LEU A 123 -83.60 -48.12 -37.82
N ASN A 124 -82.41 -48.69 -37.67
CA ASN A 124 -81.48 -48.85 -38.79
C ASN A 124 -82.05 -49.68 -39.92
N LEU A 125 -82.97 -50.60 -39.63
CA LEU A 125 -83.64 -51.40 -40.64
C LEU A 125 -85.03 -50.84 -40.90
N ASP A 126 -85.32 -50.53 -42.16
CA ASP A 126 -86.67 -50.13 -42.53
C ASP A 126 -87.64 -51.31 -42.44
N GLU A 127 -87.15 -52.52 -42.74
CA GLU A 127 -87.97 -53.71 -42.68
C GLU A 127 -88.15 -54.16 -41.23
N PHE A 128 -89.03 -55.15 -41.05
CA PHE A 128 -89.38 -55.66 -39.73
C PHE A 128 -88.69 -56.99 -39.50
N CYS A 129 -87.96 -57.08 -38.38
CA CYS A 129 -87.33 -58.33 -37.98
C CYS A 129 -88.25 -59.11 -37.06
N ASN A 130 -88.09 -60.44 -37.05
CA ASN A 130 -88.90 -61.32 -36.25
C ASN A 130 -88.02 -62.14 -35.32
N CYS A 131 -88.39 -62.20 -34.04
CA CYS A 131 -87.71 -63.02 -33.05
C CYS A 131 -88.76 -63.77 -32.24
N SER A 132 -88.48 -65.02 -31.94
CA SER A 132 -89.44 -65.83 -31.17
C SER A 132 -89.59 -65.27 -29.76
N GLU A 133 -90.81 -65.38 -29.23
CA GLU A 133 -91.08 -64.87 -27.89
C GLU A 133 -90.33 -65.66 -26.81
N HIS A 134 -89.85 -66.86 -27.14
CA HIS A 134 -89.09 -67.65 -26.18
C HIS A 134 -87.81 -66.93 -25.75
N ILE A 135 -87.26 -66.10 -26.63
CA ILE A 135 -86.07 -65.31 -26.32
C ILE A 135 -86.44 -64.30 -25.23
N PRO A 136 -85.76 -64.30 -24.09
CA PRO A 136 -86.12 -63.39 -23.01
C PRO A 136 -85.48 -62.02 -23.21
N SER A 137 -85.78 -61.11 -22.30
CA SER A 137 -85.21 -59.77 -22.30
C SER A 137 -84.27 -59.64 -21.11
N THR A 138 -82.99 -59.44 -21.40
CA THR A 138 -81.97 -59.28 -20.37
C THR A 138 -82.11 -57.87 -19.80
N ILE A 139 -82.17 -57.77 -18.47
CA ILE A 139 -82.40 -56.47 -17.86
C ILE A 139 -81.09 -55.84 -17.40
N ALA A 140 -80.09 -56.68 -17.10
CA ALA A 140 -78.78 -56.20 -16.69
C ALA A 140 -77.77 -57.30 -16.95
N VAL A 141 -76.50 -56.91 -17.01
CA VAL A 141 -75.41 -57.83 -17.34
C VAL A 141 -74.32 -57.71 -16.29
N VAL A 142 -73.78 -58.85 -15.88
CA VAL A 142 -72.65 -58.91 -14.96
C VAL A 142 -71.44 -59.39 -15.76
N GLY A 143 -70.49 -58.51 -15.97
CA GLY A 143 -69.32 -58.79 -16.79
C GLY A 143 -68.80 -57.49 -17.36
N ALA A 144 -67.52 -57.50 -17.75
CA ALA A 144 -66.70 -58.70 -17.79
C ALA A 144 -65.36 -58.44 -17.13
N THR A 145 -64.40 -59.34 -17.33
CA THR A 145 -63.10 -59.28 -16.68
C THR A 145 -62.13 -58.32 -17.37
N GLY A 146 -61.94 -58.45 -18.68
CA GLY A 146 -61.00 -57.61 -19.40
C GLY A 146 -61.60 -56.26 -19.74
N SER A 147 -60.73 -55.25 -19.80
CA SER A 147 -61.21 -53.89 -20.08
C SER A 147 -61.55 -53.72 -21.55
N GLY A 148 -60.78 -54.34 -22.45
CA GLY A 148 -61.14 -54.29 -23.86
C GLY A 148 -62.43 -55.05 -24.13
N VAL A 149 -62.58 -56.22 -23.51
CA VAL A 149 -63.82 -56.98 -23.60
C VAL A 149 -64.99 -56.17 -23.04
N SER A 150 -64.76 -55.51 -21.90
CA SER A 150 -65.82 -54.70 -21.31
C SER A 150 -66.19 -53.53 -22.21
N THR A 151 -65.21 -52.91 -22.86
CA THR A 151 -65.50 -51.81 -23.77
C THR A 151 -66.33 -52.29 -24.96
N ALA A 152 -65.93 -53.41 -25.55
CA ALA A 152 -66.66 -53.95 -26.71
C ALA A 152 -68.09 -54.31 -26.33
N VAL A 153 -68.28 -54.93 -25.16
CA VAL A 153 -69.63 -55.26 -24.71
C VAL A 153 -70.42 -53.99 -24.39
N ALA A 154 -69.75 -53.00 -23.80
CA ALA A 154 -70.42 -51.79 -23.33
C ALA A 154 -70.95 -50.97 -24.49
N ASN A 155 -70.23 -50.97 -25.61
CA ASN A 155 -70.75 -50.30 -26.80
C ASN A 155 -72.17 -50.77 -27.13
N LEU A 156 -72.33 -52.07 -27.40
CA LEU A 156 -73.64 -52.60 -27.75
C LEU A 156 -74.63 -52.46 -26.61
N LEU A 157 -74.21 -52.67 -25.36
CA LEU A 157 -75.16 -52.61 -24.26
C LEU A 157 -75.69 -51.20 -24.06
N GLY A 158 -74.82 -50.19 -24.14
CA GLY A 158 -75.27 -48.82 -23.99
C GLY A 158 -75.98 -48.30 -25.22
N LEU A 159 -75.85 -49.01 -26.35
CA LEU A 159 -76.70 -48.72 -27.49
C LEU A 159 -78.17 -48.83 -27.13
N PHE A 160 -78.52 -49.78 -26.26
CA PHE A 160 -79.90 -50.02 -25.85
C PHE A 160 -80.16 -49.68 -24.38
N TYR A 161 -79.25 -48.97 -23.72
CA TYR A 161 -79.42 -48.53 -22.34
C TYR A 161 -79.63 -49.70 -21.39
N ILE A 162 -78.94 -50.80 -21.63
CA ILE A 162 -78.94 -51.97 -20.75
C ILE A 162 -77.83 -51.77 -19.73
N PRO A 163 -78.13 -51.71 -18.44
CA PRO A 163 -77.08 -51.53 -17.43
C PRO A 163 -76.11 -52.71 -17.44
N GLN A 164 -74.84 -52.39 -17.20
CA GLN A 164 -73.77 -53.39 -17.15
C GLN A 164 -72.90 -53.09 -15.94
N VAL A 165 -72.77 -54.08 -15.06
CA VAL A 165 -71.99 -53.93 -13.83
C VAL A 165 -70.83 -54.91 -13.90
N SER A 166 -69.61 -54.37 -13.92
CA SER A 166 -68.43 -55.21 -14.01
C SER A 166 -67.88 -55.51 -12.61
N TYR A 167 -67.03 -56.54 -12.56
CA TYR A 167 -66.43 -56.97 -11.31
C TYR A 167 -64.91 -56.94 -11.33
N ALA A 168 -64.27 -56.87 -12.50
CA ALA A 168 -62.83 -56.88 -12.60
C ALA A 168 -62.25 -55.81 -13.51
N SER A 169 -63.02 -55.27 -14.46
CA SER A 169 -62.49 -54.25 -15.36
C SER A 169 -62.21 -52.97 -14.58
N SER A 170 -60.99 -52.44 -14.72
CA SER A 170 -60.55 -51.31 -13.92
C SER A 170 -59.92 -50.19 -14.75
N SER A 171 -60.03 -50.25 -16.07
CA SER A 171 -59.46 -49.20 -16.90
C SER A 171 -60.20 -47.88 -16.68
N ARG A 172 -59.44 -46.79 -16.62
CA ARG A 172 -60.03 -45.46 -16.46
C ARG A 172 -60.84 -45.03 -17.67
N LEU A 173 -60.58 -45.61 -18.85
CA LEU A 173 -61.29 -45.22 -20.06
C LEU A 173 -62.78 -45.50 -19.95
N LEU A 174 -63.17 -46.44 -19.08
CA LEU A 174 -64.56 -46.79 -18.87
C LEU A 174 -65.27 -45.84 -17.91
N SER A 175 -64.57 -44.81 -17.43
CA SER A 175 -65.21 -43.77 -16.63
C SER A 175 -65.81 -42.65 -17.47
N ASN A 176 -65.51 -42.61 -18.77
CA ASN A 176 -66.06 -41.59 -19.65
C ASN A 176 -67.51 -41.92 -19.96
N LYS A 177 -68.42 -41.05 -19.53
CA LYS A 177 -69.85 -41.31 -19.67
C LYS A 177 -70.43 -40.72 -20.94
N ASN A 178 -69.64 -39.96 -21.71
CA ASN A 178 -70.10 -39.53 -23.03
C ASN A 178 -70.06 -40.65 -24.05
N GLN A 179 -69.43 -41.77 -23.71
CA GLN A 179 -69.38 -42.94 -24.57
C GLN A 179 -70.05 -44.15 -23.94
N PHE A 180 -69.75 -44.43 -22.67
CA PHE A 180 -70.29 -45.59 -21.96
C PHE A 180 -71.40 -45.10 -21.04
N LYS A 181 -72.62 -45.04 -21.59
CA LYS A 181 -73.74 -44.50 -20.83
C LYS A 181 -74.14 -45.40 -19.68
N SER A 182 -74.23 -46.71 -19.93
CA SER A 182 -74.63 -47.68 -18.91
C SER A 182 -73.45 -48.57 -18.58
N PHE A 183 -72.64 -48.13 -17.61
CA PHE A 183 -71.53 -48.92 -17.13
C PHE A 183 -71.30 -48.62 -15.66
N LEU A 184 -71.21 -49.67 -14.85
CA LEU A 184 -70.96 -49.56 -13.42
C LEU A 184 -69.91 -50.59 -13.03
N ARG A 185 -69.24 -50.32 -11.91
CA ARG A 185 -68.16 -51.18 -11.44
C ARG A 185 -68.26 -51.38 -9.94
N THR A 186 -67.91 -52.59 -9.50
CA THR A 186 -67.69 -52.87 -8.09
C THR A 186 -66.22 -52.98 -7.74
N ILE A 187 -65.34 -52.61 -8.67
CA ILE A 187 -63.90 -52.61 -8.45
C ILE A 187 -63.40 -51.18 -8.61
N PRO A 188 -62.41 -50.74 -7.82
CA PRO A 188 -61.92 -49.37 -7.94
C PRO A 188 -61.17 -49.11 -9.23
N ASN A 189 -61.12 -47.84 -9.61
CA ASN A 189 -60.36 -47.40 -10.77
C ASN A 189 -58.86 -47.54 -10.49
N ASP A 190 -58.08 -47.44 -11.56
CA ASP A 190 -56.65 -47.73 -11.50
C ASP A 190 -55.76 -46.51 -11.40
N GLU A 191 -56.32 -45.31 -11.19
CA GLU A 191 -55.49 -44.15 -10.91
C GLU A 191 -54.76 -44.32 -9.59
N HIS A 192 -55.48 -44.79 -8.57
CA HIS A 192 -54.90 -44.94 -7.24
C HIS A 192 -53.79 -45.99 -7.24
N GLN A 193 -53.92 -47.02 -8.06
CA GLN A 193 -52.89 -48.06 -8.09
C GLN A 193 -51.58 -47.53 -8.67
N ALA A 194 -51.65 -46.73 -9.73
CA ALA A 194 -50.45 -46.13 -10.28
C ALA A 194 -49.83 -45.13 -9.31
N THR A 195 -50.67 -44.30 -8.68
CA THR A 195 -50.16 -43.38 -7.67
C THR A 195 -49.51 -44.14 -6.51
N ALA A 196 -50.07 -45.28 -6.14
CA ALA A 196 -49.51 -46.06 -5.04
C ALA A 196 -48.19 -46.71 -5.42
N MET A 197 -48.06 -47.17 -6.68
CA MET A 197 -46.77 -47.68 -7.14
C MET A 197 -45.71 -46.57 -7.09
N ALA A 198 -46.08 -45.37 -7.52
CA ALA A 198 -45.16 -44.24 -7.45
C ALA A 198 -44.78 -43.94 -6.00
N ASP A 199 -45.75 -44.00 -5.09
CA ASP A 199 -45.48 -43.76 -3.68
C ASP A 199 -44.53 -44.80 -3.10
N ILE A 200 -44.72 -46.07 -3.46
CA ILE A 200 -43.83 -47.12 -2.99
C ILE A 200 -42.41 -46.88 -3.50
N ILE A 201 -42.26 -46.55 -4.79
CA ILE A 201 -40.94 -46.34 -5.35
C ILE A 201 -40.26 -45.15 -4.67
N GLU A 202 -41.01 -44.07 -4.43
CA GLU A 202 -40.44 -42.92 -3.75
C GLU A 202 -40.06 -43.26 -2.32
N TYR A 203 -40.88 -44.07 -1.64
CA TYR A 203 -40.62 -44.41 -0.25
C TYR A 203 -39.34 -45.21 -0.11
N PHE A 204 -39.15 -46.21 -0.96
CA PHE A 204 -37.94 -47.02 -0.83
C PHE A 204 -36.71 -46.35 -1.43
N ARG A 205 -36.82 -45.08 -1.84
CA ARG A 205 -35.68 -44.27 -2.27
C ARG A 205 -34.99 -44.85 -3.51
N TRP A 206 -35.79 -45.12 -4.53
CA TRP A 206 -35.27 -45.46 -5.85
C TRP A 206 -35.57 -44.33 -6.82
N ASN A 207 -34.72 -44.21 -7.84
CA ASN A 207 -34.98 -43.25 -8.91
C ASN A 207 -34.77 -43.81 -10.31
N TRP A 208 -34.36 -45.06 -10.47
CA TRP A 208 -33.95 -45.61 -11.74
C TRP A 208 -34.65 -46.95 -11.92
N VAL A 209 -35.75 -46.93 -12.69
CA VAL A 209 -36.66 -48.06 -12.78
C VAL A 209 -37.01 -48.32 -14.24
N GLY A 210 -37.67 -49.45 -14.47
CA GLY A 210 -38.16 -49.80 -15.80
C GLY A 210 -39.64 -50.08 -15.79
N THR A 211 -40.28 -50.10 -16.96
CA THR A 211 -41.72 -50.29 -17.06
C THR A 211 -42.05 -51.31 -18.14
N ILE A 212 -43.01 -52.19 -17.84
CA ILE A 212 -43.58 -53.12 -18.80
C ILE A 212 -45.09 -53.02 -18.70
N ALA A 213 -45.78 -53.11 -19.84
CA ALA A 213 -47.22 -53.01 -19.85
C ALA A 213 -47.80 -53.91 -20.94
N ALA A 214 -49.06 -54.28 -20.76
CA ALA A 214 -49.78 -55.03 -21.77
C ALA A 214 -50.34 -54.08 -22.83
N ASP A 215 -50.32 -54.51 -24.08
CA ASP A 215 -50.82 -53.68 -25.16
C ASP A 215 -52.33 -53.76 -25.28
N ASP A 216 -53.04 -53.24 -24.27
CA ASP A 216 -54.49 -53.25 -24.28
C ASP A 216 -54.99 -52.06 -23.47
N ASP A 217 -56.32 -52.01 -23.29
CA ASP A 217 -56.97 -50.91 -22.60
C ASP A 217 -56.66 -50.86 -21.11
N TYR A 218 -56.04 -51.90 -20.56
CA TYR A 218 -55.74 -51.95 -19.14
C TYR A 218 -54.32 -51.49 -18.85
N GLY A 219 -53.35 -52.02 -19.60
CA GLY A 219 -51.96 -51.71 -19.32
C GLY A 219 -51.57 -50.29 -19.67
N ARG A 220 -51.99 -49.81 -20.85
CA ARG A 220 -51.50 -48.53 -21.35
C ARG A 220 -51.93 -47.34 -20.51
N PRO A 221 -53.21 -47.17 -20.16
CA PRO A 221 -53.56 -46.03 -19.30
C PRO A 221 -52.89 -46.06 -17.94
N GLY A 222 -52.76 -47.24 -17.35
CA GLY A 222 -52.09 -47.34 -16.06
C GLY A 222 -50.63 -46.98 -16.15
N ILE A 223 -49.96 -47.44 -17.21
CA ILE A 223 -48.54 -47.13 -17.35
C ILE A 223 -48.34 -45.66 -17.63
N GLU A 224 -49.27 -45.03 -18.35
CA GLU A 224 -49.18 -43.58 -18.57
C GLU A 224 -49.36 -42.80 -17.27
N LYS A 225 -50.36 -43.20 -16.47
CA LYS A 225 -50.56 -42.54 -15.18
C LYS A 225 -49.33 -42.70 -14.29
N PHE A 226 -48.76 -43.91 -14.26
CA PHE A 226 -47.54 -44.11 -13.48
C PHE A 226 -46.40 -43.26 -14.00
N ARG A 227 -46.27 -43.14 -15.32
CA ARG A 227 -45.20 -42.34 -15.88
C ARG A 227 -45.29 -40.89 -15.43
N GLU A 228 -46.50 -40.31 -15.49
CA GLU A 228 -46.63 -38.92 -15.10
C GLU A 228 -46.45 -38.75 -13.59
N GLU A 229 -46.99 -39.68 -12.80
CA GLU A 229 -46.80 -39.58 -11.35
C GLU A 229 -45.34 -39.72 -10.95
N ALA A 230 -44.59 -40.56 -11.68
CA ALA A 230 -43.17 -40.75 -11.39
C ALA A 230 -42.36 -39.53 -11.78
N GLU A 231 -42.63 -38.95 -12.95
CA GLU A 231 -41.88 -37.76 -13.34
C GLU A 231 -42.22 -36.58 -12.43
N GLU A 232 -43.40 -36.62 -11.80
CA GLU A 232 -43.70 -35.62 -10.79
C GLU A 232 -42.84 -35.79 -9.54
N ARG A 233 -42.39 -37.02 -9.28
CA ARG A 233 -41.64 -37.34 -8.07
C ARG A 233 -40.14 -37.47 -8.31
N ASP A 234 -39.63 -36.95 -9.42
CA ASP A 234 -38.20 -36.99 -9.76
C ASP A 234 -37.70 -38.43 -9.87
N ILE A 235 -38.47 -39.29 -10.53
CA ILE A 235 -38.10 -40.67 -10.80
C ILE A 235 -37.86 -40.82 -12.29
N CYS A 236 -36.76 -41.47 -12.65
CA CYS A 236 -36.33 -41.60 -14.03
C CYS A 236 -36.62 -43.01 -14.53
N ILE A 237 -37.28 -43.11 -15.67
CA ILE A 237 -37.64 -44.39 -16.28
C ILE A 237 -36.66 -44.69 -17.40
N ASP A 238 -35.97 -45.82 -17.30
CA ASP A 238 -34.99 -46.18 -18.33
C ASP A 238 -35.67 -46.69 -19.59
N PHE A 239 -36.40 -47.79 -19.49
CA PHE A 239 -37.02 -48.40 -20.65
C PHE A 239 -38.52 -48.54 -20.44
N SER A 240 -39.24 -48.70 -21.55
CA SER A 240 -40.68 -48.92 -21.52
C SER A 240 -41.03 -49.80 -22.72
N GLU A 241 -41.54 -50.99 -22.45
CA GLU A 241 -41.84 -51.96 -23.50
C GLU A 241 -43.29 -52.42 -23.39
N LEU A 242 -43.79 -53.00 -24.48
CA LEU A 242 -45.16 -53.49 -24.56
C LEU A 242 -45.14 -54.97 -24.91
N ILE A 243 -45.88 -55.77 -24.14
CA ILE A 243 -45.96 -57.21 -24.36
C ILE A 243 -47.42 -57.60 -24.52
N SER A 244 -47.63 -58.71 -25.20
CA SER A 244 -48.98 -59.23 -25.42
C SER A 244 -48.94 -60.75 -25.29
N GLN A 245 -50.13 -61.34 -25.21
CA GLN A 245 -50.25 -62.79 -25.15
C GLN A 245 -49.80 -63.46 -26.45
N TYR A 246 -49.84 -62.74 -27.56
CA TYR A 246 -49.52 -63.29 -28.87
C TYR A 246 -48.25 -62.69 -29.45
N SER A 247 -47.35 -62.23 -28.57
CA SER A 247 -46.09 -61.66 -29.03
C SER A 247 -45.21 -62.73 -29.63
N ASP A 248 -44.64 -62.45 -30.81
CA ASP A 248 -43.75 -63.39 -31.46
C ASP A 248 -42.47 -63.58 -30.64
N GLU A 249 -41.68 -64.58 -31.04
CA GLU A 249 -40.43 -64.86 -30.35
C GLU A 249 -39.47 -63.67 -30.46
N GLU A 250 -39.50 -62.98 -31.60
CA GLU A 250 -38.65 -61.81 -31.78
C GLU A 250 -38.99 -60.71 -30.78
N GLU A 251 -40.29 -60.46 -30.58
CA GLU A 251 -40.71 -59.41 -29.65
C GLU A 251 -40.29 -59.73 -28.23
N ILE A 252 -40.52 -60.97 -27.79
CA ILE A 252 -40.14 -61.38 -26.44
C ILE A 252 -38.63 -61.30 -26.27
N GLN A 253 -37.88 -61.74 -27.29
CA GLN A 253 -36.42 -61.66 -27.23
C GLN A 253 -35.96 -60.23 -27.12
N HIS A 254 -36.59 -59.32 -27.87
CA HIS A 254 -36.21 -57.91 -27.83
C HIS A 254 -36.48 -57.33 -26.45
N VAL A 255 -37.64 -57.65 -25.87
CA VAL A 255 -37.95 -57.11 -24.53
C VAL A 255 -36.99 -57.66 -23.50
N VAL A 256 -36.66 -58.95 -23.58
CA VAL A 256 -35.73 -59.56 -22.64
C VAL A 256 -34.35 -58.93 -22.77
N GLU A 257 -33.92 -58.69 -24.02
CA GLU A 257 -32.64 -58.03 -24.26
C GLU A 257 -32.62 -56.62 -23.69
N VAL A 258 -33.73 -55.90 -23.84
CA VAL A 258 -33.83 -54.56 -23.27
C VAL A 258 -33.73 -54.61 -21.75
N ILE A 259 -34.39 -55.59 -21.14
CA ILE A 259 -34.31 -55.76 -19.69
C ILE A 259 -32.87 -56.04 -19.26
N GLN A 260 -32.18 -56.91 -20.00
CA GLN A 260 -30.78 -57.22 -19.69
C GLN A 260 -29.89 -55.99 -19.81
N ASN A 261 -30.05 -55.22 -20.89
CA ASN A 261 -29.14 -54.12 -21.17
C ASN A 261 -29.25 -52.99 -20.16
N SER A 262 -30.29 -52.98 -19.34
CA SER A 262 -30.46 -51.92 -18.37
C SER A 262 -29.75 -52.26 -17.07
N THR A 263 -29.59 -51.25 -16.22
CA THR A 263 -29.03 -51.41 -14.89
C THR A 263 -30.04 -51.13 -13.79
N ALA A 264 -31.33 -51.06 -14.14
CA ALA A 264 -32.40 -50.74 -13.20
C ALA A 264 -32.99 -52.05 -12.68
N LYS A 265 -32.90 -52.25 -11.37
CA LYS A 265 -33.42 -53.47 -10.77
C LYS A 265 -34.94 -53.48 -10.74
N VAL A 266 -35.54 -52.36 -10.33
CA VAL A 266 -36.98 -52.29 -10.17
C VAL A 266 -37.67 -52.21 -11.52
N ILE A 267 -38.70 -53.02 -11.71
CA ILE A 267 -39.48 -53.03 -12.94
C ILE A 267 -40.97 -53.01 -12.57
N VAL A 268 -41.71 -52.08 -13.17
CA VAL A 268 -43.14 -51.95 -12.91
C VAL A 268 -43.91 -52.56 -14.06
N VAL A 269 -44.86 -53.44 -13.75
CA VAL A 269 -45.60 -54.19 -14.76
C VAL A 269 -47.10 -53.98 -14.55
N PHE A 270 -47.75 -53.40 -15.56
CA PHE A 270 -49.21 -53.34 -15.66
C PHE A 270 -49.65 -54.33 -16.72
N SER A 271 -50.03 -55.52 -16.27
CA SER A 271 -50.38 -56.60 -17.18
C SER A 271 -51.21 -57.62 -16.43
N SER A 272 -51.58 -58.70 -17.12
CA SER A 272 -52.31 -59.81 -16.53
C SER A 272 -51.50 -61.09 -16.75
N GLY A 273 -51.93 -62.15 -16.07
CA GLY A 273 -51.25 -63.41 -16.12
C GLY A 273 -51.08 -63.98 -17.52
N PRO A 274 -52.19 -64.13 -18.26
CA PRO A 274 -52.08 -64.65 -19.64
C PRO A 274 -51.22 -63.82 -20.55
N ASP A 275 -51.12 -62.49 -20.34
CA ASP A 275 -50.28 -61.64 -21.16
C ASP A 275 -48.85 -61.55 -20.69
N LEU A 276 -48.59 -61.77 -19.40
CA LEU A 276 -47.24 -61.75 -18.86
C LEU A 276 -46.55 -63.11 -18.93
N GLU A 277 -47.31 -64.18 -19.17
CA GLU A 277 -46.73 -65.52 -19.12
C GLU A 277 -45.59 -65.74 -20.09
N PRO A 278 -45.68 -65.38 -21.38
CA PRO A 278 -44.54 -65.64 -22.28
C PRO A 278 -43.24 -64.96 -21.86
N LEU A 279 -43.33 -63.71 -21.41
CA LEU A 279 -42.14 -62.98 -20.97
C LEU A 279 -41.51 -63.63 -19.76
N ILE A 280 -42.33 -64.02 -18.78
CA ILE A 280 -41.81 -64.68 -17.58
C ILE A 280 -41.17 -66.00 -17.96
N LYS A 281 -41.79 -66.75 -18.87
CA LYS A 281 -41.23 -68.02 -19.32
C LYS A 281 -39.86 -67.81 -19.94
N GLU A 282 -39.74 -66.82 -20.83
CA GLU A 282 -38.46 -66.58 -21.48
C GLU A 282 -37.39 -66.10 -20.50
N ILE A 283 -37.77 -65.24 -19.56
CA ILE A 283 -36.82 -64.76 -18.56
C ILE A 283 -36.32 -65.93 -17.70
N VAL A 284 -37.23 -66.82 -17.30
CA VAL A 284 -36.83 -67.99 -16.54
C VAL A 284 -35.92 -68.88 -17.37
N ARG A 285 -36.18 -68.96 -18.68
CA ARG A 285 -35.34 -69.78 -19.56
C ARG A 285 -33.91 -69.25 -19.61
N ARG A 286 -33.72 -67.93 -19.54
CA ARG A 286 -32.39 -67.35 -19.57
C ARG A 286 -31.81 -67.08 -18.20
N ASN A 287 -32.57 -67.36 -17.13
CA ASN A 287 -32.10 -67.18 -15.75
C ASN A 287 -31.64 -65.76 -15.49
N ILE A 288 -32.59 -64.83 -15.57
CA ILE A 288 -32.29 -63.41 -15.33
C ILE A 288 -32.82 -63.10 -13.94
N THR A 289 -31.92 -63.21 -12.96
CA THR A 289 -32.29 -63.01 -11.56
C THR A 289 -31.84 -61.63 -11.08
N GLY A 290 -32.16 -61.34 -9.82
CA GLY A 290 -31.81 -60.07 -9.24
C GLY A 290 -32.67 -58.91 -9.66
N LYS A 291 -33.95 -59.14 -9.97
CA LYS A 291 -34.86 -58.10 -10.41
C LYS A 291 -35.97 -57.93 -9.38
N ILE A 292 -36.44 -56.69 -9.23
CA ILE A 292 -37.51 -56.36 -8.30
C ILE A 292 -38.75 -56.03 -9.11
N TRP A 293 -39.83 -56.76 -8.87
CA TRP A 293 -41.06 -56.64 -9.65
C TRP A 293 -42.13 -56.00 -8.80
N LEU A 294 -42.78 -54.96 -9.33
CA LEU A 294 -43.94 -54.34 -8.72
C LEU A 294 -45.17 -54.73 -9.52
N ALA A 295 -46.02 -55.56 -8.94
CA ALA A 295 -47.16 -56.12 -9.63
C ALA A 295 -48.41 -55.27 -9.40
N SER A 296 -49.28 -55.26 -10.42
CA SER A 296 -50.61 -54.69 -10.30
C SER A 296 -51.59 -55.79 -9.87
N GLU A 297 -52.81 -55.36 -9.53
CA GLU A 297 -53.79 -56.28 -8.97
C GLU A 297 -54.11 -57.44 -9.90
N ALA A 298 -53.93 -57.28 -11.21
CA ALA A 298 -54.32 -58.32 -12.14
C ALA A 298 -53.45 -59.57 -11.99
N TRP A 299 -52.14 -59.40 -11.90
CA TRP A 299 -51.23 -60.55 -11.83
C TRP A 299 -50.50 -60.65 -10.50
N ALA A 300 -50.81 -59.80 -9.53
CA ALA A 300 -50.15 -59.92 -8.22
C ALA A 300 -50.50 -61.21 -7.51
N SER A 301 -51.59 -61.87 -7.88
CA SER A 301 -52.00 -63.12 -7.26
C SER A 301 -52.39 -64.14 -8.33
N SER A 302 -51.73 -64.06 -9.49
CA SER A 302 -52.02 -64.98 -10.57
C SER A 302 -51.44 -66.35 -10.29
N SER A 303 -52.18 -67.38 -10.69
CA SER A 303 -51.72 -68.75 -10.59
C SER A 303 -50.84 -69.16 -11.76
N LEU A 304 -50.70 -68.29 -12.77
CA LEU A 304 -49.84 -68.56 -13.91
C LEU A 304 -48.45 -68.00 -13.75
N ILE A 305 -48.22 -67.15 -12.76
CA ILE A 305 -46.91 -66.53 -12.55
C ILE A 305 -46.38 -66.94 -11.18
N ALA A 306 -47.29 -67.21 -10.24
CA ALA A 306 -46.90 -67.64 -8.90
C ALA A 306 -46.78 -69.17 -8.86
N MET A 307 -45.84 -69.67 -9.66
CA MET A 307 -45.54 -71.08 -9.78
C MET A 307 -44.13 -71.33 -9.29
N PRO A 308 -43.90 -72.31 -8.41
CA PRO A 308 -42.64 -72.36 -7.65
C PRO A 308 -41.39 -72.46 -8.50
N GLN A 309 -41.42 -73.12 -9.65
CA GLN A 309 -40.21 -73.21 -10.47
C GLN A 309 -39.85 -71.90 -11.14
N TYR A 310 -40.72 -70.89 -11.07
CA TYR A 310 -40.37 -69.54 -11.49
C TYR A 310 -39.81 -68.71 -10.34
N PHE A 311 -39.75 -69.26 -9.12
CA PHE A 311 -39.53 -68.43 -7.94
C PHE A 311 -38.21 -67.68 -8.02
N HIS A 312 -37.15 -68.35 -8.47
CA HIS A 312 -35.83 -67.71 -8.50
C HIS A 312 -35.83 -66.46 -9.36
N VAL A 313 -36.79 -66.34 -10.27
CA VAL A 313 -36.95 -65.11 -11.05
C VAL A 313 -37.94 -64.15 -10.41
N VAL A 314 -39.05 -64.64 -9.85
CA VAL A 314 -40.12 -63.76 -9.41
C VAL A 314 -40.36 -63.90 -7.91
N GLY A 315 -39.33 -64.21 -7.16
CA GLY A 315 -39.43 -64.21 -5.72
C GLY A 315 -39.35 -62.81 -5.15
N GLY A 316 -39.92 -62.64 -3.96
CA GLY A 316 -39.91 -61.34 -3.32
C GLY A 316 -40.73 -60.28 -4.01
N THR A 317 -41.62 -60.65 -4.92
CA THR A 317 -42.41 -59.69 -5.66
C THR A 317 -43.36 -58.96 -4.73
N ILE A 318 -43.53 -57.65 -4.97
CA ILE A 318 -44.45 -56.82 -4.20
C ILE A 318 -45.62 -56.45 -5.11
N GLY A 319 -46.84 -56.68 -4.62
CA GLY A 319 -48.02 -56.44 -5.43
C GLY A 319 -49.21 -55.88 -4.68
N PHE A 320 -50.30 -55.63 -5.40
CA PHE A 320 -51.51 -55.05 -4.84
C PHE A 320 -52.64 -56.08 -4.86
N ALA A 321 -53.52 -55.99 -3.86
CA ALA A 321 -54.69 -56.85 -3.78
C ALA A 321 -55.87 -56.02 -3.27
N LEU A 322 -57.06 -56.43 -3.69
CA LEU A 322 -58.27 -55.77 -3.23
C LEU A 322 -58.64 -56.26 -1.84
N LYS A 323 -59.39 -55.44 -1.11
CA LYS A 323 -59.90 -55.85 0.18
C LYS A 323 -60.87 -57.01 0.02
N ALA A 324 -60.68 -58.05 0.82
CA ALA A 324 -61.49 -59.26 0.68
C ALA A 324 -62.88 -59.03 1.26
N GLY A 325 -63.71 -60.07 1.17
CA GLY A 325 -65.05 -60.01 1.71
C GLY A 325 -65.47 -61.36 2.26
N GLN A 326 -66.63 -61.37 2.91
CA GLN A 326 -67.16 -62.56 3.54
C GLN A 326 -68.46 -62.96 2.84
N ILE A 327 -68.53 -64.21 2.40
CA ILE A 327 -69.74 -64.78 1.83
C ILE A 327 -70.06 -66.07 2.60
N PRO A 328 -70.81 -65.99 3.71
CA PRO A 328 -71.11 -67.20 4.47
C PRO A 328 -71.88 -68.22 3.64
N GLY A 329 -71.50 -69.49 3.79
CA GLY A 329 -72.13 -70.57 3.07
C GLY A 329 -71.66 -70.76 1.65
N PHE A 330 -70.67 -69.99 1.19
CA PHE A 330 -70.24 -70.08 -0.19
C PHE A 330 -69.44 -71.35 -0.46
N ARG A 331 -68.56 -71.73 0.46
CA ARG A 331 -67.75 -72.92 0.26
C ARG A 331 -68.62 -74.18 0.21
N GLU A 332 -69.65 -74.23 1.05
CA GLU A 332 -70.58 -75.36 1.01
C GLU A 332 -71.27 -75.46 -0.34
N PHE A 333 -71.68 -74.32 -0.90
CA PHE A 333 -72.26 -74.33 -2.24
C PHE A 333 -71.24 -74.80 -3.28
N LEU A 334 -69.99 -74.40 -3.12
CA LEU A 334 -68.95 -74.81 -4.07
C LEU A 334 -68.76 -76.33 -4.04
N LYS A 335 -68.77 -76.92 -2.84
CA LYS A 335 -68.45 -78.33 -2.71
C LYS A 335 -69.56 -79.25 -3.20
N LYS A 336 -70.74 -78.70 -3.47
CA LYS A 336 -71.90 -79.50 -3.87
C LYS A 336 -72.02 -79.66 -5.39
N VAL A 337 -70.98 -79.31 -6.15
CA VAL A 337 -71.07 -79.39 -7.60
C VAL A 337 -71.04 -80.84 -8.04
N HIS A 338 -71.81 -81.15 -9.09
CA HIS A 338 -71.94 -82.52 -9.60
C HIS A 338 -72.42 -82.39 -11.04
N PRO A 339 -71.81 -83.11 -11.99
CA PRO A 339 -72.24 -82.96 -13.39
C PRO A 339 -73.69 -83.30 -13.65
N ARG A 340 -74.25 -84.27 -12.93
CA ARG A 340 -75.63 -84.69 -13.17
C ARG A 340 -76.65 -83.85 -12.42
N LYS A 341 -76.35 -83.47 -11.17
CA LYS A 341 -77.27 -82.64 -10.42
C LYS A 341 -77.38 -81.24 -11.01
N SER A 342 -76.33 -80.77 -11.68
CA SER A 342 -76.31 -79.43 -12.26
C SER A 342 -76.85 -79.49 -13.67
N VAL A 343 -78.16 -79.27 -13.80
CA VAL A 343 -78.80 -79.21 -15.11
C VAL A 343 -78.85 -77.77 -15.63
N HIS A 344 -79.09 -76.80 -14.75
CA HIS A 344 -79.05 -75.40 -15.15
C HIS A 344 -77.62 -74.98 -15.49
N ASN A 345 -76.65 -75.48 -14.75
CA ASN A 345 -75.24 -75.11 -14.92
C ASN A 345 -74.59 -76.12 -15.86
N GLY A 346 -74.42 -75.73 -17.12
CA GLY A 346 -73.81 -76.59 -18.12
C GLY A 346 -72.30 -76.58 -18.12
N PHE A 347 -71.66 -75.75 -17.30
CA PHE A 347 -70.21 -75.74 -17.23
C PHE A 347 -69.66 -76.70 -16.20
N ALA A 348 -70.53 -77.47 -15.53
CA ALA A 348 -70.06 -78.39 -14.50
C ALA A 348 -69.37 -79.60 -15.10
N LYS A 349 -69.79 -80.02 -16.31
CA LYS A 349 -69.24 -81.23 -16.90
C LYS A 349 -67.75 -81.09 -17.21
N GLU A 350 -67.38 -80.02 -17.92
CA GLU A 350 -65.97 -79.83 -18.25
C GLU A 350 -65.15 -79.55 -17.00
N PHE A 351 -65.74 -78.84 -16.03
CA PHE A 351 -65.04 -78.60 -14.77
C PHE A 351 -64.71 -79.92 -14.07
N TRP A 352 -65.67 -80.83 -14.03
CA TRP A 352 -65.45 -82.14 -13.43
C TRP A 352 -64.37 -82.91 -14.20
N GLU A 353 -64.46 -82.90 -15.53
CA GLU A 353 -63.50 -83.64 -16.35
C GLU A 353 -62.09 -83.14 -16.14
N GLU A 354 -61.91 -81.81 -16.06
CA GLU A 354 -60.58 -81.26 -15.84
C GLU A 354 -60.11 -81.47 -14.40
N THR A 355 -61.04 -81.47 -13.45
CA THR A 355 -60.67 -81.69 -12.06
C THR A 355 -60.15 -83.10 -11.84
N PHE A 356 -60.86 -84.10 -12.37
CA PHE A 356 -60.52 -85.49 -12.12
C PHE A 356 -59.91 -86.20 -13.33
N ASN A 357 -59.54 -85.46 -14.37
CA ASN A 357 -58.82 -86.01 -15.53
C ASN A 357 -59.56 -87.23 -16.12
N CYS A 358 -60.87 -87.10 -16.23
CA CYS A 358 -61.71 -88.20 -16.70
C CYS A 358 -62.63 -87.69 -17.80
N HIS A 359 -63.30 -88.63 -18.46
CA HIS A 359 -64.23 -88.32 -19.55
C HIS A 359 -65.55 -89.03 -19.28
N LEU A 360 -66.60 -88.25 -19.02
CA LEU A 360 -67.91 -88.81 -18.75
C LEU A 360 -68.79 -88.77 -20.01
N ARG A 392 -58.11 -91.91 -21.89
CA ARG A 392 -58.53 -91.30 -20.64
C ARG A 392 -59.69 -92.07 -20.01
N PRO A 393 -59.56 -92.42 -18.73
CA PRO A 393 -60.60 -93.23 -18.08
C PRO A 393 -61.89 -92.46 -17.93
N LEU A 394 -62.97 -93.21 -17.71
CA LEU A 394 -64.29 -92.64 -17.53
C LEU A 394 -64.43 -92.04 -16.12
N CYS A 395 -65.53 -91.32 -15.91
CA CYS A 395 -65.82 -90.69 -14.63
C CYS A 395 -66.81 -91.58 -13.87
N THR A 396 -66.40 -92.06 -12.69
CA THR A 396 -67.29 -92.87 -11.88
C THR A 396 -68.43 -92.05 -11.30
N GLY A 397 -68.22 -90.74 -11.13
CA GLY A 397 -69.23 -89.89 -10.54
C GLY A 397 -69.25 -89.87 -9.04
N ASP A 398 -68.40 -90.66 -8.37
CA ASP A 398 -68.33 -90.71 -6.93
C ASP A 398 -67.09 -90.01 -6.39
N GLU A 399 -66.36 -89.27 -7.22
CA GLU A 399 -65.15 -88.61 -6.78
C GLU A 399 -65.47 -87.47 -5.81
N ASN A 400 -64.48 -87.10 -5.01
CA ASN A 400 -64.61 -86.04 -4.03
C ASN A 400 -63.84 -84.81 -4.54
N ILE A 401 -64.49 -83.65 -4.47
CA ILE A 401 -63.89 -82.42 -4.98
C ILE A 401 -62.60 -82.09 -4.21
N SER A 402 -62.62 -82.30 -2.90
CA SER A 402 -61.48 -81.95 -2.05
C SER A 402 -60.25 -82.81 -2.33
N SER A 403 -60.39 -83.90 -3.10
CA SER A 403 -59.25 -84.77 -3.37
C SER A 403 -58.24 -84.10 -4.29
N VAL A 404 -58.68 -83.16 -5.12
CA VAL A 404 -57.83 -82.52 -6.11
C VAL A 404 -57.62 -81.06 -5.72
N GLU A 405 -56.37 -80.62 -5.74
CA GLU A 405 -56.01 -79.26 -5.37
C GLU A 405 -56.08 -78.37 -6.61
N THR A 406 -57.11 -77.54 -6.67
CA THR A 406 -57.34 -76.61 -7.77
C THR A 406 -57.75 -75.27 -7.18
N PRO A 407 -57.60 -74.18 -7.94
CA PRO A 407 -58.05 -72.87 -7.45
C PRO A 407 -59.55 -72.80 -7.16
N TYR A 408 -60.31 -73.86 -7.45
CA TYR A 408 -61.75 -73.86 -7.15
C TYR A 408 -62.00 -73.73 -5.66
N ILE A 409 -61.22 -74.45 -4.85
CA ILE A 409 -61.35 -74.38 -3.39
C ILE A 409 -60.04 -74.02 -2.71
N ASP A 410 -58.89 -74.26 -3.33
CA ASP A 410 -57.59 -73.91 -2.75
C ASP A 410 -57.43 -72.40 -2.84
N TYR A 411 -58.14 -71.69 -1.96
CA TYR A 411 -58.06 -70.23 -1.90
C TYR A 411 -58.12 -69.80 -0.44
N THR A 412 -57.71 -68.56 -0.19
CA THR A 412 -57.75 -67.97 1.14
C THR A 412 -58.73 -66.81 1.23
N HIS A 413 -58.63 -65.84 0.33
CA HIS A 413 -59.48 -64.65 0.36
C HIS A 413 -60.41 -64.63 -0.85
N LEU A 414 -61.55 -63.96 -0.69
CA LEU A 414 -62.53 -63.79 -1.76
C LEU A 414 -62.60 -62.30 -2.08
N ARG A 415 -62.00 -61.91 -3.20
CA ARG A 415 -61.94 -60.51 -3.60
C ARG A 415 -62.74 -60.22 -4.87
N ILE A 416 -62.45 -60.90 -5.97
CA ILE A 416 -63.25 -60.73 -7.17
C ILE A 416 -64.61 -61.40 -7.01
N SER A 417 -64.65 -62.54 -6.31
CA SER A 417 -65.92 -63.19 -6.03
C SER A 417 -66.85 -62.30 -5.23
N TYR A 418 -66.28 -61.55 -4.28
CA TYR A 418 -67.09 -60.58 -3.56
C TYR A 418 -67.58 -59.48 -4.49
N ASN A 419 -66.80 -59.14 -5.51
CA ASN A 419 -67.25 -58.16 -6.49
C ASN A 419 -68.45 -58.68 -7.28
N VAL A 420 -68.41 -59.96 -7.66
CA VAL A 420 -69.55 -60.56 -8.37
C VAL A 420 -70.78 -60.57 -7.47
N TYR A 421 -70.59 -60.96 -6.21
CA TYR A 421 -71.67 -60.95 -5.23
C TYR A 421 -72.28 -59.55 -5.10
N LEU A 422 -71.43 -58.54 -4.99
CA LEU A 422 -71.91 -57.16 -4.85
C LEU A 422 -72.64 -56.71 -6.10
N ALA A 423 -72.17 -57.12 -7.28
CA ALA A 423 -72.85 -56.75 -8.51
C ALA A 423 -74.27 -57.30 -8.54
N VAL A 424 -74.42 -58.59 -8.23
CA VAL A 424 -75.75 -59.19 -8.23
C VAL A 424 -76.64 -58.53 -7.20
N TYR A 425 -76.11 -58.26 -6.00
CA TYR A 425 -76.93 -57.63 -4.97
C TYR A 425 -77.28 -56.19 -5.31
N SER A 426 -76.40 -55.50 -6.02
CA SER A 426 -76.73 -54.14 -6.45
C SER A 426 -77.87 -54.13 -7.45
N ILE A 427 -77.84 -55.05 -8.42
CA ILE A 427 -78.97 -55.15 -9.35
C ILE A 427 -80.26 -55.48 -8.59
N ALA A 428 -80.17 -56.43 -7.66
CA ALA A 428 -81.35 -56.83 -6.90
C ALA A 428 -81.89 -55.69 -6.06
N HIS A 429 -81.01 -54.88 -5.47
CA HIS A 429 -81.45 -53.76 -4.64
C HIS A 429 -82.07 -52.66 -5.48
N ALA A 430 -81.55 -52.43 -6.69
CA ALA A 430 -82.21 -51.49 -7.59
C ALA A 430 -83.61 -51.97 -7.94
N LEU A 431 -83.76 -53.26 -8.23
CA LEU A 431 -85.08 -53.81 -8.51
C LEU A 431 -86.00 -53.68 -7.31
N GLN A 432 -85.49 -53.92 -6.10
CA GLN A 432 -86.29 -53.77 -4.89
C GLN A 432 -86.74 -52.32 -4.70
N ASP A 433 -85.82 -51.36 -4.92
CA ASP A 433 -86.19 -49.96 -4.80
C ASP A 433 -87.27 -49.60 -5.80
N ILE A 434 -87.25 -50.22 -6.98
CA ILE A 434 -88.37 -50.07 -7.91
C ILE A 434 -89.64 -50.65 -7.30
N TYR A 435 -89.52 -51.82 -6.66
CA TYR A 435 -90.70 -52.55 -6.20
C TYR A 435 -91.41 -51.84 -5.04
N THR A 436 -90.69 -51.02 -4.28
CA THR A 436 -91.27 -50.33 -3.14
C THR A 436 -91.45 -48.83 -3.40
N CYS A 437 -91.76 -48.45 -4.64
CA CYS A 437 -91.86 -47.03 -4.98
C CYS A 437 -93.15 -46.44 -4.44
N LEU A 438 -93.03 -45.32 -3.68
CA LEU A 438 -94.21 -44.61 -3.22
C LEU A 438 -94.85 -43.83 -4.36
N PRO A 439 -96.19 -43.70 -4.37
CA PRO A 439 -96.86 -43.14 -5.55
C PRO A 439 -96.39 -41.75 -5.95
N GLY A 440 -95.98 -40.91 -4.99
CA GLY A 440 -95.58 -39.56 -5.33
C GLY A 440 -94.12 -39.27 -5.04
N ARG A 441 -93.24 -40.26 -5.19
CA ARG A 441 -91.81 -40.08 -4.96
C ARG A 441 -90.95 -40.77 -6.01
N GLY A 442 -91.50 -41.06 -7.19
CA GLY A 442 -90.74 -41.78 -8.19
C GLY A 442 -89.62 -40.92 -8.78
N LEU A 443 -88.64 -41.61 -9.36
CA LEU A 443 -87.51 -40.93 -10.00
C LEU A 443 -87.85 -40.39 -11.38
N PHE A 444 -89.02 -40.72 -11.90
CA PHE A 444 -89.37 -40.39 -13.28
C PHE A 444 -90.23 -39.13 -13.33
N THR A 445 -90.75 -38.83 -14.52
CA THR A 445 -91.46 -37.59 -14.77
C THR A 445 -92.67 -37.45 -13.83
N ASN A 446 -92.79 -36.26 -13.23
CA ASN A 446 -93.89 -35.95 -12.31
C ASN A 446 -93.91 -36.92 -11.13
N GLY A 447 -92.73 -37.41 -10.74
CA GLY A 447 -92.64 -38.35 -9.64
C GLY A 447 -93.31 -39.68 -9.89
N SER A 448 -93.45 -40.07 -11.15
CA SER A 448 -94.08 -41.35 -11.48
C SER A 448 -93.13 -42.50 -11.17
N CYS A 449 -93.72 -43.66 -10.87
CA CYS A 449 -92.97 -44.86 -10.56
C CYS A 449 -93.12 -45.88 -11.68
N ALA A 450 -92.16 -46.79 -11.73
CA ALA A 450 -92.19 -47.88 -12.70
C ALA A 450 -93.02 -49.03 -12.17
N ASP A 451 -93.35 -49.97 -13.06
CA ASP A 451 -94.08 -51.17 -12.71
C ASP A 451 -93.11 -52.35 -12.75
N ILE A 452 -92.99 -53.06 -11.63
CA ILE A 452 -92.03 -54.16 -11.55
C ILE A 452 -92.45 -55.33 -12.41
N LYS A 453 -93.73 -55.42 -12.78
CA LYS A 453 -94.18 -56.50 -13.64
C LYS A 453 -93.74 -56.28 -15.08
N LYS A 454 -93.57 -55.02 -15.49
CA LYS A 454 -93.14 -54.67 -16.84
C LYS A 454 -91.98 -53.67 -16.77
N VAL A 455 -91.05 -53.95 -15.85
CA VAL A 455 -89.88 -53.09 -15.66
C VAL A 455 -89.00 -53.12 -16.90
N GLU A 456 -88.31 -52.01 -17.15
CA GLU A 456 -87.48 -51.85 -18.32
C GLU A 456 -86.04 -51.56 -17.91
N ALA A 457 -85.12 -51.77 -18.86
CA ALA A 457 -83.69 -51.68 -18.54
C ALA A 457 -83.29 -50.26 -18.13
N TRP A 458 -83.79 -49.24 -18.82
CA TRP A 458 -83.37 -47.88 -18.53
C TRP A 458 -83.82 -47.44 -17.14
N GLN A 459 -84.97 -47.93 -16.69
CA GLN A 459 -85.41 -47.61 -15.33
C GLN A 459 -84.49 -48.24 -14.29
N VAL A 460 -84.03 -49.46 -14.54
CA VAL A 460 -83.09 -50.10 -13.62
C VAL A 460 -81.76 -49.36 -13.64
N LEU A 461 -81.36 -48.86 -14.81
CA LEU A 461 -80.14 -48.04 -14.87
C LEU A 461 -80.30 -46.77 -14.06
N LYS A 462 -81.46 -46.13 -14.16
CA LYS A 462 -81.74 -44.93 -13.36
C LYS A 462 -81.68 -45.23 -11.88
N HIS A 463 -82.23 -46.37 -11.46
CA HIS A 463 -82.20 -46.71 -10.03
C HIS A 463 -80.80 -47.12 -9.58
N LEU A 464 -80.00 -47.68 -10.47
CA LEU A 464 -78.61 -48.00 -10.14
C LEU A 464 -77.79 -46.73 -9.97
N ARG A 465 -78.11 -45.69 -10.74
CA ARG A 465 -77.37 -44.44 -10.63
C ARG A 465 -77.60 -43.77 -9.28
N HIS A 466 -78.76 -44.02 -8.67
CA HIS A 466 -79.10 -43.46 -7.36
C HIS A 466 -79.19 -44.53 -6.28
N LEU A 467 -78.32 -45.53 -6.32
CA LEU A 467 -78.38 -46.66 -5.40
C LEU A 467 -77.61 -46.35 -4.12
N ASN A 468 -78.15 -46.86 -3.00
CA ASN A 468 -77.49 -46.74 -1.71
C ASN A 468 -78.06 -47.85 -0.82
N PHE A 469 -77.24 -48.86 -0.54
CA PHE A 469 -77.66 -49.98 0.27
C PHE A 469 -76.50 -50.43 1.16
N THR A 470 -76.81 -51.33 2.09
CA THR A 470 -75.87 -51.79 3.10
C THR A 470 -75.44 -53.23 2.81
N ASN A 471 -74.14 -53.49 2.89
CA ASN A 471 -73.61 -54.81 2.61
C ASN A 471 -73.92 -55.78 3.75
N ASN A 472 -73.63 -57.06 3.50
CA ASN A 472 -73.77 -58.07 4.54
C ASN A 472 -72.81 -57.80 5.70
N MET A 473 -71.58 -57.39 5.39
CA MET A 473 -70.62 -57.07 6.44
C MET A 473 -70.96 -55.74 7.10
N GLY A 474 -71.79 -54.91 6.46
CA GLY A 474 -72.24 -53.68 7.07
C GLY A 474 -71.59 -52.41 6.55
N GLU A 475 -71.41 -52.32 5.23
CA GLU A 475 -70.82 -51.14 4.61
C GLU A 475 -71.77 -50.60 3.55
N GLN A 476 -71.67 -49.30 3.31
CA GLN A 476 -72.55 -48.61 2.37
C GLN A 476 -71.95 -48.66 0.97
N VAL A 477 -72.77 -48.97 -0.02
CA VAL A 477 -72.35 -49.12 -1.40
C VAL A 477 -73.10 -48.11 -2.25
N THR A 478 -72.37 -47.13 -2.80
CA THR A 478 -72.91 -46.18 -3.74
C THR A 478 -71.93 -46.03 -4.89
N PHE A 479 -72.44 -45.56 -6.03
CA PHE A 479 -71.63 -45.28 -7.19
C PHE A 479 -71.57 -43.78 -7.43
N ASP A 480 -70.43 -43.31 -7.90
CA ASP A 480 -70.25 -41.88 -8.14
C ASP A 480 -70.94 -41.45 -9.42
N GLU A 481 -70.66 -40.24 -9.88
CA GLU A 481 -71.22 -39.74 -11.13
C GLU A 481 -70.70 -40.49 -12.34
N CYS A 482 -69.66 -41.31 -12.19
CA CYS A 482 -69.10 -42.10 -13.27
C CYS A 482 -69.31 -43.59 -13.07
N GLY A 483 -69.99 -44.00 -12.00
CA GLY A 483 -70.24 -45.40 -11.76
C GLY A 483 -69.11 -46.16 -11.13
N ASP A 484 -68.32 -45.52 -10.26
CA ASP A 484 -67.15 -46.15 -9.66
C ASP A 484 -67.38 -46.37 -8.17
N LEU A 485 -66.74 -47.42 -7.65
CA LEU A 485 -66.77 -47.76 -6.23
C LEU A 485 -65.34 -47.82 -5.73
N VAL A 486 -64.97 -46.89 -4.86
CA VAL A 486 -63.59 -46.73 -4.42
C VAL A 486 -63.32 -47.61 -3.21
N GLY A 487 -62.11 -48.17 -3.15
CA GLY A 487 -61.77 -49.08 -2.07
C GLY A 487 -60.28 -49.10 -1.79
N ASN A 488 -59.93 -49.67 -0.64
CA ASN A 488 -58.57 -49.76 -0.14
C ASN A 488 -57.74 -50.74 -0.97
N TYR A 489 -56.43 -50.74 -0.73
CA TYR A 489 -55.53 -51.74 -1.31
C TYR A 489 -54.68 -52.36 -0.22
N SER A 490 -54.34 -53.63 -0.41
CA SER A 490 -53.44 -54.37 0.47
C SER A 490 -52.17 -54.70 -0.28
N ILE A 491 -51.02 -54.35 0.29
CA ILE A 491 -49.74 -54.55 -0.36
C ILE A 491 -49.13 -55.85 0.16
N ILE A 492 -48.89 -56.79 -0.76
CA ILE A 492 -48.51 -58.15 -0.45
C ILE A 492 -47.14 -58.46 -1.02
N ASN A 493 -46.51 -59.50 -0.47
CA ASN A 493 -45.19 -59.94 -0.88
C ASN A 493 -45.21 -61.43 -1.17
N TRP A 494 -44.41 -61.86 -2.14
CA TRP A 494 -44.37 -63.25 -2.58
C TRP A 494 -43.27 -63.98 -1.83
N HIS A 495 -43.65 -64.81 -0.86
CA HIS A 495 -42.72 -65.60 -0.08
C HIS A 495 -42.78 -67.07 -0.51
N LEU A 496 -41.91 -67.87 0.08
CA LEU A 496 -41.88 -69.30 -0.16
C LEU A 496 -42.56 -70.05 0.98
N SER A 497 -43.10 -71.22 0.65
CA SER A 497 -43.78 -72.04 1.64
C SER A 497 -42.81 -73.07 2.20
N PRO A 498 -42.50 -73.00 3.50
CA PRO A 498 -41.57 -74.00 4.08
C PRO A 498 -42.11 -75.43 4.00
N GLU A 499 -43.42 -75.62 4.07
CA GLU A 499 -43.98 -76.96 4.12
C GLU A 499 -44.27 -77.51 2.73
N ASP A 500 -45.15 -76.85 1.99
CA ASP A 500 -45.56 -77.37 0.68
C ASP A 500 -44.49 -77.10 -0.38
N GLY A 501 -43.79 -75.98 -0.27
CA GLY A 501 -42.92 -75.51 -1.33
C GLY A 501 -43.58 -74.60 -2.34
N SER A 502 -44.81 -74.17 -2.07
CA SER A 502 -45.55 -73.27 -2.95
C SER A 502 -45.19 -71.83 -2.61
N ILE A 503 -45.96 -70.88 -3.14
CA ILE A 503 -45.71 -69.46 -2.97
C ILE A 503 -46.80 -68.87 -2.08
N VAL A 504 -46.39 -68.16 -1.04
CA VAL A 504 -47.31 -67.57 -0.08
C VAL A 504 -47.43 -66.07 -0.36
N PHE A 505 -48.59 -65.51 -0.04
CA PHE A 505 -48.87 -64.09 -0.24
C PHE A 505 -49.01 -63.45 1.13
N LYS A 506 -47.88 -63.03 1.70
CA LYS A 506 -47.90 -62.34 2.98
C LYS A 506 -48.32 -60.89 2.80
N GLU A 507 -48.96 -60.34 3.83
CA GLU A 507 -49.39 -58.95 3.83
C GLU A 507 -48.30 -58.10 4.48
N VAL A 508 -47.76 -57.15 3.72
CA VAL A 508 -46.69 -56.29 4.21
C VAL A 508 -47.12 -54.84 4.36
N GLY A 509 -48.29 -54.46 3.88
CA GLY A 509 -48.74 -53.10 4.10
C GLY A 509 -50.12 -52.84 3.54
N TYR A 510 -50.50 -51.57 3.57
CA TYR A 510 -51.78 -51.16 3.02
C TYR A 510 -51.68 -49.77 2.43
N TYR A 511 -52.54 -49.53 1.44
CA TYR A 511 -52.71 -48.22 0.79
C TYR A 511 -54.15 -47.78 1.04
N ASN A 512 -54.30 -46.72 1.84
CA ASN A 512 -55.59 -46.18 2.23
C ASN A 512 -55.92 -45.07 1.25
N VAL A 513 -56.87 -45.32 0.35
CA VAL A 513 -57.19 -44.38 -0.72
C VAL A 513 -58.06 -43.24 -0.19
N TYR A 514 -58.48 -43.33 1.07
CA TYR A 514 -59.32 -42.30 1.67
C TYR A 514 -58.52 -41.21 2.37
N ALA A 515 -57.27 -41.48 2.73
CA ALA A 515 -56.47 -40.51 3.47
C ALA A 515 -56.00 -39.40 2.53
N LYS A 516 -55.46 -38.33 3.14
CA LYS A 516 -54.91 -37.23 2.39
C LYS A 516 -53.65 -37.68 1.65
N LYS A 517 -53.36 -36.99 0.54
CA LYS A 517 -52.20 -37.34 -0.27
C LYS A 517 -50.92 -37.19 0.54
N GLY A 518 -50.08 -38.22 0.50
CA GLY A 518 -48.85 -38.25 1.26
C GLY A 518 -48.91 -39.04 2.55
N GLU A 519 -50.11 -39.37 3.02
CA GLU A 519 -50.29 -40.15 4.24
C GLU A 519 -51.18 -41.35 3.97
N ARG A 520 -50.96 -42.02 2.85
CA ARG A 520 -51.77 -43.16 2.44
C ARG A 520 -51.03 -44.48 2.46
N LEU A 521 -49.73 -44.49 2.25
CA LEU A 521 -48.94 -45.71 2.15
C LEU A 521 -48.42 -46.10 3.52
N PHE A 522 -48.57 -47.38 3.87
CA PHE A 522 -47.96 -47.91 5.07
C PHE A 522 -47.36 -49.27 4.73
N ILE A 523 -46.10 -49.47 5.12
CA ILE A 523 -45.38 -50.72 4.84
C ILE A 523 -44.55 -51.09 6.06
N ASN A 524 -44.58 -52.37 6.43
CA ASN A 524 -43.70 -52.94 7.45
C ASN A 524 -42.54 -53.60 6.72
N GLU A 525 -41.41 -52.89 6.62
CA GLU A 525 -40.24 -53.41 5.94
C GLU A 525 -39.65 -54.62 6.66
N GLU A 526 -40.02 -54.85 7.92
CA GLU A 526 -39.50 -55.98 8.68
C GLU A 526 -40.00 -57.32 8.16
N LYS A 527 -41.02 -57.32 7.29
CA LYS A 527 -41.55 -58.55 6.73
C LYS A 527 -41.19 -58.76 5.26
N ILE A 528 -40.75 -57.71 4.56
CA ILE A 528 -40.43 -57.83 3.15
C ILE A 528 -39.13 -58.59 3.01
N LEU A 529 -39.13 -59.63 2.17
CA LEU A 529 -37.95 -60.41 1.85
C LEU A 529 -37.61 -60.15 0.40
N TRP A 530 -36.63 -59.27 0.18
CA TRP A 530 -36.25 -58.89 -1.17
C TRP A 530 -35.62 -60.08 -1.88
N SER A 531 -36.05 -60.28 -3.13
CA SER A 531 -35.68 -61.44 -3.94
C SER A 531 -36.11 -62.74 -3.25
N GLY A 532 -36.91 -62.63 -2.20
CA GLY A 532 -37.43 -63.78 -1.50
C GLY A 532 -36.62 -64.25 -0.31
N PHE A 533 -35.38 -63.79 -0.15
CA PHE A 533 -34.53 -64.30 0.90
C PHE A 533 -33.75 -63.20 1.63
N SER A 534 -33.55 -62.07 0.97
CA SER A 534 -32.66 -61.03 1.47
C SER A 534 -33.39 -60.13 2.47
N ARG A 535 -32.60 -59.45 3.31
CA ARG A 535 -33.15 -58.57 4.33
C ARG A 535 -32.68 -57.12 4.18
N GLU A 536 -31.94 -56.80 3.12
CA GLU A 536 -31.48 -55.45 2.86
C GLU A 536 -32.17 -54.91 1.62
N VAL A 537 -32.59 -53.65 1.69
CA VAL A 537 -33.29 -53.03 0.55
C VAL A 537 -32.32 -52.90 -0.61
N PRO A 538 -32.67 -53.37 -1.80
CA PRO A 538 -31.73 -53.28 -2.93
C PRO A 538 -31.53 -51.84 -3.39
N PHE A 539 -30.47 -51.66 -4.17
CA PHE A 539 -30.06 -50.35 -4.67
C PHE A 539 -30.46 -50.24 -6.14
N SER A 540 -31.21 -49.19 -6.47
CA SER A 540 -31.72 -49.02 -7.83
C SER A 540 -31.62 -47.57 -8.28
N ASN A 541 -30.49 -46.93 -8.01
CA ASN A 541 -30.16 -45.61 -8.52
C ASN A 541 -29.29 -45.74 -9.77
N CYS A 542 -29.38 -44.74 -10.65
CA CYS A 542 -28.54 -44.77 -11.85
C CYS A 542 -27.07 -44.69 -11.49
N SER A 543 -26.70 -43.68 -10.69
CA SER A 543 -25.32 -43.46 -10.29
C SER A 543 -25.26 -43.32 -8.78
N ARG A 544 -24.07 -43.54 -8.23
CA ARG A 544 -23.86 -43.45 -6.80
C ARG A 544 -23.86 -41.98 -6.35
N ASP A 545 -24.46 -41.74 -5.20
CA ASP A 545 -24.40 -40.42 -4.59
C ASP A 545 -22.95 -40.07 -4.27
N CYS A 546 -22.62 -38.78 -4.40
CA CYS A 546 -21.26 -38.32 -4.22
C CYS A 546 -21.18 -37.40 -3.00
N LEU A 547 -20.14 -37.59 -2.20
CA LEU A 547 -20.06 -37.05 -0.86
C LEU A 547 -19.55 -35.61 -0.86
N ALA A 548 -19.25 -35.12 0.33
CA ALA A 548 -18.84 -33.73 0.51
C ALA A 548 -17.50 -33.47 -0.18
N GLY A 549 -17.38 -32.30 -0.78
CA GLY A 549 -16.19 -31.92 -1.51
C GLY A 549 -16.28 -32.11 -3.01
N THR A 550 -17.43 -32.50 -3.54
CA THR A 550 -17.63 -32.72 -4.97
C THR A 550 -18.93 -32.06 -5.41
N ARG A 551 -19.19 -32.13 -6.72
CA ARG A 551 -20.41 -31.58 -7.30
C ARG A 551 -20.79 -32.42 -8.51
N LYS A 552 -22.09 -32.46 -8.80
CA LYS A 552 -22.59 -33.22 -9.93
C LYS A 552 -22.18 -32.59 -11.25
N GLY A 553 -22.12 -33.41 -12.28
CA GLY A 553 -21.81 -32.95 -13.61
C GLY A 553 -22.57 -33.71 -14.67
N ILE A 554 -23.02 -33.00 -15.70
CA ILE A 554 -23.90 -33.55 -16.71
C ILE A 554 -23.18 -34.62 -17.51
N ILE A 555 -23.84 -35.75 -17.73
CA ILE A 555 -23.41 -36.75 -18.69
C ILE A 555 -24.30 -36.58 -19.91
N GLU A 556 -23.70 -36.24 -21.05
CA GLU A 556 -24.48 -35.87 -22.22
C GLU A 556 -25.30 -37.04 -22.73
N GLY A 557 -26.56 -36.77 -23.03
CA GLY A 557 -27.46 -37.77 -23.58
C GLY A 557 -28.18 -38.62 -22.55
N GLU A 558 -27.85 -38.50 -21.27
CA GLU A 558 -28.46 -39.29 -20.22
C GLU A 558 -29.36 -38.42 -19.34
N PRO A 559 -30.38 -39.01 -18.72
CA PRO A 559 -31.34 -38.20 -17.95
C PRO A 559 -30.71 -37.55 -16.73
N THR A 560 -31.54 -36.79 -16.01
CA THR A 560 -31.08 -36.03 -14.86
C THR A 560 -30.55 -36.95 -13.77
N CYS A 561 -31.12 -38.15 -13.65
CA CYS A 561 -30.74 -39.07 -12.58
C CYS A 561 -29.31 -39.55 -12.72
N CYS A 562 -28.74 -39.48 -13.92
CA CYS A 562 -27.42 -39.99 -14.21
C CYS A 562 -26.44 -38.82 -14.32
N PHE A 563 -25.34 -38.90 -13.59
CA PHE A 563 -24.43 -37.79 -13.42
C PHE A 563 -23.05 -38.33 -13.06
N GLU A 564 -22.04 -37.47 -13.17
CA GLU A 564 -20.68 -37.82 -12.76
C GLU A 564 -20.15 -36.69 -11.88
N CYS A 565 -19.61 -37.04 -10.72
CA CYS A 565 -19.23 -35.99 -9.77
C CYS A 565 -17.75 -35.63 -9.91
N VAL A 566 -17.46 -34.34 -9.85
CA VAL A 566 -16.13 -33.79 -10.00
C VAL A 566 -15.79 -33.06 -8.71
N GLU A 567 -14.54 -33.18 -8.27
CA GLU A 567 -14.12 -32.61 -7.00
C GLU A 567 -14.20 -31.09 -7.05
N CYS A 568 -14.52 -30.48 -5.90
CA CYS A 568 -14.61 -29.04 -5.81
C CYS A 568 -13.24 -28.40 -6.04
N PRO A 569 -13.21 -27.19 -6.61
CA PRO A 569 -11.93 -26.52 -6.82
C PRO A 569 -11.42 -25.87 -5.54
N ASP A 570 -10.17 -25.40 -5.61
CA ASP A 570 -9.56 -24.75 -4.46
C ASP A 570 -10.24 -23.42 -4.18
N GLY A 571 -10.66 -23.23 -2.93
CA GLY A 571 -11.33 -22.02 -2.50
C GLY A 571 -12.80 -22.19 -2.22
N GLU A 572 -13.44 -23.20 -2.80
CA GLU A 572 -14.84 -23.48 -2.59
C GLU A 572 -15.01 -24.73 -1.73
N TYR A 573 -16.17 -24.83 -1.08
CA TYR A 573 -16.43 -25.89 -0.13
C TYR A 573 -17.79 -26.51 -0.42
N SER A 574 -17.94 -27.79 -0.05
CA SER A 574 -19.19 -28.53 -0.23
C SER A 574 -19.51 -29.27 1.05
N ASP A 575 -20.50 -28.78 1.79
CA ASP A 575 -20.90 -29.36 3.07
C ASP A 575 -22.19 -30.18 2.97
N GLU A 576 -22.61 -30.54 1.77
CA GLU A 576 -23.79 -31.37 1.56
C GLU A 576 -23.46 -32.51 0.61
N THR A 577 -24.22 -33.59 0.72
CA THR A 577 -24.11 -34.72 -0.19
C THR A 577 -25.11 -34.55 -1.33
N ASP A 578 -24.66 -34.88 -2.55
CA ASP A 578 -25.44 -34.70 -3.77
C ASP A 578 -25.79 -33.21 -3.97
N ALA A 579 -24.73 -32.43 -4.13
CA ALA A 579 -24.84 -30.99 -4.34
C ALA A 579 -24.66 -30.67 -5.81
N SER A 580 -25.45 -29.69 -6.29
CA SER A 580 -25.38 -29.28 -7.68
C SER A 580 -24.14 -28.44 -7.97
N ALA A 581 -23.66 -27.69 -6.99
CA ALA A 581 -22.50 -26.83 -7.18
C ALA A 581 -21.80 -26.64 -5.84
N CYS A 582 -20.52 -26.27 -5.92
CA CYS A 582 -19.72 -26.00 -4.73
C CYS A 582 -19.97 -24.59 -4.24
N ASN A 583 -20.29 -24.45 -2.96
CA ASN A 583 -20.45 -23.13 -2.38
C ASN A 583 -19.07 -22.49 -2.17
N LYS A 584 -19.06 -21.16 -2.16
CA LYS A 584 -17.83 -20.39 -2.05
C LYS A 584 -17.71 -19.82 -0.65
N CYS A 585 -16.48 -19.72 -0.17
CA CYS A 585 -16.25 -19.29 1.20
C CYS A 585 -16.35 -17.77 1.32
N PRO A 586 -16.65 -17.25 2.50
CA PRO A 586 -16.63 -15.79 2.70
C PRO A 586 -15.21 -15.26 2.59
N ASP A 587 -15.10 -13.94 2.70
CA ASP A 587 -13.80 -13.31 2.72
C ASP A 587 -13.03 -13.72 3.96
N ASP A 588 -11.70 -13.72 3.84
CA ASP A 588 -10.79 -14.10 4.92
C ASP A 588 -10.96 -15.56 5.33
N PHE A 589 -11.44 -16.39 4.41
CA PHE A 589 -11.60 -17.82 4.64
C PHE A 589 -11.16 -18.58 3.40
N TRP A 590 -10.64 -19.79 3.60
CA TRP A 590 -10.14 -20.62 2.51
C TRP A 590 -10.48 -22.08 2.78
N SER A 591 -10.62 -22.82 1.68
CA SER A 591 -11.10 -24.20 1.70
C SER A 591 -10.14 -25.13 2.42
N ASN A 592 -10.70 -26.19 3.01
CA ASN A 592 -9.89 -27.27 3.55
C ASN A 592 -9.21 -28.04 2.42
N GLU A 593 -8.44 -29.06 2.84
CA GLU A 593 -7.88 -29.99 1.87
C GLU A 593 -8.95 -30.94 1.34
N ASN A 594 -10.00 -31.19 2.13
CA ASN A 594 -11.10 -32.03 1.73
C ASN A 594 -12.21 -31.27 1.01
N HIS A 595 -12.27 -29.95 1.19
CA HIS A 595 -13.33 -29.09 0.66
C HIS A 595 -14.70 -29.41 1.26
N THR A 596 -14.73 -30.08 2.40
CA THR A 596 -16.00 -30.32 3.08
C THR A 596 -16.47 -29.06 3.81
N SER A 597 -15.53 -28.30 4.37
CA SER A 597 -15.80 -27.04 5.03
C SER A 597 -14.73 -26.06 4.58
N CYS A 598 -14.57 -24.93 5.25
CA CYS A 598 -13.39 -24.09 5.00
C CYS A 598 -13.02 -23.26 6.23
N ILE A 599 -11.72 -23.25 6.50
CA ILE A 599 -11.10 -22.62 7.67
C ILE A 599 -10.85 -21.14 7.42
N ALA A 600 -10.45 -20.42 8.47
CA ALA A 600 -10.06 -19.03 8.36
C ALA A 600 -8.62 -18.93 7.88
N LYS A 601 -8.34 -17.88 7.11
CA LYS A 601 -6.99 -17.65 6.61
C LYS A 601 -6.05 -17.29 7.76
N GLU A 602 -4.78 -17.58 7.58
CA GLU A 602 -3.76 -17.15 8.53
C GLU A 602 -3.25 -15.76 8.17
N ILE A 603 -2.71 -15.08 9.18
CA ILE A 603 -2.20 -13.73 9.04
C ILE A 603 -0.71 -13.75 9.36
N GLU A 604 0.10 -13.24 8.44
CA GLU A 604 1.56 -13.32 8.55
C GLU A 604 2.16 -11.93 8.66
N PHE A 605 2.92 -11.70 9.73
CA PHE A 605 3.72 -10.50 9.90
C PHE A 605 4.83 -10.83 10.89
N LEU A 606 5.87 -10.00 10.90
CA LEU A 606 6.94 -10.17 11.87
C LEU A 606 6.43 -9.83 13.27
N SER A 607 6.44 -10.82 14.15
CA SER A 607 5.85 -10.67 15.48
C SER A 607 6.93 -10.71 16.55
N TRP A 608 6.56 -10.24 17.74
CA TRP A 608 7.48 -10.26 18.88
C TRP A 608 7.70 -11.69 19.37
N THR A 609 6.65 -12.51 19.34
CA THR A 609 6.73 -13.82 19.96
C THR A 609 7.61 -14.78 19.13
N GLU A 610 7.69 -14.55 17.83
CA GLU A 610 8.48 -15.41 16.95
C GLU A 610 9.94 -15.39 17.35
N PRO A 611 10.68 -16.48 17.13
CA PRO A 611 12.11 -16.48 17.51
C PRO A 611 12.91 -15.41 16.82
N PHE A 612 12.61 -15.12 15.55
CA PHE A 612 13.39 -14.14 14.81
C PHE A 612 13.18 -12.74 15.38
N GLY A 613 11.93 -12.40 15.72
CA GLY A 613 11.67 -11.13 16.38
C GLY A 613 12.36 -11.04 17.73
N ILE A 614 12.39 -12.15 18.47
CA ILE A 614 13.09 -12.18 19.75
C ILE A 614 14.57 -11.89 19.55
N ALA A 615 15.17 -12.51 18.55
CA ALA A 615 16.58 -12.29 18.26
C ALA A 615 16.85 -10.83 17.91
N LEU A 616 16.00 -10.24 17.06
CA LEU A 616 16.19 -8.85 16.68
C LEU A 616 16.05 -7.93 17.88
N THR A 617 15.06 -8.19 18.74
CA THR A 617 14.88 -7.37 19.93
C THR A 617 16.07 -7.48 20.86
N LEU A 618 16.60 -8.69 21.03
CA LEU A 618 17.78 -8.87 21.88
C LEU A 618 18.98 -8.11 21.32
N PHE A 619 19.17 -8.15 20.01
CA PHE A 619 20.28 -7.42 19.40
C PHE A 619 20.13 -5.92 19.59
N ALA A 620 18.91 -5.40 19.41
CA ALA A 620 18.69 -3.96 19.61
C ALA A 620 18.93 -3.55 21.05
N VAL A 621 18.46 -4.36 22.01
CA VAL A 621 18.66 -4.04 23.42
C VAL A 621 20.14 -4.10 23.78
N LEU A 622 20.86 -5.08 23.23
CA LEU A 622 22.30 -5.16 23.45
C LEU A 622 23.01 -3.93 22.91
N GLY A 623 22.62 -3.48 21.71
CA GLY A 623 23.19 -2.26 21.17
C GLY A 623 22.92 -1.05 22.04
N ILE A 624 21.71 -0.96 22.58
CA ILE A 624 21.35 0.15 23.47
C ILE A 624 22.24 0.12 24.72
N PHE A 625 22.44 -1.07 25.29
CA PHE A 625 23.27 -1.20 26.47
C PHE A 625 24.71 -0.78 26.18
N LEU A 626 25.25 -1.22 25.04
CA LEU A 626 26.61 -0.83 24.69
C LEU A 626 26.73 0.67 24.50
N THR A 627 25.74 1.28 23.85
CA THR A 627 25.78 2.73 23.65
C THR A 627 25.74 3.46 24.98
N ALA A 628 24.89 3.01 25.90
CA ALA A 628 24.83 3.63 27.22
C ALA A 628 26.15 3.47 27.98
N PHE A 629 26.78 2.29 27.86
CA PHE A 629 28.06 2.06 28.52
C PHE A 629 29.14 2.99 27.97
N VAL A 630 29.18 3.15 26.65
CA VAL A 630 30.17 4.04 26.03
C VAL A 630 29.92 5.47 26.47
N LEU A 631 28.66 5.89 26.50
CA LEU A 631 28.33 7.24 26.95
C LEU A 631 28.75 7.47 28.39
N GLY A 632 28.51 6.47 29.25
CA GLY A 632 28.90 6.60 30.64
C GLY A 632 30.41 6.66 30.83
N VAL A 633 31.15 5.89 30.02
CA VAL A 633 32.60 5.94 30.08
C VAL A 633 33.09 7.33 29.66
N PHE A 634 32.50 7.88 28.60
CA PHE A 634 32.91 9.21 28.14
C PHE A 634 32.57 10.29 29.16
N ILE A 635 31.43 10.14 29.85
CA ILE A 635 31.08 11.10 30.89
C ILE A 635 32.04 10.99 32.07
N LYS A 636 32.41 9.77 32.44
CA LYS A 636 33.30 9.58 33.58
C LYS A 636 34.65 10.23 33.34
N PHE A 637 35.28 9.93 32.21
CA PHE A 637 36.57 10.51 31.84
C PHE A 637 36.37 11.72 30.93
N ARG A 638 35.51 12.64 31.38
CA ARG A 638 35.15 13.78 30.54
C ARG A 638 36.25 14.81 30.43
N ASN A 639 37.24 14.81 31.32
CA ASN A 639 38.32 15.78 31.31
C ASN A 639 39.68 15.09 31.20
N THR A 640 39.79 14.12 30.31
CA THR A 640 41.03 13.43 29.97
C THR A 640 41.40 13.68 28.52
N PRO A 641 42.69 13.66 28.18
CA PRO A 641 43.12 14.07 26.83
C PRO A 641 42.45 13.32 25.69
N ILE A 642 42.24 12.02 25.82
CA ILE A 642 41.64 11.25 24.73
C ILE A 642 40.20 11.69 24.48
N VAL A 643 39.45 11.94 25.55
CA VAL A 643 38.06 12.36 25.40
C VAL A 643 37.98 13.82 24.97
N LYS A 644 38.93 14.64 25.42
CA LYS A 644 38.96 16.04 24.96
C LYS A 644 39.26 16.12 23.47
N ALA A 645 40.18 15.28 22.98
CA ALA A 645 40.61 15.36 21.59
C ALA A 645 39.45 15.12 20.64
N THR A 646 38.59 14.15 20.96
CA THR A 646 37.36 13.91 20.21
C THR A 646 36.27 14.76 20.83
N ASN A 647 35.78 15.74 20.06
CA ASN A 647 34.85 16.75 20.53
C ASN A 647 33.78 16.17 21.45
N ARG A 648 33.69 16.69 22.69
CA ARG A 648 32.82 16.08 23.69
C ARG A 648 31.36 16.24 23.31
N GLU A 649 30.93 17.46 22.98
CA GLU A 649 29.52 17.73 22.76
C GLU A 649 29.00 16.98 21.54
N LEU A 650 29.79 16.97 20.46
CA LEU A 650 29.39 16.24 19.27
C LEU A 650 29.37 14.74 19.52
N SER A 651 30.29 14.25 20.36
CA SER A 651 30.26 12.83 20.74
C SER A 651 28.99 12.50 21.51
N TYR A 652 28.60 13.38 22.44
CA TYR A 652 27.38 13.14 23.21
C TYR A 652 26.16 13.12 22.29
N LEU A 653 26.09 14.08 21.36
CA LEU A 653 24.98 14.12 20.42
C LEU A 653 24.95 12.87 19.55
N LEU A 654 26.13 12.41 19.11
CA LEU A 654 26.21 11.22 18.28
C LEU A 654 25.75 9.97 19.04
N LEU A 655 26.15 9.86 20.30
CA LEU A 655 25.72 8.70 21.10
C LEU A 655 24.22 8.71 21.33
N PHE A 656 23.65 9.88 21.61
CA PHE A 656 22.20 9.98 21.73
C PHE A 656 21.52 9.59 20.42
N SER A 657 22.09 10.01 19.30
CA SER A 657 21.53 9.65 18.00
C SER A 657 21.62 8.15 17.74
N LEU A 658 22.68 7.50 18.22
CA LEU A 658 22.78 6.05 18.08
C LEU A 658 21.71 5.34 18.90
N LEU A 659 21.47 5.82 20.13
CA LEU A 659 20.35 5.30 20.91
C LEU A 659 19.05 5.45 20.14
N CYS A 660 18.86 6.61 19.50
CA CYS A 660 17.67 6.82 18.68
C CYS A 660 17.62 5.85 17.50
N CYS A 661 18.77 5.53 16.92
CA CYS A 661 18.80 4.58 15.81
C CYS A 661 18.32 3.21 16.24
N PHE A 662 18.80 2.72 17.38
CA PHE A 662 18.33 1.43 17.87
C PHE A 662 16.84 1.47 18.20
N SER A 663 16.38 2.55 18.84
CA SER A 663 14.96 2.68 19.11
C SER A 663 14.15 2.68 17.81
N SER A 664 14.67 3.30 16.76
CA SER A 664 14.00 3.31 15.47
C SER A 664 13.93 1.90 14.88
N SER A 665 15.00 1.14 15.02
CA SER A 665 15.00 -0.26 14.57
C SER A 665 13.89 -1.03 15.29
N LEU A 666 13.62 -0.65 16.54
CA LEU A 666 12.55 -1.33 17.27
C LEU A 666 11.14 -1.06 16.71
N PHE A 667 10.96 -0.09 15.81
CA PHE A 667 9.61 0.21 15.32
C PHE A 667 9.09 -0.83 14.34
N PHE A 668 9.98 -1.45 13.56
CA PHE A 668 9.54 -2.29 12.45
C PHE A 668 8.87 -3.57 12.95
N ILE A 669 9.37 -4.14 14.03
CA ILE A 669 8.82 -5.40 14.55
C ILE A 669 7.41 -5.16 15.07
N GLY A 670 6.55 -6.16 14.89
CA GLY A 670 5.20 -6.15 15.42
C GLY A 670 4.17 -6.17 14.31
N GLU A 671 2.90 -6.08 14.71
CA GLU A 671 1.80 -6.02 13.77
C GLU A 671 1.68 -4.59 13.25
N PRO A 672 1.80 -4.37 11.95
CA PRO A 672 1.82 -2.99 11.44
C PRO A 672 0.54 -2.21 11.70
N GLN A 673 0.69 -1.02 12.25
CA GLN A 673 -0.40 -0.08 12.44
C GLN A 673 -0.08 1.19 11.65
N ASP A 674 -1.10 2.00 11.41
CA ASP A 674 -0.94 3.17 10.55
C ASP A 674 0.14 4.11 11.06
N TRP A 675 0.11 4.42 12.36
CA TRP A 675 1.08 5.36 12.91
C TRP A 675 2.48 4.79 12.89
N THR A 676 2.62 3.48 13.10
CA THR A 676 3.93 2.85 13.04
C THR A 676 4.50 2.91 11.62
N CYS A 677 3.68 2.63 10.62
CA CYS A 677 4.14 2.72 9.25
C CYS A 677 4.48 4.15 8.87
N ARG A 678 3.77 5.11 9.47
CA ARG A 678 4.11 6.52 9.26
C ARG A 678 5.47 6.86 9.87
N LEU A 679 5.72 6.39 11.10
CA LEU A 679 6.86 6.86 11.86
C LEU A 679 8.14 6.10 11.58
N ARG A 680 8.05 4.89 11.01
CA ARG A 680 9.23 4.03 10.93
C ARG A 680 10.36 4.59 10.07
N GLN A 681 10.07 5.02 8.85
CA GLN A 681 11.13 5.51 7.95
C GLN A 681 11.74 6.83 8.43
N PRO A 682 10.93 7.85 8.76
CA PRO A 682 11.54 9.13 9.20
C PRO A 682 12.44 9.01 10.41
N ALA A 683 12.12 8.10 11.34
CA ALA A 683 12.93 7.96 12.55
C ALA A 683 14.39 7.67 12.20
N PHE A 684 14.63 6.56 11.51
CA PHE A 684 15.99 6.22 11.11
C PHE A 684 16.57 7.24 10.14
N GLY A 685 15.75 7.75 9.22
CA GLY A 685 16.25 8.72 8.25
C GLY A 685 16.80 9.97 8.91
N ILE A 686 16.19 10.38 10.02
CA ILE A 686 16.65 11.56 10.73
C ILE A 686 17.84 11.22 11.64
N SER A 687 17.76 10.08 12.33
CA SER A 687 18.81 9.74 13.29
C SER A 687 20.16 9.49 12.60
N PHE A 688 20.15 8.76 11.48
CA PHE A 688 21.39 8.50 10.77
C PHE A 688 21.99 9.79 10.24
N VAL A 689 21.15 10.69 9.73
CA VAL A 689 21.62 11.97 9.23
C VAL A 689 22.21 12.80 10.37
N LEU A 690 21.61 12.71 11.56
CA LEU A 690 22.15 13.41 12.72
C LEU A 690 23.55 12.91 13.06
N CYS A 691 23.73 11.58 13.07
CA CYS A 691 25.05 11.00 13.32
C CYS A 691 26.07 11.50 12.30
N ILE A 692 25.71 11.41 11.01
CA ILE A 692 26.64 11.79 9.95
C ILE A 692 26.96 13.28 10.04
N SER A 693 25.98 14.10 10.40
CA SER A 693 26.21 15.53 10.53
C SER A 693 27.18 15.83 11.66
N CYS A 694 27.03 15.13 12.80
CA CYS A 694 27.97 15.31 13.89
C CYS A 694 29.39 14.97 13.44
N ILE A 695 29.56 13.83 12.76
CA ILE A 695 30.90 13.44 12.30
C ILE A 695 31.45 14.47 11.33
N LEU A 696 30.62 14.94 10.40
CA LEU A 696 31.05 15.90 9.39
C LEU A 696 31.53 17.19 10.03
N VAL A 697 30.75 17.73 10.95
CA VAL A 697 31.12 18.98 11.60
C VAL A 697 32.41 18.81 12.39
N LYS A 698 32.53 17.69 13.12
CA LYS A 698 33.73 17.47 13.92
C LYS A 698 34.98 17.43 13.05
N THR A 699 34.91 16.70 11.93
CA THR A 699 36.06 16.62 11.03
C THR A 699 36.39 17.99 10.44
N ASN A 700 35.37 18.75 10.07
CA ASN A 700 35.62 20.06 9.48
C ASN A 700 36.31 20.99 10.47
N ARG A 701 35.86 20.97 11.73
CA ARG A 701 36.48 21.82 12.74
C ARG A 701 37.93 21.41 12.99
N VAL A 702 38.21 20.11 13.09
CA VAL A 702 39.60 19.71 13.36
C VAL A 702 40.49 20.05 12.17
N LEU A 703 39.96 19.96 10.95
CA LEU A 703 40.73 20.36 9.78
C LEU A 703 41.07 21.85 9.84
N LEU A 704 40.08 22.67 10.16
CA LEU A 704 40.34 24.11 10.25
C LEU A 704 41.34 24.43 11.36
N VAL A 705 41.29 23.69 12.47
CA VAL A 705 42.25 23.89 13.54
C VAL A 705 43.66 23.55 13.08
N PHE A 706 43.83 22.43 12.38
CA PHE A 706 45.17 22.00 12.00
C PHE A 706 45.72 22.74 10.78
N GLU A 707 44.89 23.41 9.99
CA GLU A 707 45.36 24.09 8.80
C GLU A 707 45.62 25.59 9.01
N ALA A 708 45.44 26.10 10.22
CA ALA A 708 45.62 27.52 10.46
C ALA A 708 47.10 27.87 10.63
N LYS A 709 47.50 29.00 10.06
CA LYS A 709 48.88 29.45 10.11
C LYS A 709 49.02 30.84 10.72
N ILE A 710 48.05 31.29 11.51
CA ILE A 710 47.96 32.66 11.99
C ILE A 710 47.97 32.65 13.51
N PRO A 711 48.64 33.63 14.18
CA PRO A 711 48.79 33.58 15.64
C PRO A 711 47.60 33.07 16.45
N THR A 712 46.38 33.41 16.05
CA THR A 712 45.22 32.92 16.78
C THR A 712 44.03 32.91 15.83
N SER A 713 43.21 31.86 15.96
CA SER A 713 41.93 31.83 15.27
C SER A 713 40.96 32.87 15.78
N PHE A 714 41.09 33.28 17.04
CA PHE A 714 40.19 34.25 17.66
C PHE A 714 38.74 33.82 17.51
N HIS A 715 38.49 32.53 17.69
CA HIS A 715 37.16 31.96 17.54
C HIS A 715 36.55 31.80 18.93
N ARG A 716 35.44 32.51 19.16
CA ARG A 716 34.83 32.53 20.48
C ARG A 716 34.34 31.14 20.88
N LYS A 717 34.53 30.80 22.16
CA LYS A 717 34.17 29.47 22.64
C LYS A 717 32.67 29.23 22.48
N TRP A 718 31.85 30.15 22.98
CA TRP A 718 30.42 30.01 22.84
C TRP A 718 30.01 30.04 21.38
N TRP A 719 30.65 30.89 20.58
CA TRP A 719 30.31 30.98 19.16
C TRP A 719 30.59 29.68 18.44
N GLY A 720 31.76 29.07 18.71
CA GLY A 720 32.07 27.80 18.07
C GLY A 720 31.15 26.68 18.52
N LEU A 721 30.88 26.62 19.83
CA LEU A 721 30.00 25.58 20.36
C LEU A 721 28.60 25.69 19.74
N ASN A 722 28.08 26.91 19.63
CA ASN A 722 26.76 27.10 19.04
C ASN A 722 26.79 26.84 17.54
N LEU A 723 27.88 27.22 16.87
CA LEU A 723 27.98 27.06 15.43
C LEU A 723 27.97 25.59 15.04
N GLN A 724 28.63 24.74 15.84
CA GLN A 724 28.60 23.30 15.55
C GLN A 724 27.16 22.79 15.52
N PHE A 725 26.40 23.07 16.57
CA PHE A 725 25.01 22.60 16.62
C PHE A 725 24.18 23.24 15.52
N LEU A 726 24.50 24.48 15.15
CA LEU A 726 23.76 25.14 14.09
C LEU A 726 23.95 24.43 12.75
N LEU A 727 25.19 24.05 12.41
CA LEU A 727 25.41 23.31 11.17
C LEU A 727 24.75 21.94 11.20
N VAL A 728 24.86 21.25 12.34
CA VAL A 728 24.17 19.96 12.50
C VAL A 728 22.69 20.13 12.26
N PHE A 729 22.11 21.21 12.80
CA PHE A 729 20.67 21.43 12.63
C PHE A 729 20.33 21.77 11.19
N LEU A 730 21.23 22.45 10.47
CA LEU A 730 20.98 22.66 9.04
C LEU A 730 20.77 21.33 8.32
N CYS A 731 21.70 20.39 8.52
CA CYS A 731 21.56 19.11 7.82
C CYS A 731 20.29 18.37 8.25
N THR A 732 20.10 18.21 9.56
CA THR A 732 18.91 17.54 10.05
C THR A 732 17.64 18.26 9.63
N PHE A 733 17.71 19.58 9.44
CA PHE A 733 16.53 20.37 9.11
C PHE A 733 16.12 20.14 7.67
N MET A 734 17.09 20.02 6.77
CA MET A 734 16.73 19.64 5.41
C MET A 734 16.04 18.28 5.40
N GLN A 735 16.58 17.33 6.17
CA GLN A 735 15.91 16.02 6.25
C GLN A 735 14.49 16.14 6.81
N ILE A 736 14.31 16.94 7.86
CA ILE A 736 12.99 17.09 8.48
C ILE A 736 12.02 17.75 7.52
N VAL A 737 12.48 18.71 6.72
CA VAL A 737 11.60 19.34 5.73
C VAL A 737 11.11 18.31 4.73
N ILE A 738 12.02 17.46 4.24
CA ILE A 738 11.60 16.42 3.29
C ILE A 738 10.55 15.52 3.94
N CYS A 739 10.81 15.09 5.17
CA CYS A 739 9.89 14.18 5.85
C CYS A 739 8.52 14.83 6.08
N VAL A 740 8.51 16.11 6.46
CA VAL A 740 7.26 16.81 6.71
C VAL A 740 6.45 16.95 5.43
N ILE A 741 7.11 17.31 4.33
CA ILE A 741 6.41 17.41 3.04
C ILE A 741 5.80 16.06 2.68
N TRP A 742 6.56 14.98 2.87
CA TRP A 742 6.05 13.65 2.55
C TRP A 742 4.83 13.32 3.40
N LEU A 743 4.94 13.46 4.72
CA LEU A 743 3.83 13.10 5.59
C LEU A 743 2.62 14.01 5.43
N TYR A 744 2.80 15.20 4.86
CA TYR A 744 1.63 16.05 4.62
C TYR A 744 0.96 15.72 3.31
N THR A 745 1.74 15.41 2.27
CA THR A 745 1.17 15.20 0.94
C THR A 745 0.65 13.79 0.72
N ALA A 746 1.35 12.77 1.18
CA ALA A 746 0.96 11.39 0.92
C ALA A 746 1.42 10.47 2.04
N PRO A 747 0.69 10.41 3.15
CA PRO A 747 1.11 9.56 4.28
C PRO A 747 1.12 8.10 3.90
N PRO A 748 2.08 7.33 4.41
CA PRO A 748 2.03 5.88 4.26
C PRO A 748 0.94 5.28 5.15
N SER A 749 0.45 4.12 4.76
CA SER A 749 -0.68 3.50 5.46
C SER A 749 -0.38 2.03 5.72
N SER A 750 -1.27 1.39 6.47
CA SER A 750 -1.23 -0.05 6.61
C SER A 750 -2.16 -0.68 5.59
N TYR A 751 -1.97 -1.97 5.33
CA TYR A 751 -2.69 -2.61 4.25
C TYR A 751 -2.65 -4.13 4.42
N ARG A 752 -3.82 -4.76 4.31
CA ARG A 752 -3.96 -6.21 4.44
C ARG A 752 -3.92 -6.81 3.04
N ASN A 753 -2.73 -7.12 2.54
CA ASN A 753 -2.56 -7.72 1.24
C ASN A 753 -3.17 -9.11 1.22
N GLN A 754 -4.04 -9.36 0.24
CA GLN A 754 -4.68 -10.65 0.02
C GLN A 754 -4.53 -11.06 -1.43
N GLU A 755 -3.38 -10.74 -2.03
CA GLU A 755 -3.15 -11.00 -3.45
C GLU A 755 -1.88 -11.82 -3.66
N LEU A 756 -0.95 -11.73 -2.71
CA LEU A 756 0.32 -12.45 -2.85
C LEU A 756 0.10 -13.95 -2.84
N GLU A 757 -0.76 -14.44 -1.94
CA GLU A 757 -1.05 -15.86 -1.82
C GLU A 757 -2.56 -16.07 -1.79
N ASP A 758 -2.97 -17.32 -1.60
CA ASP A 758 -4.37 -17.69 -1.48
C ASP A 758 -4.80 -18.03 -0.06
N GLU A 759 -3.89 -18.58 0.75
CA GLU A 759 -4.20 -19.00 2.11
C GLU A 759 -3.75 -18.00 3.15
N ILE A 760 -3.11 -16.90 2.75
CA ILE A 760 -2.37 -16.04 3.67
C ILE A 760 -2.83 -14.60 3.49
N ILE A 761 -2.80 -13.85 4.58
CA ILE A 761 -3.06 -12.41 4.57
C ILE A 761 -1.82 -11.72 5.14
N PHE A 762 -1.23 -10.81 4.37
CA PHE A 762 0.00 -10.13 4.78
C PHE A 762 -0.34 -8.72 5.23
N ILE A 763 -0.16 -8.43 6.51
CA ILE A 763 -0.37 -7.07 7.01
C ILE A 763 0.95 -6.31 6.84
N THR A 764 0.97 -5.38 5.88
CA THR A 764 2.17 -4.66 5.50
C THR A 764 1.90 -3.17 5.48
N CYS A 765 2.94 -2.40 5.17
CA CYS A 765 2.82 -0.95 5.02
C CYS A 765 2.96 -0.55 3.56
N HIS A 766 2.05 0.31 3.12
CA HIS A 766 2.09 0.91 1.80
C HIS A 766 2.73 2.28 1.90
N GLU A 767 3.80 2.48 1.14
CA GLU A 767 4.46 3.77 1.06
C GLU A 767 3.57 4.72 0.29
N GLY A 768 3.36 5.92 0.81
CA GLY A 768 2.51 6.89 0.16
C GLY A 768 3.02 7.27 -1.22
N SER A 769 4.32 7.53 -1.32
CA SER A 769 4.95 7.89 -2.58
C SER A 769 6.39 7.41 -2.55
N LEU A 770 6.80 6.68 -3.58
CA LEU A 770 8.17 6.18 -3.64
C LEU A 770 9.17 7.31 -3.87
N MET A 771 8.72 8.43 -4.45
CA MET A 771 9.62 9.54 -4.73
C MET A 771 10.17 10.13 -3.44
N ALA A 772 9.33 10.25 -2.40
CA ALA A 772 9.80 10.79 -1.13
C ALA A 772 10.84 9.89 -0.49
N LEU A 773 10.62 8.58 -0.51
CA LEU A 773 11.61 7.65 0.02
C LEU A 773 12.91 7.74 -0.77
N GLY A 774 12.80 7.85 -2.09
CA GLY A 774 13.99 8.05 -2.89
C GLY A 774 14.74 9.30 -2.52
N PHE A 775 14.01 10.38 -2.22
CA PHE A 775 14.65 11.62 -1.82
C PHE A 775 15.37 11.48 -0.49
N LEU A 776 14.74 10.81 0.49
CA LEU A 776 15.42 10.56 1.76
C LEU A 776 16.70 9.77 1.56
N ILE A 777 16.62 8.68 0.79
CA ILE A 777 17.81 7.86 0.55
C ILE A 777 18.89 8.67 -0.16
N GLY A 778 18.49 9.46 -1.16
CA GLY A 778 19.48 10.24 -1.91
C GLY A 778 20.15 11.28 -1.06
N TYR A 779 19.38 11.98 -0.21
CA TYR A 779 19.99 12.98 0.67
C TYR A 779 20.93 12.34 1.67
N THR A 780 20.53 11.19 2.24
CA THR A 780 21.41 10.51 3.17
C THR A 780 22.71 10.09 2.51
N CYS A 781 22.62 9.56 1.28
CA CYS A 781 23.81 9.15 0.56
C CYS A 781 24.70 10.34 0.21
N LEU A 782 24.09 11.47 -0.16
CA LEU A 782 24.86 12.67 -0.48
C LEU A 782 25.62 13.17 0.76
N LEU A 783 24.93 13.23 1.90
CA LEU A 783 25.59 13.68 3.13
C LEU A 783 26.69 12.71 3.54
N ALA A 784 26.45 11.40 3.37
CA ALA A 784 27.48 10.42 3.69
C ALA A 784 28.69 10.57 2.77
N ALA A 785 28.46 10.89 1.50
CA ALA A 785 29.58 11.11 0.58
C ALA A 785 30.39 12.34 0.98
N ILE A 786 29.71 13.42 1.37
CA ILE A 786 30.42 14.61 1.83
C ILE A 786 31.25 14.29 3.08
N CYS A 787 30.66 13.55 4.01
CA CYS A 787 31.37 13.16 5.22
C CYS A 787 32.57 12.28 4.89
N PHE A 788 32.41 11.38 3.90
CA PHE A 788 33.52 10.54 3.47
C PHE A 788 34.66 11.38 2.90
N PHE A 789 34.32 12.38 2.09
CA PHE A 789 35.36 13.27 1.56
C PHE A 789 36.11 13.96 2.67
N PHE A 790 35.39 14.55 3.63
CA PHE A 790 36.04 15.28 4.70
C PHE A 790 36.87 14.35 5.59
N ALA A 791 36.38 13.15 5.85
CA ALA A 791 37.14 12.18 6.64
C ALA A 791 38.37 11.70 5.90
N PHE A 792 38.28 11.54 4.58
CA PHE A 792 39.45 11.19 3.78
C PHE A 792 40.50 12.30 3.80
N LYS A 793 40.08 13.55 3.87
CA LYS A 793 41.07 14.62 4.03
C LYS A 793 41.77 14.56 5.39
N SER A 794 41.06 14.21 6.45
CA SER A 794 41.62 14.21 7.81
C SER A 794 42.16 12.84 8.21
N ARG A 795 43.13 12.34 7.46
CA ARG A 795 43.78 11.08 7.78
C ARG A 795 45.25 11.24 8.14
N LYS A 796 45.89 12.33 7.73
CA LYS A 796 47.28 12.60 8.05
C LYS A 796 47.47 13.19 9.44
N LEU A 797 46.39 13.63 10.09
CA LEU A 797 46.49 14.22 11.40
C LEU A 797 46.82 13.14 12.44
N PRO A 798 47.23 13.55 13.64
CA PRO A 798 47.47 12.58 14.71
C PRO A 798 46.27 11.66 14.93
N GLU A 799 46.56 10.46 15.43
CA GLU A 799 45.55 9.41 15.52
C GLU A 799 44.42 9.79 16.46
N ASN A 800 44.70 10.65 17.43
CA ASN A 800 43.66 11.08 18.37
C ASN A 800 42.69 12.07 17.74
N PHE A 801 43.10 12.76 16.69
CA PHE A 801 42.27 13.77 16.02
C PHE A 801 41.78 13.31 14.66
N ASN A 802 42.01 12.05 14.29
CA ASN A 802 41.55 11.51 13.02
C ASN A 802 40.11 11.01 13.12
N GLU A 803 39.46 10.95 11.97
CA GLU A 803 38.19 10.26 11.79
C GLU A 803 38.26 9.40 10.55
N ALA A 804 39.37 8.68 10.39
CA ALA A 804 39.62 7.84 9.24
C ALA A 804 38.98 6.46 9.36
N LYS A 805 38.32 6.18 10.48
CA LYS A 805 37.57 4.95 10.63
C LYS A 805 36.18 5.05 10.01
N PHE A 806 35.71 6.26 9.71
CA PHE A 806 34.49 6.40 8.95
C PHE A 806 34.66 5.82 7.55
N ILE A 807 35.89 5.86 7.02
CA ILE A 807 36.19 5.20 5.76
C ILE A 807 35.97 3.70 5.88
N THR A 808 36.44 3.11 6.97
CA THR A 808 36.25 1.68 7.20
C THR A 808 34.77 1.35 7.34
N PHE A 809 34.03 2.19 8.07
CA PHE A 809 32.60 1.97 8.22
C PHE A 809 31.88 2.02 6.88
N SER A 810 32.22 3.01 6.04
CA SER A 810 31.60 3.12 4.73
C SER A 810 31.95 1.94 3.85
N MET A 811 33.20 1.47 3.92
CA MET A 811 33.61 0.33 3.10
C MET A 811 32.89 -0.94 3.52
N LEU A 812 32.78 -1.20 4.81
CA LEU A 812 32.25 -2.47 5.29
C LEU A 812 30.73 -2.50 5.46
N ILE A 813 30.07 -1.34 5.50
CA ILE A 813 28.64 -1.29 5.77
C ILE A 813 27.84 -0.75 4.60
N PHE A 814 28.39 0.15 3.80
CA PHE A 814 27.68 0.70 2.65
C PHE A 814 27.92 -0.08 1.36
N PHE A 815 29.12 -0.61 1.17
CA PHE A 815 29.48 -1.27 -0.08
C PHE A 815 29.49 -2.79 0.00
N ILE A 816 29.27 -3.35 1.18
CA ILE A 816 29.25 -4.81 1.33
C ILE A 816 27.95 -5.26 1.96
N VAL A 817 27.63 -4.75 3.15
CA VAL A 817 26.44 -5.21 3.86
C VAL A 817 25.19 -4.72 3.16
N TRP A 818 25.11 -3.41 2.91
CA TRP A 818 23.90 -2.84 2.32
C TRP A 818 23.74 -3.27 0.87
N ILE A 819 24.85 -3.47 0.16
CA ILE A 819 24.77 -3.95 -1.22
C ILE A 819 24.16 -5.34 -1.27
N SER A 820 24.63 -6.25 -0.42
CA SER A 820 24.21 -7.64 -0.47
C SER A 820 22.73 -7.83 -0.16
N PHE A 821 22.06 -6.83 0.40
CA PHE A 821 20.63 -6.90 0.68
C PHE A 821 19.77 -6.28 -0.41
N ILE A 822 20.38 -5.79 -1.50
CA ILE A 822 19.57 -5.22 -2.59
C ILE A 822 18.64 -6.25 -3.21
N PRO A 823 19.09 -7.46 -3.60
CA PRO A 823 18.13 -8.43 -4.14
C PRO A 823 17.00 -8.77 -3.18
N ALA A 824 17.30 -8.91 -1.89
CA ALA A 824 16.27 -9.23 -0.92
C ALA A 824 15.21 -8.15 -0.88
N TYR A 825 15.64 -6.88 -0.89
CA TYR A 825 14.68 -5.79 -0.94
C TYR A 825 14.03 -5.68 -2.30
N ALA A 826 14.67 -6.20 -3.36
CA ALA A 826 14.13 -6.05 -4.70
C ALA A 826 12.88 -6.88 -4.89
N SER A 827 12.92 -8.15 -4.50
CA SER A 827 11.80 -9.08 -4.68
C SER A 827 11.66 -9.95 -3.44
N THR A 828 10.84 -9.49 -2.49
CA THR A 828 10.49 -10.27 -1.31
C THR A 828 9.24 -9.64 -0.70
N TYR A 829 8.46 -10.46 0.01
CA TYR A 829 7.22 -10.00 0.60
C TYR A 829 7.09 -10.57 2.00
N GLY A 830 6.17 -9.99 2.77
CA GLY A 830 5.90 -10.49 4.10
C GLY A 830 6.93 -10.07 5.14
N LYS A 831 6.96 -10.83 6.25
CA LYS A 831 7.78 -10.44 7.39
C LYS A 831 9.24 -10.25 7.02
N PHE A 832 9.75 -11.07 6.09
CA PHE A 832 11.15 -10.94 5.68
C PHE A 832 11.50 -9.53 5.27
N VAL A 833 10.59 -8.84 4.58
CA VAL A 833 10.82 -7.43 4.23
C VAL A 833 11.24 -6.66 5.47
N SER A 834 10.38 -6.63 6.49
CA SER A 834 10.73 -5.94 7.73
C SER A 834 12.07 -6.42 8.25
N ALA A 835 12.27 -7.74 8.24
CA ALA A 835 13.53 -8.33 8.68
C ALA A 835 14.72 -7.57 8.10
N VAL A 836 14.75 -7.45 6.77
CA VAL A 836 15.89 -6.83 6.11
C VAL A 836 16.11 -5.44 6.69
N GLU A 837 15.03 -4.65 6.71
CA GLU A 837 15.10 -3.32 7.31
C GLU A 837 15.84 -3.37 8.63
N VAL A 838 15.30 -4.12 9.60
CA VAL A 838 15.86 -4.12 10.94
C VAL A 838 17.33 -4.47 10.87
N ILE A 839 17.65 -5.57 10.16
CA ILE A 839 19.03 -6.03 10.12
C ILE A 839 19.92 -4.94 9.57
N ALA A 840 19.51 -4.35 8.44
CA ALA A 840 20.31 -3.28 7.85
C ALA A 840 20.56 -2.19 8.87
N ILE A 841 19.50 -1.70 9.51
CA ILE A 841 19.65 -0.66 10.51
C ILE A 841 20.68 -1.09 11.53
N LEU A 842 20.48 -2.26 12.13
CA LEU A 842 21.36 -2.71 13.19
C LEU A 842 22.80 -2.68 12.71
N ALA A 843 23.05 -3.23 11.53
CA ALA A 843 24.40 -3.27 10.97
C ALA A 843 25.03 -1.89 11.08
N ALA A 844 24.41 -0.91 10.42
CA ALA A 844 24.99 0.42 10.39
C ALA A 844 25.28 0.89 11.80
N SER A 845 24.27 0.83 12.67
CA SER A 845 24.44 1.33 14.03
C SER A 845 25.63 0.66 14.68
N PHE A 846 25.65 -0.67 14.68
CA PHE A 846 26.73 -1.37 15.35
C PHE A 846 28.07 -0.96 14.74
N GLY A 847 28.14 -0.95 13.42
CA GLY A 847 29.40 -0.60 12.78
C GLY A 847 29.85 0.77 13.22
N LEU A 848 28.94 1.74 13.20
CA LEU A 848 29.31 3.09 13.61
C LEU A 848 29.76 3.06 15.06
N LEU A 849 28.95 2.43 15.92
CA LEU A 849 29.29 2.38 17.35
C LEU A 849 30.64 1.75 17.57
N ALA A 850 31.05 0.84 16.68
CA ALA A 850 32.40 0.30 16.78
C ALA A 850 33.40 1.32 16.26
N CYS A 851 33.27 1.71 14.99
CA CYS A 851 34.37 2.34 14.29
C CYS A 851 34.77 3.67 14.90
N ILE A 852 33.89 4.29 15.69
CA ILE A 852 34.16 5.58 16.27
C ILE A 852 34.59 5.50 17.72
N PHE A 853 34.21 4.45 18.45
CA PHE A 853 34.42 4.51 19.90
C PHE A 853 35.19 3.34 20.50
N PHE A 854 34.97 2.10 20.06
CA PHE A 854 35.44 0.95 20.81
C PHE A 854 36.94 1.03 21.09
N ASN A 855 37.73 1.26 20.03
CA ASN A 855 39.18 1.37 20.20
C ASN A 855 39.52 2.40 21.28
N LYS A 856 38.94 3.61 21.17
CA LYS A 856 39.22 4.63 22.16
C LYS A 856 38.81 4.18 23.55
N ILE A 857 37.63 3.55 23.66
CA ILE A 857 37.19 3.05 24.96
C ILE A 857 38.24 2.12 25.53
N TYR A 858 38.78 1.23 24.69
CA TYR A 858 39.85 0.34 25.14
C TYR A 858 40.98 1.14 25.77
N ILE A 859 41.49 2.13 25.04
CA ILE A 859 42.64 2.90 25.52
C ILE A 859 42.27 3.67 26.77
N ILE A 860 40.99 4.02 26.92
CA ILE A 860 40.59 4.76 28.12
C ILE A 860 40.57 3.84 29.32
N LEU A 861 40.14 2.59 29.15
CA LEU A 861 40.00 1.67 30.28
C LEU A 861 41.28 0.85 30.43
N PHE A 862 41.68 0.18 29.37
CA PHE A 862 42.91 -0.60 29.34
C PHE A 862 44.01 0.23 28.70
N LYS A 863 45.25 -0.10 29.03
CA LYS A 863 46.41 0.70 28.65
C LYS A 863 46.20 2.16 29.05
N PRO A 864 45.93 2.46 30.32
CA PRO A 864 45.60 3.84 30.71
C PRO A 864 46.76 4.81 30.62
N SER A 865 47.99 4.32 30.54
CA SER A 865 49.16 5.19 30.51
C SER A 865 49.32 5.93 29.19
N ARG A 866 48.55 5.58 28.17
CA ARG A 866 48.56 6.31 26.90
C ARG A 866 47.57 7.46 26.90
N ASN A 867 46.76 7.59 27.94
CA ASN A 867 45.82 8.71 28.08
C ASN A 867 46.45 9.79 28.97
N THR A 868 47.48 10.42 28.43
CA THR A 868 48.26 11.41 29.16
C THR A 868 48.50 12.61 28.26
N ILE A 869 48.69 13.78 28.88
CA ILE A 869 48.92 14.99 28.12
C ILE A 869 50.22 14.91 27.33
N GLU A 870 51.23 14.25 27.89
CA GLU A 870 52.54 14.16 27.23
C GLU A 870 52.45 13.39 25.92
N GLU A 871 51.64 12.32 25.89
CA GLU A 871 51.52 11.54 24.67
C GLU A 871 50.89 12.36 23.55
N VAL A 872 49.81 13.08 23.86
CA VAL A 872 49.15 13.91 22.86
C VAL A 872 50.07 15.04 22.42
N ARG A 873 50.81 15.63 23.35
CA ARG A 873 51.75 16.68 23.00
C ARG A 873 52.83 16.17 22.07
N CYS A 874 53.35 14.96 22.34
CA CYS A 874 54.36 14.37 21.48
C CYS A 874 53.82 14.11 20.08
N SER A 875 52.58 13.59 19.99
CA SER A 875 52.00 13.31 18.69
C SER A 875 51.75 14.60 17.90
N THR A 876 51.27 15.65 18.58
CA THR A 876 51.07 16.92 17.91
C THR A 876 52.39 17.52 17.45
N ALA A 877 53.43 17.42 18.27
CA ALA A 877 54.75 17.89 17.86
C ALA A 877 55.26 17.12 16.66
N ALA A 878 55.03 15.80 16.63
CA ALA A 878 55.43 15.00 15.48
C ALA A 878 54.70 15.45 14.22
N HIS A 879 53.40 15.75 14.34
CA HIS A 879 52.68 16.30 13.20
C HIS A 879 53.28 17.64 12.76
N ALA A 880 53.65 18.48 13.73
CA ALA A 880 54.23 19.79 13.41
C ALA A 880 55.54 19.64 12.65
N PHE A 881 56.39 18.69 13.08
CA PHE A 881 57.70 18.54 12.46
C PHE A 881 57.57 18.07 11.00
N LYS A 882 56.67 17.14 10.74
CA LYS A 882 56.51 16.60 9.39
C LYS A 882 56.00 17.67 8.42
N TYR B 20 -83.43 -46.42 -40.78
CA TYR B 20 -83.46 -45.02 -40.35
C TYR B 20 -84.64 -44.31 -40.99
N GLY B 21 -84.38 -43.67 -42.13
CA GLY B 21 -85.39 -42.98 -42.89
C GLY B 21 -84.92 -42.72 -44.30
N PRO B 22 -85.88 -42.47 -45.20
CA PRO B 22 -85.51 -42.21 -46.61
C PRO B 22 -84.58 -41.02 -46.76
N ASP B 23 -84.74 -39.99 -45.93
CA ASP B 23 -83.89 -38.81 -46.02
C ASP B 23 -82.55 -38.99 -45.33
N GLN B 24 -82.36 -40.07 -44.59
CA GLN B 24 -81.14 -40.28 -43.81
C GLN B 24 -80.40 -41.55 -44.21
N ARG B 25 -80.46 -41.92 -45.49
CA ARG B 25 -79.73 -43.07 -45.98
C ARG B 25 -79.67 -43.00 -47.50
N ALA B 26 -78.63 -43.58 -48.08
CA ALA B 26 -78.48 -43.64 -49.53
C ALA B 26 -78.53 -45.10 -49.95
N GLN B 27 -79.56 -45.46 -50.74
CA GLN B 27 -79.80 -46.83 -51.15
C GLN B 27 -79.80 -46.96 -52.66
N LYS B 28 -79.21 -48.06 -53.13
CA LYS B 28 -79.33 -48.47 -54.52
C LYS B 28 -79.21 -49.99 -54.58
N LYS B 29 -80.15 -50.61 -55.28
CA LYS B 29 -80.16 -52.06 -55.47
C LYS B 29 -79.08 -52.48 -56.45
N GLY B 30 -78.69 -53.75 -56.36
CA GLY B 30 -77.67 -54.28 -57.23
C GLY B 30 -77.46 -55.75 -56.96
N ASP B 31 -76.58 -56.36 -57.74
CA ASP B 31 -76.28 -57.77 -57.57
C ASP B 31 -75.40 -57.99 -56.35
N ILE B 32 -74.40 -57.13 -56.15
CA ILE B 32 -73.51 -57.18 -54.99
C ILE B 32 -73.61 -55.85 -54.26
N ILE B 33 -73.80 -55.91 -52.96
CA ILE B 33 -74.07 -54.73 -52.14
C ILE B 33 -72.83 -54.37 -51.34
N LEU B 34 -72.47 -53.08 -51.37
CA LEU B 34 -71.36 -52.54 -50.62
C LEU B 34 -71.90 -51.59 -49.55
N GLY B 35 -71.35 -51.69 -48.34
CA GLY B 35 -71.74 -50.79 -47.29
C GLY B 35 -70.91 -49.53 -47.27
N GLY B 36 -71.37 -48.54 -46.50
CA GLY B 36 -70.67 -47.27 -46.41
C GLY B 36 -70.97 -46.60 -45.09
N LEU B 37 -69.98 -45.85 -44.61
CA LEU B 37 -70.07 -45.13 -43.35
C LEU B 37 -69.33 -43.82 -43.48
N PHE B 38 -70.06 -42.71 -43.52
CA PHE B 38 -69.46 -41.40 -43.70
C PHE B 38 -70.00 -40.42 -42.67
N PRO B 39 -69.18 -39.48 -42.23
CA PRO B 39 -69.69 -38.42 -41.37
C PRO B 39 -70.33 -37.30 -42.18
N ILE B 40 -71.65 -37.21 -42.17
CA ILE B 40 -72.35 -36.07 -42.75
C ILE B 40 -72.59 -34.99 -41.71
N HIS B 41 -72.39 -35.30 -40.43
CA HIS B 41 -72.51 -34.34 -39.34
C HIS B 41 -71.25 -34.40 -38.49
N PHE B 42 -70.78 -33.22 -38.05
CA PHE B 42 -69.55 -33.14 -37.29
C PHE B 42 -69.66 -33.75 -35.89
N GLY B 43 -70.84 -33.68 -35.29
CA GLY B 43 -71.00 -34.20 -33.95
C GLY B 43 -72.46 -34.41 -33.64
N VAL B 44 -72.71 -34.93 -32.45
CA VAL B 44 -74.05 -35.36 -32.07
C VAL B 44 -74.60 -34.35 -31.07
N ALA B 45 -75.89 -34.46 -30.73
CA ALA B 45 -76.52 -33.50 -29.84
C ALA B 45 -75.84 -33.50 -28.48
N ALA B 46 -75.75 -32.32 -27.88
CA ALA B 46 -75.17 -32.14 -26.56
C ALA B 46 -76.19 -32.28 -25.44
N LYS B 47 -77.43 -32.63 -25.78
CA LYS B 47 -78.47 -32.78 -24.76
C LYS B 47 -78.12 -33.91 -23.80
N ASP B 48 -78.26 -33.64 -22.51
CA ASP B 48 -78.00 -34.64 -21.49
C ASP B 48 -79.23 -35.51 -21.29
N GLN B 49 -79.02 -36.64 -20.62
CA GLN B 49 -80.08 -37.60 -20.34
C GLN B 49 -80.21 -37.80 -18.84
N ASP B 50 -81.43 -37.65 -18.34
CA ASP B 50 -81.74 -37.93 -16.94
C ASP B 50 -82.55 -39.21 -16.76
N LEU B 51 -82.96 -39.86 -17.85
CA LEU B 51 -83.66 -41.14 -17.80
C LEU B 51 -84.97 -41.06 -17.01
N LYS B 52 -85.58 -39.87 -16.95
CA LYS B 52 -86.92 -39.76 -16.39
C LYS B 52 -87.95 -40.40 -17.31
N SER B 53 -87.79 -40.21 -18.62
CA SER B 53 -88.66 -40.83 -19.61
C SER B 53 -87.83 -41.80 -20.45
N ARG B 54 -88.51 -42.49 -21.35
CA ARG B 54 -87.82 -43.43 -22.24
C ARG B 54 -86.83 -42.68 -23.11
N PRO B 55 -85.57 -43.07 -23.13
CA PRO B 55 -84.60 -42.41 -24.01
C PRO B 55 -84.99 -42.58 -25.48
N GLU B 56 -84.74 -41.54 -26.26
CA GLU B 56 -85.09 -41.51 -27.67
C GLU B 56 -83.83 -41.39 -28.52
N SER B 57 -84.01 -41.42 -29.83
CA SER B 57 -82.88 -41.30 -30.75
C SER B 57 -82.28 -39.91 -30.64
N VAL B 58 -80.95 -39.85 -30.73
CA VAL B 58 -80.22 -38.60 -30.60
C VAL B 58 -79.92 -38.06 -32.00
N GLU B 59 -79.95 -36.73 -32.15
CA GLU B 59 -79.83 -36.08 -33.43
C GLU B 59 -78.48 -35.38 -33.53
N CYS B 60 -77.72 -35.67 -34.58
CA CYS B 60 -76.44 -35.02 -34.77
C CYS B 60 -76.62 -33.67 -35.44
N ILE B 61 -75.75 -32.72 -35.08
CA ILE B 61 -76.06 -31.30 -35.21
C ILE B 61 -75.43 -30.62 -36.41
N ARG B 62 -74.10 -30.50 -36.41
CA ARG B 62 -73.43 -29.68 -37.42
C ARG B 62 -73.43 -30.40 -38.76
N TYR B 63 -73.23 -29.66 -39.84
CA TYR B 63 -73.23 -30.25 -41.16
C TYR B 63 -71.82 -30.26 -41.74
N ASN B 64 -71.41 -31.41 -42.26
CA ASN B 64 -70.09 -31.58 -42.86
C ASN B 64 -70.25 -31.71 -44.38
N PHE B 65 -69.79 -30.69 -45.11
CA PHE B 65 -69.82 -30.75 -46.56
C PHE B 65 -68.73 -31.65 -47.13
N ARG B 66 -67.58 -31.72 -46.46
CA ARG B 66 -66.50 -32.61 -46.89
C ARG B 66 -66.93 -34.07 -46.81
N GLY B 67 -67.66 -34.45 -45.75
CA GLY B 67 -68.16 -35.81 -45.66
C GLY B 67 -69.16 -36.15 -46.75
N PHE B 68 -70.03 -35.19 -47.09
CA PHE B 68 -70.94 -35.39 -48.19
C PHE B 68 -70.19 -35.54 -49.51
N ARG B 69 -69.08 -34.82 -49.66
CA ARG B 69 -68.24 -34.99 -50.85
C ARG B 69 -67.63 -36.39 -50.90
N TRP B 70 -67.19 -36.91 -49.75
CA TRP B 70 -66.65 -38.27 -49.72
C TRP B 70 -67.71 -39.30 -50.09
N LEU B 71 -68.93 -39.13 -49.55
CA LEU B 71 -70.04 -40.00 -49.93
C LEU B 71 -70.29 -39.95 -51.42
N GLN B 72 -70.29 -38.75 -51.99
CA GLN B 72 -70.46 -38.60 -53.43
C GLN B 72 -69.34 -39.29 -54.20
N ALA B 73 -68.13 -39.27 -53.64
CA ALA B 73 -67.01 -39.95 -54.30
C ALA B 73 -67.25 -41.45 -54.36
N MET B 74 -67.73 -42.03 -53.25
CA MET B 74 -68.06 -43.45 -53.25
C MET B 74 -69.13 -43.78 -54.28
N ILE B 75 -70.19 -42.96 -54.32
CA ILE B 75 -71.27 -43.19 -55.29
C ILE B 75 -70.74 -43.07 -56.72
N PHE B 76 -69.89 -42.06 -56.97
CA PHE B 76 -69.32 -41.86 -58.30
C PHE B 76 -68.49 -43.06 -58.72
N ALA B 77 -67.68 -43.59 -57.80
CA ALA B 77 -66.86 -44.76 -58.12
C ALA B 77 -67.74 -45.95 -58.45
N ILE B 78 -68.80 -46.18 -57.67
CA ILE B 78 -69.67 -47.31 -57.93
C ILE B 78 -70.35 -47.18 -59.29
N GLU B 79 -70.84 -45.98 -59.60
CA GLU B 79 -71.50 -45.77 -60.88
C GLU B 79 -70.53 -45.91 -62.04
N GLU B 80 -69.28 -45.46 -61.88
CA GLU B 80 -68.32 -45.60 -62.96
C GLU B 80 -67.94 -47.07 -63.17
N ILE B 81 -67.90 -47.84 -62.09
CA ILE B 81 -67.71 -49.28 -62.23
C ILE B 81 -68.87 -49.91 -63.00
N ASN B 82 -70.11 -49.48 -62.67
CA ASN B 82 -71.28 -50.06 -63.33
C ASN B 82 -71.32 -49.69 -64.82
N SER B 83 -70.96 -48.45 -65.16
CA SER B 83 -71.03 -48.03 -66.55
C SER B 83 -69.98 -48.72 -67.40
N SER B 84 -68.79 -48.93 -66.85
CA SER B 84 -67.71 -49.52 -67.62
C SER B 84 -68.05 -50.96 -68.00
N PRO B 85 -67.75 -51.39 -69.22
CA PRO B 85 -67.99 -52.78 -69.61
C PRO B 85 -66.82 -53.72 -69.38
N ALA B 86 -65.65 -53.20 -69.02
CA ALA B 86 -64.47 -54.02 -68.79
C ALA B 86 -64.41 -54.59 -67.38
N LEU B 87 -64.71 -53.78 -66.37
CA LEU B 87 -64.68 -54.22 -64.99
C LEU B 87 -66.03 -54.81 -64.62
N LEU B 88 -66.04 -56.10 -64.28
CA LEU B 88 -67.22 -56.87 -63.93
C LEU B 88 -68.34 -56.74 -64.98
N PRO B 89 -68.15 -57.32 -66.18
CA PRO B 89 -69.25 -57.36 -67.15
C PRO B 89 -70.46 -58.09 -66.59
N ASN B 90 -71.64 -57.60 -66.94
CA ASN B 90 -72.95 -58.18 -66.62
C ASN B 90 -73.24 -58.22 -65.13
N LEU B 91 -72.41 -57.60 -64.29
CA LEU B 91 -72.63 -57.56 -62.85
C LEU B 91 -72.80 -56.12 -62.41
N THR B 92 -73.74 -55.89 -61.51
CA THR B 92 -74.06 -54.55 -61.02
C THR B 92 -73.77 -54.45 -59.53
N LEU B 93 -73.24 -53.31 -59.12
CA LEU B 93 -72.93 -53.04 -57.71
C LEU B 93 -73.95 -52.06 -57.16
N GLY B 94 -74.56 -52.42 -56.02
CA GLY B 94 -75.41 -51.53 -55.28
C GLY B 94 -74.70 -50.95 -54.07
N TYR B 95 -75.47 -50.24 -53.24
CA TYR B 95 -74.88 -49.66 -52.05
C TYR B 95 -75.96 -49.34 -51.03
N ARG B 96 -75.54 -49.34 -49.76
CA ARG B 96 -76.36 -48.90 -48.62
C ARG B 96 -75.43 -48.06 -47.75
N ILE B 97 -75.62 -46.75 -47.76
CA ILE B 97 -74.71 -45.81 -47.13
C ILE B 97 -75.44 -45.06 -46.02
N PHE B 98 -74.82 -45.04 -44.84
CA PHE B 98 -75.39 -44.46 -43.64
C PHE B 98 -74.47 -43.37 -43.10
N ASP B 99 -75.02 -42.55 -42.22
CA ASP B 99 -74.29 -41.47 -41.57
C ASP B 99 -73.94 -41.87 -40.14
N THR B 100 -72.70 -41.56 -39.75
CA THR B 100 -72.20 -41.91 -38.42
C THR B 100 -72.19 -40.75 -37.43
N CYS B 101 -72.20 -39.51 -37.92
CA CYS B 101 -72.15 -38.32 -37.07
C CYS B 101 -70.96 -38.36 -36.12
N ASN B 102 -69.86 -38.99 -36.57
CA ASN B 102 -68.61 -39.11 -35.79
C ASN B 102 -68.83 -39.76 -34.43
N THR B 103 -69.82 -40.65 -34.34
CA THR B 103 -70.20 -41.26 -33.07
C THR B 103 -70.23 -42.76 -33.22
N VAL B 104 -69.88 -43.47 -32.13
CA VAL B 104 -69.83 -44.92 -32.17
C VAL B 104 -71.23 -45.51 -32.28
N SER B 105 -72.21 -44.90 -31.62
CA SER B 105 -73.54 -45.47 -31.54
C SER B 105 -74.23 -45.54 -32.90
N LYS B 106 -74.16 -44.45 -33.67
CA LYS B 106 -74.77 -44.43 -34.99
C LYS B 106 -74.13 -45.46 -35.91
N ALA B 107 -72.80 -45.54 -35.90
CA ALA B 107 -72.11 -46.51 -36.72
C ALA B 107 -72.43 -47.93 -36.30
N LEU B 108 -72.64 -48.16 -35.01
CA LEU B 108 -72.98 -49.50 -34.55
C LEU B 108 -74.39 -49.89 -34.97
N GLU B 109 -75.33 -48.93 -34.97
CA GLU B 109 -76.65 -49.21 -35.51
C GLU B 109 -76.57 -49.57 -37.00
N ALA B 110 -75.77 -48.80 -37.74
CA ALA B 110 -75.59 -49.10 -39.17
C ALA B 110 -74.96 -50.48 -39.36
N THR B 111 -74.00 -50.83 -38.52
CA THR B 111 -73.35 -52.14 -38.63
C THR B 111 -74.30 -53.27 -38.29
N LEU B 112 -75.18 -53.07 -37.31
CA LEU B 112 -76.21 -54.07 -37.03
C LEU B 112 -77.12 -54.25 -38.23
N SER B 113 -77.46 -53.14 -38.90
CA SER B 113 -78.19 -53.25 -40.16
C SER B 113 -77.41 -54.06 -41.19
N PHE B 114 -76.09 -53.85 -41.26
CA PHE B 114 -75.27 -54.59 -42.20
C PHE B 114 -75.28 -56.08 -41.91
N VAL B 115 -75.19 -56.47 -40.64
CA VAL B 115 -74.98 -57.87 -40.27
C VAL B 115 -76.25 -58.52 -39.72
N ALA B 116 -77.43 -57.96 -40.01
CA ALA B 116 -78.68 -58.63 -39.64
C ALA B 116 -78.76 -60.07 -40.15
N GLN B 117 -78.32 -60.30 -41.39
CA GLN B 117 -78.38 -61.65 -41.93
C GLN B 117 -77.49 -62.62 -41.14
N ASN B 118 -76.29 -62.17 -40.78
CA ASN B 118 -75.41 -63.01 -39.98
C ASN B 118 -75.93 -63.15 -38.55
N LYS B 119 -76.71 -62.17 -38.08
CA LYS B 119 -77.46 -62.36 -36.84
C LYS B 119 -78.43 -63.52 -36.97
N ILE B 120 -79.13 -63.59 -38.10
CA ILE B 120 -79.94 -64.76 -38.40
C ILE B 120 -79.09 -66.01 -38.41
N ASP B 121 -77.83 -65.90 -38.83
CA ASP B 121 -76.89 -67.01 -38.82
C ASP B 121 -76.08 -67.11 -37.53
N SER B 122 -76.51 -66.44 -36.47
CA SER B 122 -75.80 -66.52 -35.20
C SER B 122 -75.91 -67.92 -34.60
N LEU B 123 -74.91 -68.30 -33.81
CA LEU B 123 -74.86 -69.64 -33.22
C LEU B 123 -75.23 -69.67 -31.75
N ASN B 124 -75.06 -68.56 -31.03
CA ASN B 124 -75.32 -68.58 -29.59
C ASN B 124 -76.80 -68.82 -29.29
N LEU B 125 -77.69 -68.19 -30.05
CA LEU B 125 -79.11 -68.28 -29.78
C LEU B 125 -79.59 -69.72 -29.93
N ASP B 126 -80.07 -70.30 -28.83
CA ASP B 126 -80.64 -71.64 -28.86
C ASP B 126 -81.99 -71.69 -29.57
N GLU B 127 -82.60 -70.54 -29.83
CA GLU B 127 -83.84 -70.45 -30.58
C GLU B 127 -83.63 -69.56 -31.80
N PHE B 128 -84.14 -70.02 -32.94
CA PHE B 128 -83.92 -69.35 -34.21
C PHE B 128 -84.68 -68.03 -34.28
N CYS B 129 -84.19 -67.14 -35.14
CA CYS B 129 -84.84 -65.88 -35.42
C CYS B 129 -84.64 -65.54 -36.88
N ASN B 130 -85.72 -65.10 -37.55
CA ASN B 130 -85.69 -64.83 -38.97
C ASN B 130 -86.10 -63.39 -39.24
N CYS B 131 -85.54 -62.81 -40.30
CA CYS B 131 -85.83 -61.45 -40.72
C CYS B 131 -86.34 -61.46 -42.15
N SER B 132 -86.51 -60.27 -42.71
CA SER B 132 -86.98 -60.13 -44.09
C SER B 132 -85.99 -60.76 -45.05
N GLU B 133 -86.51 -61.55 -45.99
CA GLU B 133 -85.65 -62.25 -46.93
C GLU B 133 -84.93 -61.28 -47.87
N HIS B 134 -85.63 -60.24 -48.32
CA HIS B 134 -85.05 -59.34 -49.30
C HIS B 134 -84.04 -58.36 -48.71
N ILE B 135 -83.71 -58.50 -47.43
CA ILE B 135 -82.67 -57.68 -46.82
C ILE B 135 -81.34 -58.08 -47.43
N PRO B 136 -80.61 -57.17 -48.07
CA PRO B 136 -79.37 -57.54 -48.74
C PRO B 136 -78.27 -57.91 -47.74
N SER B 137 -77.37 -58.79 -48.18
CA SER B 137 -76.20 -59.16 -47.41
C SER B 137 -75.01 -58.37 -47.96
N THR B 138 -74.45 -57.50 -47.12
CA THR B 138 -73.34 -56.66 -47.54
C THR B 138 -72.07 -57.48 -47.69
N ILE B 139 -71.38 -57.30 -48.82
CA ILE B 139 -70.14 -58.03 -49.06
C ILE B 139 -68.95 -57.34 -48.41
N ALA B 140 -68.85 -56.03 -48.56
CA ALA B 140 -67.75 -55.27 -47.97
C ALA B 140 -68.24 -53.89 -47.60
N VAL B 141 -67.53 -53.26 -46.67
CA VAL B 141 -67.93 -51.97 -46.10
C VAL B 141 -66.80 -50.98 -46.28
N VAL B 142 -67.15 -49.77 -46.69
CA VAL B 142 -66.20 -48.68 -46.87
C VAL B 142 -66.43 -47.69 -45.74
N GLY B 143 -65.46 -47.58 -44.84
CA GLY B 143 -65.58 -46.75 -43.66
C GLY B 143 -64.84 -47.37 -42.51
N ALA B 144 -64.61 -46.57 -41.46
CA ALA B 144 -65.12 -45.20 -41.37
C ALA B 144 -63.97 -44.23 -41.11
N THR B 145 -64.31 -42.99 -40.73
CA THR B 145 -63.32 -41.94 -40.53
C THR B 145 -62.59 -42.08 -39.20
N GLY B 146 -63.31 -42.01 -38.08
CA GLY B 146 -62.66 -42.05 -36.78
C GLY B 146 -62.13 -43.43 -36.43
N SER B 147 -61.15 -43.46 -35.53
CA SER B 147 -60.48 -44.71 -35.19
C SER B 147 -61.26 -45.52 -34.16
N GLY B 148 -61.92 -44.85 -33.20
CA GLY B 148 -62.78 -45.57 -32.28
C GLY B 148 -63.99 -46.16 -32.97
N VAL B 149 -64.60 -45.38 -33.86
CA VAL B 149 -65.71 -45.86 -34.68
C VAL B 149 -65.27 -47.07 -35.49
N SER B 150 -64.10 -46.97 -36.13
CA SER B 150 -63.59 -48.07 -36.93
C SER B 150 -63.28 -49.28 -36.07
N THR B 151 -62.82 -49.07 -34.84
CA THR B 151 -62.53 -50.20 -33.95
C THR B 151 -63.79 -50.96 -33.60
N ALA B 152 -64.85 -50.24 -33.21
CA ALA B 152 -66.11 -50.91 -32.88
C ALA B 152 -66.70 -51.62 -34.09
N VAL B 153 -66.74 -50.93 -35.23
CA VAL B 153 -67.28 -51.52 -36.45
C VAL B 153 -66.45 -52.73 -36.85
N ALA B 154 -65.13 -52.67 -36.63
CA ALA B 154 -64.25 -53.77 -36.99
C ALA B 154 -64.50 -54.97 -36.12
N ASN B 155 -64.73 -54.75 -34.82
CA ASN B 155 -65.13 -55.85 -33.94
C ASN B 155 -66.36 -56.55 -34.49
N LEU B 156 -67.42 -55.78 -34.75
CA LEU B 156 -68.67 -56.41 -35.19
C LEU B 156 -68.52 -57.09 -36.56
N LEU B 157 -67.80 -56.45 -37.49
CA LEU B 157 -67.69 -57.02 -38.83
C LEU B 157 -66.77 -58.22 -38.88
N GLY B 158 -65.65 -58.18 -38.17
CA GLY B 158 -64.76 -59.31 -38.13
C GLY B 158 -65.30 -60.46 -37.30
N LEU B 159 -66.35 -60.20 -36.53
CA LEU B 159 -67.10 -61.31 -35.95
C LEU B 159 -67.62 -62.23 -37.05
N PHE B 160 -67.96 -61.66 -38.22
CA PHE B 160 -68.53 -62.45 -39.30
C PHE B 160 -67.64 -62.50 -40.54
N TYR B 161 -66.39 -62.07 -40.46
CA TYR B 161 -65.47 -62.08 -41.60
C TYR B 161 -66.03 -61.31 -42.79
N ILE B 162 -66.41 -60.07 -42.54
CA ILE B 162 -66.84 -59.14 -43.57
C ILE B 162 -65.73 -58.12 -43.78
N PRO B 163 -65.13 -58.03 -44.97
CA PRO B 163 -64.06 -57.05 -45.19
C PRO B 163 -64.55 -55.64 -44.97
N GLN B 164 -63.69 -54.82 -44.38
CA GLN B 164 -63.96 -53.42 -44.10
C GLN B 164 -62.74 -52.60 -44.50
N VAL B 165 -62.88 -51.78 -45.53
CA VAL B 165 -61.79 -50.97 -46.04
C VAL B 165 -62.04 -49.53 -45.61
N SER B 166 -61.20 -49.02 -44.73
CA SER B 166 -61.30 -47.65 -44.26
C SER B 166 -60.56 -46.70 -45.18
N TYR B 167 -60.95 -45.43 -45.11
CA TYR B 167 -60.36 -44.38 -45.93
C TYR B 167 -59.70 -43.28 -45.13
N ALA B 168 -59.95 -43.17 -43.83
CA ALA B 168 -59.30 -42.13 -43.04
C ALA B 168 -58.87 -42.59 -41.65
N SER B 169 -59.02 -43.86 -41.29
CA SER B 169 -58.59 -44.35 -39.99
C SER B 169 -57.13 -44.77 -40.06
N SER B 170 -56.30 -44.17 -39.21
CA SER B 170 -54.86 -44.36 -39.35
C SER B 170 -54.17 -44.71 -38.03
N SER B 171 -54.93 -45.10 -37.01
CA SER B 171 -54.31 -45.52 -35.75
C SER B 171 -53.56 -46.84 -35.93
N ARG B 172 -52.46 -46.99 -35.19
CA ARG B 172 -51.69 -48.22 -35.23
C ARG B 172 -52.39 -49.38 -34.56
N LEU B 173 -53.30 -49.12 -33.64
CA LEU B 173 -54.02 -50.19 -32.94
C LEU B 173 -54.85 -51.03 -33.88
N LEU B 174 -55.13 -50.53 -35.09
CA LEU B 174 -55.91 -51.26 -36.08
C LEU B 174 -55.02 -52.10 -36.99
N SER B 175 -53.72 -52.15 -36.70
CA SER B 175 -52.79 -53.00 -37.42
C SER B 175 -52.67 -54.39 -36.79
N ASN B 176 -53.47 -54.67 -35.77
CA ASN B 176 -53.45 -55.95 -35.07
C ASN B 176 -54.43 -56.89 -35.76
N LYS B 177 -53.90 -57.93 -36.40
CA LYS B 177 -54.73 -58.91 -37.10
C LYS B 177 -55.22 -60.02 -36.19
N ASN B 178 -54.82 -60.02 -34.92
CA ASN B 178 -55.41 -60.91 -33.93
C ASN B 178 -56.77 -60.40 -33.48
N GLN B 179 -56.94 -59.10 -33.38
CA GLN B 179 -58.19 -58.47 -32.99
C GLN B 179 -59.03 -57.99 -34.16
N PHE B 180 -58.40 -57.47 -35.20
CA PHE B 180 -59.08 -56.93 -36.37
C PHE B 180 -58.68 -57.75 -37.59
N LYS B 181 -59.42 -58.83 -37.83
CA LYS B 181 -59.07 -59.80 -38.86
C LYS B 181 -59.35 -59.30 -40.27
N SER B 182 -60.47 -58.61 -40.47
CA SER B 182 -60.92 -58.21 -41.80
C SER B 182 -60.71 -56.73 -42.08
N PHE B 183 -59.89 -56.05 -41.29
CA PHE B 183 -59.70 -54.61 -41.47
C PHE B 183 -58.62 -54.34 -42.50
N LEU B 184 -58.91 -53.44 -43.43
CA LEU B 184 -57.97 -52.95 -44.41
C LEU B 184 -58.08 -51.43 -44.46
N ARG B 185 -57.04 -50.77 -44.94
CA ARG B 185 -57.04 -49.32 -45.01
C ARG B 185 -56.23 -48.85 -46.21
N THR B 186 -56.68 -47.75 -46.82
CA THR B 186 -55.97 -47.11 -47.93
C THR B 186 -55.29 -45.82 -47.52
N ILE B 187 -55.06 -45.62 -46.23
CA ILE B 187 -54.39 -44.43 -45.70
C ILE B 187 -53.17 -44.92 -44.92
N PRO B 188 -52.05 -44.22 -44.95
CA PRO B 188 -50.88 -44.69 -44.18
C PRO B 188 -51.12 -44.64 -42.68
N ASN B 189 -50.47 -45.57 -41.98
CA ASN B 189 -50.46 -45.61 -40.53
C ASN B 189 -49.64 -44.42 -40.02
N ASP B 190 -49.77 -44.08 -38.74
CA ASP B 190 -49.26 -42.81 -38.22
C ASP B 190 -47.96 -42.94 -37.44
N GLU B 191 -47.26 -44.07 -37.53
CA GLU B 191 -45.91 -44.14 -36.99
C GLU B 191 -45.00 -43.15 -37.71
N HIS B 192 -45.10 -43.11 -39.04
CA HIS B 192 -44.25 -42.24 -39.83
C HIS B 192 -44.54 -40.77 -39.56
N GLN B 193 -45.79 -40.45 -39.25
CA GLN B 193 -46.13 -39.05 -38.96
C GLN B 193 -45.48 -38.58 -37.67
N ALA B 194 -45.48 -39.42 -36.63
CA ALA B 194 -44.81 -39.08 -35.39
C ALA B 194 -43.30 -38.97 -35.60
N THR B 195 -42.73 -39.93 -36.33
CA THR B 195 -41.30 -39.85 -36.64
C THR B 195 -40.97 -38.58 -37.42
N ALA B 196 -41.86 -38.19 -38.33
CA ALA B 196 -41.63 -36.99 -39.14
C ALA B 196 -41.73 -35.73 -38.31
N MET B 197 -42.65 -35.68 -37.35
CA MET B 197 -42.70 -34.55 -36.43
C MET B 197 -41.43 -34.45 -35.62
N ALA B 198 -40.93 -35.58 -35.13
CA ALA B 198 -39.66 -35.57 -34.40
C ALA B 198 -38.53 -35.07 -35.29
N ASP B 199 -38.50 -35.51 -36.55
CA ASP B 199 -37.46 -35.08 -37.47
C ASP B 199 -37.56 -33.58 -37.76
N ILE B 200 -38.78 -33.06 -37.88
CA ILE B 200 -38.98 -31.65 -38.13
C ILE B 200 -38.49 -30.83 -36.94
N ILE B 201 -38.81 -31.28 -35.73
CA ILE B 201 -38.35 -30.59 -34.52
C ILE B 201 -36.83 -30.60 -34.45
N GLU B 202 -36.22 -31.74 -34.80
CA GLU B 202 -34.76 -31.83 -34.77
C GLU B 202 -34.12 -30.94 -35.84
N TYR B 203 -34.77 -30.81 -37.00
CA TYR B 203 -34.18 -30.09 -38.11
C TYR B 203 -34.02 -28.60 -37.80
N PHE B 204 -34.98 -28.02 -37.08
CA PHE B 204 -34.90 -26.61 -36.72
C PHE B 204 -34.20 -26.38 -35.39
N ARG B 205 -33.61 -27.41 -34.79
CA ARG B 205 -32.79 -27.31 -33.59
C ARG B 205 -33.60 -26.77 -32.40
N TRP B 206 -34.63 -27.53 -32.06
CA TRP B 206 -35.44 -27.28 -30.87
C TRP B 206 -35.27 -28.45 -29.91
N ASN B 207 -35.37 -28.16 -28.61
CA ASN B 207 -35.28 -29.23 -27.62
C ASN B 207 -36.34 -29.08 -26.53
N TRP B 208 -37.08 -27.98 -26.55
CA TRP B 208 -38.00 -27.64 -25.48
C TRP B 208 -39.37 -27.41 -26.09
N VAL B 209 -40.23 -28.43 -26.00
CA VAL B 209 -41.53 -28.42 -26.68
C VAL B 209 -42.62 -28.87 -25.72
N GLY B 210 -43.88 -28.69 -26.15
CA GLY B 210 -45.02 -29.19 -25.43
C GLY B 210 -45.90 -30.05 -26.33
N THR B 211 -46.79 -30.85 -25.75
CA THR B 211 -47.63 -31.75 -26.53
C THR B 211 -49.07 -31.68 -26.07
N ILE B 212 -50.00 -31.74 -27.01
CA ILE B 212 -51.43 -31.91 -26.75
C ILE B 212 -51.94 -33.01 -27.67
N ALA B 213 -52.98 -33.71 -27.21
CA ALA B 213 -53.54 -34.81 -27.98
C ALA B 213 -55.00 -35.00 -27.61
N ALA B 214 -55.72 -35.73 -28.45
CA ALA B 214 -57.10 -36.09 -28.19
C ALA B 214 -57.16 -37.37 -27.37
N ASP B 215 -58.17 -37.46 -26.51
CA ASP B 215 -58.32 -38.60 -25.60
C ASP B 215 -59.11 -39.71 -26.31
N ASP B 216 -58.51 -40.23 -27.38
CA ASP B 216 -59.14 -41.25 -28.19
C ASP B 216 -58.07 -42.19 -28.75
N ASP B 217 -58.51 -43.17 -29.53
CA ASP B 217 -57.62 -44.16 -30.13
C ASP B 217 -56.70 -43.57 -31.18
N TYR B 218 -56.93 -42.32 -31.59
CA TYR B 218 -56.09 -41.68 -32.59
C TYR B 218 -54.96 -40.88 -31.94
N GLY B 219 -55.31 -39.97 -31.05
CA GLY B 219 -54.32 -39.11 -30.42
C GLY B 219 -53.29 -39.79 -29.54
N ARG B 220 -53.73 -40.68 -28.67
CA ARG B 220 -52.85 -41.27 -27.65
C ARG B 220 -51.73 -42.13 -28.25
N PRO B 221 -52.01 -43.09 -29.14
CA PRO B 221 -50.90 -43.87 -29.70
C PRO B 221 -49.90 -43.03 -30.47
N GLY B 222 -50.39 -42.05 -31.23
CA GLY B 222 -49.49 -41.20 -31.98
C GLY B 222 -48.63 -40.33 -31.09
N ILE B 223 -49.23 -39.80 -30.02
CA ILE B 223 -48.45 -38.94 -29.13
C ILE B 223 -47.45 -39.77 -28.34
N GLU B 224 -47.79 -41.03 -28.04
CA GLU B 224 -46.83 -41.91 -27.38
C GLU B 224 -45.66 -42.25 -28.29
N LYS B 225 -45.93 -42.53 -29.57
CA LYS B 225 -44.86 -42.78 -30.51
C LYS B 225 -43.97 -41.55 -30.67
N PHE B 226 -44.58 -40.37 -30.75
CA PHE B 226 -43.79 -39.14 -30.84
C PHE B 226 -42.94 -38.95 -29.60
N ARG B 227 -43.49 -39.24 -28.42
CA ARG B 227 -42.72 -39.10 -27.19
C ARG B 227 -41.52 -40.03 -27.19
N GLU B 228 -41.72 -41.27 -27.63
CA GLU B 228 -40.61 -42.21 -27.72
C GLU B 228 -39.51 -41.68 -28.64
N GLU B 229 -39.90 -41.22 -29.84
CA GLU B 229 -38.90 -40.70 -30.77
C GLU B 229 -38.19 -39.47 -30.22
N ALA B 230 -38.94 -38.56 -29.59
CA ALA B 230 -38.35 -37.35 -29.05
C ALA B 230 -37.37 -37.65 -27.92
N GLU B 231 -37.72 -38.58 -27.04
CA GLU B 231 -36.78 -38.98 -26.00
C GLU B 231 -35.53 -39.61 -26.59
N GLU B 232 -35.69 -40.42 -27.64
CA GLU B 232 -34.52 -41.01 -28.29
C GLU B 232 -33.70 -39.98 -29.08
N ARG B 233 -34.28 -38.82 -29.40
CA ARG B 233 -33.58 -37.78 -30.14
C ARG B 233 -33.16 -36.61 -29.27
N ASP B 234 -33.13 -36.78 -27.95
CA ASP B 234 -32.69 -35.74 -27.01
C ASP B 234 -33.55 -34.48 -27.13
N ILE B 235 -34.86 -34.66 -27.15
CA ILE B 235 -35.83 -33.57 -27.11
C ILE B 235 -36.63 -33.69 -25.81
N CYS B 236 -36.72 -32.59 -25.08
CA CYS B 236 -37.40 -32.57 -23.79
C CYS B 236 -38.79 -31.99 -23.94
N ILE B 237 -39.76 -32.61 -23.30
CA ILE B 237 -41.17 -32.23 -23.38
C ILE B 237 -41.58 -31.65 -22.04
N ASP B 238 -42.04 -30.39 -22.06
CA ASP B 238 -42.39 -29.72 -20.80
C ASP B 238 -43.74 -30.22 -20.29
N PHE B 239 -44.78 -30.12 -21.11
CA PHE B 239 -46.13 -30.48 -20.69
C PHE B 239 -46.76 -31.43 -21.70
N SER B 240 -47.71 -32.23 -21.21
CA SER B 240 -48.49 -33.12 -22.05
C SER B 240 -49.92 -33.10 -21.54
N GLU B 241 -50.88 -32.83 -22.42
CA GLU B 241 -52.27 -32.67 -22.02
C GLU B 241 -53.17 -33.47 -22.95
N LEU B 242 -54.41 -33.67 -22.51
CA LEU B 242 -55.42 -34.40 -23.25
C LEU B 242 -56.69 -33.57 -23.34
N ILE B 243 -57.27 -33.52 -24.52
CA ILE B 243 -58.45 -32.70 -24.80
C ILE B 243 -59.51 -33.57 -25.47
N SER B 244 -60.73 -33.03 -25.54
CA SER B 244 -61.82 -33.68 -26.24
C SER B 244 -62.87 -32.62 -26.56
N GLN B 245 -63.81 -32.99 -27.43
CA GLN B 245 -64.89 -32.07 -27.76
C GLN B 245 -65.95 -32.01 -26.67
N TYR B 246 -65.95 -32.96 -25.74
CA TYR B 246 -66.91 -33.00 -24.64
C TYR B 246 -66.23 -32.69 -23.32
N SER B 247 -65.23 -31.81 -23.35
CA SER B 247 -64.54 -31.39 -22.13
C SER B 247 -65.39 -30.36 -21.39
N ASP B 248 -64.86 -29.91 -20.26
CA ASP B 248 -65.52 -28.91 -19.43
C ASP B 248 -64.68 -27.63 -19.44
N GLU B 249 -65.33 -26.51 -19.11
CA GLU B 249 -64.63 -25.24 -19.08
C GLU B 249 -63.45 -25.27 -18.10
N GLU B 250 -63.59 -26.02 -17.02
CA GLU B 250 -62.49 -26.16 -16.07
C GLU B 250 -61.29 -26.84 -16.71
N GLU B 251 -61.53 -27.91 -17.47
CA GLU B 251 -60.44 -28.63 -18.12
C GLU B 251 -59.75 -27.78 -19.18
N ILE B 252 -60.53 -27.07 -20.00
CA ILE B 252 -59.94 -26.21 -21.03
C ILE B 252 -59.16 -25.08 -20.38
N GLN B 253 -59.70 -24.50 -19.31
CA GLN B 253 -58.97 -23.45 -18.58
C GLN B 253 -57.66 -23.98 -18.03
N HIS B 254 -57.68 -25.19 -17.44
CA HIS B 254 -56.46 -25.78 -16.91
C HIS B 254 -55.43 -25.99 -18.01
N VAL B 255 -55.86 -26.50 -19.15
CA VAL B 255 -54.92 -26.77 -20.25
C VAL B 255 -54.32 -25.46 -20.76
N VAL B 256 -55.15 -24.42 -20.91
CA VAL B 256 -54.65 -23.17 -21.47
C VAL B 256 -53.71 -22.49 -20.48
N GLU B 257 -54.00 -22.62 -19.18
CA GLU B 257 -53.08 -22.14 -18.17
C GLU B 257 -51.75 -22.86 -18.22
N VAL B 258 -51.77 -24.18 -18.42
CA VAL B 258 -50.53 -24.93 -18.60
C VAL B 258 -49.77 -24.43 -19.82
N ILE B 259 -50.50 -24.15 -20.90
CA ILE B 259 -49.89 -23.64 -22.12
C ILE B 259 -49.16 -22.32 -21.84
N GLN B 260 -49.78 -21.41 -21.10
CA GLN B 260 -49.12 -20.15 -20.78
C GLN B 260 -47.94 -20.35 -19.85
N ASN B 261 -48.07 -21.21 -18.85
CA ASN B 261 -47.06 -21.28 -17.79
C ASN B 261 -45.72 -21.75 -18.35
N SER B 262 -45.74 -22.55 -19.41
CA SER B 262 -44.53 -23.07 -20.02
C SER B 262 -43.84 -21.99 -20.84
N THR B 263 -42.54 -22.17 -21.05
CA THR B 263 -41.74 -21.30 -21.89
C THR B 263 -41.51 -21.94 -23.27
N ALA B 264 -42.09 -23.10 -23.51
CA ALA B 264 -41.94 -23.78 -24.80
C ALA B 264 -42.91 -23.19 -25.81
N LYS B 265 -42.39 -22.73 -26.94
CA LYS B 265 -43.23 -22.09 -27.95
C LYS B 265 -43.68 -23.03 -29.04
N VAL B 266 -42.99 -24.16 -29.22
CA VAL B 266 -43.37 -25.16 -30.21
C VAL B 266 -44.24 -26.21 -29.52
N ILE B 267 -45.44 -26.44 -30.06
CA ILE B 267 -46.42 -27.35 -29.47
C ILE B 267 -46.84 -28.36 -30.53
N VAL B 268 -46.83 -29.63 -30.17
CA VAL B 268 -47.21 -30.72 -31.07
C VAL B 268 -48.62 -31.17 -30.72
N VAL B 269 -49.47 -31.35 -31.73
CA VAL B 269 -50.87 -31.68 -31.53
C VAL B 269 -51.23 -32.87 -32.42
N PHE B 270 -51.67 -33.96 -31.79
CA PHE B 270 -52.33 -35.08 -32.47
C PHE B 270 -53.81 -35.04 -32.14
N SER B 271 -54.57 -34.28 -32.91
CA SER B 271 -56.00 -34.14 -32.70
C SER B 271 -56.69 -33.98 -34.04
N SER B 272 -58.00 -33.77 -33.99
CA SER B 272 -58.83 -33.45 -35.14
C SER B 272 -59.56 -32.15 -34.87
N GLY B 273 -60.19 -31.62 -35.91
CA GLY B 273 -60.88 -30.35 -35.82
C GLY B 273 -61.96 -30.29 -34.76
N PRO B 274 -62.90 -31.23 -34.79
CA PRO B 274 -63.95 -31.24 -33.76
C PRO B 274 -63.42 -31.34 -32.34
N ASP B 275 -62.35 -32.09 -32.12
CA ASP B 275 -61.79 -32.27 -30.78
C ASP B 275 -60.84 -31.16 -30.36
N LEU B 276 -60.32 -30.39 -31.31
CA LEU B 276 -59.41 -29.29 -31.02
C LEU B 276 -60.10 -27.93 -30.98
N GLU B 277 -61.32 -27.82 -31.51
CA GLU B 277 -61.96 -26.52 -31.65
C GLU B 277 -62.15 -25.78 -30.34
N PRO B 278 -62.66 -26.38 -29.26
CA PRO B 278 -62.83 -25.60 -28.01
C PRO B 278 -61.53 -25.01 -27.47
N LEU B 279 -60.43 -25.77 -27.54
CA LEU B 279 -59.15 -25.25 -27.08
C LEU B 279 -58.72 -24.05 -27.91
N ILE B 280 -58.89 -24.12 -29.23
CA ILE B 280 -58.52 -23.01 -30.10
C ILE B 280 -59.38 -21.79 -29.80
N LYS B 281 -60.68 -22.00 -29.58
CA LYS B 281 -61.56 -20.89 -29.26
C LYS B 281 -61.16 -20.22 -27.95
N GLU B 282 -60.83 -21.02 -26.93
CA GLU B 282 -60.44 -20.44 -25.65
C GLU B 282 -59.12 -19.68 -25.76
N ILE B 283 -58.14 -20.25 -26.46
CA ILE B 283 -56.86 -19.58 -26.63
C ILE B 283 -57.04 -18.27 -27.39
N VAL B 284 -57.86 -18.28 -28.44
CA VAL B 284 -58.13 -17.06 -29.19
C VAL B 284 -58.80 -16.03 -28.30
N ARG B 285 -59.76 -16.48 -27.48
CA ARG B 285 -60.47 -15.56 -26.59
C ARG B 285 -59.51 -14.88 -25.62
N ARG B 286 -58.63 -15.65 -24.99
CA ARG B 286 -57.73 -15.01 -24.02
C ARG B 286 -56.42 -14.57 -24.68
N ASN B 287 -56.27 -14.81 -25.98
CA ASN B 287 -55.24 -14.17 -26.82
C ASN B 287 -53.82 -14.53 -26.35
N ILE B 288 -53.50 -15.80 -26.52
CA ILE B 288 -52.15 -16.31 -26.32
C ILE B 288 -51.51 -16.45 -27.69
N THR B 289 -50.53 -15.60 -27.99
CA THR B 289 -49.90 -15.53 -29.29
C THR B 289 -48.45 -15.99 -29.21
N GLY B 290 -47.84 -16.13 -30.39
CA GLY B 290 -46.45 -16.50 -30.48
C GLY B 290 -46.15 -17.97 -30.28
N LYS B 291 -47.07 -18.86 -30.62
CA LYS B 291 -46.91 -20.29 -30.41
C LYS B 291 -46.82 -20.98 -31.76
N ILE B 292 -45.85 -21.87 -31.88
CA ILE B 292 -45.63 -22.62 -33.13
C ILE B 292 -46.37 -23.95 -33.02
N TRP B 293 -47.35 -24.15 -33.90
CA TRP B 293 -48.19 -25.34 -33.87
C TRP B 293 -47.72 -26.32 -34.94
N LEU B 294 -47.47 -27.56 -34.54
CA LEU B 294 -47.23 -28.66 -35.46
C LEU B 294 -48.52 -29.47 -35.58
N ALA B 295 -49.07 -29.53 -36.78
CA ALA B 295 -50.38 -30.11 -37.01
C ALA B 295 -50.27 -31.51 -37.61
N SER B 296 -51.07 -32.42 -37.09
CA SER B 296 -51.20 -33.73 -37.69
C SER B 296 -52.15 -33.66 -38.88
N GLU B 297 -52.22 -34.76 -39.63
CA GLU B 297 -53.00 -34.77 -40.85
C GLU B 297 -54.49 -34.54 -40.63
N ALA B 298 -54.98 -34.80 -39.41
CA ALA B 298 -56.42 -34.74 -39.18
C ALA B 298 -56.94 -33.31 -39.10
N TRP B 299 -56.13 -32.37 -38.63
CA TRP B 299 -56.59 -30.98 -38.52
C TRP B 299 -55.70 -29.99 -39.26
N ALA B 300 -54.73 -30.46 -40.05
CA ALA B 300 -53.90 -29.56 -40.82
C ALA B 300 -54.63 -28.89 -41.98
N SER B 301 -55.73 -29.50 -42.46
CA SER B 301 -56.54 -28.91 -43.51
C SER B 301 -57.98 -28.67 -43.04
N SER B 302 -58.22 -28.75 -41.74
CA SER B 302 -59.56 -28.61 -41.21
C SER B 302 -60.07 -27.19 -41.39
N SER B 303 -61.33 -27.07 -41.80
CA SER B 303 -61.95 -25.76 -41.93
C SER B 303 -62.52 -25.23 -40.62
N LEU B 304 -62.57 -26.06 -39.57
CA LEU B 304 -62.98 -25.61 -38.26
C LEU B 304 -61.87 -24.91 -37.49
N ILE B 305 -60.63 -25.05 -37.94
CA ILE B 305 -59.48 -24.43 -37.26
C ILE B 305 -58.88 -23.38 -38.18
N ALA B 306 -58.87 -23.66 -39.48
CA ALA B 306 -58.33 -22.71 -40.44
C ALA B 306 -59.33 -21.63 -40.79
N MET B 307 -59.80 -20.91 -39.78
CA MET B 307 -60.66 -19.76 -39.98
C MET B 307 -59.85 -18.47 -39.86
N PRO B 308 -60.12 -17.48 -40.72
CA PRO B 308 -59.34 -16.23 -40.64
C PRO B 308 -59.47 -15.53 -39.31
N GLN B 309 -60.63 -15.61 -38.66
CA GLN B 309 -60.84 -15.00 -37.35
C GLN B 309 -59.94 -15.57 -36.28
N TYR B 310 -59.20 -16.64 -36.57
CA TYR B 310 -58.28 -17.24 -35.62
C TYR B 310 -56.83 -17.03 -36.02
N PHE B 311 -56.56 -16.31 -37.12
CA PHE B 311 -55.22 -16.31 -37.70
C PHE B 311 -54.18 -15.67 -36.79
N HIS B 312 -54.59 -14.79 -35.87
CA HIS B 312 -53.61 -14.19 -34.98
C HIS B 312 -53.11 -15.18 -33.93
N VAL B 313 -53.70 -16.38 -33.86
CA VAL B 313 -53.28 -17.39 -32.92
C VAL B 313 -52.69 -18.62 -33.61
N VAL B 314 -53.31 -19.11 -34.68
CA VAL B 314 -52.90 -20.37 -35.31
C VAL B 314 -52.28 -20.11 -36.67
N GLY B 315 -51.76 -18.92 -36.88
CA GLY B 315 -51.10 -18.60 -38.13
C GLY B 315 -49.71 -19.19 -38.23
N GLY B 316 -49.27 -19.43 -39.46
CA GLY B 316 -47.96 -20.01 -39.68
C GLY B 316 -47.84 -21.45 -39.24
N THR B 317 -48.95 -22.17 -39.18
CA THR B 317 -48.93 -23.55 -38.70
C THR B 317 -48.26 -24.46 -39.72
N ILE B 318 -47.39 -25.34 -39.24
CA ILE B 318 -46.73 -26.34 -40.08
C ILE B 318 -47.43 -27.67 -39.85
N GLY B 319 -47.94 -28.27 -40.93
CA GLY B 319 -48.73 -29.47 -40.82
C GLY B 319 -48.44 -30.45 -41.94
N PHE B 320 -49.08 -31.61 -41.84
CA PHE B 320 -48.89 -32.70 -42.79
C PHE B 320 -50.13 -32.88 -43.66
N ALA B 321 -49.92 -33.41 -44.86
CA ALA B 321 -51.00 -33.71 -45.78
C ALA B 321 -50.64 -34.95 -46.58
N LEU B 322 -51.65 -35.69 -47.00
CA LEU B 322 -51.43 -36.87 -47.81
C LEU B 322 -51.16 -36.50 -49.26
N LYS B 323 -50.65 -37.46 -50.02
CA LYS B 323 -50.51 -37.28 -51.45
C LYS B 323 -51.89 -37.14 -52.09
N ALA B 324 -52.00 -36.21 -53.02
CA ALA B 324 -53.27 -35.96 -53.70
C ALA B 324 -53.42 -36.85 -54.92
N GLY B 325 -54.68 -37.10 -55.29
CA GLY B 325 -54.98 -37.87 -56.46
C GLY B 325 -55.91 -37.11 -57.40
N GLN B 326 -56.04 -37.63 -58.61
CA GLN B 326 -56.87 -37.02 -59.64
C GLN B 326 -58.02 -37.95 -59.97
N ILE B 327 -59.25 -37.44 -59.91
CA ILE B 327 -60.43 -38.18 -60.33
C ILE B 327 -61.05 -37.45 -61.51
N PRO B 328 -60.82 -37.89 -62.75
CA PRO B 328 -61.37 -37.16 -63.90
C PRO B 328 -62.89 -37.24 -63.93
N GLY B 329 -63.52 -36.07 -64.07
CA GLY B 329 -64.96 -35.98 -64.14
C GLY B 329 -65.69 -35.95 -62.81
N PHE B 330 -64.96 -35.94 -61.70
CA PHE B 330 -65.59 -35.94 -60.39
C PHE B 330 -66.32 -34.64 -60.11
N ARG B 331 -65.71 -33.50 -60.48
CA ARG B 331 -66.32 -32.21 -60.20
C ARG B 331 -67.62 -32.02 -60.97
N GLU B 332 -67.64 -32.45 -62.23
CA GLU B 332 -68.88 -32.37 -63.02
C GLU B 332 -69.97 -33.23 -62.40
N PHE B 333 -69.60 -34.39 -61.89
CA PHE B 333 -70.57 -35.22 -61.16
C PHE B 333 -71.07 -34.51 -59.92
N LEU B 334 -70.18 -33.81 -59.21
CA LEU B 334 -70.57 -33.09 -58.01
C LEU B 334 -71.56 -31.97 -58.32
N LYS B 335 -71.36 -31.28 -59.44
CA LYS B 335 -72.22 -30.14 -59.76
C LYS B 335 -73.61 -30.57 -60.20
N LYS B 336 -73.82 -31.88 -60.42
CA LYS B 336 -75.12 -32.36 -60.88
C LYS B 336 -76.09 -32.66 -59.76
N VAL B 337 -75.67 -32.52 -58.50
CA VAL B 337 -76.54 -32.91 -57.38
C VAL B 337 -77.78 -32.03 -57.36
N HIS B 338 -78.92 -32.65 -57.03
CA HIS B 338 -80.20 -31.98 -57.00
C HIS B 338 -81.13 -32.73 -56.05
N PRO B 339 -81.92 -32.03 -55.24
CA PRO B 339 -82.79 -32.73 -54.28
C PRO B 339 -83.81 -33.65 -54.91
N ARG B 340 -84.34 -33.30 -56.07
CA ARG B 340 -85.39 -34.09 -56.70
C ARG B 340 -84.84 -35.16 -57.63
N LYS B 341 -83.78 -34.85 -58.38
CA LYS B 341 -83.23 -35.84 -59.31
C LYS B 341 -82.53 -36.97 -58.55
N SER B 342 -81.94 -36.67 -57.40
CA SER B 342 -81.25 -37.68 -56.61
C SER B 342 -82.25 -38.37 -55.69
N VAL B 343 -82.82 -39.48 -56.15
CA VAL B 343 -83.73 -40.26 -55.33
C VAL B 343 -82.98 -41.34 -54.56
N HIS B 344 -81.92 -41.90 -55.15
CA HIS B 344 -81.11 -42.88 -54.44
C HIS B 344 -80.33 -42.22 -53.30
N ASN B 345 -79.83 -41.01 -53.52
CA ASN B 345 -79.09 -40.25 -52.51
C ASN B 345 -80.09 -39.46 -51.68
N GLY B 346 -80.43 -39.97 -50.51
CA GLY B 346 -81.34 -39.27 -49.62
C GLY B 346 -80.73 -38.13 -48.85
N PHE B 347 -79.41 -37.97 -48.89
CA PHE B 347 -78.76 -36.89 -48.16
C PHE B 347 -78.71 -35.59 -48.94
N ALA B 348 -79.27 -35.56 -50.15
CA ALA B 348 -79.17 -34.37 -50.99
C ALA B 348 -80.06 -33.23 -50.50
N LYS B 349 -81.21 -33.57 -49.92
CA LYS B 349 -82.17 -32.54 -49.53
C LYS B 349 -81.61 -31.67 -48.40
N GLU B 350 -81.05 -32.30 -47.37
CA GLU B 350 -80.45 -31.54 -46.29
C GLU B 350 -79.24 -30.76 -46.78
N PHE B 351 -78.50 -31.33 -47.73
CA PHE B 351 -77.36 -30.62 -48.33
C PHE B 351 -77.83 -29.33 -48.98
N TRP B 352 -78.89 -29.41 -49.79
CA TRP B 352 -79.44 -28.23 -50.44
C TRP B 352 -79.94 -27.22 -49.42
N GLU B 353 -80.64 -27.71 -48.40
CA GLU B 353 -81.21 -26.82 -47.39
C GLU B 353 -80.13 -26.04 -46.65
N GLU B 354 -79.03 -26.71 -46.30
CA GLU B 354 -77.95 -26.03 -45.61
C GLU B 354 -77.16 -25.13 -46.56
N THR B 355 -76.99 -25.55 -47.81
CA THR B 355 -76.22 -24.75 -48.76
C THR B 355 -76.90 -23.43 -49.08
N PHE B 356 -78.21 -23.45 -49.33
CA PHE B 356 -78.92 -22.25 -49.72
C PHE B 356 -79.76 -21.66 -48.59
N ASN B 357 -79.67 -22.22 -47.39
CA ASN B 357 -80.39 -21.74 -46.21
C ASN B 357 -81.88 -21.59 -46.52
N CYS B 358 -82.41 -22.60 -47.22
CA CYS B 358 -83.81 -22.61 -47.61
C CYS B 358 -84.44 -23.90 -47.12
N HIS B 359 -85.73 -24.07 -47.42
CA HIS B 359 -86.50 -25.23 -46.99
C HIS B 359 -87.24 -25.81 -48.17
N LEU B 360 -87.45 -27.13 -48.13
CA LEU B 360 -88.14 -27.82 -49.21
C LEU B 360 -89.06 -28.91 -48.68
N ARG B 392 -87.45 -18.89 -42.87
CA ARG B 392 -86.64 -19.61 -43.85
C ARG B 392 -87.39 -19.74 -45.17
N PRO B 393 -86.84 -19.14 -46.22
CA PRO B 393 -87.51 -19.18 -47.53
C PRO B 393 -87.54 -20.60 -48.10
N LEU B 394 -88.51 -20.84 -48.97
CA LEU B 394 -88.58 -22.11 -49.67
C LEU B 394 -87.49 -22.20 -50.72
N CYS B 395 -87.20 -23.43 -51.15
CA CYS B 395 -86.18 -23.68 -52.16
C CYS B 395 -86.86 -23.74 -53.52
N THR B 396 -86.42 -22.87 -54.43
CA THR B 396 -86.96 -22.89 -55.79
C THR B 396 -86.58 -24.16 -56.53
N GLY B 397 -85.34 -24.61 -56.35
CA GLY B 397 -84.85 -25.80 -57.01
C GLY B 397 -84.01 -25.57 -58.25
N ASP B 398 -83.67 -24.32 -58.57
CA ASP B 398 -82.84 -24.01 -59.71
C ASP B 398 -81.52 -23.35 -59.35
N GLU B 399 -81.25 -23.11 -58.07
CA GLU B 399 -80.06 -22.38 -57.67
C GLU B 399 -78.79 -23.16 -58.03
N ASN B 400 -77.76 -22.42 -58.45
CA ASN B 400 -76.48 -23.03 -58.80
C ASN B 400 -75.68 -23.32 -57.54
N ILE B 401 -74.97 -24.46 -57.54
CA ILE B 401 -74.08 -24.78 -56.43
C ILE B 401 -72.91 -23.80 -56.38
N SER B 402 -72.42 -23.36 -57.54
CA SER B 402 -71.29 -22.45 -57.57
C SER B 402 -71.61 -21.09 -56.94
N SER B 403 -72.89 -20.77 -56.78
CA SER B 403 -73.26 -19.49 -56.17
C SER B 403 -72.81 -19.41 -54.71
N VAL B 404 -72.98 -20.51 -53.98
CA VAL B 404 -72.68 -20.53 -52.55
C VAL B 404 -71.29 -21.12 -52.33
N GLU B 405 -70.56 -20.52 -51.40
CA GLU B 405 -69.15 -20.86 -51.14
C GLU B 405 -69.08 -21.79 -49.94
N THR B 406 -68.96 -23.10 -50.21
CA THR B 406 -68.86 -24.13 -49.17
C THR B 406 -67.78 -25.14 -49.52
N PRO B 407 -67.27 -25.91 -48.54
CA PRO B 407 -66.23 -26.90 -48.86
C PRO B 407 -66.68 -28.03 -49.76
N TYR B 408 -67.94 -28.05 -50.20
CA TYR B 408 -68.41 -29.12 -51.07
C TYR B 408 -67.65 -29.15 -52.39
N ILE B 409 -67.42 -27.97 -52.97
CA ILE B 409 -66.62 -27.85 -54.20
C ILE B 409 -65.50 -26.83 -54.07
N ASP B 410 -65.22 -26.34 -52.86
CA ASP B 410 -64.08 -25.46 -52.63
C ASP B 410 -62.91 -26.30 -52.14
N TYR B 411 -62.32 -27.04 -53.07
CA TYR B 411 -61.16 -27.87 -52.78
C TYR B 411 -60.13 -27.65 -53.86
N THR B 412 -58.86 -27.75 -53.46
CA THR B 412 -57.75 -27.65 -54.40
C THR B 412 -57.21 -29.03 -54.77
N HIS B 413 -57.19 -29.96 -53.83
CA HIS B 413 -56.74 -31.33 -54.07
C HIS B 413 -57.74 -32.30 -53.45
N LEU B 414 -57.77 -33.51 -54.00
CA LEU B 414 -58.57 -34.61 -53.47
C LEU B 414 -57.63 -35.61 -52.80
N ARG B 415 -57.74 -35.73 -51.47
CA ARG B 415 -56.89 -36.64 -50.72
C ARG B 415 -57.67 -37.77 -50.07
N ILE B 416 -58.67 -37.46 -49.25
CA ILE B 416 -59.50 -38.53 -48.67
C ILE B 416 -60.50 -39.04 -49.70
N SER B 417 -60.93 -38.17 -50.61
CA SER B 417 -61.80 -38.60 -51.70
C SER B 417 -61.11 -39.66 -52.56
N TYR B 418 -59.81 -39.46 -52.83
CA TYR B 418 -59.06 -40.48 -53.56
C TYR B 418 -58.95 -41.76 -52.74
N ASN B 419 -58.92 -41.65 -51.41
CA ASN B 419 -58.89 -42.84 -50.57
C ASN B 419 -60.17 -43.64 -50.70
N VAL B 420 -61.32 -42.95 -50.69
CA VAL B 420 -62.60 -43.63 -50.89
C VAL B 420 -62.65 -44.28 -52.26
N TYR B 421 -62.18 -43.55 -53.28
CA TYR B 421 -62.11 -44.04 -54.64
C TYR B 421 -61.27 -45.32 -54.73
N LEU B 422 -60.10 -45.32 -54.10
CA LEU B 422 -59.24 -46.49 -54.12
C LEU B 422 -59.86 -47.65 -53.36
N ALA B 423 -60.55 -47.37 -52.26
CA ALA B 423 -61.24 -48.42 -51.52
C ALA B 423 -62.27 -49.12 -52.38
N VAL B 424 -63.11 -48.34 -53.06
CA VAL B 424 -64.16 -48.91 -53.90
C VAL B 424 -63.54 -49.72 -55.04
N TYR B 425 -62.48 -49.20 -55.67
CA TYR B 425 -61.89 -49.99 -56.75
C TYR B 425 -61.12 -51.20 -56.24
N SER B 426 -60.58 -51.16 -55.03
CA SER B 426 -59.94 -52.34 -54.48
C SER B 426 -60.95 -53.45 -54.28
N ILE B 427 -62.12 -53.11 -53.73
CA ILE B 427 -63.18 -54.12 -53.60
C ILE B 427 -63.60 -54.62 -54.98
N ALA B 428 -63.75 -53.69 -55.94
CA ALA B 428 -64.18 -54.07 -57.28
C ALA B 428 -63.18 -55.01 -57.94
N HIS B 429 -61.89 -54.74 -57.78
CA HIS B 429 -60.86 -55.58 -58.39
C HIS B 429 -60.78 -56.93 -57.70
N ALA B 430 -61.01 -56.98 -56.39
CA ALA B 430 -61.10 -58.28 -55.72
C ALA B 430 -62.23 -59.11 -56.32
N LEU B 431 -63.40 -58.49 -56.49
CA LEU B 431 -64.52 -59.20 -57.10
C LEU B 431 -64.22 -59.59 -58.54
N GLN B 432 -63.53 -58.72 -59.28
CA GLN B 432 -63.19 -59.01 -60.67
C GLN B 432 -62.25 -60.20 -60.76
N ASP B 433 -61.26 -60.26 -59.87
CA ASP B 433 -60.35 -61.40 -59.85
C ASP B 433 -61.08 -62.67 -59.46
N ILE B 434 -62.11 -62.54 -58.62
CA ILE B 434 -62.99 -63.69 -58.37
C ILE B 434 -63.68 -64.10 -59.66
N TYR B 435 -64.06 -63.11 -60.49
CA TYR B 435 -64.80 -63.41 -61.71
C TYR B 435 -63.87 -63.97 -62.80
N THR B 436 -62.82 -63.23 -63.16
CA THR B 436 -61.85 -63.72 -64.13
C THR B 436 -60.92 -64.72 -63.47
N CYS B 437 -61.41 -65.95 -63.31
CA CYS B 437 -60.74 -66.97 -62.51
C CYS B 437 -60.68 -68.28 -63.28
N LEU B 438 -59.54 -68.96 -63.18
CA LEU B 438 -59.38 -70.26 -63.80
C LEU B 438 -59.74 -71.37 -62.82
N PRO B 439 -60.25 -72.51 -63.33
CA PRO B 439 -60.66 -73.59 -62.42
C PRO B 439 -59.54 -74.15 -61.56
N GLY B 440 -58.31 -74.19 -62.08
CA GLY B 440 -57.21 -74.81 -61.38
C GLY B 440 -56.26 -73.89 -60.65
N ARG B 441 -56.41 -72.58 -60.79
CA ARG B 441 -55.49 -71.62 -60.17
C ARG B 441 -56.15 -70.81 -59.05
N GLY B 442 -57.17 -71.36 -58.42
CA GLY B 442 -57.83 -70.65 -57.34
C GLY B 442 -57.01 -70.61 -56.08
N LEU B 443 -57.39 -69.70 -55.18
CA LEU B 443 -56.71 -69.51 -53.91
C LEU B 443 -57.23 -70.42 -52.81
N PHE B 444 -58.32 -71.15 -53.05
CA PHE B 444 -58.96 -71.95 -52.02
C PHE B 444 -58.44 -73.39 -52.06
N THR B 445 -59.10 -74.26 -51.31
CA THR B 445 -58.66 -75.65 -51.18
C THR B 445 -58.64 -76.33 -52.53
N ASN B 446 -57.57 -77.11 -52.78
CA ASN B 446 -57.37 -77.82 -54.03
C ASN B 446 -57.34 -76.87 -55.22
N GLY B 447 -56.99 -75.60 -54.97
CA GLY B 447 -56.99 -74.62 -56.04
C GLY B 447 -58.37 -74.37 -56.62
N SER B 448 -59.41 -74.67 -55.86
CA SER B 448 -60.78 -74.46 -56.33
C SER B 448 -61.10 -72.98 -56.34
N CYS B 449 -61.91 -72.57 -57.32
CA CYS B 449 -62.29 -71.17 -57.42
C CYS B 449 -63.61 -70.91 -56.70
N ALA B 450 -63.95 -69.63 -56.60
CA ALA B 450 -65.16 -69.18 -55.93
C ALA B 450 -66.16 -68.66 -56.95
N ASP B 451 -67.42 -69.05 -56.78
CA ASP B 451 -68.46 -68.65 -57.72
C ASP B 451 -68.80 -67.17 -57.56
N ILE B 452 -68.81 -66.44 -58.67
CA ILE B 452 -69.13 -65.02 -58.61
C ILE B 452 -70.62 -64.81 -58.37
N LYS B 453 -71.46 -65.78 -58.75
CA LYS B 453 -72.90 -65.64 -58.53
C LYS B 453 -73.25 -65.84 -57.06
N LYS B 454 -72.62 -66.81 -56.40
CA LYS B 454 -72.80 -67.07 -54.98
C LYS B 454 -71.45 -66.92 -54.30
N VAL B 455 -71.15 -65.68 -53.87
CA VAL B 455 -69.87 -65.34 -53.27
C VAL B 455 -70.12 -64.85 -51.85
N GLU B 456 -69.30 -65.31 -50.92
CA GLU B 456 -69.37 -64.89 -49.53
C GLU B 456 -68.32 -63.83 -49.24
N ALA B 457 -68.47 -63.19 -48.08
CA ALA B 457 -67.58 -62.08 -47.74
C ALA B 457 -66.17 -62.55 -47.44
N TRP B 458 -66.03 -63.76 -46.88
CA TRP B 458 -64.70 -64.24 -46.52
C TRP B 458 -63.86 -64.55 -47.76
N GLN B 459 -64.50 -65.00 -48.83
CA GLN B 459 -63.80 -65.17 -50.10
C GLN B 459 -63.27 -63.85 -50.62
N VAL B 460 -64.09 -62.80 -50.53
CA VAL B 460 -63.66 -61.47 -50.95
C VAL B 460 -62.52 -60.98 -50.07
N LEU B 461 -62.57 -61.28 -48.78
CA LEU B 461 -61.47 -60.92 -47.89
C LEU B 461 -60.18 -61.62 -48.30
N LYS B 462 -60.28 -62.91 -48.64
CA LYS B 462 -59.12 -63.66 -49.10
C LYS B 462 -58.54 -63.04 -50.37
N HIS B 463 -59.40 -62.65 -51.31
CA HIS B 463 -58.91 -62.03 -52.53
C HIS B 463 -58.39 -60.62 -52.30
N LEU B 464 -58.86 -59.95 -51.25
CA LEU B 464 -58.36 -58.63 -50.92
C LEU B 464 -56.98 -58.71 -50.28
N ARG B 465 -56.72 -59.75 -49.49
CA ARG B 465 -55.40 -59.91 -48.90
C ARG B 465 -54.34 -60.26 -49.93
N HIS B 466 -54.73 -60.69 -51.13
CA HIS B 466 -53.81 -61.04 -52.21
C HIS B 466 -54.09 -60.21 -53.45
N LEU B 467 -54.34 -58.92 -53.26
CA LEU B 467 -54.69 -58.03 -54.36
C LEU B 467 -53.50 -57.18 -54.79
N ASN B 468 -53.38 -56.99 -56.10
CA ASN B 468 -52.34 -56.14 -56.66
C ASN B 468 -52.79 -55.59 -58.02
N PHE B 469 -53.28 -54.36 -58.04
CA PHE B 469 -53.80 -53.73 -59.24
C PHE B 469 -53.17 -52.37 -59.46
N THR B 470 -53.60 -51.71 -60.54
CA THR B 470 -53.03 -50.43 -60.97
C THR B 470 -54.08 -49.34 -60.90
N ASN B 471 -53.64 -48.14 -60.49
CA ASN B 471 -54.53 -47.00 -60.34
C ASN B 471 -54.89 -46.39 -61.68
N ASN B 472 -55.75 -45.37 -61.63
CA ASN B 472 -55.95 -44.52 -62.79
C ASN B 472 -54.74 -43.65 -63.08
N MET B 473 -53.85 -43.47 -62.11
CA MET B 473 -52.64 -42.69 -62.26
C MET B 473 -51.40 -43.55 -62.50
N GLY B 474 -51.55 -44.87 -62.53
CA GLY B 474 -50.45 -45.76 -62.85
C GLY B 474 -49.54 -46.11 -61.70
N GLU B 475 -50.11 -46.55 -60.59
CA GLU B 475 -49.33 -47.01 -59.44
C GLU B 475 -49.94 -48.28 -58.90
N GLN B 476 -49.10 -49.14 -58.33
CA GLN B 476 -49.57 -50.40 -57.77
C GLN B 476 -50.18 -50.18 -56.38
N VAL B 477 -51.28 -50.87 -56.12
CA VAL B 477 -51.95 -50.86 -54.83
C VAL B 477 -51.95 -52.27 -54.27
N THR B 478 -51.41 -52.43 -53.06
CA THR B 478 -51.35 -53.72 -52.41
C THR B 478 -51.35 -53.48 -50.90
N PHE B 479 -52.01 -54.38 -50.18
CA PHE B 479 -52.10 -54.31 -48.72
C PHE B 479 -51.12 -55.32 -48.13
N ASP B 480 -50.40 -54.89 -47.10
CA ASP B 480 -49.37 -55.73 -46.49
C ASP B 480 -49.96 -56.77 -45.56
N GLU B 481 -49.11 -57.43 -44.76
CA GLU B 481 -49.60 -58.42 -43.81
C GLU B 481 -50.49 -57.80 -42.73
N CYS B 482 -50.37 -56.50 -42.50
CA CYS B 482 -51.20 -55.79 -41.54
C CYS B 482 -52.35 -55.04 -42.22
N GLY B 483 -52.51 -55.18 -43.53
CA GLY B 483 -53.59 -54.51 -44.23
C GLY B 483 -53.38 -53.03 -44.44
N ASP B 484 -52.17 -52.52 -44.24
CA ASP B 484 -51.88 -51.11 -44.36
C ASP B 484 -51.34 -50.79 -45.75
N LEU B 485 -51.40 -49.51 -46.10
CA LEU B 485 -50.90 -49.02 -47.38
C LEU B 485 -49.95 -47.87 -47.12
N VAL B 486 -48.69 -48.02 -47.57
CA VAL B 486 -47.68 -47.00 -47.32
C VAL B 486 -47.90 -45.82 -48.25
N GLY B 487 -47.48 -44.63 -47.78
CA GLY B 487 -47.67 -43.43 -48.56
C GLY B 487 -46.81 -42.25 -48.14
N ASN B 488 -46.55 -41.34 -49.08
CA ASN B 488 -45.71 -40.18 -48.84
C ASN B 488 -46.45 -39.15 -48.01
N TYR B 489 -45.74 -38.08 -47.66
CA TYR B 489 -46.35 -36.93 -46.99
C TYR B 489 -45.86 -35.64 -47.60
N SER B 490 -46.71 -34.62 -47.55
CA SER B 490 -46.34 -33.26 -47.92
C SER B 490 -46.48 -32.37 -46.70
N ILE B 491 -45.63 -31.35 -46.60
CA ILE B 491 -45.65 -30.42 -45.48
C ILE B 491 -46.21 -29.09 -45.95
N ILE B 492 -47.18 -28.57 -45.23
CA ILE B 492 -47.88 -27.36 -45.60
C ILE B 492 -47.72 -26.32 -44.51
N ASN B 493 -47.81 -25.06 -44.91
CA ASN B 493 -47.74 -23.91 -44.02
C ASN B 493 -49.00 -23.07 -44.19
N TRP B 494 -49.48 -22.49 -43.10
CA TRP B 494 -50.71 -21.70 -43.11
C TRP B 494 -50.35 -20.24 -43.34
N HIS B 495 -50.49 -19.79 -44.58
CA HIS B 495 -50.33 -18.38 -44.92
C HIS B 495 -51.70 -17.70 -44.95
N LEU B 496 -51.67 -16.40 -45.23
CA LEU B 496 -52.88 -15.59 -45.31
C LEU B 496 -53.00 -15.03 -46.72
N SER B 497 -54.16 -15.22 -47.33
CA SER B 497 -54.36 -14.78 -48.71
C SER B 497 -54.46 -13.26 -48.77
N PRO B 498 -53.56 -12.57 -49.49
CA PRO B 498 -53.68 -11.11 -49.58
C PRO B 498 -54.96 -10.66 -50.28
N GLU B 499 -55.44 -11.43 -51.26
CA GLU B 499 -56.59 -11.00 -52.05
C GLU B 499 -57.89 -11.13 -51.26
N ASP B 500 -58.06 -12.23 -50.54
CA ASP B 500 -59.35 -12.54 -49.92
C ASP B 500 -59.32 -12.48 -48.40
N GLY B 501 -58.16 -12.66 -47.77
CA GLY B 501 -58.09 -12.74 -46.33
C GLY B 501 -58.34 -14.12 -45.77
N SER B 502 -58.48 -15.13 -46.61
CA SER B 502 -58.63 -16.50 -46.15
C SER B 502 -57.27 -17.14 -45.91
N ILE B 503 -57.30 -18.40 -45.51
CA ILE B 503 -56.08 -19.13 -45.20
C ILE B 503 -55.70 -20.01 -46.38
N VAL B 504 -54.44 -19.95 -46.78
CA VAL B 504 -53.92 -20.69 -47.93
C VAL B 504 -52.87 -21.67 -47.44
N PHE B 505 -53.03 -22.95 -47.81
CA PHE B 505 -52.08 -24.00 -47.44
C PHE B 505 -51.02 -24.09 -48.52
N LYS B 506 -49.82 -23.62 -48.22
CA LYS B 506 -48.72 -23.61 -49.17
C LYS B 506 -47.73 -24.73 -48.83
N GLU B 507 -47.34 -25.49 -49.85
CA GLU B 507 -46.41 -26.59 -49.66
C GLU B 507 -45.01 -26.07 -49.41
N VAL B 508 -44.34 -26.62 -48.40
CA VAL B 508 -43.02 -26.14 -48.00
C VAL B 508 -42.04 -27.29 -47.85
N GLY B 509 -42.39 -28.46 -48.37
CA GLY B 509 -41.49 -29.59 -48.34
C GLY B 509 -42.27 -30.89 -48.36
N TYR B 510 -41.51 -31.98 -48.20
CA TYR B 510 -42.15 -33.29 -48.20
C TYR B 510 -41.39 -34.26 -47.29
N TYR B 511 -42.04 -35.40 -47.05
CA TYR B 511 -41.49 -36.50 -46.27
C TYR B 511 -41.66 -37.77 -47.11
N ASN B 512 -40.53 -38.39 -47.46
CA ASN B 512 -40.53 -39.58 -48.28
C ASN B 512 -40.35 -40.81 -47.39
N VAL B 513 -41.31 -41.73 -47.45
CA VAL B 513 -41.25 -42.93 -46.63
C VAL B 513 -40.53 -44.09 -47.31
N TYR B 514 -40.08 -43.90 -48.55
CA TYR B 514 -39.33 -44.93 -49.26
C TYR B 514 -37.83 -44.72 -49.16
N ALA B 515 -37.38 -43.74 -48.39
CA ALA B 515 -35.98 -43.44 -48.20
C ALA B 515 -35.46 -44.15 -46.95
N LYS B 516 -34.21 -43.89 -46.60
CA LYS B 516 -33.60 -44.45 -45.41
C LYS B 516 -33.68 -43.46 -44.26
N LYS B 517 -33.47 -43.98 -43.05
CA LYS B 517 -33.59 -43.15 -41.85
C LYS B 517 -32.60 -41.98 -41.91
N GLY B 518 -33.10 -40.78 -41.63
CA GLY B 518 -32.30 -39.58 -41.63
C GLY B 518 -32.28 -38.83 -42.95
N GLU B 519 -32.76 -39.45 -44.04
CA GLU B 519 -32.77 -38.84 -45.35
C GLU B 519 -34.18 -38.78 -45.94
N ARG B 520 -35.19 -38.77 -45.07
CA ARG B 520 -36.59 -38.84 -45.50
C ARG B 520 -37.25 -37.47 -45.61
N LEU B 521 -36.74 -36.46 -44.91
CA LEU B 521 -37.37 -35.16 -44.79
C LEU B 521 -36.69 -34.16 -45.72
N PHE B 522 -37.49 -33.24 -46.28
CA PHE B 522 -36.90 -32.10 -46.96
C PHE B 522 -37.84 -30.92 -46.76
N ILE B 523 -37.28 -29.78 -46.37
CA ILE B 523 -38.04 -28.55 -46.13
C ILE B 523 -37.33 -27.39 -46.81
N ASN B 524 -38.11 -26.53 -47.48
CA ASN B 524 -37.63 -25.23 -47.93
C ASN B 524 -37.95 -24.21 -46.84
N GLU B 525 -36.91 -23.77 -46.12
CA GLU B 525 -37.12 -22.77 -45.09
C GLU B 525 -37.44 -21.39 -45.66
N GLU B 526 -37.16 -21.15 -46.93
CA GLU B 526 -37.39 -19.83 -47.51
C GLU B 526 -38.87 -19.57 -47.80
N LYS B 527 -39.71 -20.61 -47.74
CA LYS B 527 -41.13 -20.47 -48.03
C LYS B 527 -41.98 -20.55 -46.77
N ILE B 528 -41.38 -20.47 -45.59
CA ILE B 528 -42.08 -20.60 -44.31
C ILE B 528 -42.22 -19.21 -43.70
N LEU B 529 -43.44 -18.82 -43.38
CA LEU B 529 -43.71 -17.57 -42.68
C LEU B 529 -44.10 -17.92 -41.25
N TRP B 530 -43.20 -17.70 -40.31
CA TRP B 530 -43.45 -18.03 -38.93
C TRP B 530 -44.50 -17.09 -38.33
N SER B 531 -45.45 -17.68 -37.61
CA SER B 531 -46.61 -16.98 -37.06
C SER B 531 -47.39 -16.27 -38.17
N GLY B 532 -47.14 -16.64 -39.42
CA GLY B 532 -47.82 -16.07 -40.56
C GLY B 532 -47.18 -14.83 -41.15
N PHE B 533 -46.29 -14.17 -40.41
CA PHE B 533 -45.71 -12.92 -40.88
C PHE B 533 -44.20 -12.91 -40.76
N SER B 534 -43.66 -13.60 -39.78
CA SER B 534 -42.24 -13.47 -39.46
C SER B 534 -41.39 -14.22 -40.48
N ARG B 535 -40.08 -13.97 -40.42
CA ARG B 535 -39.14 -14.54 -41.39
C ARG B 535 -37.90 -15.10 -40.72
N GLU B 536 -37.82 -15.08 -39.40
CA GLU B 536 -36.70 -15.64 -38.65
C GLU B 536 -37.19 -16.85 -37.86
N VAL B 537 -36.39 -17.92 -37.87
CA VAL B 537 -36.71 -19.15 -37.15
C VAL B 537 -36.79 -18.84 -35.66
N PRO B 538 -37.86 -19.23 -34.97
CA PRO B 538 -37.97 -18.89 -33.55
C PRO B 538 -37.00 -19.69 -32.69
N PHE B 539 -36.98 -19.34 -31.41
CA PHE B 539 -36.12 -19.97 -30.43
C PHE B 539 -36.99 -20.70 -29.41
N SER B 540 -36.83 -22.02 -29.34
CA SER B 540 -37.65 -22.86 -28.47
C SER B 540 -36.77 -23.83 -27.69
N ASN B 541 -35.71 -23.31 -27.09
CA ASN B 541 -34.85 -24.08 -26.21
C ASN B 541 -35.13 -23.65 -24.77
N CYS B 542 -34.88 -24.55 -23.82
CA CYS B 542 -35.22 -24.25 -22.43
C CYS B 542 -34.29 -23.19 -21.85
N SER B 543 -33.00 -23.30 -22.12
CA SER B 543 -32.01 -22.39 -21.57
C SER B 543 -31.14 -21.84 -22.69
N ARG B 544 -30.76 -20.57 -22.56
CA ARG B 544 -29.89 -19.95 -23.53
C ARG B 544 -28.50 -20.57 -23.47
N ASP B 545 -27.97 -20.92 -24.64
CA ASP B 545 -26.62 -21.45 -24.71
C ASP B 545 -25.60 -20.33 -24.47
N CYS B 546 -24.66 -20.59 -23.58
CA CYS B 546 -23.60 -19.63 -23.30
C CYS B 546 -22.30 -20.09 -23.97
N LEU B 547 -21.40 -19.16 -24.20
CA LEU B 547 -20.28 -19.36 -25.11
C LEU B 547 -19.12 -20.07 -24.42
N ALA B 548 -17.99 -20.12 -25.15
CA ALA B 548 -16.80 -20.82 -24.68
C ALA B 548 -16.22 -20.15 -23.44
N GLY B 549 -15.56 -20.96 -22.60
CA GLY B 549 -15.02 -20.50 -21.35
C GLY B 549 -15.85 -20.87 -20.14
N THR B 550 -17.10 -21.28 -20.36
CA THR B 550 -18.02 -21.64 -19.28
C THR B 550 -18.54 -23.05 -19.51
N ARG B 551 -18.65 -23.82 -18.43
CA ARG B 551 -19.20 -25.16 -18.48
C ARG B 551 -20.64 -25.15 -17.99
N LYS B 552 -21.37 -26.22 -18.30
CA LYS B 552 -22.78 -26.36 -17.92
C LYS B 552 -22.93 -26.91 -16.52
N GLY B 553 -23.96 -26.45 -15.83
CA GLY B 553 -24.27 -26.89 -14.48
C GLY B 553 -25.72 -27.33 -14.33
N ILE B 554 -25.94 -28.28 -13.43
CA ILE B 554 -27.23 -28.96 -13.27
C ILE B 554 -28.16 -28.06 -12.46
N ILE B 555 -29.38 -27.88 -12.95
CA ILE B 555 -30.44 -27.28 -12.16
C ILE B 555 -31.28 -28.40 -11.57
N GLU B 556 -31.43 -28.41 -10.25
CA GLU B 556 -32.19 -29.46 -9.60
C GLU B 556 -33.69 -29.30 -9.87
N GLY B 557 -34.36 -30.43 -10.02
CA GLY B 557 -35.80 -30.42 -10.28
C GLY B 557 -36.17 -29.97 -11.68
N GLU B 558 -35.22 -30.01 -12.60
CA GLU B 558 -35.47 -29.64 -14.00
C GLU B 558 -34.80 -30.66 -14.89
N PRO B 559 -35.27 -30.84 -16.12
CA PRO B 559 -34.66 -31.82 -17.02
C PRO B 559 -33.25 -31.41 -17.42
N THR B 560 -32.57 -32.33 -18.12
CA THR B 560 -31.21 -32.08 -18.56
C THR B 560 -31.14 -30.98 -19.60
N CYS B 561 -32.23 -30.74 -20.32
CA CYS B 561 -32.25 -29.66 -21.31
C CYS B 561 -32.10 -28.29 -20.66
N CYS B 562 -32.47 -28.16 -19.39
CA CYS B 562 -32.42 -26.90 -18.66
C CYS B 562 -31.19 -26.91 -17.75
N PHE B 563 -30.29 -25.96 -17.97
CA PHE B 563 -29.01 -25.92 -17.28
C PHE B 563 -28.61 -24.48 -17.00
N GLU B 564 -27.68 -24.30 -16.09
CA GLU B 564 -26.98 -23.05 -15.90
C GLU B 564 -25.59 -23.20 -16.50
N CYS B 565 -24.74 -22.20 -16.36
CA CYS B 565 -23.35 -22.35 -16.73
C CYS B 565 -22.46 -21.36 -15.98
N VAL B 566 -21.25 -21.81 -15.66
CA VAL B 566 -20.33 -21.10 -14.79
C VAL B 566 -18.94 -21.09 -15.41
N GLU B 567 -18.16 -20.06 -15.10
CA GLU B 567 -16.82 -19.92 -15.64
C GLU B 567 -15.91 -21.04 -15.12
N CYS B 568 -14.98 -21.47 -15.97
CA CYS B 568 -14.06 -22.53 -15.58
C CYS B 568 -13.07 -22.01 -14.54
N PRO B 569 -12.56 -22.89 -13.68
CA PRO B 569 -11.56 -22.46 -12.70
C PRO B 569 -10.26 -22.09 -13.37
N ASP B 570 -9.46 -21.27 -12.68
CA ASP B 570 -8.11 -20.97 -13.13
C ASP B 570 -7.32 -22.28 -13.23
N GLY B 571 -6.77 -22.53 -14.41
CA GLY B 571 -6.11 -23.80 -14.69
C GLY B 571 -6.89 -24.71 -15.62
N GLU B 572 -8.13 -24.36 -15.96
CA GLU B 572 -8.93 -25.13 -16.90
C GLU B 572 -9.61 -24.16 -17.85
N TYR B 573 -10.01 -24.68 -19.01
CA TYR B 573 -10.60 -23.86 -20.06
C TYR B 573 -11.74 -24.60 -20.72
N SER B 574 -12.45 -23.90 -21.60
CA SER B 574 -13.57 -24.48 -22.34
C SER B 574 -13.53 -23.89 -23.75
N ASP B 575 -12.93 -24.63 -24.68
CA ASP B 575 -12.72 -24.11 -26.02
C ASP B 575 -14.02 -23.96 -26.80
N GLU B 576 -14.96 -24.88 -26.62
CA GLU B 576 -16.19 -24.93 -27.41
C GLU B 576 -17.41 -24.75 -26.51
N THR B 577 -18.55 -24.51 -27.17
CA THR B 577 -19.83 -24.39 -26.48
C THR B 577 -20.41 -25.77 -26.21
N ASP B 578 -21.55 -25.80 -25.51
CA ASP B 578 -22.20 -27.03 -25.10
C ASP B 578 -21.23 -27.94 -24.34
N ALA B 579 -20.46 -27.33 -23.46
CA ALA B 579 -19.42 -28.03 -22.72
C ALA B 579 -19.94 -28.44 -21.35
N SER B 580 -19.85 -29.74 -21.06
CA SER B 580 -20.23 -30.27 -19.77
C SER B 580 -19.06 -30.31 -18.79
N ALA B 581 -17.85 -30.00 -19.24
CA ALA B 581 -16.68 -30.02 -18.38
C ALA B 581 -15.64 -29.06 -18.92
N CYS B 582 -14.73 -28.63 -18.05
CA CYS B 582 -13.63 -27.76 -18.43
C CYS B 582 -12.35 -28.59 -18.46
N ASN B 583 -11.60 -28.49 -19.55
CA ASN B 583 -10.43 -29.32 -19.73
C ASN B 583 -9.27 -28.82 -18.88
N LYS B 584 -8.68 -29.73 -18.12
CA LYS B 584 -7.45 -29.45 -17.38
C LYS B 584 -6.29 -29.65 -18.35
N CYS B 585 -5.91 -28.59 -19.04
CA CYS B 585 -5.03 -28.72 -20.19
C CYS B 585 -3.58 -28.93 -19.74
N PRO B 586 -2.69 -29.46 -20.61
CA PRO B 586 -1.51 -30.19 -20.13
C PRO B 586 -0.48 -29.34 -19.39
N ASP B 587 0.59 -30.01 -18.98
CA ASP B 587 1.67 -29.39 -18.21
C ASP B 587 2.28 -28.22 -18.97
N ASP B 588 2.99 -27.38 -18.23
CA ASP B 588 3.68 -26.21 -18.78
C ASP B 588 2.71 -25.26 -19.45
N PHE B 589 1.46 -25.25 -19.00
CA PHE B 589 0.42 -24.43 -19.60
C PHE B 589 -0.55 -23.96 -18.54
N TRP B 590 -1.01 -22.73 -18.68
CA TRP B 590 -2.04 -22.16 -17.81
C TRP B 590 -3.17 -21.63 -18.68
N SER B 591 -4.16 -20.99 -18.07
CA SER B 591 -5.36 -20.58 -18.77
C SER B 591 -5.33 -19.09 -19.08
N ASN B 592 -6.11 -18.70 -20.07
CA ASN B 592 -6.36 -17.29 -20.33
C ASN B 592 -7.09 -16.66 -19.15
N GLU B 593 -7.19 -15.33 -19.17
CA GLU B 593 -8.04 -14.66 -18.19
C GLU B 593 -9.51 -14.97 -18.44
N ASN B 594 -9.85 -15.36 -19.67
CA ASN B 594 -11.21 -15.71 -20.05
C ASN B 594 -11.44 -17.21 -20.12
N HIS B 595 -10.41 -18.02 -19.87
CA HIS B 595 -10.49 -19.48 -19.85
C HIS B 595 -11.03 -20.04 -21.15
N THR B 596 -10.53 -19.52 -22.27
CA THR B 596 -10.90 -20.01 -23.59
C THR B 596 -9.84 -20.92 -24.19
N SER B 597 -8.59 -20.79 -23.78
CA SER B 597 -7.50 -21.62 -24.30
C SER B 597 -6.35 -21.65 -23.29
N CYS B 598 -5.18 -22.13 -23.71
CA CYS B 598 -4.03 -22.26 -22.83
C CYS B 598 -2.81 -21.52 -23.36
N ILE B 599 -2.06 -20.93 -22.44
CA ILE B 599 -0.83 -20.19 -22.72
C ILE B 599 0.32 -20.90 -22.04
N ALA B 600 1.43 -21.01 -22.77
CA ALA B 600 2.65 -21.59 -22.21
C ALA B 600 3.15 -20.75 -21.05
N LYS B 601 3.54 -21.41 -19.97
CA LYS B 601 4.00 -20.70 -18.77
C LYS B 601 5.31 -19.97 -19.05
N GLU B 602 5.46 -18.80 -18.44
CA GLU B 602 6.71 -18.06 -18.56
C GLU B 602 7.80 -18.72 -17.72
N ILE B 603 8.96 -18.88 -18.31
CA ILE B 603 10.14 -19.39 -17.62
C ILE B 603 10.94 -18.21 -17.08
N GLU B 604 11.24 -18.23 -15.79
CA GLU B 604 11.87 -17.09 -15.12
C GLU B 604 13.22 -17.50 -14.56
N PHE B 605 14.24 -16.73 -14.92
CA PHE B 605 15.60 -16.90 -14.42
C PHE B 605 16.37 -15.61 -14.71
N LEU B 606 17.53 -15.48 -14.09
CA LEU B 606 18.36 -14.30 -14.32
C LEU B 606 18.93 -14.35 -15.74
N SER B 607 18.72 -13.27 -16.49
CA SER B 607 19.06 -13.22 -17.90
C SER B 607 20.25 -12.31 -18.13
N TRP B 608 21.01 -12.62 -19.18
CA TRP B 608 22.18 -11.80 -19.50
C TRP B 608 21.79 -10.38 -19.87
N THR B 609 20.63 -10.21 -20.52
CA THR B 609 20.21 -8.91 -21.01
C THR B 609 19.41 -8.11 -19.98
N GLU B 610 19.07 -8.70 -18.85
CA GLU B 610 18.40 -7.96 -17.79
C GLU B 610 19.36 -6.92 -17.21
N PRO B 611 18.84 -5.77 -16.75
CA PRO B 611 19.75 -4.74 -16.22
C PRO B 611 20.63 -5.22 -15.07
N PHE B 612 20.09 -6.03 -14.17
CA PHE B 612 20.88 -6.55 -13.06
C PHE B 612 21.96 -7.50 -13.58
N GLY B 613 21.60 -8.37 -14.53
CA GLY B 613 22.60 -9.25 -15.12
C GLY B 613 23.67 -8.49 -15.88
N ILE B 614 23.27 -7.43 -16.58
CA ILE B 614 24.25 -6.60 -17.29
C ILE B 614 25.21 -5.95 -16.30
N ALA B 615 24.68 -5.43 -15.19
CA ALA B 615 25.55 -4.82 -14.18
C ALA B 615 26.54 -5.82 -13.60
N LEU B 616 26.04 -7.02 -13.27
CA LEU B 616 26.92 -8.04 -12.70
C LEU B 616 27.99 -8.47 -13.69
N THR B 617 27.61 -8.66 -14.96
CA THR B 617 28.58 -9.02 -15.98
C THR B 617 29.62 -7.91 -16.15
N LEU B 618 29.17 -6.66 -16.13
CA LEU B 618 30.09 -5.53 -16.25
C LEU B 618 31.12 -5.55 -15.14
N PHE B 619 30.67 -5.76 -13.90
CA PHE B 619 31.62 -5.73 -12.78
C PHE B 619 32.55 -6.93 -12.80
N ALA B 620 32.06 -8.10 -13.21
CA ALA B 620 32.92 -9.27 -13.32
C ALA B 620 34.01 -9.06 -14.35
N VAL B 621 33.65 -8.53 -15.53
CA VAL B 621 34.63 -8.27 -16.57
C VAL B 621 35.60 -7.19 -16.14
N LEU B 622 35.11 -6.19 -15.39
CA LEU B 622 36.01 -5.17 -14.85
C LEU B 622 37.04 -5.78 -13.93
N GLY B 623 36.62 -6.70 -13.06
CA GLY B 623 37.56 -7.37 -12.19
C GLY B 623 38.58 -8.19 -12.94
N ILE B 624 38.13 -8.89 -13.98
CA ILE B 624 39.05 -9.69 -14.80
C ILE B 624 40.09 -8.79 -15.45
N PHE B 625 39.64 -7.65 -15.99
CA PHE B 625 40.56 -6.71 -16.63
C PHE B 625 41.56 -6.14 -15.63
N LEU B 626 41.11 -5.79 -14.43
CA LEU B 626 42.02 -5.25 -13.43
C LEU B 626 43.05 -6.29 -12.99
N THR B 627 42.63 -7.55 -12.83
CA THR B 627 43.59 -8.59 -12.49
C THR B 627 44.61 -8.79 -13.60
N ALA B 628 44.17 -8.75 -14.85
CA ALA B 628 45.10 -8.85 -15.97
C ALA B 628 46.07 -7.68 -15.97
N PHE B 629 45.59 -6.49 -15.66
CA PHE B 629 46.45 -5.31 -15.62
C PHE B 629 47.52 -5.44 -14.53
N VAL B 630 47.11 -5.92 -13.35
CA VAL B 630 48.07 -6.10 -12.25
C VAL B 630 49.13 -7.14 -12.64
N LEU B 631 48.68 -8.24 -13.25
CA LEU B 631 49.62 -9.28 -13.66
C LEU B 631 50.60 -8.75 -14.70
N GLY B 632 50.11 -7.98 -15.67
CA GLY B 632 50.99 -7.40 -16.67
C GLY B 632 51.98 -6.43 -16.07
N VAL B 633 51.55 -5.65 -15.08
CA VAL B 633 52.46 -4.72 -14.41
C VAL B 633 53.56 -5.49 -13.70
N PHE B 634 53.20 -6.56 -13.00
CA PHE B 634 54.23 -7.37 -12.34
C PHE B 634 55.19 -8.00 -13.34
N ILE B 635 54.67 -8.47 -14.48
CA ILE B 635 55.53 -9.11 -15.46
C ILE B 635 56.50 -8.10 -16.08
N LYS B 636 56.00 -6.90 -16.41
CA LYS B 636 56.87 -5.90 -17.04
C LYS B 636 57.98 -5.46 -16.10
N PHE B 637 57.66 -5.29 -14.81
CA PHE B 637 58.62 -4.88 -13.80
C PHE B 637 59.16 -6.07 -13.02
N ARG B 638 59.37 -7.18 -13.73
CA ARG B 638 59.82 -8.42 -13.10
C ARG B 638 61.13 -8.24 -12.36
N ASN B 639 62.05 -7.45 -12.92
CA ASN B 639 63.39 -7.31 -12.35
C ASN B 639 63.51 -6.13 -11.39
N THR B 640 62.45 -5.37 -11.18
CA THR B 640 62.46 -4.39 -10.10
C THR B 640 62.49 -5.12 -8.77
N PRO B 641 63.34 -4.72 -7.83
CA PRO B 641 63.45 -5.45 -6.56
C PRO B 641 62.15 -5.52 -5.77
N ILE B 642 61.23 -4.59 -6.00
CA ILE B 642 59.95 -4.60 -5.30
C ILE B 642 59.21 -5.90 -5.56
N VAL B 643 59.11 -6.29 -6.84
CA VAL B 643 58.40 -7.51 -7.18
C VAL B 643 59.18 -8.73 -6.72
N LYS B 644 60.50 -8.70 -6.83
CA LYS B 644 61.32 -9.82 -6.40
C LYS B 644 61.16 -10.08 -4.90
N ALA B 645 60.90 -9.02 -4.12
CA ALA B 645 60.71 -9.18 -2.69
C ALA B 645 59.40 -9.86 -2.34
N THR B 646 58.49 -10.06 -3.32
CA THR B 646 57.17 -10.60 -3.05
C THR B 646 56.96 -11.97 -3.71
N ASN B 647 58.03 -12.72 -3.96
CA ASN B 647 57.91 -14.09 -4.46
C ASN B 647 57.14 -14.14 -5.78
N ARG B 648 57.76 -13.62 -6.84
CA ARG B 648 57.11 -13.43 -8.14
C ARG B 648 56.17 -14.57 -8.50
N GLU B 649 56.64 -15.82 -8.36
CA GLU B 649 55.85 -16.97 -8.80
C GLU B 649 54.54 -17.08 -8.02
N LEU B 650 54.60 -16.86 -6.70
CA LEU B 650 53.39 -16.95 -5.90
C LEU B 650 52.41 -15.83 -6.25
N SER B 651 52.92 -14.64 -6.56
CA SER B 651 52.05 -13.56 -7.01
C SER B 651 51.38 -13.92 -8.33
N TYR B 652 52.13 -14.52 -9.26
CA TYR B 652 51.55 -14.95 -10.52
C TYR B 652 50.44 -15.97 -10.28
N LEU B 653 50.70 -16.95 -9.41
CA LEU B 653 49.71 -17.97 -9.11
C LEU B 653 48.47 -17.36 -8.46
N LEU B 654 48.66 -16.42 -7.55
CA LEU B 654 47.54 -15.80 -6.87
C LEU B 654 46.70 -14.97 -7.84
N LEU B 655 47.35 -14.27 -8.76
CA LEU B 655 46.60 -13.49 -9.75
C LEU B 655 45.85 -14.39 -10.72
N PHE B 656 46.44 -15.53 -11.07
CA PHE B 656 45.72 -16.53 -11.88
C PHE B 656 44.49 -17.03 -11.14
N SER B 657 44.63 -17.31 -9.84
CA SER B 657 43.49 -17.77 -9.06
C SER B 657 42.44 -16.68 -8.92
N LEU B 658 42.85 -15.42 -8.86
CA LEU B 658 41.87 -14.33 -8.84
C LEU B 658 41.12 -14.22 -10.16
N LEU B 659 41.82 -14.42 -11.28
CA LEU B 659 41.12 -14.47 -12.57
C LEU B 659 40.09 -15.60 -12.57
N CYS B 660 40.46 -16.76 -12.04
CA CYS B 660 39.51 -17.86 -11.94
C CYS B 660 38.33 -17.51 -11.05
N CYS B 661 38.59 -16.84 -9.93
CA CYS B 661 37.51 -16.43 -9.03
C CYS B 661 36.54 -15.48 -9.72
N PHE B 662 37.06 -14.50 -10.44
CA PHE B 662 36.18 -13.55 -11.13
C PHE B 662 35.41 -14.23 -12.26
N SER B 663 36.04 -15.17 -12.95
CA SER B 663 35.34 -15.90 -14.01
C SER B 663 34.27 -16.82 -13.44
N SER B 664 34.45 -17.28 -12.20
CA SER B 664 33.48 -18.19 -11.60
C SER B 664 32.11 -17.55 -11.44
N SER B 665 32.07 -16.22 -11.29
CA SER B 665 30.79 -15.56 -11.06
C SER B 665 29.92 -15.55 -12.31
N LEU B 666 30.50 -15.86 -13.47
CA LEU B 666 29.74 -15.90 -14.71
C LEU B 666 28.97 -17.20 -14.90
N PHE B 667 29.14 -18.16 -13.99
CA PHE B 667 28.36 -19.40 -14.02
C PHE B 667 27.01 -19.25 -13.31
N PHE B 668 26.76 -18.12 -12.66
CA PHE B 668 25.51 -17.89 -11.93
C PHE B 668 24.55 -16.98 -12.70
N ILE B 669 24.85 -16.68 -13.96
CA ILE B 669 24.02 -15.81 -14.78
C ILE B 669 23.61 -16.59 -16.04
N GLY B 670 22.32 -16.55 -16.35
CA GLY B 670 21.78 -17.26 -17.50
C GLY B 670 20.81 -18.35 -17.07
N GLU B 671 20.65 -19.34 -17.95
CA GLU B 671 19.75 -20.45 -17.69
C GLU B 671 20.52 -21.59 -17.04
N PRO B 672 20.15 -22.02 -15.83
CA PRO B 672 20.87 -23.11 -15.18
C PRO B 672 20.79 -24.43 -15.93
N GLN B 673 21.94 -24.94 -16.36
CA GLN B 673 22.04 -26.25 -16.99
C GLN B 673 22.81 -27.19 -16.08
N ASP B 674 22.81 -28.48 -16.45
CA ASP B 674 23.40 -29.49 -15.58
C ASP B 674 24.88 -29.23 -15.35
N TRP B 675 25.64 -29.00 -16.43
CA TRP B 675 27.07 -28.77 -16.28
C TRP B 675 27.34 -27.49 -15.50
N THR B 676 26.53 -26.46 -15.75
CA THR B 676 26.66 -25.21 -15.00
C THR B 676 26.38 -25.43 -13.52
N CYS B 677 25.30 -26.14 -13.21
CA CYS B 677 24.95 -26.39 -11.81
C CYS B 677 26.04 -27.22 -11.12
N ARG B 678 26.70 -28.09 -11.88
CA ARG B 678 27.77 -28.90 -11.30
C ARG B 678 29.04 -28.09 -11.09
N LEU B 679 29.34 -27.18 -12.02
CA LEU B 679 30.63 -26.50 -12.00
C LEU B 679 30.63 -25.21 -11.19
N ARG B 680 29.45 -24.66 -10.88
CA ARG B 680 29.42 -23.35 -10.26
C ARG B 680 30.10 -23.30 -8.90
N GLN B 681 29.61 -24.07 -7.92
CA GLN B 681 30.19 -24.04 -6.58
C GLN B 681 31.64 -24.56 -6.53
N PRO B 682 31.97 -25.72 -7.11
CA PRO B 682 33.37 -26.20 -7.00
C PRO B 682 34.40 -25.25 -7.58
N ALA B 683 34.05 -24.53 -8.66
CA ALA B 683 35.01 -23.62 -9.28
C ALA B 683 35.43 -22.52 -8.30
N PHE B 684 34.46 -21.85 -7.70
CA PHE B 684 34.77 -20.81 -6.73
C PHE B 684 35.46 -21.41 -5.51
N GLY B 685 35.03 -22.58 -5.05
CA GLY B 685 35.67 -23.18 -3.89
C GLY B 685 37.15 -23.44 -4.12
N ILE B 686 37.47 -24.09 -5.24
CA ILE B 686 38.86 -24.39 -5.55
C ILE B 686 39.67 -23.12 -5.72
N SER B 687 39.15 -22.16 -6.49
CA SER B 687 39.91 -20.96 -6.79
C SER B 687 40.17 -20.15 -5.52
N PHE B 688 39.15 -20.01 -4.67
CA PHE B 688 39.32 -19.19 -3.48
C PHE B 688 40.20 -19.89 -2.45
N VAL B 689 40.13 -21.22 -2.37
CA VAL B 689 41.05 -21.93 -1.46
C VAL B 689 42.49 -21.79 -1.95
N LEU B 690 42.69 -21.81 -3.27
CA LEU B 690 44.03 -21.57 -3.80
C LEU B 690 44.51 -20.17 -3.46
N CYS B 691 43.63 -19.17 -3.57
CA CYS B 691 43.98 -17.81 -3.17
C CYS B 691 44.38 -17.75 -1.70
N ILE B 692 43.55 -18.33 -0.83
CA ILE B 692 43.81 -18.26 0.61
C ILE B 692 45.12 -18.96 0.96
N SER B 693 45.36 -20.12 0.34
CA SER B 693 46.60 -20.85 0.61
C SER B 693 47.82 -20.07 0.13
N CYS B 694 47.72 -19.43 -1.03
CA CYS B 694 48.83 -18.62 -1.52
C CYS B 694 49.11 -17.45 -0.58
N ILE B 695 48.06 -16.80 -0.09
CA ILE B 695 48.26 -15.70 0.86
C ILE B 695 48.89 -16.22 2.15
N LEU B 696 48.40 -17.37 2.64
CA LEU B 696 48.91 -17.94 3.89
C LEU B 696 50.39 -18.28 3.79
N VAL B 697 50.78 -18.98 2.72
CA VAL B 697 52.17 -19.39 2.60
C VAL B 697 53.05 -18.21 2.16
N LYS B 698 52.43 -17.16 1.62
CA LYS B 698 53.17 -15.93 1.34
C LYS B 698 53.62 -15.26 2.63
N THR B 699 52.77 -15.29 3.65
CA THR B 699 53.10 -14.70 4.95
C THR B 699 54.27 -15.42 5.61
N ASN B 722 60.43 -26.51 -5.30
CA ASN B 722 60.29 -25.60 -4.16
C ASN B 722 59.32 -26.19 -3.13
N LEU B 723 59.28 -25.60 -1.94
CA LEU B 723 58.46 -26.10 -0.85
C LEU B 723 57.15 -25.35 -0.69
N GLN B 724 57.10 -24.06 -1.00
CA GLN B 724 55.87 -23.30 -0.85
C GLN B 724 54.76 -23.87 -1.73
N PHE B 725 55.10 -24.25 -2.96
CA PHE B 725 54.12 -24.85 -3.84
C PHE B 725 53.60 -26.17 -3.29
N LEU B 726 54.45 -26.89 -2.56
CA LEU B 726 53.99 -28.13 -1.93
C LEU B 726 52.92 -27.84 -0.88
N LEU B 727 53.12 -26.78 -0.09
CA LEU B 727 52.13 -26.41 0.91
C LEU B 727 50.81 -25.99 0.26
N VAL B 728 50.88 -25.17 -0.80
CA VAL B 728 49.64 -24.73 -1.43
C VAL B 728 48.95 -25.90 -2.12
N PHE B 729 49.73 -26.83 -2.66
CA PHE B 729 49.16 -28.01 -3.30
C PHE B 729 48.44 -28.90 -2.29
N LEU B 730 49.05 -29.08 -1.11
CA LEU B 730 48.39 -29.86 -0.07
C LEU B 730 47.12 -29.17 0.42
N CYS B 731 47.13 -27.84 0.48
CA CYS B 731 45.92 -27.13 0.88
C CYS B 731 44.81 -27.28 -0.14
N THR B 732 45.13 -27.21 -1.43
CA THR B 732 44.10 -27.26 -2.46
C THR B 732 43.63 -28.69 -2.75
N PHE B 733 44.49 -29.67 -2.49
CA PHE B 733 44.17 -31.06 -2.83
C PHE B 733 42.98 -31.57 -2.03
N MET B 734 42.86 -31.14 -0.77
CA MET B 734 41.72 -31.57 0.04
C MET B 734 40.41 -31.07 -0.56
N GLN B 735 40.38 -29.81 -1.01
CA GLN B 735 39.19 -29.30 -1.67
C GLN B 735 38.89 -30.04 -2.97
N ILE B 736 39.93 -30.35 -3.74
CA ILE B 736 39.71 -31.12 -4.97
C ILE B 736 39.10 -32.48 -4.66
N VAL B 737 39.59 -33.13 -3.60
CA VAL B 737 39.08 -34.44 -3.22
C VAL B 737 37.63 -34.34 -2.77
N ILE B 738 37.32 -33.32 -1.97
CA ILE B 738 35.94 -33.14 -1.54
C ILE B 738 35.03 -32.92 -2.75
N CYS B 739 35.49 -32.11 -3.70
CA CYS B 739 34.67 -31.82 -4.88
C CYS B 739 34.45 -33.08 -5.73
N VAL B 740 35.49 -33.89 -5.92
CA VAL B 740 35.33 -35.09 -6.75
C VAL B 740 34.43 -36.10 -6.05
N ILE B 741 34.58 -36.26 -4.74
CA ILE B 741 33.69 -37.13 -3.97
C ILE B 741 32.24 -36.66 -4.12
N TRP B 742 32.04 -35.34 -4.03
CA TRP B 742 30.71 -34.78 -4.24
C TRP B 742 30.18 -35.10 -5.64
N LEU B 743 31.04 -35.01 -6.64
CA LEU B 743 30.61 -35.21 -8.02
C LEU B 743 30.25 -36.65 -8.34
N TYR B 744 30.94 -37.65 -7.76
CA TYR B 744 30.49 -39.02 -8.02
C TYR B 744 29.69 -39.61 -6.88
N THR B 745 29.28 -38.82 -5.90
CA THR B 745 28.38 -39.28 -4.85
C THR B 745 26.94 -38.79 -5.04
N ALA B 746 26.75 -37.49 -5.24
CA ALA B 746 25.42 -36.93 -5.47
C ALA B 746 25.56 -35.62 -6.22
N PRO B 747 25.67 -35.67 -7.54
CA PRO B 747 25.93 -34.46 -8.33
C PRO B 747 24.73 -33.54 -8.33
N PRO B 748 24.95 -32.22 -8.41
CA PRO B 748 23.84 -31.29 -8.58
C PRO B 748 23.24 -31.40 -9.97
N SER B 749 22.00 -30.91 -10.11
CA SER B 749 21.33 -30.99 -11.39
C SER B 749 20.33 -29.84 -11.53
N SER B 750 19.97 -29.52 -12.77
CA SER B 750 18.94 -28.53 -13.00
C SER B 750 17.60 -29.03 -12.52
N TYR B 751 16.69 -28.10 -12.23
CA TYR B 751 15.40 -28.45 -11.66
C TYR B 751 14.40 -27.39 -12.04
N ARG B 752 13.27 -27.81 -12.62
CA ARG B 752 12.18 -26.90 -12.98
C ARG B 752 11.15 -26.92 -11.86
N ASN B 753 10.88 -25.75 -11.29
CA ASN B 753 9.97 -25.61 -10.15
C ASN B 753 8.67 -25.01 -10.65
N GLN B 754 7.58 -25.75 -10.45
CA GLN B 754 6.23 -25.30 -10.81
C GLN B 754 5.33 -25.24 -9.58
N GLU B 755 5.93 -25.36 -8.39
CA GLU B 755 5.20 -25.31 -7.13
C GLU B 755 5.37 -24.01 -6.38
N LEU B 756 6.19 -23.08 -6.88
CA LEU B 756 6.39 -21.80 -6.21
C LEU B 756 5.47 -20.71 -6.75
N GLU B 757 5.10 -20.78 -8.02
CA GLU B 757 4.07 -19.91 -8.59
C GLU B 757 3.34 -20.67 -9.69
N ASP B 758 2.01 -20.60 -9.69
CA ASP B 758 1.22 -21.54 -10.49
C ASP B 758 1.41 -21.31 -11.98
N GLU B 759 1.56 -20.06 -12.42
CA GLU B 759 1.66 -19.76 -13.84
C GLU B 759 3.04 -19.30 -14.26
N ILE B 760 4.06 -19.57 -13.45
CA ILE B 760 5.45 -19.24 -13.80
C ILE B 760 6.33 -20.41 -13.38
N ILE B 761 7.21 -20.84 -14.28
CA ILE B 761 8.18 -21.90 -14.00
C ILE B 761 9.50 -21.26 -13.62
N PHE B 762 10.18 -21.85 -12.64
CA PHE B 762 11.47 -21.35 -12.15
C PHE B 762 12.53 -22.41 -12.43
N ILE B 763 13.45 -22.11 -13.35
CA ILE B 763 14.54 -23.03 -13.64
C ILE B 763 15.72 -22.70 -12.73
N THR B 764 16.02 -23.61 -11.80
CA THR B 764 17.07 -23.36 -10.81
C THR B 764 17.98 -24.57 -10.75
N CYS B 765 18.95 -24.52 -9.84
CA CYS B 765 19.84 -25.64 -9.58
C CYS B 765 19.43 -26.32 -8.29
N HIS B 766 19.76 -27.61 -8.19
CA HIS B 766 19.53 -28.40 -7.00
C HIS B 766 20.83 -29.10 -6.66
N GLU B 767 21.40 -28.75 -5.50
CA GLU B 767 22.65 -29.34 -5.03
C GLU B 767 22.30 -30.68 -4.39
N GLY B 768 22.88 -31.75 -4.93
CA GLY B 768 22.60 -33.10 -4.50
C GLY B 768 22.73 -33.31 -3.00
N SER B 769 23.94 -33.20 -2.48
CA SER B 769 24.19 -33.39 -1.06
C SER B 769 24.55 -32.06 -0.42
N LEU B 770 23.78 -31.62 0.58
CA LEU B 770 24.09 -30.40 1.29
C LEU B 770 25.30 -30.57 2.20
N MET B 771 25.60 -31.80 2.63
CA MET B 771 26.74 -32.04 3.49
C MET B 771 28.05 -31.69 2.79
N ALA B 772 28.18 -32.04 1.51
CA ALA B 772 29.40 -31.72 0.78
C ALA B 772 29.59 -30.22 0.64
N LEU B 773 28.51 -29.51 0.31
CA LEU B 773 28.60 -28.06 0.21
C LEU B 773 28.98 -27.43 1.54
N GLY B 774 28.39 -27.94 2.63
CA GLY B 774 28.78 -27.49 3.95
C GLY B 774 30.25 -27.74 4.23
N PHE B 775 30.77 -28.86 3.75
CA PHE B 775 32.19 -29.17 3.95
C PHE B 775 33.10 -28.21 3.18
N LEU B 776 32.74 -27.91 1.92
CA LEU B 776 33.49 -26.89 1.18
C LEU B 776 33.52 -25.57 1.93
N ILE B 777 32.34 -25.09 2.34
CA ILE B 777 32.25 -23.80 3.02
C ILE B 777 33.05 -23.81 4.32
N GLY B 778 32.94 -24.91 5.08
CA GLY B 778 33.65 -25.00 6.34
C GLY B 778 35.15 -25.01 6.17
N TYR B 779 35.64 -25.77 5.17
CA TYR B 779 37.08 -25.81 4.94
C TYR B 779 37.62 -24.45 4.50
N THR B 780 36.89 -23.77 3.61
CA THR B 780 37.33 -22.45 3.18
C THR B 780 37.34 -21.47 4.34
N CYS B 781 36.30 -21.48 5.17
CA CYS B 781 36.27 -20.59 6.33
C CYS B 781 37.36 -20.93 7.34
N LEU B 782 37.69 -22.22 7.47
CA LEU B 782 38.76 -22.62 8.39
C LEU B 782 40.11 -22.08 7.92
N LEU B 783 40.40 -22.21 6.62
CA LEU B 783 41.65 -21.66 6.10
C LEU B 783 41.67 -20.15 6.26
N ALA B 784 40.54 -19.48 6.01
CA ALA B 784 40.48 -18.04 6.16
C ALA B 784 40.73 -17.62 7.61
N ALA B 785 40.16 -18.35 8.56
CA ALA B 785 40.37 -18.04 9.96
C ALA B 785 41.82 -18.24 10.37
N ILE B 786 42.46 -19.32 9.87
CA ILE B 786 43.86 -19.55 10.19
C ILE B 786 44.72 -18.42 9.65
N CYS B 787 44.46 -18.01 8.40
CA CYS B 787 45.21 -16.90 7.82
C CYS B 787 45.00 -15.62 8.60
N PHE B 788 43.76 -15.34 9.00
CA PHE B 788 43.46 -14.13 9.75
C PHE B 788 44.18 -14.12 11.09
N PHE B 789 44.20 -15.27 11.76
CA PHE B 789 44.88 -15.37 13.06
C PHE B 789 46.37 -15.09 12.91
N PHE B 790 47.02 -15.79 11.97
CA PHE B 790 48.46 -15.63 11.83
C PHE B 790 48.83 -14.24 11.30
N ALA B 791 47.92 -13.60 10.57
CA ALA B 791 48.18 -12.22 10.14
C ALA B 791 48.00 -11.24 11.29
N PHE B 792 46.98 -11.45 12.13
CA PHE B 792 46.74 -10.55 13.25
C PHE B 792 47.83 -10.66 14.30
N LYS B 793 48.46 -11.83 14.43
CA LYS B 793 49.57 -11.95 15.37
C LYS B 793 50.71 -11.00 15.02
N SER B 794 51.04 -10.90 13.73
CA SER B 794 52.16 -10.08 13.27
C SER B 794 51.69 -8.86 12.49
N ARG B 795 50.58 -8.25 12.90
CA ARG B 795 50.03 -7.09 12.21
C ARG B 795 50.88 -5.84 12.34
N LYS B 796 51.84 -5.82 13.26
CA LYS B 796 52.72 -4.67 13.43
C LYS B 796 54.08 -4.86 12.79
N LEU B 797 54.39 -6.05 12.29
CA LEU B 797 55.65 -6.28 11.60
C LEU B 797 55.64 -5.54 10.27
N PRO B 798 56.69 -4.80 9.94
CA PRO B 798 56.70 -3.97 8.71
C PRO B 798 57.17 -4.69 7.45
N GLU B 799 57.21 -6.02 7.44
CA GLU B 799 57.78 -6.74 6.32
C GLU B 799 56.92 -6.59 5.07
N ASN B 800 57.61 -6.43 3.94
CA ASN B 800 57.00 -6.37 2.61
C ASN B 800 55.96 -5.24 2.55
N PHE B 801 56.44 -4.03 2.87
CA PHE B 801 55.60 -2.84 2.92
C PHE B 801 54.40 -3.04 3.84
N ASN B 802 54.64 -3.67 4.99
CA ASN B 802 53.62 -3.90 6.01
C ASN B 802 52.46 -4.72 5.43
N GLU B 803 52.78 -5.95 5.03
CA GLU B 803 51.80 -6.77 4.32
C GLU B 803 50.72 -7.32 5.25
N ALA B 804 51.04 -7.53 6.53
CA ALA B 804 50.15 -8.24 7.43
C ALA B 804 48.87 -7.46 7.69
N LYS B 805 48.96 -6.13 7.76
CA LYS B 805 47.78 -5.31 7.99
C LYS B 805 46.78 -5.47 6.85
N PHE B 806 47.27 -5.45 5.61
CA PHE B 806 46.41 -5.64 4.45
C PHE B 806 45.81 -7.05 4.44
N ILE B 807 46.61 -8.06 4.80
CA ILE B 807 46.06 -9.41 4.87
C ILE B 807 44.94 -9.50 5.89
N THR B 808 45.15 -8.88 7.06
CA THR B 808 44.13 -8.87 8.10
C THR B 808 42.85 -8.22 7.60
N PHE B 809 42.98 -7.07 6.93
CA PHE B 809 41.80 -6.39 6.42
C PHE B 809 41.08 -7.24 5.38
N SER B 810 41.83 -7.92 4.52
CA SER B 810 41.20 -8.75 3.48
C SER B 810 40.43 -9.91 4.10
N MET B 811 41.01 -10.57 5.10
CA MET B 811 40.29 -11.66 5.76
C MET B 811 39.05 -11.16 6.49
N LEU B 812 39.14 -9.99 7.11
CA LEU B 812 37.97 -9.39 7.74
C LEU B 812 36.87 -9.13 6.72
N ILE B 813 37.25 -8.63 5.54
CA ILE B 813 36.28 -8.39 4.47
C ILE B 813 35.61 -9.69 4.07
N PHE B 814 36.39 -10.77 3.92
CA PHE B 814 35.83 -12.06 3.55
C PHE B 814 34.79 -12.52 4.56
N PHE B 815 35.14 -12.49 5.85
CA PHE B 815 34.22 -12.97 6.87
C PHE B 815 32.96 -12.10 6.95
N ILE B 816 33.12 -10.78 6.84
CA ILE B 816 31.95 -9.90 6.84
C ILE B 816 31.05 -10.22 5.65
N VAL B 817 31.64 -10.44 4.47
CA VAL B 817 30.87 -10.75 3.28
C VAL B 817 30.02 -11.98 3.50
N TRP B 818 30.58 -13.07 4.02
CA TRP B 818 29.78 -14.29 4.14
C TRP B 818 28.81 -14.28 5.33
N ILE B 819 29.17 -13.63 6.43
CA ILE B 819 28.21 -13.47 7.52
C ILE B 819 27.01 -12.64 7.05
N SER B 820 27.23 -11.63 6.22
CA SER B 820 26.10 -10.92 5.62
C SER B 820 25.39 -11.74 4.55
N PHE B 821 26.11 -12.65 3.89
CA PHE B 821 25.50 -13.48 2.86
C PHE B 821 24.43 -14.40 3.44
N ILE B 822 24.68 -14.93 4.64
CA ILE B 822 23.74 -15.90 5.21
C ILE B 822 22.30 -15.36 5.25
N PRO B 823 21.99 -14.28 5.98
CA PRO B 823 20.58 -13.84 6.02
C PRO B 823 20.10 -13.25 4.72
N ALA B 824 21.00 -12.66 3.93
CA ALA B 824 20.61 -12.13 2.63
C ALA B 824 20.13 -13.23 1.71
N TYR B 825 20.83 -14.37 1.70
CA TYR B 825 20.36 -15.51 0.94
C TYR B 825 19.08 -16.09 1.54
N ALA B 826 18.99 -16.11 2.87
CA ALA B 826 17.78 -16.65 3.50
C ALA B 826 16.55 -15.79 3.22
N SER B 827 16.73 -14.51 2.89
CA SER B 827 15.61 -13.61 2.65
C SER B 827 15.20 -13.48 1.19
N THR B 828 16.13 -13.71 0.26
CA THR B 828 15.83 -13.53 -1.15
C THR B 828 14.85 -14.58 -1.65
N TYR B 829 13.93 -14.15 -2.50
CA TYR B 829 12.91 -15.02 -3.07
C TYR B 829 12.86 -14.84 -4.58
N GLY B 830 12.82 -15.95 -5.31
CA GLY B 830 12.62 -15.89 -6.74
C GLY B 830 13.86 -16.09 -7.58
N LYS B 831 13.98 -15.34 -8.67
CA LYS B 831 15.09 -15.46 -9.59
C LYS B 831 16.36 -14.78 -9.11
N PHE B 832 16.27 -13.94 -8.08
CA PHE B 832 17.42 -13.17 -7.61
C PHE B 832 18.30 -13.94 -6.64
N VAL B 833 17.94 -15.18 -6.30
CA VAL B 833 18.71 -15.94 -5.32
C VAL B 833 20.12 -16.24 -5.82
N SER B 834 20.35 -16.22 -7.13
CA SER B 834 21.72 -16.33 -7.64
C SER B 834 22.47 -15.02 -7.54
N ALA B 835 21.77 -13.88 -7.71
CA ALA B 835 22.41 -12.58 -7.74
C ALA B 835 23.29 -12.37 -6.50
N VAL B 836 22.74 -12.65 -5.32
CA VAL B 836 23.49 -12.44 -4.09
C VAL B 836 24.82 -13.19 -4.15
N GLU B 837 24.79 -14.44 -4.60
CA GLU B 837 26.02 -15.21 -4.71
C GLU B 837 27.04 -14.46 -5.56
N VAL B 838 26.62 -14.01 -6.73
CA VAL B 838 27.52 -13.26 -7.60
C VAL B 838 28.11 -12.09 -6.84
N ILE B 839 27.26 -11.33 -6.16
CA ILE B 839 27.74 -10.17 -5.41
C ILE B 839 28.81 -10.60 -4.42
N ALA B 840 28.52 -11.65 -3.64
CA ALA B 840 29.51 -12.15 -2.70
C ALA B 840 30.77 -12.55 -3.43
N ILE B 841 30.61 -13.35 -4.51
CA ILE B 841 31.77 -13.82 -5.25
C ILE B 841 32.56 -12.64 -5.79
N LEU B 842 31.88 -11.55 -6.12
CA LEU B 842 32.58 -10.34 -6.49
C LEU B 842 33.26 -9.72 -5.28
N ALA B 843 32.49 -9.40 -4.24
CA ALA B 843 32.98 -8.57 -3.15
C ALA B 843 34.28 -9.14 -2.58
N ALA B 844 34.21 -10.36 -2.05
CA ALA B 844 35.39 -10.99 -1.48
C ALA B 844 36.56 -10.93 -2.43
N SER B 845 36.34 -11.33 -3.69
CA SER B 845 37.42 -11.32 -4.67
C SER B 845 38.04 -9.94 -4.75
N PHE B 846 37.23 -8.91 -4.97
CA PHE B 846 37.75 -7.55 -5.08
C PHE B 846 38.57 -7.21 -3.85
N GLY B 847 38.05 -7.56 -2.67
CA GLY B 847 38.74 -7.32 -1.43
C GLY B 847 40.17 -7.75 -1.54
N LEU B 848 40.39 -9.04 -1.83
CA LEU B 848 41.75 -9.56 -1.86
C LEU B 848 42.61 -8.73 -2.78
N LEU B 849 42.13 -8.48 -4.00
CA LEU B 849 42.91 -7.70 -4.95
C LEU B 849 43.26 -6.34 -4.35
N ALA B 850 42.24 -5.61 -3.91
CA ALA B 850 42.46 -4.24 -3.45
C ALA B 850 43.33 -4.23 -2.21
N CYS B 851 43.41 -5.36 -1.52
CA CYS B 851 44.19 -5.39 -0.29
C CYS B 851 45.65 -5.75 -0.56
N ILE B 852 45.91 -6.57 -1.58
CA ILE B 852 47.24 -7.18 -1.71
C ILE B 852 48.09 -6.52 -2.79
N PHE B 853 47.49 -5.88 -3.79
CA PHE B 853 48.29 -5.49 -4.94
C PHE B 853 48.30 -4.00 -5.20
N PHE B 854 47.17 -3.33 -4.95
CA PHE B 854 47.03 -1.92 -5.34
C PHE B 854 48.19 -1.09 -4.83
N ASN B 855 48.44 -1.15 -3.51
CA ASN B 855 49.54 -0.39 -2.94
C ASN B 855 50.85 -0.70 -3.64
N LYS B 856 51.16 -1.99 -3.79
CA LYS B 856 52.38 -2.37 -4.50
C LYS B 856 52.41 -1.77 -5.89
N ILE B 857 51.30 -1.86 -6.61
CA ILE B 857 51.22 -1.27 -7.93
C ILE B 857 51.56 0.21 -7.86
N TYR B 858 50.97 0.92 -6.90
CA TYR B 858 51.28 2.33 -6.71
C TYR B 858 52.78 2.52 -6.52
N ILE B 859 53.37 1.73 -5.61
CA ILE B 859 54.80 1.87 -5.33
C ILE B 859 55.60 1.60 -6.59
N ILE B 860 55.13 0.67 -7.42
CA ILE B 860 55.85 0.35 -8.65
C ILE B 860 55.70 1.47 -9.67
N LEU B 861 54.54 2.12 -9.73
CA LEU B 861 54.29 3.04 -10.84
C LEU B 861 54.52 4.50 -10.46
N PHE B 862 53.80 4.98 -9.46
CA PHE B 862 53.87 6.39 -9.11
C PHE B 862 54.94 6.65 -8.05
N LYS B 863 56.15 6.14 -8.30
CA LYS B 863 57.27 6.31 -7.38
C LYS B 863 58.54 5.72 -7.99
N CYS C 3 15.78 57.54 8.07
CA CYS C 3 16.76 57.08 9.05
C CYS C 3 16.86 58.05 10.21
N THR C 4 16.04 59.10 10.19
CA THR C 4 16.07 60.17 11.19
C THR C 4 17.48 60.70 11.40
N LEU C 5 18.20 60.90 10.29
CA LEU C 5 19.55 61.42 10.30
C LEU C 5 19.65 62.60 9.35
N SER C 6 20.40 63.62 9.75
CA SER C 6 20.66 64.73 8.85
C SER C 6 21.72 64.34 7.82
N ALA C 7 21.86 65.18 6.80
CA ALA C 7 22.82 64.91 5.74
C ALA C 7 24.24 64.85 6.27
N GLU C 8 24.60 65.79 7.15
CA GLU C 8 25.94 65.82 7.72
C GLU C 8 26.17 64.61 8.62
N ASP C 9 25.14 64.17 9.33
CA ASP C 9 25.27 62.94 10.12
C ASP C 9 25.52 61.74 9.23
N LYS C 10 24.83 61.67 8.09
CA LYS C 10 25.07 60.58 7.15
C LYS C 10 26.49 60.61 6.59
N ALA C 11 26.99 61.80 6.28
CA ALA C 11 28.36 61.90 5.78
C ALA C 11 29.37 61.51 6.86
N ALA C 12 29.09 61.86 8.11
CA ALA C 12 29.94 61.41 9.21
C ALA C 12 29.94 59.90 9.32
N VAL C 13 28.77 59.28 9.14
CA VAL C 13 28.67 57.82 9.17
C VAL C 13 29.51 57.22 8.04
N GLU C 14 29.45 57.83 6.85
CA GLU C 14 30.23 57.31 5.73
C GLU C 14 31.73 57.43 5.98
N ARG C 15 32.14 58.54 6.60
CA ARG C 15 33.55 58.70 6.98
C ARG C 15 33.98 57.62 7.96
N SER C 16 33.13 57.34 8.95
CA SER C 16 33.44 56.27 9.91
C SER C 16 33.54 54.93 9.21
N LYS C 17 32.69 54.69 8.21
CA LYS C 17 32.77 53.44 7.46
C LYS C 17 34.10 53.31 6.72
N MET C 18 34.55 54.40 6.10
CA MET C 18 35.84 54.34 5.41
C MET C 18 36.98 54.09 6.40
N ILE C 19 36.92 54.72 7.57
CA ILE C 19 37.92 54.47 8.61
C ILE C 19 37.91 53.00 9.00
N GLU C 20 36.71 52.41 9.09
CA GLU C 20 36.60 51.00 9.45
C GLU C 20 37.23 50.11 8.37
N LYS C 21 37.04 50.46 7.09
CA LYS C 21 37.67 49.68 6.03
C LYS C 21 39.19 49.72 6.14
N GLN C 22 39.75 50.92 6.38
CA GLN C 22 41.19 51.01 6.57
C GLN C 22 41.65 50.20 7.77
N LEU C 23 40.87 50.23 8.86
CA LEU C 23 41.20 49.44 10.03
C LEU C 23 41.18 47.95 9.73
N GLN C 24 40.25 47.50 8.89
CA GLN C 24 40.19 46.09 8.53
C GLN C 24 41.43 45.67 7.73
N LYS C 25 41.86 46.52 6.81
CA LYS C 25 43.09 46.22 6.08
C LYS C 25 44.28 46.14 7.03
N ASP C 26 44.38 47.09 7.96
CA ASP C 26 45.44 47.04 8.96
C ASP C 26 45.30 45.81 9.84
N LYS C 27 44.08 45.36 10.08
CA LYS C 27 43.84 44.15 10.85
C LYS C 27 44.45 42.94 10.17
N GLN C 28 44.21 42.80 8.87
CA GLN C 28 44.82 41.70 8.12
C GLN C 28 46.35 41.78 8.21
N VAL C 29 46.90 42.96 7.95
CA VAL C 29 48.36 43.10 7.93
C VAL C 29 48.95 42.77 9.30
N TYR C 30 48.34 43.29 10.36
CA TYR C 30 48.84 43.08 11.72
C TYR C 30 48.74 41.62 12.13
N ARG C 31 47.62 40.98 11.80
CA ARG C 31 47.40 39.60 12.24
C ARG C 31 48.23 38.63 11.42
N ALA C 32 48.78 39.08 10.29
CA ALA C 32 49.67 38.22 9.52
C ALA C 32 51.02 38.02 10.22
N THR C 33 51.56 39.08 10.83
CA THR C 33 52.96 39.10 11.24
C THR C 33 53.14 38.54 12.65
N HIS C 34 54.22 37.77 12.84
CA HIS C 34 54.57 37.28 14.17
C HIS C 34 55.52 38.26 14.87
N ARG C 35 55.33 38.44 16.17
CA ARG C 35 56.15 39.34 16.98
C ARG C 35 56.91 38.55 18.03
N LEU C 36 58.18 38.89 18.24
CA LEU C 36 59.04 38.18 19.16
C LEU C 36 59.74 39.16 20.09
N LEU C 37 59.94 38.76 21.35
CA LEU C 37 60.63 39.59 22.32
C LEU C 37 61.98 38.97 22.67
N LEU C 38 63.06 39.72 22.47
CA LEU C 38 64.42 39.20 22.65
C LEU C 38 64.92 39.60 24.04
N LEU C 39 65.19 38.60 24.87
CA LEU C 39 65.70 38.79 26.22
C LEU C 39 67.01 38.03 26.40
N GLY C 40 67.75 38.41 27.43
CA GLY C 40 69.06 37.85 27.69
C GLY C 40 70.04 38.92 28.09
N ALA C 41 70.86 38.65 29.10
CA ALA C 41 71.77 39.66 29.62
C ALA C 41 72.89 39.94 28.62
N ASP C 42 73.76 40.87 28.98
CA ASP C 42 74.93 41.17 28.18
C ASP C 42 75.90 39.98 28.23
N ASN C 43 76.92 40.03 27.38
CA ASN C 43 77.93 39.00 27.13
C ASN C 43 77.32 37.69 26.64
N SER C 44 76.03 37.68 26.31
CA SER C 44 75.36 36.52 25.76
C SER C 44 75.29 36.54 24.25
N GLY C 45 75.48 37.70 23.63
CA GLY C 45 75.45 37.81 22.19
C GLY C 45 74.06 37.80 21.58
N LYS C 46 73.06 38.33 22.27
CA LYS C 46 71.70 38.32 21.73
C LYS C 46 71.58 39.25 20.53
N SER C 47 72.50 40.20 20.38
CA SER C 47 72.42 41.14 19.26
C SER C 47 72.58 40.42 17.93
N THR C 48 73.48 39.44 17.87
CA THR C 48 73.76 38.70 16.64
C THR C 48 73.28 37.26 16.82
N ILE C 49 72.00 37.03 16.54
CA ILE C 49 71.43 35.69 16.56
C ILE C 49 70.80 35.43 15.20
N VAL C 50 70.37 36.49 14.53
CA VAL C 50 69.83 36.42 13.17
C VAL C 50 70.63 37.37 12.31
N LYS C 51 71.17 36.86 11.20
CA LYS C 51 72.05 37.66 10.36
C LYS C 51 71.29 38.57 9.39
N GLN C 52 69.95 38.52 9.40
CA GLN C 52 69.16 39.39 8.55
C GLN C 52 69.33 40.86 8.94
N ILE C 69 68.61 49.20 17.54
CA ILE C 69 68.40 47.76 17.57
C ILE C 69 67.09 47.48 18.33
N PHE C 70 66.31 48.53 18.55
CA PHE C 70 65.05 48.40 19.26
C PHE C 70 64.07 47.49 18.51
N GLU C 71 64.17 47.46 17.18
CA GLU C 71 63.29 46.63 16.37
C GLU C 71 64.10 45.98 15.25
N THR C 72 63.57 44.90 14.70
CA THR C 72 64.20 44.20 13.59
C THR C 72 63.14 43.45 12.80
N LYS C 73 63.26 43.48 11.48
CA LYS C 73 62.38 42.75 10.58
C LYS C 73 63.17 41.60 9.96
N PHE C 74 62.53 40.45 9.81
CA PHE C 74 63.12 39.43 8.94
C PHE C 74 62.05 38.52 8.38
N GLN C 75 62.43 37.83 7.31
CA GLN C 75 61.53 37.08 6.45
C GLN C 75 62.03 35.64 6.31
N VAL C 76 61.12 34.68 6.52
CA VAL C 76 61.44 33.27 6.40
C VAL C 76 60.28 32.58 5.71
N ASP C 77 60.45 32.24 4.43
CA ASP C 77 59.49 31.47 3.65
C ASP C 77 58.10 32.11 3.68
N LYS C 78 58.05 33.37 3.25
CA LYS C 78 56.80 34.13 3.14
C LYS C 78 56.08 34.23 4.48
N VAL C 79 56.84 34.39 5.56
CA VAL C 79 56.30 34.67 6.88
C VAL C 79 57.16 35.76 7.52
N ASN C 80 56.50 36.78 8.06
CA ASN C 80 57.19 37.97 8.57
C ASN C 80 57.33 37.90 10.08
N PHE C 81 58.55 38.04 10.57
CA PHE C 81 58.83 38.11 12.00
C PHE C 81 59.38 39.49 12.33
N HIS C 82 58.94 40.02 13.47
CA HIS C 82 59.32 41.35 13.93
C HIS C 82 59.78 41.22 15.38
N MET C 83 61.06 41.48 15.61
CA MET C 83 61.70 41.18 16.88
C MET C 83 62.06 42.48 17.60
N PHE C 84 61.82 42.51 18.90
CA PHE C 84 62.02 43.72 19.70
C PHE C 84 63.02 43.45 20.81
N ASP C 85 64.00 44.34 20.94
CA ASP C 85 65.00 44.29 22.01
C ASP C 85 64.92 45.62 22.75
N VAL C 86 64.36 45.58 23.96
CA VAL C 86 64.17 46.79 24.77
C VAL C 86 65.44 46.99 25.60
N GLY C 87 66.18 48.05 25.30
CA GLY C 87 67.43 48.30 26.00
C GLY C 87 67.59 49.71 26.52
N GLY C 88 66.71 50.62 26.10
CA GLY C 88 66.81 52.00 26.52
C GLY C 88 66.00 52.34 27.76
N GLN C 89 65.95 51.42 28.72
CA GLN C 89 65.19 51.61 29.95
C GLN C 89 66.11 51.42 31.15
N ARG C 90 65.52 51.44 32.34
CA ARG C 90 66.27 51.25 33.57
C ARG C 90 66.42 49.77 33.89
N ASP C 91 67.11 49.48 34.99
CA ASP C 91 67.37 48.09 35.37
C ASP C 91 66.07 47.38 35.72
N GLU C 92 65.15 48.07 36.39
CA GLU C 92 63.88 47.46 36.76
C GLU C 92 63.02 47.22 35.52
N ARG C 93 62.46 46.02 35.43
CA ARG C 93 61.61 45.62 34.32
C ARG C 93 60.24 45.14 34.78
N ARG C 94 59.86 45.42 36.02
CA ARG C 94 58.63 44.87 36.57
C ARG C 94 57.39 45.41 35.87
N LYS C 95 57.45 46.63 35.36
CA LYS C 95 56.26 47.31 34.85
C LYS C 95 56.12 47.25 33.33
N TRP C 96 57.17 47.62 32.59
CA TRP C 96 57.04 47.67 31.13
C TRP C 96 56.97 46.29 30.49
N ILE C 97 57.45 45.25 31.18
CA ILE C 97 57.42 43.90 30.61
C ILE C 97 55.99 43.48 30.32
N GLN C 98 55.02 44.03 31.05
CA GLN C 98 53.62 43.69 30.83
C GLN C 98 53.17 44.04 29.43
N CYS C 99 53.84 45.00 28.78
CA CYS C 99 53.51 45.34 27.41
C CYS C 99 53.62 44.15 26.46
N PHE C 100 54.54 43.22 26.76
CA PHE C 100 54.77 42.08 25.87
C PHE C 100 54.06 40.83 26.37
N ASN C 101 52.73 40.83 26.39
CA ASN C 101 51.97 39.64 26.75
C ASN C 101 51.13 39.12 25.60
N ASP C 102 51.18 39.77 24.45
CA ASP C 102 50.55 39.26 23.24
C ASP C 102 51.55 38.68 22.25
N VAL C 103 52.85 38.70 22.57
CA VAL C 103 53.86 38.23 21.64
C VAL C 103 53.77 36.71 21.50
N THR C 104 54.15 36.21 20.32
CA THR C 104 54.11 34.77 20.09
C THR C 104 55.19 34.06 20.90
N ALA C 105 56.35 34.69 21.08
CA ALA C 105 57.46 33.99 21.70
C ALA C 105 58.42 34.97 22.35
N ILE C 106 59.03 34.52 23.44
CA ILE C 106 60.16 35.19 24.07
C ILE C 106 61.41 34.39 23.75
N ILE C 107 62.35 35.02 23.06
CA ILE C 107 63.62 34.40 22.70
C ILE C 107 64.64 34.78 23.76
N PHE C 108 65.02 33.81 24.58
CA PHE C 108 65.93 34.03 25.70
C PHE C 108 67.30 33.48 25.33
N VAL C 109 68.31 34.34 25.34
CA VAL C 109 69.67 33.97 24.97
C VAL C 109 70.52 33.88 26.22
N VAL C 110 71.26 32.78 26.36
CA VAL C 110 72.10 32.54 27.53
C VAL C 110 73.50 32.19 27.07
N ASP C 111 74.50 32.87 27.62
CA ASP C 111 75.89 32.49 27.41
C ASP C 111 76.18 31.18 28.14
N SER C 112 76.64 30.17 27.39
CA SER C 112 76.82 28.84 27.93
C SER C 112 78.25 28.54 28.35
N SER C 113 79.15 29.51 28.25
CA SER C 113 80.55 29.29 28.61
C SER C 113 80.91 29.89 29.96
N ASP C 114 80.26 30.98 30.38
CA ASP C 114 80.58 31.62 31.64
C ASP C 114 79.81 30.94 32.77
N TYR C 115 80.54 30.25 33.66
CA TYR C 115 79.90 29.66 34.82
C TYR C 115 79.73 30.65 35.97
N ASN C 116 80.38 31.81 35.91
CA ASN C 116 80.30 32.78 36.99
C ASN C 116 78.97 33.51 37.03
N ARG C 117 78.30 33.66 35.89
CA ARG C 117 77.05 34.39 35.80
C ARG C 117 75.89 33.53 35.28
N LEU C 118 76.03 32.20 35.33
CA LEU C 118 74.98 31.33 34.81
C LEU C 118 73.81 31.25 35.77
N GLN C 119 74.08 31.35 37.08
CA GLN C 119 73.00 31.31 38.06
C GLN C 119 72.10 32.54 37.93
N GLU C 120 72.68 33.68 37.57
CA GLU C 120 71.88 34.86 37.29
C GLU C 120 70.94 34.61 36.11
N ALA C 121 71.45 33.94 35.07
CA ALA C 121 70.61 33.59 33.93
C ALA C 121 69.50 32.64 34.35
N LEU C 122 69.80 31.67 35.21
CA LEU C 122 68.78 30.76 35.69
C LEU C 122 67.69 31.51 36.46
N ASN C 123 68.09 32.44 37.32
CA ASN C 123 67.11 33.21 38.08
C ASN C 123 66.26 34.09 37.17
N ASP C 124 66.88 34.73 36.17
CA ASP C 124 66.12 35.54 35.24
C ASP C 124 65.13 34.70 34.45
N PHE C 125 65.56 33.52 34.00
CA PHE C 125 64.65 32.64 33.27
C PHE C 125 63.50 32.18 34.16
N LYS C 126 63.78 31.89 35.43
CA LYS C 126 62.72 31.55 36.37
C LYS C 126 61.72 32.68 36.51
N SER C 127 62.22 33.90 36.68
CA SER C 127 61.35 35.06 36.86
C SER C 127 60.47 35.29 35.63
N ILE C 128 61.05 35.15 34.44
CA ILE C 128 60.27 35.29 33.22
C ILE C 128 59.23 34.18 33.11
N TRP C 129 59.62 32.94 33.43
CA TRP C 129 58.72 31.81 33.25
C TRP C 129 57.52 31.88 34.17
N ASN C 130 57.70 32.31 35.42
CA ASN C 130 56.61 32.30 36.38
C ASN C 130 55.87 33.63 36.49
N ASN C 131 56.19 34.60 35.63
CA ASN C 131 55.51 35.89 35.70
C ASN C 131 54.04 35.74 35.34
N ARG C 132 53.19 36.48 36.05
CA ARG C 132 51.75 36.34 35.90
C ARG C 132 51.28 36.72 34.50
N TRP C 133 51.83 37.80 33.95
CA TRP C 133 51.45 38.27 32.62
C TRP C 133 52.24 37.61 31.51
N LEU C 134 53.08 36.64 31.83
CA LEU C 134 53.81 35.86 30.85
C LEU C 134 53.54 34.37 31.06
N ARG C 135 52.33 34.05 31.52
CA ARG C 135 51.95 32.69 31.85
C ARG C 135 51.46 31.90 30.65
N THR C 136 51.29 32.54 29.51
CA THR C 136 50.87 31.86 28.30
C THR C 136 51.86 32.00 27.15
N ILE C 137 52.97 32.70 27.36
CA ILE C 137 53.95 32.94 26.31
C ILE C 137 55.00 31.85 26.36
N SER C 138 55.28 31.26 25.20
CA SER C 138 56.33 30.26 25.11
C SER C 138 57.70 30.92 24.97
N VAL C 139 58.74 30.15 25.30
CA VAL C 139 60.10 30.64 25.33
C VAL C 139 60.96 29.78 24.41
N ILE C 140 61.68 30.44 23.50
CA ILE C 140 62.68 29.77 22.67
C ILE C 140 64.03 30.07 23.32
N LEU C 141 64.71 29.01 23.77
CA LEU C 141 65.95 29.17 24.52
C LEU C 141 67.14 28.92 23.61
N PHE C 142 68.04 29.90 23.54
CA PHE C 142 69.24 29.81 22.72
C PHE C 142 70.45 29.78 23.66
N LEU C 143 71.09 28.61 23.76
CA LEU C 143 72.30 28.44 24.56
C LEU C 143 73.48 28.78 23.68
N ASN C 144 73.81 30.07 23.63
CA ASN C 144 74.81 30.59 22.71
C ASN C 144 76.21 30.23 23.16
N LYS C 145 77.17 30.46 22.27
CA LYS C 145 78.60 30.31 22.56
C LYS C 145 78.96 28.88 22.94
N GLN C 146 78.60 27.91 22.08
CA GLN C 146 78.92 26.52 22.38
C GLN C 146 80.39 26.21 22.15
N ASP C 147 81.02 26.88 21.18
CA ASP C 147 82.42 26.64 20.90
C ASP C 147 83.30 27.02 22.09
N LEU C 148 83.01 28.16 22.71
CA LEU C 148 83.79 28.58 23.87
C LEU C 148 83.61 27.61 25.03
N LEU C 149 82.38 27.12 25.23
CA LEU C 149 82.13 26.12 26.27
C LEU C 149 82.93 24.85 25.99
N ALA C 150 82.96 24.42 24.73
CA ALA C 150 83.70 23.21 24.39
C ALA C 150 85.20 23.38 24.64
N GLU C 151 85.77 24.53 24.23
CA GLU C 151 87.18 24.77 24.45
C GLU C 151 87.50 24.83 25.94
N LYS C 152 86.63 25.48 26.72
CA LYS C 152 86.88 25.58 28.16
C LYS C 152 86.78 24.22 28.83
N VAL C 153 85.86 23.37 28.37
CA VAL C 153 85.72 22.04 28.95
C VAL C 153 86.94 21.19 28.62
N LEU C 154 87.38 21.21 27.36
CA LEU C 154 88.54 20.40 27.01
C LEU C 154 89.83 20.94 27.63
N ALA C 155 89.88 22.24 27.95
CA ALA C 155 91.07 22.78 28.60
C ALA C 155 91.19 22.29 30.03
N GLY C 156 90.06 22.22 30.75
CA GLY C 156 90.05 21.73 32.11
C GLY C 156 90.34 22.77 33.18
N LYS C 157 90.61 24.03 32.79
CA LYS C 157 90.91 25.06 33.78
C LYS C 157 89.69 25.33 34.66
N SER C 158 88.50 25.41 34.08
CA SER C 158 87.28 25.68 34.81
C SER C 158 86.52 24.39 35.08
N LYS C 159 85.81 24.36 36.20
CA LYS C 159 85.05 23.19 36.62
C LYS C 159 83.63 23.60 36.95
N ILE C 160 82.66 22.91 36.35
CA ILE C 160 81.25 23.16 36.67
C ILE C 160 80.97 22.75 38.11
N GLU C 161 81.71 21.77 38.64
CA GLU C 161 81.46 21.27 39.98
C GLU C 161 81.67 22.36 41.03
N ASP C 162 82.52 23.34 40.74
CA ASP C 162 82.77 24.42 41.69
C ASP C 162 81.49 25.22 41.93
N TYR C 163 80.72 25.48 40.87
CA TYR C 163 79.50 26.28 40.99
C TYR C 163 78.26 25.40 41.10
N PHE C 164 78.24 24.26 40.43
CA PHE C 164 77.12 23.32 40.50
C PHE C 164 77.62 21.99 41.03
N PRO C 165 77.50 21.74 42.33
CA PRO C 165 77.90 20.44 42.88
C PRO C 165 77.11 19.27 42.32
N GLU C 166 75.92 19.53 41.77
CA GLU C 166 75.09 18.44 41.25
C GLU C 166 75.68 17.83 39.99
N PHE C 167 76.68 18.48 39.39
CA PHE C 167 77.29 17.94 38.17
C PHE C 167 77.96 16.60 38.41
N ALA C 168 78.51 16.38 39.61
CA ALA C 168 79.15 15.11 39.91
C ALA C 168 78.15 13.97 39.84
N ARG C 169 76.98 14.15 40.44
CA ARG C 169 75.92 13.13 40.44
C ARG C 169 75.00 13.33 39.23
N TYR C 170 75.61 13.39 38.06
CA TYR C 170 74.89 13.60 36.81
C TYR C 170 75.41 12.62 35.76
N THR C 171 74.50 12.18 34.90
CA THR C 171 74.84 11.31 33.78
C THR C 171 74.13 11.82 32.54
N THR C 172 74.76 11.61 31.39
CA THR C 172 74.23 12.17 30.15
C THR C 172 72.88 11.54 29.83
N PRO C 173 71.96 12.29 29.22
CA PRO C 173 70.63 11.74 28.94
C PRO C 173 70.70 10.57 27.96
N GLU C 174 69.70 9.69 28.07
CA GLU C 174 69.59 8.57 27.14
C GLU C 174 69.28 9.04 25.72
N ASP C 175 68.48 10.10 25.59
CA ASP C 175 68.09 10.64 24.30
C ASP C 175 69.05 11.71 23.79
N ALA C 176 70.15 11.95 24.49
CA ALA C 176 71.11 12.95 24.07
C ALA C 176 71.74 12.57 22.74
N THR C 177 71.93 13.57 21.87
CA THR C 177 72.52 13.35 20.57
C THR C 177 73.93 13.94 20.51
N PRO C 178 74.93 13.16 20.15
CA PRO C 178 76.26 13.72 19.93
C PRO C 178 76.46 14.17 18.50
N GLU C 179 76.86 15.43 18.32
CA GLU C 179 77.19 15.91 16.98
C GLU C 179 78.41 15.14 16.46
N PRO C 180 78.48 14.86 15.15
CA PRO C 180 79.56 14.00 14.65
C PRO C 180 80.94 14.51 14.99
N GLY C 181 81.61 13.81 15.91
CA GLY C 181 82.94 14.20 16.36
C GLY C 181 82.84 15.12 17.55
N GLU C 182 83.16 14.61 18.74
CA GLU C 182 83.01 15.37 19.98
C GLU C 182 83.52 14.52 21.13
N ASP C 183 83.58 15.12 22.32
CA ASP C 183 83.99 14.44 23.54
C ASP C 183 82.80 14.29 24.48
N PRO C 184 82.68 13.15 25.16
CA PRO C 184 81.53 12.95 26.07
C PRO C 184 81.42 13.97 27.18
N ARG C 185 82.55 14.51 27.66
CA ARG C 185 82.50 15.53 28.71
C ARG C 185 81.79 16.79 28.20
N VAL C 186 82.08 17.18 26.96
CA VAL C 186 81.42 18.34 26.36
C VAL C 186 79.92 18.12 26.29
N THR C 187 79.51 16.93 25.85
CA THR C 187 78.09 16.62 25.78
C THR C 187 77.44 16.65 27.17
N ARG C 188 78.16 16.13 28.16
CA ARG C 188 77.65 16.16 29.54
C ARG C 188 77.44 17.59 30.00
N ALA C 189 78.42 18.46 29.75
CA ALA C 189 78.30 19.86 30.14
C ALA C 189 77.11 20.52 29.45
N LYS C 190 77.01 20.33 28.14
CA LYS C 190 75.91 20.93 27.37
C LYS C 190 74.56 20.50 27.91
N TYR C 191 74.41 19.20 28.16
CA TYR C 191 73.10 18.70 28.55
C TYR C 191 72.78 19.02 30.01
N PHE C 192 73.80 19.17 30.86
CA PHE C 192 73.56 19.69 32.20
C PHE C 192 73.03 21.13 32.13
N ILE C 193 73.66 21.96 31.30
CA ILE C 193 73.21 23.33 31.16
C ILE C 193 71.78 23.38 30.64
N ARG C 194 71.47 22.55 29.65
CA ARG C 194 70.11 22.51 29.12
C ARG C 194 69.13 22.00 30.18
N ASP C 195 69.51 20.99 30.94
CA ASP C 195 68.61 20.39 31.92
C ASP C 195 68.28 21.34 33.06
N GLU C 196 69.20 22.25 33.42
CA GLU C 196 68.86 23.22 34.45
C GLU C 196 67.66 24.07 34.04
N PHE C 197 67.72 24.66 32.85
CA PHE C 197 66.59 25.44 32.35
C PHE C 197 65.36 24.56 32.15
N LEU C 198 65.55 23.33 31.68
CA LEU C 198 64.41 22.45 31.45
C LEU C 198 63.67 22.13 32.75
N ARG C 199 64.42 21.84 33.82
CA ARG C 199 63.77 21.51 35.08
C ARG C 199 63.14 22.74 35.70
N ILE C 200 63.69 23.92 35.41
CA ILE C 200 62.95 25.14 35.76
C ILE C 200 61.64 25.21 34.98
N SER C 201 61.67 24.85 33.71
CA SER C 201 60.53 25.01 32.81
C SER C 201 59.45 23.97 32.99
N THR C 202 59.75 22.84 33.63
CA THR C 202 58.78 21.76 33.77
C THR C 202 58.25 21.64 35.19
N ALA C 203 57.98 22.77 35.84
CA ALA C 203 57.45 22.76 37.20
C ALA C 203 56.16 23.57 37.36
N SER C 204 55.89 24.51 36.46
CA SER C 204 54.68 25.32 36.59
C SER C 204 54.03 25.57 35.23
N GLY C 205 54.53 24.91 34.19
CA GLY C 205 54.01 25.16 32.85
C GLY C 205 52.56 24.76 32.69
N ASP C 206 52.18 23.61 33.26
CA ASP C 206 50.82 23.07 33.24
C ASP C 206 50.29 22.82 31.83
N GLY C 207 51.15 22.80 30.83
CA GLY C 207 50.74 22.59 29.46
C GLY C 207 50.27 23.83 28.73
N ARG C 208 50.21 24.98 29.41
CA ARG C 208 49.81 26.23 28.75
C ARG C 208 50.92 26.82 27.89
N HIS C 209 52.17 26.65 28.29
CA HIS C 209 53.29 27.17 27.50
C HIS C 209 54.50 26.26 27.71
N TYR C 210 55.40 26.27 26.74
CA TYR C 210 56.52 25.35 26.72
C TYR C 210 57.81 26.08 26.35
N CYS C 211 58.93 25.39 26.50
CA CYS C 211 60.25 25.93 26.20
C CYS C 211 60.91 25.09 25.12
N TYR C 212 61.55 25.74 24.16
CA TYR C 212 62.23 25.08 23.06
C TYR C 212 63.72 25.38 23.10
N PRO C 213 64.54 24.50 23.69
CA PRO C 213 65.98 24.80 23.80
C PRO C 213 66.76 24.37 22.58
N HIS C 214 67.76 25.18 22.23
CA HIS C 214 68.63 24.91 21.08
C HIS C 214 70.07 25.17 21.45
N PHE C 215 70.99 24.48 20.78
CA PHE C 215 72.42 24.75 20.88
C PHE C 215 72.86 25.52 19.65
N THR C 216 73.36 26.75 19.84
CA THR C 216 73.79 27.58 18.73
C THR C 216 75.10 28.26 19.04
N CYS C 217 76.03 28.21 18.08
CA CYS C 217 77.27 28.98 18.15
C CYS C 217 77.09 30.31 17.45
N ALA C 218 78.18 31.05 17.25
CA ALA C 218 78.14 32.34 16.56
C ALA C 218 78.07 32.19 15.04
N VAL C 219 78.70 31.15 14.49
CA VAL C 219 78.70 30.95 13.05
C VAL C 219 77.37 30.38 12.58
N ASP C 220 76.55 29.86 13.50
CA ASP C 220 75.29 29.21 13.15
C ASP C 220 74.38 30.16 12.40
N THR C 221 73.75 29.65 11.34
CA THR C 221 72.84 30.44 10.51
C THR C 221 71.46 29.79 10.39
N GLU C 222 71.18 28.78 11.19
CA GLU C 222 69.91 28.07 11.15
C GLU C 222 68.89 28.65 12.14
N ASN C 223 69.26 29.69 12.88
CA ASN C 223 68.44 30.16 13.98
C ASN C 223 67.05 30.60 13.51
N ALA C 224 66.98 31.27 12.37
CA ALA C 224 65.70 31.75 11.86
C ALA C 224 64.76 30.60 11.56
N ARG C 225 65.28 29.52 10.98
CA ARG C 225 64.46 28.35 10.69
C ARG C 225 63.95 27.71 11.98
N ARG C 226 64.79 27.64 13.00
CA ARG C 226 64.36 27.10 14.28
C ARG C 226 63.25 27.94 14.89
N ILE C 227 63.39 29.27 14.79
CA ILE C 227 62.34 30.16 15.27
C ILE C 227 61.05 29.94 14.50
N PHE C 228 61.16 29.74 13.18
CA PHE C 228 59.98 29.50 12.36
C PHE C 228 59.25 28.23 12.79
N ASN C 229 59.99 27.13 12.94
CA ASN C 229 59.37 25.88 13.34
C ASN C 229 58.75 25.98 14.73
N ASP C 230 59.47 26.61 15.67
CA ASP C 230 58.95 26.77 17.01
C ASP C 230 57.68 27.59 17.02
N CYS C 231 57.63 28.65 16.21
CA CYS C 231 56.42 29.45 16.14
C CYS C 231 55.26 28.67 15.54
N LYS C 232 55.54 27.84 14.53
CA LYS C 232 54.51 26.95 14.00
C LYS C 232 53.91 26.09 15.10
N ASP C 233 54.78 25.48 15.92
CA ASP C 233 54.30 24.62 17.00
C ASP C 233 53.50 25.42 18.03
N ILE C 234 53.97 26.63 18.38
CA ILE C 234 53.27 27.46 19.35
C ILE C 234 51.88 27.79 18.86
N ILE C 235 51.76 28.16 17.58
CA ILE C 235 50.46 28.51 17.02
C ILE C 235 49.54 27.31 17.02
N LEU C 236 50.06 26.13 16.67
CA LEU C 236 49.24 24.93 16.66
C LEU C 236 48.69 24.63 18.06
N GLN C 237 49.56 24.72 19.07
CA GLN C 237 49.10 24.45 20.43
C GLN C 237 48.06 25.47 20.88
N MET C 238 48.28 26.74 20.55
CA MET C 238 47.33 27.78 20.95
C MET C 238 45.97 27.54 20.29
N ASN C 239 45.97 27.18 19.00
CA ASN C 239 44.72 26.91 18.32
C ASN C 239 44.00 25.70 18.90
N LEU C 240 44.76 24.65 19.23
CA LEU C 240 44.14 23.48 19.85
C LEU C 240 43.48 23.85 21.17
N ARG C 241 44.18 24.61 22.01
CA ARG C 241 43.62 24.98 23.30
C ARG C 241 42.41 25.88 23.16
N GLU C 242 42.44 26.81 22.21
CA GLU C 242 41.34 27.76 22.07
C GLU C 242 40.04 27.06 21.71
N TYR C 243 40.09 26.08 20.80
CA TYR C 243 38.93 25.27 20.50
C TYR C 243 38.63 24.24 21.58
N ASN C 244 39.36 24.28 22.69
CA ASN C 244 39.16 23.39 23.84
C ASN C 244 39.32 21.93 23.43
N LEU C 245 40.29 21.65 22.56
CA LEU C 245 40.61 20.28 22.18
C LEU C 245 41.80 19.72 22.93
N VAL C 246 42.62 20.58 23.53
CA VAL C 246 43.69 20.14 24.42
C VAL C 246 43.61 20.93 25.71
N GLU D 11 80.24 59.99 58.23
CA GLU D 11 79.20 60.94 58.66
C GLU D 11 77.86 60.58 58.05
N LEU D 12 77.82 59.49 57.29
CA LEU D 12 76.57 59.02 56.71
C LEU D 12 75.59 58.61 57.80
N ASP D 13 76.08 58.00 58.87
CA ASP D 13 75.21 57.60 59.98
C ASP D 13 74.54 58.82 60.62
N GLN D 14 75.26 59.94 60.68
CA GLN D 14 74.68 61.17 61.22
C GLN D 14 73.49 61.61 60.38
N LEU D 15 73.65 61.61 59.05
CA LEU D 15 72.55 61.99 58.17
C LEU D 15 71.39 61.01 58.31
N ARG D 16 71.67 59.72 58.41
CA ARG D 16 70.62 58.73 58.56
C ARG D 16 69.84 58.93 59.86
N GLN D 17 70.54 59.20 60.96
CA GLN D 17 69.85 59.39 62.23
C GLN D 17 69.08 60.70 62.24
N GLU D 18 69.60 61.73 61.55
CA GLU D 18 68.83 62.96 61.39
C GLU D 18 67.54 62.70 60.62
N ALA D 19 67.62 61.89 59.56
CA ALA D 19 66.42 61.55 58.80
C ALA D 19 65.42 60.78 59.65
N GLU D 20 65.91 59.82 60.45
CA GLU D 20 65.02 59.05 61.31
C GLU D 20 64.35 59.94 62.35
N GLN D 21 65.12 60.84 62.95
CA GLN D 21 64.55 61.75 63.95
C GLN D 21 63.50 62.66 63.32
N LEU D 22 63.78 63.15 62.11
CA LEU D 22 62.80 63.98 61.41
C LEU D 22 61.53 63.21 61.11
N LYS D 23 61.66 61.96 60.67
CA LYS D 23 60.48 61.14 60.41
C LYS D 23 59.69 60.88 61.68
N ASN D 24 60.38 60.65 62.81
CA ASN D 24 59.67 60.47 64.07
C ASN D 24 58.92 61.73 64.47
N GLN D 25 59.55 62.90 64.28
CA GLN D 25 58.87 64.16 64.56
C GLN D 25 57.63 64.31 63.68
N ILE D 26 57.77 63.96 62.40
CA ILE D 26 56.64 64.08 61.47
C ILE D 26 55.49 63.18 61.90
N ARG D 27 55.81 61.94 62.27
CA ARG D 27 54.74 60.99 62.61
C ARG D 27 54.05 61.38 63.91
N ASP D 28 54.81 61.88 64.90
CA ASP D 28 54.15 62.28 66.14
C ASP D 28 53.32 63.55 65.93
N ALA D 29 53.81 64.50 65.12
CA ALA D 29 53.02 65.67 64.81
C ALA D 29 51.75 65.31 64.07
N ARG D 30 51.82 64.33 63.17
CA ARG D 30 50.63 63.85 62.48
C ARG D 30 49.65 63.20 63.44
N LYS D 31 50.15 62.35 64.35
CA LYS D 31 49.28 61.70 65.32
C LYS D 31 48.64 62.70 66.26
N ALA D 32 49.28 63.86 66.45
CA ALA D 32 48.69 64.90 67.28
C ALA D 32 47.42 65.50 66.69
N CYS D 33 47.05 65.14 65.46
CA CYS D 33 45.84 65.64 64.82
C CYS D 33 44.74 64.61 64.64
N ALA D 34 45.05 63.31 64.79
CA ALA D 34 44.05 62.28 64.59
C ALA D 34 43.08 62.19 65.76
N ASP D 35 42.25 63.23 65.94
CA ASP D 35 41.27 63.21 67.01
C ASP D 35 40.17 62.20 66.74
N ALA D 36 39.76 62.06 65.48
CA ALA D 36 38.69 61.16 65.12
C ALA D 36 38.88 60.72 63.67
N THR D 37 38.19 59.66 63.29
CA THR D 37 38.32 59.07 61.97
C THR D 37 37.09 59.39 61.12
N LEU D 38 37.28 59.33 59.80
CA LEU D 38 36.17 59.59 58.89
C LEU D 38 35.04 58.59 59.08
N SER D 39 35.35 57.39 59.55
CA SER D 39 34.32 56.39 59.81
C SER D 39 33.38 56.85 60.92
N GLN D 40 33.93 57.43 61.98
CA GLN D 40 33.08 57.96 63.05
C GLN D 40 32.35 59.22 62.62
N ILE D 41 33.00 60.07 61.83
CA ILE D 41 32.36 61.32 61.41
C ILE D 41 31.19 61.05 60.48
N THR D 42 31.33 60.06 59.61
CA THR D 42 30.29 59.69 58.65
C THR D 42 29.55 58.43 59.07
N ASN D 43 29.45 58.19 60.38
CA ASN D 43 28.76 57.00 60.87
C ASN D 43 27.24 57.12 60.82
N ASN D 44 26.72 58.34 60.73
CA ASN D 44 25.28 58.58 60.73
C ASN D 44 24.79 59.11 59.38
N ILE D 45 25.34 58.57 58.30
CA ILE D 45 24.98 58.97 56.94
C ILE D 45 24.26 57.82 56.27
N ASP D 46 23.15 58.14 55.60
CA ASP D 46 22.37 57.11 54.91
C ASP D 46 23.18 56.54 53.76
N PRO D 47 23.24 55.21 53.61
CA PRO D 47 23.95 54.63 52.47
C PRO D 47 23.37 55.10 51.15
N VAL D 48 24.23 55.20 50.14
CA VAL D 48 23.79 55.66 48.83
C VAL D 48 22.79 54.69 48.22
N GLY D 49 22.84 53.42 48.61
CA GLY D 49 21.96 52.41 48.05
C GLY D 49 22.59 51.65 46.91
N ARG D 50 21.81 50.71 46.37
CA ARG D 50 22.30 49.90 45.26
C ARG D 50 22.56 50.77 44.04
N ILE D 51 23.83 50.93 43.69
CA ILE D 51 24.25 51.74 42.56
C ILE D 51 24.42 50.77 41.38
N GLN D 52 23.42 50.73 40.51
CA GLN D 52 23.43 49.85 39.35
C GLN D 52 23.59 50.69 38.08
N MET D 53 24.59 50.34 37.27
CA MET D 53 24.82 50.99 35.99
C MET D 53 24.74 49.95 34.89
N ARG D 54 24.42 50.42 33.69
CA ARG D 54 24.30 49.54 32.53
C ARG D 54 25.16 50.09 31.40
N THR D 55 25.59 49.17 30.52
CA THR D 55 26.41 49.55 29.38
C THR D 55 25.53 50.10 28.27
N ARG D 56 25.68 51.39 27.99
CA ARG D 56 24.90 52.06 26.97
C ARG D 56 25.58 52.05 25.61
N ARG D 57 26.90 52.16 25.58
CA ARG D 57 27.66 52.14 24.33
C ARG D 57 28.83 51.19 24.50
N THR D 58 29.16 50.47 23.42
CA THR D 58 30.35 49.64 23.35
C THR D 58 31.13 50.07 22.12
N LEU D 59 32.39 50.49 22.35
CA LEU D 59 33.16 51.10 21.28
C LEU D 59 34.15 50.08 20.74
N ARG D 60 33.93 49.62 19.50
CA ARG D 60 34.70 48.55 18.91
C ARG D 60 35.51 49.09 17.74
N GLY D 61 36.69 48.53 17.52
CA GLY D 61 37.53 48.96 16.42
C GLY D 61 39.02 48.89 16.68
N HIS D 62 39.43 48.85 17.94
CA HIS D 62 40.84 48.68 18.25
C HIS D 62 41.27 47.24 18.00
N LEU D 63 42.56 47.07 17.75
CA LEU D 63 43.09 45.76 17.37
C LEU D 63 43.76 45.03 18.53
N ALA D 64 44.34 45.75 19.47
CA ALA D 64 45.06 45.15 20.57
C ALA D 64 44.60 45.75 21.89
N LYS D 65 45.31 45.45 22.97
CA LYS D 65 44.93 45.96 24.29
C LYS D 65 44.97 47.48 24.30
N ILE D 66 44.02 48.07 25.03
CA ILE D 66 43.91 49.50 25.18
C ILE D 66 44.57 49.88 26.50
N TYR D 67 45.53 50.80 26.46
CA TYR D 67 46.11 51.27 27.71
C TYR D 67 45.54 52.58 28.24
N ALA D 68 45.24 53.54 27.38
CA ALA D 68 44.87 54.85 27.89
C ALA D 68 43.62 55.33 27.19
N MET D 69 42.90 56.21 27.89
CA MET D 69 41.76 56.92 27.34
C MET D 69 41.67 58.26 28.04
N HIS D 70 40.98 59.19 27.41
CA HIS D 70 40.80 60.52 27.99
C HIS D 70 39.57 61.17 27.40
N TRP D 71 38.75 61.74 28.27
CA TRP D 71 37.52 62.40 27.88
C TRP D 71 37.80 63.82 27.40
N GLY D 72 36.96 64.31 26.51
CA GLY D 72 36.99 65.71 26.14
C GLY D 72 36.24 66.57 27.14
N THR D 73 36.51 67.87 27.08
CA THR D 73 35.79 68.81 27.93
C THR D 73 34.33 68.94 27.53
N ASP D 74 34.02 68.69 26.26
CA ASP D 74 32.62 68.73 25.81
C ASP D 74 31.83 67.54 26.33
N SER D 75 32.50 66.56 26.93
CA SER D 75 31.92 65.35 27.48
C SER D 75 31.31 64.46 26.41
N ARG D 76 31.73 64.59 25.17
CA ARG D 76 31.20 63.78 24.08
C ARG D 76 32.28 63.06 23.30
N LEU D 77 33.42 63.68 23.08
CA LEU D 77 34.52 63.09 22.31
C LEU D 77 35.57 62.54 23.26
N LEU D 78 36.10 61.37 22.94
CA LEU D 78 37.14 60.78 23.77
C LEU D 78 38.23 60.20 22.87
N VAL D 79 39.43 60.04 23.42
CA VAL D 79 40.56 59.49 22.68
C VAL D 79 41.05 58.25 23.41
N SER D 80 41.38 57.20 22.64
CA SER D 80 41.87 55.95 23.19
C SER D 80 43.10 55.50 22.43
N ALA D 81 43.94 54.72 23.12
CA ALA D 81 45.25 54.31 22.63
C ALA D 81 45.44 52.81 22.75
N SER D 82 45.89 52.19 21.65
CA SER D 82 46.12 50.75 21.63
C SER D 82 47.54 50.44 21.17
N GLN D 83 48.03 49.25 21.57
CA GLN D 83 49.36 48.78 21.19
C GLN D 83 49.46 48.35 19.74
N ASP D 84 48.35 48.28 19.01
CA ASP D 84 48.45 48.07 17.57
C ASP D 84 49.18 49.23 16.90
N GLY D 85 49.23 50.39 17.56
CA GLY D 85 49.91 51.55 17.03
C GLY D 85 48.94 52.63 16.58
N LYS D 86 47.80 52.77 17.28
CA LYS D 86 46.79 53.72 16.85
C LYS D 86 46.12 54.40 18.03
N LEU D 87 45.83 55.69 17.83
CA LEU D 87 44.89 56.45 18.63
C LEU D 87 43.59 56.58 17.85
N ILE D 88 42.46 56.54 18.54
CA ILE D 88 41.17 56.78 17.91
C ILE D 88 40.37 57.77 18.74
N ILE D 89 39.82 58.78 18.07
CA ILE D 89 38.88 59.73 18.68
C ILE D 89 37.47 59.27 18.35
N TRP D 90 36.72 58.92 19.39
CA TRP D 90 35.37 58.41 19.29
C TRP D 90 34.37 59.50 19.67
N ASP D 91 33.27 59.54 18.92
CA ASP D 91 32.08 60.32 19.26
C ASP D 91 31.16 59.38 20.03
N SER D 92 31.02 59.64 21.33
CA SER D 92 30.30 58.71 22.19
C SER D 92 28.82 58.62 21.85
N TYR D 93 28.20 59.76 21.51
CA TYR D 93 26.75 59.77 21.32
C TYR D 93 26.34 58.91 20.14
N THR D 94 27.08 58.99 19.03
CA THR D 94 26.75 58.27 17.81
C THR D 94 27.57 57.01 17.61
N THR D 95 28.56 56.73 18.46
CA THR D 95 29.51 55.65 18.26
C THR D 95 30.14 55.76 16.88
N ASN D 96 30.76 56.90 16.61
CA ASN D 96 31.40 57.19 15.33
C ASN D 96 32.90 57.42 15.54
N LYS D 97 33.67 57.04 14.53
CA LYS D 97 35.11 57.26 14.55
C LYS D 97 35.40 58.58 13.85
N VAL D 98 35.88 59.55 14.62
CA VAL D 98 36.18 60.87 14.04
C VAL D 98 37.59 60.91 13.48
N HIS D 99 38.57 60.38 14.20
CA HIS D 99 39.94 60.40 13.73
C HIS D 99 40.62 59.10 14.13
N ALA D 100 41.45 58.57 13.22
CA ALA D 100 42.29 57.42 13.49
C ALA D 100 43.73 57.83 13.18
N ILE D 101 44.55 57.95 14.21
CA ILE D 101 45.91 58.47 14.08
C ILE D 101 46.88 57.29 14.24
N PRO D 102 47.59 56.88 13.18
CA PRO D 102 48.65 55.89 13.36
C PRO D 102 49.86 56.49 14.04
N LEU D 103 50.52 55.69 14.87
CA LEU D 103 51.66 56.12 15.65
C LEU D 103 52.94 55.54 15.07
N ARG D 104 54.05 56.26 15.29
CA ARG D 104 55.35 55.80 14.82
C ARG D 104 55.91 54.69 15.71
N SER D 105 55.41 54.56 16.93
CA SER D 105 55.83 53.52 17.86
C SER D 105 54.60 52.77 18.34
N SER D 106 54.66 51.44 18.29
CA SER D 106 53.52 50.62 18.69
C SER D 106 53.30 50.63 20.19
N TRP D 107 54.36 50.77 20.99
CA TRP D 107 54.28 50.63 22.43
C TRP D 107 53.93 51.97 23.06
N VAL D 108 52.62 52.24 23.12
CA VAL D 108 52.08 53.47 23.70
C VAL D 108 51.39 53.14 25.01
N MET D 109 51.69 53.91 26.05
CA MET D 109 51.19 53.66 27.39
C MET D 109 50.26 54.74 27.91
N THR D 110 50.19 55.90 27.25
CA THR D 110 49.38 57.00 27.74
C THR D 110 48.90 57.86 26.59
N CYS D 111 47.83 58.62 26.85
CA CYS D 111 47.29 59.57 25.89
C CYS D 111 46.47 60.60 26.66
N ALA D 112 46.48 61.83 26.17
CA ALA D 112 45.75 62.91 26.80
C ALA D 112 45.05 63.74 25.74
N TYR D 113 43.99 64.44 26.16
CA TYR D 113 43.21 65.27 25.28
C TYR D 113 43.27 66.71 25.80
N ALA D 114 43.64 67.64 24.92
CA ALA D 114 43.80 69.03 25.34
C ALA D 114 42.45 69.60 25.77
N PRO D 115 42.40 70.40 26.85
CA PRO D 115 41.12 70.99 27.26
C PRO D 115 40.50 71.89 26.21
N SER D 116 41.32 72.57 25.41
CA SER D 116 40.77 73.36 24.31
C SER D 116 40.16 72.46 23.24
N GLY D 117 40.78 71.31 22.99
CA GLY D 117 40.31 70.39 21.98
C GLY D 117 41.04 70.46 20.66
N ASN D 118 42.19 71.11 20.60
CA ASN D 118 42.93 71.28 19.35
C ASN D 118 44.15 70.38 19.25
N TYR D 119 44.48 69.62 20.31
CA TYR D 119 45.69 68.81 20.31
C TYR D 119 45.42 67.52 21.07
N VAL D 120 46.22 66.50 20.75
CA VAL D 120 46.28 65.29 21.55
C VAL D 120 47.75 64.96 21.81
N ALA D 121 47.98 64.15 22.83
CA ALA D 121 49.34 63.76 23.21
C ALA D 121 49.39 62.26 23.41
N CYS D 122 50.59 61.70 23.24
CA CYS D 122 50.79 60.27 23.46
C CYS D 122 52.26 60.00 23.74
N GLY D 123 52.55 58.82 24.26
CA GLY D 123 53.91 58.41 24.52
C GLY D 123 53.95 56.99 25.04
N GLY D 124 55.15 56.47 25.19
CA GLY D 124 55.32 55.10 25.67
C GLY D 124 56.76 54.66 25.85
N LEU D 125 57.08 53.44 25.41
CA LEU D 125 58.41 52.86 25.53
C LEU D 125 59.44 53.55 24.68
N ASP D 126 59.08 54.54 23.87
CA ASP D 126 60.05 55.27 23.08
C ASP D 126 60.56 56.52 23.77
N ASN D 127 60.14 56.76 25.01
CA ASN D 127 60.62 57.87 25.84
C ASN D 127 60.38 59.23 25.20
N ILE D 128 59.37 59.34 24.34
CA ILE D 128 59.08 60.58 23.62
C ILE D 128 57.61 60.91 23.84
N CYS D 129 57.31 62.20 23.98
CA CYS D 129 55.93 62.66 24.06
C CYS D 129 55.58 63.35 22.74
N SER D 130 54.63 62.78 22.01
CA SER D 130 54.22 63.32 20.72
C SER D 130 52.93 64.10 20.88
N ILE D 131 52.93 65.32 20.34
CA ILE D 131 51.78 66.21 20.31
C ILE D 131 51.30 66.30 18.87
N TYR D 132 50.04 65.92 18.65
CA TYR D 132 49.40 65.93 17.33
C TYR D 132 48.38 67.05 17.28
N ASN D 133 48.43 67.83 16.20
CA ASN D 133 47.49 68.92 15.97
C ASN D 133 46.25 68.36 15.27
N LEU D 134 45.10 68.47 15.92
CA LEU D 134 43.87 67.92 15.35
C LEU D 134 43.29 68.80 14.25
N LYS D 135 43.48 70.11 14.35
CA LYS D 135 42.82 71.07 13.46
C LYS D 135 43.88 71.72 12.58
N THR D 136 43.94 71.30 11.32
CA THR D 136 44.84 71.86 10.33
C THR D 136 44.06 72.16 9.05
N ARG D 137 44.58 73.10 8.27
CA ARG D 137 43.93 73.46 7.02
C ARG D 137 43.99 72.33 6.00
N GLU D 138 45.04 71.51 6.03
CA GLU D 138 45.15 70.40 5.09
C GLU D 138 44.06 69.36 5.32
N GLY D 139 43.55 69.25 6.54
CA GLY D 139 42.46 68.36 6.83
C GLY D 139 42.82 67.03 7.44
N ASN D 140 44.09 66.82 7.81
CA ASN D 140 44.53 65.57 8.39
C ASN D 140 45.36 65.85 9.62
N VAL D 141 45.36 64.90 10.56
CA VAL D 141 46.14 65.04 11.78
C VAL D 141 47.62 64.84 11.47
N ARG D 142 48.45 65.74 11.96
CA ARG D 142 49.89 65.68 11.77
C ARG D 142 50.59 65.92 13.09
N VAL D 143 51.80 65.38 13.21
CA VAL D 143 52.56 65.54 14.45
C VAL D 143 52.98 67.00 14.59
N SER D 144 52.55 67.63 15.67
CA SER D 144 52.90 69.02 15.93
C SER D 144 54.23 69.17 16.63
N ARG D 145 54.56 68.27 17.55
CA ARG D 145 55.81 68.40 18.28
C ARG D 145 56.21 67.05 18.84
N GLU D 146 57.52 66.85 19.00
CA GLU D 146 58.10 65.58 19.43
C GLU D 146 59.06 65.87 20.59
N LEU D 147 58.52 65.86 21.81
CA LEU D 147 59.26 66.24 23.01
C LEU D 147 60.15 65.09 23.46
N ALA D 148 61.45 65.36 23.59
CA ALA D 148 62.45 64.38 23.98
C ALA D 148 63.17 64.87 25.23
N GLY D 149 63.71 63.94 26.01
CA GLY D 149 64.47 64.30 27.19
C GLY D 149 64.33 63.37 28.38
N HIS D 150 63.27 62.56 28.40
CA HIS D 150 63.13 61.57 29.46
C HIS D 150 64.03 60.36 29.18
N THR D 151 64.49 59.73 30.27
CA THR D 151 65.40 58.59 30.19
C THR D 151 64.67 57.28 30.50
N GLY D 152 63.34 57.31 30.44
CA GLY D 152 62.54 56.13 30.69
C GLY D 152 61.20 56.26 30.03
N TYR D 153 60.44 55.16 30.04
CA TYR D 153 59.16 55.14 29.36
C TYR D 153 58.22 56.19 29.95
N LEU D 154 57.45 56.83 29.07
CA LEU D 154 56.51 57.87 29.46
C LEU D 154 55.23 57.20 29.95
N SER D 155 54.91 57.37 31.24
CA SER D 155 53.78 56.65 31.81
C SER D 155 52.51 57.48 31.89
N CYS D 156 52.61 58.80 31.88
CA CYS D 156 51.43 59.66 31.95
C CYS D 156 51.79 61.03 31.42
N CYS D 157 50.77 61.72 30.91
CA CYS D 157 50.91 63.09 30.41
C CYS D 157 49.57 63.80 30.52
N ARG D 158 49.61 65.06 30.92
CA ARG D 158 48.40 65.86 31.10
C ARG D 158 48.65 67.28 30.61
N PHE D 159 47.70 67.82 29.85
CA PHE D 159 47.79 69.20 29.38
C PHE D 159 47.39 70.18 30.48
N LEU D 160 48.08 71.31 30.51
CA LEU D 160 47.62 72.47 31.28
C LEU D 160 46.90 73.47 30.38
N ASP D 161 47.53 73.81 29.25
CA ASP D 161 46.91 74.61 28.20
C ASP D 161 47.48 74.16 26.86
N ASP D 162 47.30 74.95 25.81
CA ASP D 162 47.77 74.59 24.48
C ASP D 162 49.29 74.56 24.37
N ASN D 163 50.02 75.12 25.34
CA ASN D 163 51.47 75.22 25.23
C ASN D 163 52.20 74.77 26.49
N GLN D 164 51.54 73.98 27.35
CA GLN D 164 52.19 73.45 28.53
C GLN D 164 51.69 72.03 28.78
N ILE D 165 52.59 71.14 29.16
CA ILE D 165 52.25 69.75 29.43
C ILE D 165 53.13 69.23 30.56
N VAL D 166 52.56 68.36 31.40
CA VAL D 166 53.26 67.73 32.50
C VAL D 166 53.30 66.23 32.26
N THR D 167 54.49 65.65 32.38
CA THR D 167 54.72 64.25 32.07
C THR D 167 55.40 63.55 33.24
N SER D 168 55.12 62.26 33.40
CA SER D 168 55.84 61.41 34.34
C SER D 168 56.48 60.25 33.60
N SER D 169 57.64 59.82 34.07
CA SER D 169 58.38 58.82 33.30
C SER D 169 58.90 57.72 34.22
N GLY D 170 59.36 56.64 33.59
CA GLY D 170 59.95 55.52 34.29
C GLY D 170 61.36 55.76 34.81
N ASP D 171 61.96 56.89 34.45
CA ASP D 171 63.23 57.28 35.03
C ASP D 171 63.08 57.97 36.38
N THR D 172 61.94 57.77 37.05
CA THR D 172 61.68 58.27 38.40
C THR D 172 61.66 59.79 38.46
N THR D 173 61.04 60.45 37.48
CA THR D 173 60.91 61.90 37.52
C THR D 173 59.72 62.36 36.68
N CYS D 174 59.28 63.58 36.97
CA CYS D 174 58.26 64.27 36.20
C CYS D 174 58.87 65.52 35.58
N ALA D 175 58.13 66.13 34.65
CA ALA D 175 58.65 67.28 33.96
C ALA D 175 57.51 68.17 33.48
N LEU D 176 57.78 69.46 33.39
CA LEU D 176 56.89 70.46 32.82
C LEU D 176 57.57 71.08 31.61
N TRP D 177 56.86 71.06 30.48
CA TRP D 177 57.44 71.37 29.18
C TRP D 177 56.85 72.64 28.60
N ASP D 178 57.60 73.27 27.70
CA ASP D 178 57.09 74.31 26.81
C ASP D 178 57.09 73.71 25.42
N ILE D 179 55.88 73.55 24.86
CA ILE D 179 55.74 72.80 23.61
C ILE D 179 56.33 73.57 22.44
N GLU D 180 56.23 74.91 22.47
CA GLU D 180 56.76 75.72 21.38
C GLU D 180 58.28 75.53 21.24
N THR D 181 58.99 75.61 22.35
CA THR D 181 60.45 75.40 22.33
C THR D 181 60.84 73.95 22.44
N GLY D 182 59.91 73.07 22.84
CA GLY D 182 60.24 71.66 22.98
C GLY D 182 61.18 71.34 24.11
N GLN D 183 61.26 72.19 25.12
CA GLN D 183 62.23 72.04 26.20
C GLN D 183 61.52 71.94 27.54
N GLN D 184 62.20 71.33 28.50
CA GLN D 184 61.69 71.17 29.85
C GLN D 184 61.85 72.48 30.60
N THR D 185 60.74 73.14 30.91
CA THR D 185 60.81 74.32 31.76
C THR D 185 61.10 73.96 33.20
N THR D 186 60.62 72.79 33.64
CA THR D 186 60.84 72.37 35.02
C THR D 186 60.98 70.86 35.07
N THR D 187 61.72 70.38 36.07
CA THR D 187 61.89 68.95 36.31
C THR D 187 61.65 68.66 37.79
N PHE D 188 60.77 67.71 38.06
CA PHE D 188 60.41 67.33 39.43
C PHE D 188 61.07 65.99 39.74
N THR D 189 61.90 65.97 40.78
CA THR D 189 62.65 64.79 41.19
C THR D 189 62.40 64.52 42.67
N GLY D 190 62.63 63.27 43.08
CA GLY D 190 62.42 62.89 44.47
C GLY D 190 61.88 61.49 44.65
N HIS D 191 61.17 60.97 43.66
CA HIS D 191 60.70 59.59 43.71
C HIS D 191 61.87 58.63 43.53
N THR D 192 61.85 57.53 44.29
CA THR D 192 62.87 56.49 44.18
C THR D 192 62.34 55.27 43.42
N GLY D 193 61.40 55.48 42.52
CA GLY D 193 60.83 54.40 41.72
C GLY D 193 60.04 54.97 40.57
N ASP D 194 59.63 54.09 39.67
CA ASP D 194 58.92 54.51 38.47
C ASP D 194 57.63 55.23 38.84
N VAL D 195 57.44 56.41 38.25
CA VAL D 195 56.22 57.17 38.48
C VAL D 195 55.16 56.69 37.50
N MET D 196 54.00 56.32 38.03
CA MET D 196 52.98 55.65 37.22
C MET D 196 51.88 56.59 36.74
N SER D 197 51.31 57.39 37.64
CA SER D 197 50.21 58.27 37.28
C SER D 197 50.36 59.61 37.98
N LEU D 198 49.74 60.63 37.39
CA LEU D 198 49.72 61.97 37.96
C LEU D 198 48.33 62.57 37.77
N SER D 199 47.98 63.51 38.64
CA SER D 199 46.66 64.14 38.62
C SER D 199 46.79 65.64 38.84
N LEU D 200 46.39 66.42 37.85
CA LEU D 200 46.41 67.88 37.94
C LEU D 200 45.27 68.38 38.81
N ALA D 201 45.51 69.49 39.50
CA ALA D 201 44.48 70.08 40.33
C ALA D 201 43.47 70.83 39.47
N PRO D 202 42.24 70.99 39.97
CA PRO D 202 41.23 71.73 39.21
C PRO D 202 41.67 73.14 38.88
N ASP D 203 42.45 73.76 39.78
CA ASP D 203 42.99 75.08 39.53
C ASP D 203 44.33 75.06 38.81
N THR D 204 44.83 73.88 38.45
CA THR D 204 46.07 73.73 37.68
C THR D 204 47.25 74.41 38.37
N ARG D 205 47.27 74.35 39.71
CA ARG D 205 48.36 74.89 40.50
C ARG D 205 49.24 73.81 41.10
N LEU D 206 48.65 72.71 41.56
CA LEU D 206 49.36 71.62 42.20
C LEU D 206 49.08 70.33 41.46
N PHE D 207 49.94 69.33 41.66
CA PHE D 207 49.65 68.00 41.14
C PHE D 207 50.37 66.95 41.95
N VAL D 208 49.79 65.75 42.00
CA VAL D 208 50.37 64.64 42.75
C VAL D 208 50.92 63.62 41.77
N SER D 209 51.94 62.90 42.21
CA SER D 209 52.46 61.77 41.48
C SER D 209 52.63 60.58 42.42
N GLY D 210 52.24 59.42 41.95
CA GLY D 210 52.43 58.19 42.71
C GLY D 210 53.40 57.28 42.00
N ALA D 211 54.26 56.63 42.77
CA ALA D 211 55.35 55.88 42.16
C ALA D 211 55.44 54.49 42.77
N CYS D 212 56.32 53.67 42.17
CA CYS D 212 56.50 52.29 42.59
C CYS D 212 57.42 52.22 43.81
N ASP D 213 57.11 53.02 44.83
CA ASP D 213 57.79 52.95 46.12
C ASP D 213 56.81 53.16 47.26
N ALA D 214 55.52 52.90 47.05
CA ALA D 214 54.47 53.14 48.03
C ALA D 214 54.47 54.60 48.49
N SER D 215 54.72 55.51 47.54
CA SER D 215 54.84 56.91 47.88
C SER D 215 54.11 57.78 46.85
N ALA D 216 53.38 58.77 47.37
CA ALA D 216 52.81 59.84 46.57
C ALA D 216 53.45 61.15 46.98
N LYS D 217 53.58 62.07 46.04
CA LYS D 217 54.21 63.36 46.29
C LYS D 217 53.37 64.49 45.71
N LEU D 218 53.27 65.58 46.45
CA LEU D 218 52.55 66.77 46.02
C LEU D 218 53.53 67.82 45.55
N TRP D 219 53.32 68.35 44.35
CA TRP D 219 54.24 69.27 43.70
C TRP D 219 53.53 70.55 43.33
N ASP D 220 54.26 71.66 43.42
CA ASP D 220 53.83 72.97 42.96
C ASP D 220 54.50 73.20 41.61
N VAL D 221 53.71 73.51 40.59
CA VAL D 221 54.25 73.60 39.23
C VAL D 221 55.09 74.86 39.07
N ARG D 222 54.71 75.95 39.74
CA ARG D 222 55.37 77.23 39.51
C ARG D 222 56.77 77.25 40.10
N GLU D 223 56.96 76.69 41.30
CA GLU D 223 58.27 76.67 41.92
C GLU D 223 59.04 75.39 41.60
N GLY D 224 58.37 74.24 41.67
CA GLY D 224 59.01 72.99 41.34
C GLY D 224 59.61 72.28 42.53
N MET D 225 58.84 72.16 43.60
CA MET D 225 59.32 71.50 44.81
C MET D 225 58.21 70.65 45.40
N CYS D 226 58.60 69.59 46.10
CA CYS D 226 57.65 68.65 46.69
C CYS D 226 57.14 69.24 48.00
N ARG D 227 55.89 69.68 48.01
CA ARG D 227 55.30 70.23 49.23
C ARG D 227 55.19 69.18 50.32
N GLN D 228 54.56 68.04 50.01
CA GLN D 228 54.33 67.01 51.01
C GLN D 228 54.51 65.64 50.36
N THR D 229 54.78 64.65 51.21
CA THR D 229 54.95 63.26 50.78
C THR D 229 54.01 62.39 51.61
N PHE D 230 53.26 61.53 50.93
CA PHE D 230 52.27 60.67 51.56
C PHE D 230 52.68 59.21 51.40
N THR D 231 52.66 58.49 52.52
CA THR D 231 52.94 57.07 52.56
C THR D 231 51.78 56.35 53.21
N GLY D 232 51.81 55.02 53.15
CA GLY D 232 50.74 54.22 53.72
C GLY D 232 50.41 52.99 52.92
N HIS D 233 50.68 53.01 51.61
CA HIS D 233 50.55 51.82 50.80
C HIS D 233 51.70 50.86 51.11
N GLU D 234 51.53 49.61 50.69
CA GLU D 234 52.55 48.59 50.87
C GLU D 234 53.25 48.19 49.57
N SER D 235 52.73 48.63 48.41
CA SER D 235 53.30 48.24 47.13
C SER D 235 53.14 49.39 46.15
N ASP D 236 53.35 49.11 44.87
CA ASP D 236 53.43 50.13 43.85
C ASP D 236 52.06 50.78 43.61
N ILE D 237 52.04 52.10 43.59
CA ILE D 237 50.84 52.86 43.27
C ILE D 237 50.67 52.91 41.76
N ASN D 238 49.48 52.51 41.30
CA ASN D 238 49.21 52.41 39.87
C ASN D 238 48.29 53.50 39.34
N ALA D 239 47.54 54.18 40.20
CA ALA D 239 46.60 55.21 39.77
C ALA D 239 46.37 56.21 40.88
N ILE D 240 46.08 57.45 40.52
CA ILE D 240 45.93 58.54 41.48
C ILE D 240 44.96 59.57 40.89
N CYS D 241 44.19 60.22 41.76
CA CYS D 241 43.14 61.14 41.33
C CYS D 241 42.69 62.02 42.48
N PHE D 242 42.55 63.33 42.21
CA PHE D 242 42.01 64.28 43.19
C PHE D 242 40.52 64.16 43.43
N PHE D 243 40.13 64.41 44.67
CA PHE D 243 38.76 64.70 45.03
C PHE D 243 38.37 66.06 44.43
N PRO D 244 37.10 66.25 44.04
CA PRO D 244 36.72 67.42 43.25
C PRO D 244 37.12 68.79 43.80
N ASN D 245 37.07 69.01 45.11
CA ASN D 245 37.35 70.36 45.62
C ASN D 245 38.85 70.61 45.69
N GLY D 246 39.67 69.57 45.58
CA GLY D 246 41.11 69.72 45.54
C GLY D 246 41.83 69.55 46.86
N ASN D 247 41.11 69.27 47.94
CA ASN D 247 41.72 69.10 49.25
C ASN D 247 41.96 67.64 49.62
N ALA D 248 41.72 66.71 48.70
CA ALA D 248 41.96 65.30 48.98
C ALA D 248 42.19 64.58 47.66
N PHE D 249 42.75 63.38 47.75
CA PHE D 249 42.96 62.55 46.57
C PHE D 249 42.92 61.08 46.96
N ALA D 250 42.74 60.24 45.95
CA ALA D 250 42.64 58.80 46.16
C ALA D 250 43.70 58.08 45.34
N THR D 251 44.24 57.02 45.92
CA THR D 251 45.29 56.23 45.30
C THR D 251 44.92 54.76 45.32
N GLY D 252 45.30 54.06 44.25
CA GLY D 252 45.14 52.62 44.17
C GLY D 252 46.48 51.97 43.87
N SER D 253 46.64 50.73 44.30
CA SER D 253 47.95 50.08 44.25
C SER D 253 47.79 48.58 44.10
N ASP D 254 48.94 47.90 43.98
CA ASP D 254 49.00 46.44 43.96
C ASP D 254 48.68 45.83 45.31
N ASP D 255 48.55 46.65 46.34
CA ASP D 255 48.11 46.21 47.66
C ASP D 255 46.69 45.67 47.63
N ALA D 256 45.94 45.94 46.56
CA ALA D 256 44.51 45.65 46.45
C ALA D 256 43.67 46.49 47.40
N THR D 257 44.18 47.68 47.73
CA THR D 257 43.47 48.63 48.57
C THR D 257 43.56 50.01 47.94
N CYS D 258 42.49 50.79 48.06
CA CYS D 258 42.51 52.20 47.72
C CYS D 258 42.54 53.02 49.00
N ARG D 259 43.15 54.20 48.92
CA ARG D 259 43.28 55.03 50.11
C ARG D 259 42.98 56.49 49.78
N LEU D 260 42.39 57.18 50.73
CA LEU D 260 42.05 58.59 50.61
C LEU D 260 42.95 59.43 51.50
N PHE D 261 43.67 60.38 50.91
CA PHE D 261 44.59 61.26 51.63
C PHE D 261 44.05 62.67 51.57
N ASP D 262 44.18 63.40 52.68
CA ASP D 262 43.76 64.80 52.74
C ASP D 262 45.01 65.68 52.83
N LEU D 263 45.07 66.71 51.99
CA LEU D 263 46.25 67.59 51.94
C LEU D 263 46.41 68.37 53.23
N ARG D 264 45.32 68.84 53.83
CA ARG D 264 45.42 69.70 55.00
C ARG D 264 45.83 68.92 56.24
N ALA D 265 45.32 67.70 56.39
CA ALA D 265 45.73 66.88 57.52
C ALA D 265 47.03 66.13 57.26
N ASP D 266 47.48 66.08 56.01
CA ASP D 266 48.76 65.47 55.64
C ASP D 266 48.78 63.98 55.97
N GLN D 267 47.62 63.33 55.94
CA GLN D 267 47.56 61.90 56.23
C GLN D 267 46.28 61.33 55.64
N GLU D 268 46.24 60.00 55.56
CA GLU D 268 45.12 59.30 54.98
C GLU D 268 43.93 59.28 55.92
N LEU D 269 42.73 59.21 55.34
CA LEU D 269 41.49 59.23 56.11
C LEU D 269 40.68 57.94 55.99
N MET D 270 40.71 57.25 54.86
CA MET D 270 39.89 56.07 54.68
C MET D 270 40.60 55.08 53.76
N THR D 271 40.31 53.80 53.98
CA THR D 271 40.81 52.71 53.16
C THR D 271 39.63 51.94 52.56
N TYR D 272 39.84 51.40 51.36
CA TYR D 272 38.80 50.70 50.61
C TYR D 272 39.39 49.36 50.16
N SER D 273 38.94 48.29 50.79
CA SER D 273 39.40 46.95 50.45
C SER D 273 38.40 45.93 50.97
N HIS D 274 38.47 44.72 50.41
CA HIS D 274 37.65 43.61 50.85
C HIS D 274 38.50 42.36 50.89
N ASP D 275 38.08 41.39 51.72
CA ASP D 275 38.88 40.19 51.91
C ASP D 275 38.95 39.36 50.63
N ASN D 276 37.88 39.36 49.84
CA ASN D 276 37.88 38.59 48.60
C ASN D 276 38.85 39.16 47.58
N ILE D 277 39.06 40.48 47.62
CA ILE D 277 39.90 41.13 46.60
C ILE D 277 41.36 40.88 46.91
N ILE D 278 42.08 40.34 45.93
CA ILE D 278 43.50 40.04 46.08
C ILE D 278 44.28 40.59 44.89
N CYS D 279 43.59 41.24 43.97
CA CYS D 279 44.21 41.79 42.77
C CYS D 279 44.34 43.30 42.88
N GLY D 280 45.36 43.84 42.20
CA GLY D 280 45.66 45.24 42.31
C GLY D 280 44.73 46.12 41.50
N ILE D 281 44.72 47.41 41.85
CA ILE D 281 43.89 48.40 41.19
C ILE D 281 44.68 49.04 40.06
N THR D 282 44.10 49.06 38.86
CA THR D 282 44.76 49.64 37.70
C THR D 282 44.39 51.10 37.49
N SER D 283 43.16 51.47 37.82
CA SER D 283 42.65 52.81 37.56
C SER D 283 41.69 53.20 38.67
N VAL D 284 41.55 54.52 38.87
CA VAL D 284 40.69 55.05 39.92
C VAL D 284 40.16 56.40 39.46
N SER D 285 38.93 56.71 39.84
CA SER D 285 38.33 57.99 39.49
C SER D 285 37.21 58.30 40.46
N PHE D 286 36.85 59.58 40.51
CA PHE D 286 35.79 60.07 41.39
C PHE D 286 34.60 60.50 40.54
N SER D 287 33.43 60.52 41.18
CA SER D 287 32.25 61.07 40.53
C SER D 287 32.32 62.60 40.51
N LYS D 288 31.25 63.22 40.02
CA LYS D 288 31.22 64.68 39.98
C LYS D 288 31.17 65.28 41.38
N SER D 289 30.39 64.67 42.28
CA SER D 289 30.28 65.17 43.64
C SER D 289 31.27 64.54 44.61
N GLY D 290 32.03 63.55 44.17
CA GLY D 290 32.99 62.90 45.04
C GLY D 290 32.42 61.87 45.98
N ARG D 291 31.12 61.61 45.92
CA ARG D 291 30.50 60.63 46.81
C ARG D 291 30.82 59.20 46.42
N LEU D 292 31.06 58.94 45.14
CA LEU D 292 31.37 57.59 44.67
C LEU D 292 32.81 57.54 44.20
N LEU D 293 33.48 56.44 44.49
CA LEU D 293 34.83 56.19 44.01
C LEU D 293 34.82 54.96 43.11
N LEU D 294 35.26 55.12 41.87
CA LEU D 294 35.22 54.03 40.89
C LEU D 294 36.64 53.51 40.68
N ALA D 295 36.81 52.19 40.78
CA ALA D 295 38.13 51.61 40.64
C ALA D 295 38.09 50.32 39.86
N GLY D 296 38.95 50.20 38.85
CA GLY D 296 39.04 48.99 38.04
C GLY D 296 40.18 48.11 38.52
N TYR D 297 39.97 46.80 38.45
CA TYR D 297 40.91 45.83 38.99
C TYR D 297 41.40 44.87 37.90
N ASP D 298 42.27 43.96 38.31
CA ASP D 298 42.76 42.90 37.45
C ASP D 298 41.79 41.71 37.36
N ASP D 299 40.75 41.69 38.20
CA ASP D 299 39.73 40.65 38.13
C ASP D 299 38.68 40.93 37.06
N PHE D 300 38.98 41.83 36.12
CA PHE D 300 38.14 42.13 34.96
C PHE D 300 36.88 42.89 35.36
N ASN D 301 36.89 43.51 36.54
CA ASN D 301 35.71 44.19 37.04
C ASN D 301 36.08 45.55 37.62
N CYS D 302 35.07 46.41 37.69
CA CYS D 302 35.19 47.71 38.37
C CYS D 302 34.27 47.71 39.58
N ASN D 303 34.76 48.25 40.69
CA ASN D 303 33.99 48.36 41.91
C ASN D 303 33.66 49.82 42.18
N VAL D 304 32.46 50.05 42.72
CA VAL D 304 32.01 51.38 43.11
C VAL D 304 31.95 51.42 44.62
N TRP D 305 32.64 52.39 45.22
CA TRP D 305 32.79 52.51 46.65
C TRP D 305 32.09 53.76 47.15
N ASP D 306 31.43 53.63 48.31
CA ASP D 306 30.91 54.79 49.02
C ASP D 306 32.10 55.40 49.75
N ALA D 307 32.63 56.48 49.18
CA ALA D 307 33.86 57.10 49.67
C ALA D 307 33.76 57.50 51.13
N LEU D 308 32.59 57.99 51.54
CA LEU D 308 32.44 58.48 52.91
C LEU D 308 32.24 57.35 53.91
N LYS D 309 31.87 56.16 53.45
CA LYS D 309 31.61 55.04 54.34
C LYS D 309 32.47 53.82 54.05
N ALA D 310 33.22 53.81 52.96
CA ALA D 310 34.07 52.67 52.57
C ALA D 310 33.24 51.40 52.45
N ASP D 311 32.08 51.52 51.83
CA ASP D 311 31.18 50.40 51.58
C ASP D 311 30.98 50.23 50.09
N ARG D 312 31.19 49.02 49.59
CA ARG D 312 30.98 48.77 48.16
C ARG D 312 29.50 48.87 47.82
N ALA D 313 29.21 49.55 46.72
CA ALA D 313 27.83 49.83 46.34
C ALA D 313 27.43 49.22 45.00
N GLY D 314 28.38 48.70 44.22
CA GLY D 314 28.02 48.10 42.94
C GLY D 314 29.26 47.65 42.20
N VAL D 315 29.02 46.85 41.16
CA VAL D 315 30.08 46.29 40.34
C VAL D 315 29.73 46.48 38.86
N LEU D 316 30.71 46.95 38.08
CA LEU D 316 30.62 46.98 36.63
C LEU D 316 31.40 45.78 36.12
N ALA D 317 30.69 44.80 35.58
CA ALA D 317 31.27 43.55 35.12
C ALA D 317 30.84 43.26 33.70
N GLY D 318 31.58 43.77 32.73
CA GLY D 318 31.27 43.52 31.34
C GLY D 318 32.46 43.14 30.49
N HIS D 319 33.66 43.33 31.02
CA HIS D 319 34.87 43.02 30.24
C HIS D 319 35.34 41.60 30.53
N ASP D 320 36.15 41.07 29.62
CA ASP D 320 36.72 39.74 29.74
C ASP D 320 38.23 39.77 29.84
N ASN D 321 38.81 40.91 30.20
CA ASN D 321 40.24 41.00 30.45
C ASN D 321 40.48 42.21 31.36
N ARG D 322 41.76 42.48 31.62
CA ARG D 322 42.15 43.48 32.60
C ARG D 322 41.58 44.85 32.26
N VAL D 323 41.00 45.51 33.25
CA VAL D 323 40.44 46.86 33.09
C VAL D 323 41.60 47.83 33.18
N SER D 324 42.04 48.36 32.04
CA SER D 324 43.28 49.12 32.01
C SER D 324 43.04 50.60 32.29
N CYS D 325 41.95 51.18 31.78
CA CYS D 325 41.74 52.60 31.92
C CYS D 325 40.29 52.89 32.29
N LEU D 326 40.10 54.02 32.99
CA LEU D 326 38.79 54.42 33.48
C LEU D 326 38.71 55.94 33.48
N GLY D 327 37.52 56.46 33.20
CA GLY D 327 37.32 57.90 33.18
C GLY D 327 35.87 58.26 33.43
N VAL D 328 35.66 59.47 33.94
CA VAL D 328 34.34 60.01 34.21
C VAL D 328 34.23 61.36 33.52
N THR D 329 33.08 61.61 32.89
CA THR D 329 32.91 62.84 32.12
C THR D 329 32.93 64.05 33.05
N ASP D 330 33.17 65.23 32.44
CA ASP D 330 33.23 66.46 33.21
C ASP D 330 31.86 66.88 33.74
N ASP D 331 30.78 66.44 33.10
CA ASP D 331 29.45 66.66 33.64
C ASP D 331 28.96 65.50 34.50
N GLY D 332 29.80 64.50 34.72
CA GLY D 332 29.43 63.37 35.54
C GLY D 332 28.28 62.56 35.01
N MET D 333 28.16 62.43 33.68
CA MET D 333 27.00 61.78 33.09
C MET D 333 27.27 60.35 32.65
N ALA D 334 28.54 59.98 32.47
CA ALA D 334 28.86 58.64 31.99
C ALA D 334 30.23 58.24 32.51
N VAL D 335 30.51 56.94 32.48
CA VAL D 335 31.80 56.39 32.86
C VAL D 335 32.31 55.54 31.70
N ALA D 336 33.55 55.78 31.29
CA ALA D 336 34.16 55.00 30.24
C ALA D 336 35.23 54.09 30.82
N THR D 337 35.16 52.80 30.48
CA THR D 337 36.14 51.81 30.93
C THR D 337 36.70 51.11 29.72
N GLY D 338 38.03 51.11 29.59
CA GLY D 338 38.71 50.43 28.50
C GLY D 338 39.57 49.31 29.05
N SER D 339 39.54 48.17 28.37
CA SER D 339 40.16 46.96 28.90
C SER D 339 41.14 46.38 27.89
N TRP D 340 41.91 45.39 28.36
CA TRP D 340 42.87 44.67 27.52
C TRP D 340 42.20 43.77 26.51
N ASP D 341 40.88 43.55 26.59
CA ASP D 341 40.18 42.77 25.58
C ASP D 341 39.87 43.59 24.34
N SER D 342 40.53 44.74 24.17
CA SER D 342 40.41 45.60 22.99
C SER D 342 39.06 46.27 22.90
N PHE D 343 38.36 46.40 24.03
CA PHE D 343 37.03 47.01 24.03
C PHE D 343 36.97 48.15 25.05
N LEU D 344 36.17 49.14 24.70
CA LEU D 344 35.90 50.30 25.54
C LEU D 344 34.39 50.44 25.66
N LYS D 345 33.90 50.58 26.89
CA LYS D 345 32.48 50.59 27.18
C LYS D 345 32.09 51.87 27.91
N ILE D 346 30.87 52.34 27.66
CA ILE D 346 30.29 53.49 28.35
C ILE D 346 29.18 52.97 29.24
N TRP D 347 29.21 53.37 30.51
CA TRP D 347 28.27 52.93 31.52
C TRP D 347 27.52 54.13 32.06
N ASN D 348 26.22 53.96 32.26
CA ASN D 348 25.39 55.03 32.81
C ASN D 348 24.25 54.45 33.64
N SER E 8 74.16 58.07 48.79
CA SER E 8 75.44 58.70 49.09
C SER E 8 75.25 59.91 50.02
N ILE E 9 76.26 60.77 50.06
CA ILE E 9 76.18 61.95 50.91
C ILE E 9 75.11 62.90 50.42
N ALA E 10 75.11 63.18 49.10
CA ALA E 10 74.15 64.13 48.54
C ALA E 10 72.73 63.64 48.71
N GLN E 11 72.48 62.35 48.47
CA GLN E 11 71.13 61.81 48.59
C GLN E 11 70.60 61.96 50.01
N ALA E 12 71.44 61.61 51.00
CA ALA E 12 71.01 61.73 52.39
C ALA E 12 70.79 63.19 52.78
N ARG E 13 71.66 64.09 52.30
CA ARG E 13 71.50 65.50 52.63
C ARG E 13 70.19 66.04 52.04
N LYS E 14 69.88 65.67 50.80
CA LYS E 14 68.63 66.11 50.20
C LYS E 14 67.43 65.51 50.91
N LEU E 15 67.52 64.26 51.34
CA LEU E 15 66.42 63.64 52.07
C LEU E 15 66.17 64.37 53.39
N VAL E 16 67.25 64.70 54.12
CA VAL E 16 67.09 65.43 55.37
C VAL E 16 66.51 66.81 55.13
N GLU E 17 66.98 67.51 54.09
CA GLU E 17 66.46 68.83 53.79
C GLU E 17 64.98 68.78 53.44
N GLN E 18 64.58 67.79 52.65
CA GLN E 18 63.17 67.66 52.28
C GLN E 18 62.32 67.33 53.50
N LEU E 19 62.83 66.49 54.40
CA LEU E 19 62.10 66.20 55.63
C LEU E 19 61.93 67.45 56.48
N LYS E 20 62.97 68.27 56.58
CA LYS E 20 62.87 69.52 57.31
C LYS E 20 61.85 70.45 56.67
N MET E 21 61.85 70.52 55.34
CA MET E 21 60.89 71.37 54.65
C MET E 21 59.46 70.90 54.88
N GLU E 22 59.24 69.59 54.85
CA GLU E 22 57.91 69.05 55.12
C GLU E 22 57.51 69.24 56.58
N ALA E 23 58.50 69.38 57.46
CA ALA E 23 58.20 69.55 58.89
C ALA E 23 57.57 70.91 59.18
N ASN E 24 57.73 71.87 58.27
CA ASN E 24 57.33 73.25 58.55
C ASN E 24 55.85 73.51 58.30
N ILE E 25 55.14 72.59 57.67
CA ILE E 25 53.75 72.82 57.33
C ILE E 25 52.88 72.69 58.58
N ASP E 26 51.78 73.42 58.60
CA ASP E 26 50.87 73.43 59.73
C ASP E 26 49.68 72.52 59.43
N ARG E 27 49.47 71.52 60.29
CA ARG E 27 48.43 70.53 60.08
C ARG E 27 47.16 70.96 60.81
N ILE E 28 46.03 70.47 60.31
CA ILE E 28 44.72 70.75 60.89
C ILE E 28 44.10 69.43 61.32
N LYS E 29 43.17 69.51 62.26
CA LYS E 29 42.58 68.32 62.84
C LYS E 29 41.76 67.55 61.82
N VAL E 30 41.72 66.23 61.97
CA VAL E 30 41.04 65.36 61.02
C VAL E 30 39.55 65.62 61.03
N SER E 31 38.99 66.01 62.16
CA SER E 31 37.55 66.24 62.26
C SER E 31 37.11 67.34 61.30
N LYS E 32 37.85 68.44 61.25
CA LYS E 32 37.48 69.56 60.38
C LYS E 32 37.56 69.16 58.91
N ALA E 33 38.62 68.44 58.53
CA ALA E 33 38.76 68.02 57.14
C ALA E 33 37.66 67.05 56.74
N ALA E 34 37.36 66.08 57.61
CA ALA E 34 36.29 65.14 57.35
C ALA E 34 34.96 65.86 57.22
N ALA E 35 34.72 66.85 58.07
CA ALA E 35 33.50 67.64 57.99
C ALA E 35 33.42 68.40 56.68
N ASP E 36 34.55 68.91 56.19
CA ASP E 36 34.55 69.64 54.93
C ASP E 36 34.23 68.72 53.76
N LEU E 37 34.86 67.55 53.71
CA LEU E 37 34.52 66.59 52.64
C LEU E 37 33.06 66.17 52.70
N MET E 38 32.57 65.89 53.91
CA MET E 38 31.16 65.51 54.06
C MET E 38 30.24 66.63 53.59
N ALA E 39 30.58 67.88 53.94
CA ALA E 39 29.76 69.02 53.53
C ALA E 39 29.75 69.18 52.02
N TYR E 40 30.90 68.98 51.38
CA TYR E 40 30.95 69.08 49.92
C TYR E 40 30.08 68.00 49.27
N CYS E 41 30.18 66.77 49.76
CA CYS E 41 29.38 65.69 49.18
C CYS E 41 27.89 65.93 49.40
N GLU E 42 27.51 66.46 50.57
CA GLU E 42 26.11 66.79 50.80
C GLU E 42 25.64 67.91 49.88
N ALA E 43 26.48 68.94 49.72
CA ALA E 43 26.10 70.09 48.92
C ALA E 43 25.88 69.72 47.46
N HIS E 44 26.77 68.89 46.91
CA HIS E 44 26.66 68.54 45.49
C HIS E 44 25.94 67.22 45.27
N ALA E 45 25.04 66.81 46.16
CA ALA E 45 24.39 65.52 46.05
C ALA E 45 23.29 65.53 44.99
N LYS E 46 22.97 66.70 44.46
CA LYS E 46 21.94 66.80 43.43
C LYS E 46 22.48 66.96 42.01
N GLU E 47 23.74 67.32 41.84
CA GLU E 47 24.33 67.47 40.52
C GLU E 47 25.16 66.26 40.10
N ASP E 48 24.94 65.10 40.72
CA ASP E 48 25.67 63.88 40.39
C ASP E 48 24.72 62.90 39.72
N PRO E 49 24.70 62.82 38.39
CA PRO E 49 23.84 61.82 37.73
C PRO E 49 24.16 60.39 38.13
N LEU E 50 25.43 60.08 38.40
CA LEU E 50 25.78 58.72 38.79
C LEU E 50 25.28 58.40 40.19
N LEU E 51 25.03 59.41 41.01
CA LEU E 51 24.48 59.20 42.34
C LEU E 51 22.96 59.27 42.36
N THR E 52 22.36 60.16 41.58
CA THR E 52 20.92 60.26 41.42
C THR E 52 20.60 60.03 39.96
N PRO E 53 20.01 58.90 39.60
CA PRO E 53 19.71 58.61 38.20
C PRO E 53 18.85 59.69 37.55
N VAL E 54 19.15 60.01 36.30
CA VAL E 54 18.51 61.12 35.59
C VAL E 54 17.44 60.55 34.68
N PRO E 55 16.32 61.26 34.47
CA PRO E 55 15.29 60.77 33.56
C PRO E 55 15.84 60.50 32.17
N ALA E 56 15.27 59.49 31.51
CA ALA E 56 15.83 58.99 30.25
C ALA E 56 15.84 60.08 29.18
N SER E 57 14.78 60.89 29.12
CA SER E 57 14.71 61.93 28.11
C SER E 57 15.87 62.92 28.22
N GLU E 58 16.44 63.08 29.42
CA GLU E 58 17.57 63.98 29.62
C GLU E 58 18.92 63.29 29.39
N ASN E 59 18.97 61.97 29.54
CA ASN E 59 20.21 61.23 29.40
C ASN E 59 20.65 61.21 27.94
N PRO E 60 21.87 61.67 27.62
CA PRO E 60 22.32 61.63 26.22
C PRO E 60 22.66 60.25 25.71
N PHE E 61 22.84 59.27 26.58
CA PHE E 61 23.14 57.90 26.19
C PHE E 61 21.95 56.97 26.37
N ARG E 62 20.73 57.52 26.38
CA ARG E 62 19.54 56.70 26.65
C ARG E 62 19.34 55.65 25.57
N GLU E 63 19.48 56.03 24.31
CA GLU E 63 19.14 55.17 23.17
C GLU E 63 17.73 54.63 23.26
N ASP F 39 50.08 76.49 -0.30
CA ASP F 39 48.89 76.29 0.53
C ASP F 39 47.75 75.67 -0.28
N VAL F 40 46.52 75.93 0.15
CA VAL F 40 45.36 75.33 -0.48
C VAL F 40 45.07 76.02 -1.79
N GLN F 41 44.89 75.23 -2.86
CA GLN F 41 44.52 75.75 -4.17
C GLN F 41 43.53 74.79 -4.80
N LEU F 42 42.52 75.36 -5.48
CA LEU F 42 41.45 74.59 -6.12
C LEU F 42 41.21 75.14 -7.53
N VAL F 43 42.29 75.26 -8.32
CA VAL F 43 42.21 76.00 -9.56
C VAL F 43 41.41 75.24 -10.61
N GLU F 44 40.50 75.94 -11.27
CA GLU F 44 39.54 75.33 -12.20
C GLU F 44 39.85 75.76 -13.63
N SER F 45 39.62 74.85 -14.57
CA SER F 45 39.83 75.10 -15.99
C SER F 45 38.76 74.37 -16.79
N GLY F 46 38.71 74.68 -18.09
CA GLY F 46 37.78 74.04 -18.99
C GLY F 46 36.67 74.93 -19.52
N GLY F 47 36.65 76.21 -19.16
CA GLY F 47 35.60 77.09 -19.65
C GLY F 47 35.85 77.57 -21.07
N GLY F 48 34.84 78.23 -21.61
CA GLY F 48 34.91 78.74 -22.97
C GLY F 48 33.52 78.91 -23.54
N LEU F 49 33.47 79.26 -24.82
CA LEU F 49 32.21 79.40 -25.51
C LEU F 49 31.88 78.11 -26.28
N VAL F 50 30.64 77.65 -26.16
CA VAL F 50 30.19 76.42 -26.77
C VAL F 50 28.86 76.67 -27.48
N GLN F 51 28.59 75.86 -28.51
CA GLN F 51 27.30 75.92 -29.18
C GLN F 51 26.26 75.11 -28.40
N PRO F 52 24.99 75.44 -28.54
CA PRO F 52 23.95 74.72 -27.79
C PRO F 52 23.89 73.24 -28.16
N GLY F 53 23.44 72.44 -27.20
CA GLY F 53 23.38 71.00 -27.39
C GLY F 53 24.73 70.34 -27.55
N GLY F 54 25.74 70.87 -26.89
CA GLY F 54 27.09 70.33 -27.00
C GLY F 54 27.59 69.72 -25.69
N SER F 55 28.89 69.43 -25.65
CA SER F 55 29.49 68.80 -24.48
C SER F 55 30.73 69.59 -24.07
N ARG F 56 31.05 69.53 -22.78
CA ARG F 56 32.22 70.23 -22.27
C ARG F 56 32.62 69.59 -20.94
N LYS F 57 33.93 69.55 -20.71
CA LYS F 57 34.50 68.96 -19.50
C LYS F 57 35.19 70.04 -18.69
N LEU F 58 34.81 70.17 -17.43
CA LEU F 58 35.40 71.12 -16.51
C LEU F 58 36.24 70.39 -15.48
N SER F 59 37.46 70.88 -15.26
CA SER F 59 38.42 70.24 -14.37
C SER F 59 38.72 71.16 -13.19
N CYS F 60 38.97 70.55 -12.05
CA CYS F 60 39.31 71.25 -10.81
C CYS F 60 40.53 70.55 -10.22
N SER F 61 41.69 71.19 -10.31
CA SER F 61 42.94 70.62 -9.80
C SER F 61 43.25 71.25 -8.45
N ALA F 62 43.43 70.39 -7.45
CA ALA F 62 43.61 70.81 -6.07
C ALA F 62 45.02 70.50 -5.59
N SER F 63 45.48 71.30 -4.64
CA SER F 63 46.83 71.13 -4.09
C SER F 63 46.89 71.73 -2.69
N GLY F 64 47.81 71.22 -1.88
CA GLY F 64 48.03 71.75 -0.56
C GLY F 64 47.12 71.22 0.53
N PHE F 65 46.30 70.22 0.23
CA PHE F 65 45.43 69.65 1.24
C PHE F 65 45.06 68.22 0.83
N ALA F 66 44.53 67.47 1.80
CA ALA F 66 44.17 66.07 1.60
C ALA F 66 42.88 66.02 0.79
N PHE F 67 43.03 65.89 -0.52
CA PHE F 67 41.88 65.91 -1.42
C PHE F 67 40.98 64.70 -1.21
N SER F 68 41.58 63.57 -0.80
CA SER F 68 40.81 62.33 -0.70
C SER F 68 39.80 62.37 0.44
N SER F 69 40.13 63.08 1.51
CA SER F 69 39.27 63.14 2.68
C SER F 69 38.18 64.19 2.59
N PHE F 70 38.14 64.97 1.52
CA PHE F 70 37.20 66.07 1.36
C PHE F 70 36.15 65.71 0.31
N GLY F 71 34.89 65.97 0.63
CA GLY F 71 33.85 65.94 -0.38
C GLY F 71 33.89 67.20 -1.22
N MET F 72 33.38 67.10 -2.45
CA MET F 72 33.48 68.18 -3.41
C MET F 72 32.12 68.56 -3.96
N HIS F 73 31.93 69.85 -4.17
CA HIS F 73 30.70 70.40 -4.74
C HIS F 73 31.04 71.26 -5.95
N TRP F 74 30.09 71.33 -6.87
CA TRP F 74 30.12 72.31 -7.95
C TRP F 74 29.00 73.31 -7.71
N VAL F 75 29.31 74.59 -7.77
CA VAL F 75 28.32 75.64 -7.57
C VAL F 75 28.47 76.68 -8.67
N ARG F 76 27.40 76.98 -9.39
CA ARG F 76 27.46 77.90 -10.51
C ARG F 76 26.72 79.18 -10.17
N GLN F 77 27.27 80.30 -10.61
CA GLN F 77 26.70 81.63 -10.40
C GLN F 77 26.33 82.19 -11.78
N ALA F 78 25.04 82.42 -12.00
CA ALA F 78 24.58 82.99 -13.24
C ALA F 78 25.01 84.46 -13.33
N PRO F 79 25.18 85.00 -14.55
CA PRO F 79 25.63 86.39 -14.68
C PRO F 79 24.67 87.38 -14.07
N GLU F 80 25.13 88.07 -13.02
CA GLU F 80 24.32 89.07 -12.30
C GLU F 80 23.11 88.42 -11.62
N LYS F 81 23.23 87.14 -11.27
CA LYS F 81 22.26 86.46 -10.42
C LYS F 81 23.01 85.82 -9.25
N GLY F 82 22.27 85.03 -8.47
CA GLY F 82 22.81 84.42 -7.27
C GLY F 82 23.55 83.14 -7.54
N LEU F 83 23.82 82.41 -6.46
CA LEU F 83 24.58 81.18 -6.49
C LEU F 83 23.64 79.98 -6.56
N GLU F 84 24.02 78.98 -7.35
CA GLU F 84 23.20 77.80 -7.55
C GLU F 84 24.05 76.54 -7.40
N TRP F 85 23.52 75.56 -6.70
CA TRP F 85 24.21 74.30 -6.46
C TRP F 85 24.01 73.36 -7.64
N VAL F 86 25.06 72.60 -7.98
CA VAL F 86 25.08 71.76 -9.17
C VAL F 86 25.19 70.28 -8.83
N ALA F 87 26.25 69.88 -8.15
CA ALA F 87 26.47 68.46 -7.89
C ALA F 87 27.39 68.29 -6.69
N TYR F 88 27.33 67.10 -6.11
CA TYR F 88 28.13 66.74 -4.93
C TYR F 88 28.66 65.33 -5.09
N ILE F 89 29.98 65.20 -4.94
CA ILE F 89 30.69 63.92 -4.93
C ILE F 89 31.27 63.74 -3.53
N SER F 90 31.10 62.56 -2.95
CA SER F 90 31.58 62.36 -1.59
C SER F 90 32.98 61.75 -1.61
N SER F 91 33.63 61.81 -0.44
CA SER F 91 34.94 61.20 -0.31
C SER F 91 34.82 59.69 -0.44
N GLY F 92 35.59 59.11 -1.35
CA GLY F 92 35.45 57.72 -1.73
C GLY F 92 34.42 57.46 -2.80
N SER F 93 33.77 58.51 -3.31
CA SER F 93 32.82 58.42 -4.41
C SER F 93 31.60 57.57 -4.06
N GLY F 94 31.34 57.36 -2.77
CA GLY F 94 30.24 56.49 -2.38
C GLY F 94 28.88 57.10 -2.62
N THR F 95 28.77 58.42 -2.58
CA THR F 95 27.49 59.11 -2.74
C THR F 95 27.63 60.19 -3.79
N ILE F 96 26.62 60.31 -4.65
CA ILE F 96 26.60 61.31 -5.71
C ILE F 96 25.22 61.95 -5.72
N TYR F 97 25.17 63.28 -5.67
CA TYR F 97 23.93 64.02 -5.78
C TYR F 97 23.99 65.03 -6.92
N TYR F 98 22.89 65.16 -7.65
CA TYR F 98 22.80 66.13 -8.75
C TYR F 98 21.61 67.04 -8.52
N ALA F 99 21.70 68.26 -9.05
CA ALA F 99 20.55 69.14 -9.08
C ALA F 99 19.57 68.67 -10.15
N ASP F 100 18.28 68.97 -9.92
CA ASP F 100 17.25 68.54 -10.87
C ASP F 100 17.43 69.20 -12.23
N THR F 101 17.96 70.42 -12.24
CA THR F 101 18.12 71.14 -13.50
C THR F 101 19.26 70.56 -14.35
N VAL F 102 20.13 69.75 -13.78
CA VAL F 102 21.29 69.22 -14.47
C VAL F 102 21.34 67.70 -14.49
N LYS F 103 20.29 67.03 -14.00
CA LYS F 103 20.30 65.57 -13.99
C LYS F 103 20.26 65.01 -15.40
N GLY F 104 20.91 63.87 -15.58
CA GLY F 104 20.92 63.20 -16.87
C GLY F 104 21.94 63.77 -17.84
N ARG F 105 22.10 65.09 -17.83
CA ARG F 105 23.03 65.76 -18.72
C ARG F 105 24.42 65.94 -18.13
N PHE F 106 24.51 66.12 -16.81
CA PHE F 106 25.78 66.36 -16.14
C PHE F 106 26.21 65.10 -15.39
N THR F 107 27.52 64.99 -15.16
CA THR F 107 28.05 63.93 -14.33
C THR F 107 29.33 64.39 -13.65
N ILE F 108 29.50 63.98 -12.39
CA ILE F 108 30.64 64.37 -11.58
C ILE F 108 31.51 63.15 -11.32
N SER F 109 32.82 63.38 -11.28
CA SER F 109 33.75 62.30 -10.99
C SER F 109 35.00 62.88 -10.36
N ARG F 110 35.79 62.02 -9.72
CA ARG F 110 37.03 62.46 -9.11
C ARG F 110 38.11 61.40 -9.33
N ASP F 111 39.36 61.87 -9.33
CA ASP F 111 40.54 61.02 -9.46
C ASP F 111 41.45 61.33 -8.27
N ASP F 112 41.24 60.60 -7.16
CA ASP F 112 41.98 60.84 -5.93
C ASP F 112 43.50 60.75 -6.08
N PRO F 113 44.08 59.79 -6.81
CA PRO F 113 45.53 59.80 -6.99
C PRO F 113 46.06 61.07 -7.64
N LYS F 114 45.31 61.68 -8.56
CA LYS F 114 45.78 62.84 -9.29
C LYS F 114 45.19 64.15 -8.76
N ASN F 115 44.38 64.10 -7.70
CA ASN F 115 43.80 65.28 -7.08
C ASN F 115 43.10 66.17 -8.11
N THR F 116 42.06 65.60 -8.73
CA THR F 116 41.35 66.32 -9.78
C THR F 116 39.88 65.92 -9.78
N LEU F 117 39.03 66.92 -9.97
CA LEU F 117 37.58 66.78 -10.02
C LEU F 117 37.10 67.10 -11.43
N PHE F 118 36.10 66.35 -11.90
CA PHE F 118 35.62 66.49 -13.27
C PHE F 118 34.11 66.67 -13.26
N LEU F 119 33.65 67.59 -14.11
CA LEU F 119 32.23 67.80 -14.41
C LEU F 119 32.04 67.66 -15.92
N GLN F 120 31.62 66.47 -16.34
CA GLN F 120 31.32 66.25 -17.76
C GLN F 120 29.88 66.68 -18.04
N MET F 121 29.68 67.44 -19.11
CA MET F 121 28.41 68.09 -19.38
C MET F 121 28.00 67.85 -20.83
N THR F 122 26.73 67.49 -21.02
CA THR F 122 26.18 67.21 -22.35
C THR F 122 24.86 67.96 -22.50
N SER F 123 24.48 68.17 -23.76
CA SER F 123 23.23 68.83 -24.11
C SER F 123 23.14 70.22 -23.47
N LEU F 124 24.20 71.01 -23.65
CA LEU F 124 24.28 72.32 -23.02
C LEU F 124 23.20 73.25 -23.54
N ARG F 125 22.63 74.06 -22.65
CA ARG F 125 21.58 75.00 -22.98
C ARG F 125 22.04 76.41 -22.64
N SER F 126 21.26 77.39 -23.10
CA SER F 126 21.58 78.78 -22.80
C SER F 126 21.50 79.07 -21.30
N GLU F 127 20.68 78.31 -20.58
CA GLU F 127 20.52 78.49 -19.14
C GLU F 127 21.75 78.06 -18.35
N ASP F 128 22.67 77.31 -18.95
CA ASP F 128 23.86 76.85 -18.26
C ASP F 128 24.97 77.89 -18.22
N THR F 129 24.81 79.02 -18.91
CA THR F 129 25.81 80.07 -18.91
C THR F 129 26.00 80.63 -17.50
N ALA F 130 27.15 80.33 -16.91
CA ALA F 130 27.41 80.70 -15.52
C ALA F 130 28.89 80.51 -15.24
N MET F 131 29.31 80.98 -14.06
CA MET F 131 30.68 80.76 -13.59
C MET F 131 30.67 79.63 -12.56
N TYR F 132 31.55 78.65 -12.76
CA TYR F 132 31.51 77.40 -12.02
C TYR F 132 32.62 77.37 -10.98
N TYR F 133 32.24 77.48 -9.71
CA TYR F 133 33.15 77.35 -8.58
C TYR F 133 33.19 75.89 -8.11
N CYS F 134 34.36 75.53 -7.57
CA CYS F 134 34.66 74.18 -7.10
C CYS F 134 34.92 74.27 -5.61
N VAL F 135 34.07 73.62 -4.80
CA VAL F 135 34.04 73.83 -3.36
C VAL F 135 34.42 72.54 -2.65
N ARG F 136 35.15 72.68 -1.55
CA ARG F 136 35.54 71.56 -0.70
C ARG F 136 34.75 71.60 0.60
N SER F 137 34.44 70.42 1.13
CA SER F 137 33.62 70.32 2.34
C SER F 137 33.89 69.01 3.03
N ILE F 138 34.24 69.05 4.31
CA ILE F 138 34.53 67.87 5.11
C ILE F 138 33.48 67.76 6.21
N TYR F 139 33.02 66.54 6.47
CA TYR F 139 31.89 66.31 7.37
C TYR F 139 32.31 65.36 8.49
N TYR F 140 32.42 65.90 9.69
CA TYR F 140 32.55 65.12 10.91
C TYR F 140 32.17 66.04 12.07
N TYR F 141 31.98 65.45 13.24
CA TYR F 141 31.49 66.21 14.40
C TYR F 141 32.39 67.40 14.69
N GLY F 142 31.83 68.61 14.55
CA GLY F 142 32.58 69.82 14.80
C GLY F 142 33.54 70.17 13.67
N SER F 143 32.99 70.46 12.49
CA SER F 143 33.80 70.80 11.33
C SER F 143 33.14 71.96 10.60
N SER F 144 33.86 72.53 9.64
CA SER F 144 33.40 73.66 8.86
C SER F 144 33.31 73.28 7.39
N PRO F 145 32.16 72.83 6.91
CA PRO F 145 32.00 72.59 5.48
C PRO F 145 31.93 73.88 4.68
N PHE F 146 32.17 73.75 3.37
CA PHE F 146 32.12 74.88 2.44
C PHE F 146 33.12 75.96 2.78
N ASP F 147 34.25 75.60 3.38
CA ASP F 147 35.18 76.59 3.89
C ASP F 147 35.96 77.27 2.77
N PHE F 148 36.43 76.51 1.78
CA PHE F 148 37.29 77.04 0.74
C PHE F 148 36.63 76.86 -0.62
N TRP F 149 36.57 77.95 -1.40
CA TRP F 149 36.01 77.95 -2.74
C TRP F 149 37.11 78.22 -3.76
N GLY F 150 37.02 77.58 -4.91
CA GLY F 150 37.96 77.82 -5.98
C GLY F 150 37.69 79.14 -6.68
N GLN F 151 38.60 79.48 -7.59
CA GLN F 151 38.51 80.75 -8.31
C GLN F 151 37.29 80.76 -9.24
N GLY F 152 37.12 79.70 -10.02
CA GLY F 152 35.99 79.60 -10.92
C GLY F 152 36.39 79.58 -12.38
N THR F 153 35.43 79.34 -13.26
CA THR F 153 35.67 79.35 -14.69
C THR F 153 34.38 79.76 -15.40
N THR F 154 34.53 80.50 -16.49
CA THR F 154 33.39 81.07 -17.20
C THR F 154 33.05 80.21 -18.40
N LEU F 155 31.82 79.71 -18.43
CA LEU F 155 31.30 78.95 -19.56
C LEU F 155 30.16 79.74 -20.19
N THR F 156 30.21 79.91 -21.50
CA THR F 156 29.23 80.67 -22.25
C THR F 156 28.59 79.76 -23.31
N VAL F 157 27.27 79.88 -23.45
CA VAL F 157 26.52 79.16 -24.48
C VAL F 157 25.90 80.19 -25.41
N SER F 158 26.14 80.05 -26.70
CA SER F 158 25.59 80.99 -27.66
C SER F 158 24.07 80.87 -27.74
N SER F 159 23.43 81.97 -28.10
CA SER F 159 21.97 82.00 -28.22
C SER F 159 21.50 81.19 -29.43
N GLY F 173 8.68 72.36 -4.89
CA GLY F 173 8.30 70.98 -4.64
C GLY F 173 9.26 70.27 -3.71
N SER F 174 8.93 70.28 -2.41
CA SER F 174 9.75 69.64 -1.38
C SER F 174 11.17 70.20 -1.34
N ASP F 175 11.34 71.45 -1.76
CA ASP F 175 12.62 72.14 -1.72
C ASP F 175 12.51 73.33 -0.79
N ILE F 176 13.45 73.45 0.15
CA ILE F 176 13.44 74.56 1.09
C ILE F 176 13.78 75.85 0.35
N VAL F 177 13.01 76.89 0.61
CA VAL F 177 13.14 78.16 -0.08
C VAL F 177 13.72 79.18 0.88
N MET F 178 14.85 79.76 0.52
CA MET F 178 15.51 80.79 1.31
C MET F 178 15.12 82.16 0.77
N THR F 179 14.76 83.09 1.66
CA THR F 179 14.29 84.42 1.27
C THR F 179 15.08 85.46 2.05
N GLN F 180 15.91 86.23 1.35
CA GLN F 180 16.56 87.38 1.95
C GLN F 180 15.74 88.63 1.65
N ALA F 181 15.31 89.34 2.70
CA ALA F 181 14.36 90.43 2.54
C ALA F 181 14.95 91.57 1.73
N THR F 182 16.16 92.00 2.07
CA THR F 182 16.76 93.17 1.45
C THR F 182 17.74 92.75 0.36
N SER F 183 17.61 93.38 -0.80
CA SER F 183 18.55 93.16 -1.91
C SER F 183 19.68 94.17 -1.93
N SER F 184 19.56 95.25 -1.15
CA SER F 184 20.60 96.26 -1.07
C SER F 184 20.46 96.99 0.26
N VAL F 185 21.59 97.37 0.84
CA VAL F 185 21.61 98.08 2.11
C VAL F 185 22.62 99.22 2.07
N PRO F 186 22.18 100.47 2.20
CA PRO F 186 23.14 101.58 2.31
C PRO F 186 23.55 101.82 3.75
N VAL F 187 24.86 101.94 3.96
CA VAL F 187 25.43 102.06 5.31
C VAL F 187 26.84 102.63 5.21
N THR F 188 27.26 103.36 6.25
CA THR F 188 28.57 104.00 6.28
C THR F 188 29.52 103.23 7.20
N PRO F 189 30.82 103.27 6.93
CA PRO F 189 31.77 102.55 7.79
C PRO F 189 31.70 103.01 9.23
N GLY F 190 31.91 102.07 10.15
CA GLY F 190 31.86 102.35 11.57
C GLY F 190 30.54 102.05 12.25
N GLU F 191 29.49 101.79 11.49
CA GLU F 191 28.19 101.48 12.06
C GLU F 191 28.02 99.97 12.22
N SER F 192 26.81 99.54 12.55
CA SER F 192 26.48 98.12 12.65
C SER F 192 25.27 97.84 11.79
N VAL F 193 25.30 96.74 11.05
CA VAL F 193 24.27 96.40 10.09
C VAL F 193 23.85 94.95 10.30
N SER F 194 22.60 94.66 9.95
CA SER F 194 22.04 93.32 10.11
C SER F 194 21.40 92.87 8.81
N ILE F 195 21.60 91.60 8.48
CA ILE F 195 21.03 90.96 7.31
C ILE F 195 20.09 89.85 7.77
N SER F 196 18.89 89.81 7.20
CA SER F 196 17.86 88.87 7.62
C SER F 196 17.63 87.83 6.53
N CYS F 197 17.54 86.57 6.94
CA CYS F 197 17.28 85.45 6.04
C CYS F 197 16.17 84.60 6.62
N ARG F 198 15.15 84.30 5.82
CA ARG F 198 14.00 83.51 6.25
C ARG F 198 13.99 82.16 5.53
N SER F 199 13.53 81.14 6.24
CA SER F 199 13.51 79.78 5.73
C SER F 199 12.07 79.30 5.60
N SER F 200 11.79 78.57 4.52
CA SER F 200 10.46 78.02 4.30
C SER F 200 10.12 76.95 5.33
N LYS F 201 11.12 76.26 5.84
CA LYS F 201 10.92 75.17 6.80
C LYS F 201 11.93 75.31 7.92
N SER F 202 11.56 74.83 9.10
CA SER F 202 12.44 74.93 10.26
C SER F 202 13.73 74.17 10.02
N LEU F 203 14.86 74.87 10.15
CA LEU F 203 16.18 74.28 9.98
C LEU F 203 16.72 73.64 11.25
N LEU F 204 16.01 73.75 12.36
CA LEU F 204 16.46 73.19 13.63
C LEU F 204 16.16 71.71 13.64
N HIS F 205 17.20 70.88 13.58
CA HIS F 205 17.05 69.44 13.52
C HIS F 205 17.00 68.86 14.93
N SER F 206 16.50 67.62 15.02
CA SER F 206 16.33 66.98 16.32
C SER F 206 17.65 66.80 17.06
N ASN F 207 18.77 66.76 16.34
CA ASN F 207 20.07 66.68 17.01
C ASN F 207 20.42 68.00 17.69
N GLY F 208 19.74 69.08 17.34
CA GLY F 208 19.98 70.38 17.93
C GLY F 208 20.84 71.32 17.10
N ASN F 209 21.08 71.01 15.83
CA ASN F 209 21.93 71.82 14.97
C ASN F 209 21.05 72.53 13.94
N THR F 210 21.18 73.85 13.89
CA THR F 210 20.47 74.65 12.88
C THR F 210 21.39 74.89 11.71
N TYR F 211 21.14 74.19 10.59
CA TYR F 211 22.05 74.17 9.46
C TYR F 211 21.82 75.40 8.59
N LEU F 212 22.45 76.51 8.99
CA LEU F 212 22.48 77.73 8.19
C LEU F 212 23.91 78.18 8.01
N TYR F 213 24.26 78.61 6.81
CA TYR F 213 25.60 79.06 6.47
C TYR F 213 25.52 80.46 5.87
N TRP F 214 26.48 81.31 6.25
CA TRP F 214 26.60 82.67 5.76
C TRP F 214 27.92 82.80 5.01
N PHE F 215 27.82 83.23 3.75
CA PHE F 215 28.98 83.47 2.90
C PHE F 215 29.01 84.94 2.47
N LEU F 216 30.22 85.41 2.15
CA LEU F 216 30.46 86.75 1.62
C LEU F 216 31.21 86.66 0.31
N GLN F 217 30.70 87.33 -0.73
CA GLN F 217 31.38 87.43 -2.02
C GLN F 217 31.77 88.88 -2.24
N ARG F 218 33.05 89.18 -2.03
CA ARG F 218 33.57 90.49 -2.35
C ARG F 218 33.60 90.67 -3.87
N PRO F 219 33.55 91.92 -4.35
CA PRO F 219 33.52 92.15 -5.80
C PRO F 219 34.66 91.51 -6.56
N GLY F 220 34.34 90.79 -7.63
CA GLY F 220 35.35 90.14 -8.45
C GLY F 220 36.15 89.08 -7.72
N GLN F 221 35.49 88.39 -6.77
CA GLN F 221 36.16 87.37 -5.97
C GLN F 221 35.21 86.21 -5.77
N SER F 222 35.76 85.08 -5.34
CA SER F 222 34.97 83.91 -5.01
C SER F 222 34.37 84.08 -3.61
N PRO F 223 33.25 83.41 -3.33
CA PRO F 223 32.63 83.53 -2.01
C PRO F 223 33.53 82.96 -0.92
N GLN F 224 33.39 83.52 0.28
CA GLN F 224 34.16 83.10 1.44
C GLN F 224 33.21 82.82 2.60
N LEU F 225 33.49 81.74 3.33
CA LEU F 225 32.64 81.35 4.44
C LEU F 225 32.82 82.29 5.62
N LEU F 226 31.70 82.78 6.14
CA LEU F 226 31.68 83.60 7.34
C LEU F 226 31.12 82.85 8.54
N ILE F 227 29.94 82.26 8.41
CA ILE F 227 29.29 81.60 9.53
C ILE F 227 28.86 80.21 9.08
N TYR F 228 29.05 79.20 9.95
CA TYR F 228 28.51 77.88 9.69
C TYR F 228 27.67 77.41 10.86
N ARG F 229 26.52 76.83 10.55
CA ARG F 229 25.55 76.34 11.53
C ARG F 229 25.07 77.45 12.46
N MET F 230 24.95 78.66 11.90
CA MET F 230 24.16 79.78 12.42
C MET F 230 24.77 80.45 13.63
N SER F 231 25.78 79.85 14.25
CA SER F 231 26.44 80.46 15.41
C SER F 231 27.95 80.48 15.30
N ASN F 232 28.54 79.44 14.73
CA ASN F 232 29.98 79.29 14.73
C ASN F 232 30.63 80.30 13.79
N LEU F 233 31.81 80.78 14.17
CA LEU F 233 32.57 81.72 13.36
C LEU F 233 33.73 80.97 12.70
N ALA F 234 33.81 81.07 11.38
CA ALA F 234 34.79 80.30 10.63
C ALA F 234 36.21 80.78 10.95
N SER F 235 37.17 79.91 10.70
CA SER F 235 38.57 80.20 10.99
C SER F 235 39.08 81.32 10.08
N GLY F 236 39.79 82.26 10.67
CA GLY F 236 40.31 83.40 9.93
C GLY F 236 39.32 84.51 9.69
N VAL F 237 38.11 84.42 10.21
CA VAL F 237 37.07 85.42 10.00
C VAL F 237 37.09 86.37 11.19
N PRO F 238 36.98 87.68 10.97
CA PRO F 238 37.03 88.64 12.09
C PRO F 238 35.90 88.41 13.09
N ASP F 239 36.19 88.73 14.35
CA ASP F 239 35.25 88.56 15.45
C ASP F 239 34.01 89.43 15.29
N ARG F 240 34.11 90.54 14.53
CA ARG F 240 33.01 91.50 14.47
C ARG F 240 31.73 90.89 13.90
N PHE F 241 31.84 89.83 13.11
CA PHE F 241 30.67 89.15 12.57
C PHE F 241 30.04 88.26 13.63
N SER F 242 28.71 88.27 13.69
CA SER F 242 27.99 87.42 14.61
C SER F 242 26.72 86.91 13.95
N GLY F 243 26.28 85.74 14.38
CA GLY F 243 25.09 85.10 13.83
C GLY F 243 24.09 84.78 14.93
N SER F 244 22.81 84.93 14.62
CA SER F 244 21.73 84.61 15.54
C SER F 244 20.55 84.09 14.74
N GLY F 245 19.64 83.40 15.38
CA GLY F 245 18.47 82.93 14.68
C GLY F 245 17.63 82.00 15.52
N SER F 246 16.44 81.73 15.01
CA SER F 246 15.50 80.84 15.69
C SER F 246 14.62 80.09 14.70
N GLY F 247 15.03 78.88 14.32
CA GLY F 247 14.19 78.01 13.52
C GLY F 247 14.06 78.42 12.07
N THR F 248 13.39 79.54 11.80
CA THR F 248 13.09 79.96 10.44
C THR F 248 13.52 81.39 10.13
N ALA F 249 13.92 82.18 11.11
CA ALA F 249 14.37 83.54 10.88
C ALA F 249 15.76 83.70 11.48
N PHE F 250 16.70 84.20 10.68
CA PHE F 250 18.09 84.32 11.10
C PHE F 250 18.61 85.71 10.76
N THR F 251 19.54 86.19 11.58
CA THR F 251 20.12 87.52 11.44
C THR F 251 21.63 87.42 11.53
N LEU F 252 22.30 88.21 10.69
CA LEU F 252 23.75 88.37 10.70
C LEU F 252 24.07 89.80 11.05
N THR F 253 24.89 89.99 12.09
CA THR F 253 25.20 91.30 12.63
C THR F 253 26.68 91.60 12.41
N ILE F 254 26.96 92.80 11.89
CA ILE F 254 28.32 93.21 11.58
C ILE F 254 28.64 94.51 12.29
N SER F 255 29.26 94.42 13.47
CA SER F 255 29.68 95.62 14.18
C SER F 255 30.93 96.19 13.54
N ARG F 256 31.18 97.48 13.81
CA ARG F 256 32.34 98.22 13.29
C ARG F 256 32.61 97.92 11.81
N LEU F 257 31.62 98.20 10.96
CA LEU F 257 31.74 97.90 9.53
C LEU F 257 32.93 98.65 8.93
N GLU F 258 33.70 97.93 8.10
CA GLU F 258 34.91 98.46 7.49
C GLU F 258 34.84 98.28 5.97
N ALA F 259 35.87 98.80 5.30
CA ALA F 259 35.89 98.79 3.84
C ALA F 259 35.94 97.37 3.29
N GLU F 260 36.71 96.48 3.94
CA GLU F 260 36.86 95.13 3.44
C GLU F 260 35.57 94.33 3.53
N ASP F 261 34.58 94.82 4.27
CA ASP F 261 33.36 94.07 4.53
C ASP F 261 32.23 94.37 3.55
N VAL F 262 32.48 95.16 2.51
CA VAL F 262 31.43 95.51 1.54
C VAL F 262 31.37 94.41 0.48
N GLY F 263 30.17 93.93 0.20
CA GLY F 263 30.00 92.88 -0.78
C GLY F 263 28.58 92.38 -0.79
N VAL F 264 28.42 91.12 -1.21
CA VAL F 264 27.12 90.47 -1.28
C VAL F 264 27.11 89.30 -0.30
N TYR F 265 26.07 89.21 0.50
CA TYR F 265 25.97 88.19 1.54
C TYR F 265 24.94 87.15 1.13
N TYR F 266 25.28 85.88 1.30
CA TYR F 266 24.40 84.77 0.94
C TYR F 266 24.14 83.89 2.15
N CYS F 267 22.90 83.44 2.28
CA CYS F 267 22.49 82.48 3.29
C CYS F 267 22.07 81.18 2.62
N MET F 268 22.56 80.06 3.16
CA MET F 268 22.35 78.75 2.57
C MET F 268 21.94 77.78 3.67
N GLN F 269 21.20 76.73 3.29
CA GLN F 269 20.78 75.69 4.20
C GLN F 269 21.42 74.38 3.80
N HIS F 270 21.89 73.61 4.79
CA HIS F 270 22.48 72.30 4.58
C HIS F 270 21.66 71.20 5.25
N LEU F 271 20.37 71.44 5.46
CA LEU F 271 19.54 70.45 6.14
C LEU F 271 19.29 69.24 5.26
N GLU F 272 19.00 69.45 3.98
CA GLU F 272 18.69 68.35 3.08
C GLU F 272 18.96 68.76 1.65
N TYR F 273 19.23 67.77 0.81
CA TYR F 273 19.55 67.96 -0.60
C TYR F 273 18.30 68.06 -1.44
N PRO F 274 18.28 68.91 -2.48
CA PRO F 274 19.39 69.78 -2.89
C PRO F 274 19.59 70.98 -1.97
N LEU F 275 20.81 71.52 -1.97
CA LEU F 275 21.13 72.69 -1.17
C LEU F 275 20.64 73.94 -1.86
N THR F 276 20.14 74.90 -1.07
CA THR F 276 19.51 76.10 -1.59
C THR F 276 20.16 77.34 -1.02
N PHE F 277 20.46 78.30 -1.88
CA PHE F 277 21.01 79.59 -1.50
C PHE F 277 19.90 80.65 -1.48
N GLY F 278 20.17 81.75 -0.80
CA GLY F 278 19.26 82.88 -0.78
C GLY F 278 19.38 83.71 -2.03
N ALA F 279 18.81 84.91 -1.95
CA ALA F 279 18.85 85.84 -3.08
C ALA F 279 20.06 86.75 -3.06
N GLY F 280 20.60 87.06 -1.89
CA GLY F 280 21.77 87.90 -1.79
C GLY F 280 21.47 89.32 -1.38
N THR F 281 22.21 89.83 -0.39
CA THR F 281 22.07 91.21 0.07
C THR F 281 23.37 91.95 -0.23
N LYS F 282 23.27 93.03 -0.98
CA LYS F 282 24.45 93.77 -1.44
C LYS F 282 24.65 94.99 -0.55
N LEU F 283 25.69 94.96 0.27
CA LEU F 283 26.00 96.07 1.18
C LEU F 283 26.87 97.10 0.48
N GLU F 284 26.24 97.83 -0.44
CA GLU F 284 26.92 98.92 -1.12
C GLU F 284 27.19 100.08 -0.15
N LEU F 285 28.36 100.68 -0.27
CA LEU F 285 28.76 101.75 0.62
C LEU F 285 28.07 103.06 0.25
N GLN G 23 54.89 52.93 56.56
CA GLN G 23 56.04 52.92 55.66
C GLN G 23 56.74 51.57 55.70
N VAL G 24 57.13 51.08 54.52
CA VAL G 24 57.81 49.79 54.43
C VAL G 24 59.22 49.94 54.99
N GLN G 25 59.50 49.24 56.08
CA GLN G 25 60.80 49.28 56.73
C GLN G 25 61.33 47.87 56.92
N LEU G 26 62.58 47.67 56.51
CA LEU G 26 63.28 46.41 56.72
C LEU G 26 64.63 46.72 57.36
N GLN G 27 64.90 46.11 58.51
CA GLN G 27 66.11 46.40 59.28
C GLN G 27 66.91 45.11 59.48
N GLU G 28 68.14 45.08 59.00
CA GLU G 28 69.02 43.95 59.16
C GLU G 28 69.93 44.13 60.38
N SER G 29 70.30 43.01 60.99
CA SER G 29 71.20 43.02 62.14
C SER G 29 71.90 41.67 62.23
N GLY G 30 73.02 41.67 62.95
CA GLY G 30 73.75 40.44 63.24
C GLY G 30 74.93 40.18 62.33
N GLY G 31 75.75 41.20 62.10
CA GLY G 31 76.91 41.05 61.24
C GLY G 31 78.17 41.53 61.94
N GLY G 32 79.31 41.15 61.37
CA GLY G 32 80.59 41.52 61.93
C GLY G 32 81.70 40.72 61.28
N LEU G 33 82.82 40.61 62.02
CA LEU G 33 83.99 39.87 61.57
C LEU G 33 84.06 38.55 62.32
N VAL G 34 84.18 37.46 61.57
CA VAL G 34 84.25 36.11 62.13
C VAL G 34 85.32 35.33 61.40
N GLN G 35 86.06 34.51 62.14
CA GLN G 35 87.12 33.72 61.53
C GLN G 35 86.52 32.68 60.58
N PRO G 36 87.26 32.26 59.55
CA PRO G 36 86.73 31.23 58.65
C PRO G 36 86.39 29.95 59.40
N GLY G 37 85.30 29.31 58.98
CA GLY G 37 84.79 28.13 59.66
C GLY G 37 83.81 28.41 60.77
N GLY G 38 83.54 29.67 61.07
CA GLY G 38 82.60 30.03 62.11
C GLY G 38 81.17 30.07 61.62
N SER G 39 80.31 30.65 62.46
CA SER G 39 78.89 30.75 62.15
C SER G 39 78.41 32.14 62.52
N LEU G 40 77.28 32.53 61.93
CA LEU G 40 76.72 33.86 62.18
C LEU G 40 75.23 33.84 61.87
N ARG G 41 74.46 34.57 62.66
CA ARG G 41 73.02 34.63 62.50
C ARG G 41 72.59 36.04 62.11
N LEU G 42 71.94 36.18 60.97
CA LEU G 42 71.39 37.44 60.52
C LEU G 42 69.89 37.48 60.76
N SER G 43 69.41 38.66 61.16
CA SER G 43 68.00 38.86 61.41
C SER G 43 67.52 40.08 60.62
N CYS G 44 66.25 40.04 60.22
CA CYS G 44 65.63 41.12 59.45
C CYS G 44 64.25 41.36 60.04
N ALA G 45 64.07 42.53 60.63
CA ALA G 45 62.79 42.94 61.21
C ALA G 45 62.03 43.77 60.18
N ALA G 46 60.79 43.40 59.93
CA ALA G 46 59.96 44.03 58.93
C ALA G 46 58.79 44.76 59.58
N SER G 47 58.43 45.91 59.00
CA SER G 47 57.32 46.71 59.51
C SER G 47 56.72 47.51 58.37
N GLY G 48 55.48 47.95 58.57
CA GLY G 48 54.78 48.73 57.58
C GLY G 48 54.02 47.94 56.53
N PHE G 49 53.88 46.63 56.71
CA PHE G 49 53.15 45.80 55.77
C PHE G 49 52.82 44.47 56.45
N THR G 50 52.02 43.67 55.77
CA THR G 50 51.66 42.33 56.25
C THR G 50 52.77 41.37 55.85
N PHE G 51 53.59 40.97 56.82
CA PHE G 51 54.77 40.17 56.53
C PHE G 51 54.41 38.78 56.02
N SER G 52 53.30 38.21 56.49
CA SER G 52 52.92 36.86 56.10
C SER G 52 52.37 36.79 54.68
N ASN G 53 52.19 37.93 54.01
CA ASN G 53 51.61 37.97 52.68
C ASN G 53 52.65 38.03 51.58
N TYR G 54 53.93 38.05 51.91
CA TYR G 54 54.99 38.30 50.94
C TYR G 54 56.09 37.25 51.02
N LYS G 55 56.65 36.92 49.87
CA LYS G 55 57.86 36.11 49.77
C LYS G 55 59.08 36.98 50.06
N MET G 56 60.07 36.37 50.70
CA MET G 56 61.25 37.11 51.15
C MET G 56 62.51 36.51 50.57
N ASN G 57 63.54 37.36 50.45
CA ASN G 57 64.80 36.98 49.82
C ASN G 57 65.96 37.50 50.65
N TRP G 58 67.09 36.81 50.55
CA TRP G 58 68.36 37.27 51.09
C TRP G 58 69.33 37.43 49.92
N VAL G 59 69.97 38.60 49.83
CA VAL G 59 70.87 38.97 48.74
C VAL G 59 72.16 39.48 49.37
N ARG G 60 73.26 39.43 48.62
CA ARG G 60 74.52 39.99 49.09
C ARG G 60 75.23 40.75 47.97
N GLN G 61 76.08 41.70 48.37
CA GLN G 61 76.91 42.47 47.45
C GLN G 61 78.34 42.44 48.00
N ALA G 62 79.26 41.88 47.24
CA ALA G 62 80.66 41.81 47.59
C ALA G 62 81.41 42.99 46.98
N PRO G 63 82.54 43.38 47.58
CA PRO G 63 83.33 44.48 47.01
C PRO G 63 83.77 44.15 45.59
N GLY G 64 83.65 45.15 44.70
CA GLY G 64 83.99 44.95 43.32
C GLY G 64 83.07 44.04 42.54
N LYS G 65 81.88 43.74 43.10
CA LYS G 65 80.93 42.85 42.44
C LYS G 65 79.52 43.40 42.66
N GLY G 66 78.62 43.03 41.76
CA GLY G 66 77.24 43.43 41.86
C GLY G 66 76.43 42.58 42.80
N LEU G 67 75.14 42.89 42.89
CA LEU G 67 74.24 42.13 43.74
C LEU G 67 74.10 40.70 43.24
N GLU G 68 73.95 39.77 44.18
CA GLU G 68 73.85 38.35 43.87
C GLU G 68 72.78 37.73 44.75
N TRP G 69 71.77 37.13 44.12
CA TRP G 69 70.73 36.44 44.87
C TRP G 69 71.31 35.27 45.64
N VAL G 70 70.91 35.13 46.91
CA VAL G 70 71.43 34.10 47.80
C VAL G 70 70.36 33.08 48.16
N SER G 71 69.23 33.54 48.71
CA SER G 71 68.22 32.60 49.16
C SER G 71 66.85 33.24 49.10
N ASP G 72 65.81 32.41 49.19
CA ASP G 72 64.46 32.92 49.28
C ASP G 72 63.55 31.91 49.96
N ILE G 73 62.51 32.44 50.61
CA ILE G 73 61.52 31.64 51.33
C ILE G 73 60.13 32.22 51.03
N SER G 74 59.15 31.33 50.89
CA SER G 74 57.80 31.74 50.52
C SER G 74 57.02 32.19 51.76
N GLN G 75 55.72 32.42 51.55
CA GLN G 75 54.87 32.93 52.63
C GLN G 75 54.75 31.93 53.76
N SER G 76 54.19 30.76 53.49
CA SER G 76 53.99 29.75 54.53
C SER G 76 55.30 29.10 54.95
N GLY G 77 56.38 29.33 54.23
CA GLY G 77 57.66 28.72 54.54
C GLY G 77 57.86 27.33 54.01
N ALA G 78 56.86 26.77 53.31
CA ALA G 78 57.01 25.44 52.73
C ALA G 78 58.09 25.40 51.66
N SER G 79 58.14 26.42 50.82
CA SER G 79 59.09 26.48 49.72
C SER G 79 60.33 27.28 50.15
N ILE G 80 61.49 26.64 50.07
CA ILE G 80 62.76 27.25 50.43
C ILE G 80 63.77 26.96 49.33
N SER G 81 64.44 28.00 48.84
CA SER G 81 65.44 27.82 47.80
C SER G 81 66.71 28.58 48.14
N TYR G 82 67.84 28.02 47.72
CA TYR G 82 69.17 28.56 47.98
C TYR G 82 69.90 28.74 46.65
N THR G 83 70.97 29.52 46.69
CA THR G 83 71.90 29.51 45.57
C THR G 83 72.94 28.40 45.78
N GLY G 84 73.73 28.16 44.75
CA GLY G 84 74.61 27.00 44.76
C GLY G 84 75.67 27.06 45.84
N SER G 85 76.33 28.21 45.99
CA SER G 85 77.47 28.30 46.90
C SER G 85 77.05 28.09 48.35
N VAL G 86 75.80 28.44 48.68
CA VAL G 86 75.34 28.37 50.07
C VAL G 86 74.57 27.10 50.35
N LYS G 87 74.50 26.16 49.39
CA LYS G 87 73.65 25.00 49.54
C LYS G 87 74.16 24.10 50.66
N GLY G 88 73.35 23.95 51.70
CA GLY G 88 73.76 23.18 52.87
C GLY G 88 74.47 23.96 53.95
N ARG G 89 75.30 24.93 53.55
CA ARG G 89 76.02 25.72 54.54
C ARG G 89 75.10 26.70 55.26
N PHE G 90 74.11 27.25 54.55
CA PHE G 90 73.21 28.24 55.10
C PHE G 90 71.82 27.65 55.27
N THR G 91 70.98 28.36 56.02
CA THR G 91 69.57 28.03 56.11
C THR G 91 68.77 29.31 56.35
N ILE G 92 67.57 29.37 55.76
CA ILE G 92 66.70 30.54 55.87
C ILE G 92 65.42 30.13 56.57
N SER G 93 64.86 31.03 57.36
CA SER G 93 63.62 30.78 58.08
C SER G 93 62.89 32.10 58.31
N ARG G 94 61.63 32.00 58.71
CA ARG G 94 60.84 33.20 58.99
C ARG G 94 59.83 32.89 60.09
N ASP G 95 59.64 33.84 61.00
CA ASP G 95 58.61 33.78 62.02
C ASP G 95 57.59 34.86 61.68
N ASN G 96 56.42 34.43 61.19
CA ASN G 96 55.38 35.38 60.81
C ASN G 96 54.71 35.98 62.03
N ALA G 97 54.64 35.23 63.14
CA ALA G 97 54.10 35.78 64.37
C ALA G 97 54.96 36.93 64.87
N LYS G 98 56.28 36.78 64.81
CA LYS G 98 57.20 37.83 65.18
C LYS G 98 57.54 38.78 64.03
N ASN G 99 57.08 38.47 62.81
CA ASN G 99 57.34 39.29 61.63
C ASN G 99 58.84 39.50 61.42
N THR G 100 59.60 38.41 61.47
CA THR G 100 61.05 38.50 61.38
C THR G 100 61.58 37.40 60.47
N LEU G 101 62.69 37.69 59.78
CA LEU G 101 63.35 36.76 58.90
C LEU G 101 64.73 36.42 59.46
N TYR G 102 65.10 35.15 59.41
CA TYR G 102 66.36 34.67 59.98
C TYR G 102 67.18 33.95 58.93
N LEU G 103 68.50 34.12 59.02
CA LEU G 103 69.46 33.45 58.15
C LEU G 103 70.61 32.93 59.01
N GLN G 104 70.78 31.61 59.03
CA GLN G 104 71.89 31.00 59.75
C GLN G 104 72.99 30.65 58.75
N MET G 105 74.23 31.03 59.08
CA MET G 105 75.37 30.92 58.19
C MET G 105 76.43 30.07 58.87
N ASN G 106 76.72 28.90 58.29
CA ASN G 106 77.67 27.96 58.84
C ASN G 106 78.80 27.70 57.86
N SER G 107 79.98 27.36 58.41
CA SER G 107 81.17 27.06 57.62
C SER G 107 81.47 28.18 56.64
N LEU G 108 81.78 29.37 57.16
CA LEU G 108 81.90 30.56 56.33
C LEU G 108 83.20 30.53 55.54
N LYS G 109 83.09 30.38 54.23
CA LYS G 109 84.25 30.47 53.36
C LYS G 109 84.71 31.93 53.28
N PRO G 110 85.98 32.16 52.93
CA PRO G 110 86.49 33.55 52.88
C PRO G 110 85.75 34.43 51.89
N GLU G 111 85.09 33.85 50.88
CA GLU G 111 84.37 34.65 49.89
C GLU G 111 82.98 35.06 50.35
N ASP G 112 82.54 34.63 51.54
CA ASP G 112 81.23 35.03 52.04
C ASP G 112 81.21 36.49 52.47
N THR G 113 82.35 37.15 52.54
CA THR G 113 82.40 38.55 52.95
C THR G 113 81.64 39.43 51.97
N ALA G 114 80.62 40.13 52.49
CA ALA G 114 79.75 40.97 51.67
C ALA G 114 78.77 41.73 52.54
N VAL G 115 78.05 42.69 51.95
CA VAL G 115 76.94 43.35 52.62
C VAL G 115 75.67 42.59 52.27
N TYR G 116 74.91 42.21 53.29
CA TYR G 116 73.73 41.38 53.14
C TYR G 116 72.46 42.21 53.29
N TYR G 117 71.51 41.97 52.39
CA TYR G 117 70.24 42.67 52.29
C TYR G 117 69.11 41.66 52.42
N CYS G 118 68.06 42.06 53.14
CA CYS G 118 66.82 41.29 53.18
C CYS G 118 65.79 41.99 52.30
N ALA G 119 65.44 41.35 51.19
CA ALA G 119 64.57 41.94 50.17
C ALA G 119 63.18 41.36 50.25
N ARG G 120 62.20 42.19 49.92
CA ARG G 120 60.80 41.81 49.90
C ARG G 120 60.27 41.85 48.48
N CYS G 121 59.48 40.85 48.11
CA CYS G 121 58.95 40.81 46.76
C CYS G 121 57.93 41.92 46.55
N PRO G 122 57.86 42.51 45.36
CA PRO G 122 57.03 43.73 45.18
C PRO G 122 55.55 43.53 45.47
N ALA G 123 54.98 42.38 45.10
CA ALA G 123 53.54 42.25 45.23
C ALA G 123 53.17 41.01 46.02
N PRO G 124 52.06 41.04 46.74
CA PRO G 124 51.67 39.87 47.53
C PRO G 124 50.98 38.80 46.69
N PHE G 125 50.89 37.61 47.28
CA PHE G 125 50.20 36.46 46.68
C PHE G 125 50.79 36.12 45.31
N THR G 126 52.11 36.23 45.19
CA THR G 126 52.78 35.94 43.93
C THR G 126 54.04 35.14 44.21
N ARG G 127 54.46 34.37 43.21
CA ARG G 127 55.71 33.62 43.27
C ARG G 127 56.84 34.29 42.53
N ASP G 128 56.56 34.94 41.39
CA ASP G 128 57.57 35.70 40.69
C ASP G 128 58.00 36.90 41.53
N CYS G 129 59.31 37.18 41.53
CA CYS G 129 59.86 38.30 42.27
C CYS G 129 60.85 39.04 41.37
N PHE G 130 60.34 39.99 40.61
CA PHE G 130 61.18 40.83 39.78
C PHE G 130 61.94 41.85 40.61
N ASP G 131 63.13 42.21 40.14
CA ASP G 131 63.86 43.40 40.57
C ASP G 131 64.21 43.34 42.06
N VAL G 132 64.76 42.21 42.48
CA VAL G 132 65.32 42.11 43.82
C VAL G 132 66.82 42.28 43.84
N THR G 133 67.52 42.04 42.74
CA THR G 133 68.94 42.31 42.62
C THR G 133 69.20 43.55 41.77
N SER G 134 68.30 44.52 41.84
CA SER G 134 68.47 45.76 41.09
C SER G 134 69.22 46.79 41.93
N THR G 135 69.83 47.75 41.23
CA THR G 135 70.67 48.74 41.90
C THR G 135 69.85 49.58 42.88
N THR G 136 68.65 49.99 42.49
CA THR G 136 67.79 50.84 43.31
C THR G 136 66.43 50.16 43.47
N TYR G 137 66.30 49.33 44.49
CA TYR G 137 65.05 48.65 44.81
C TYR G 137 64.49 49.22 46.10
N ALA G 138 63.22 49.64 46.06
CA ALA G 138 62.64 50.36 47.19
C ALA G 138 62.46 49.45 48.41
N TYR G 139 61.97 48.24 48.22
CA TYR G 139 61.65 47.35 49.33
C TYR G 139 62.84 46.51 49.76
N ARG G 140 63.95 47.17 50.07
CA ARG G 140 65.15 46.50 50.57
C ARG G 140 65.60 47.18 51.86
N GLY G 141 66.76 46.79 52.37
CA GLY G 141 67.24 47.38 53.61
C GLY G 141 68.64 47.98 53.49
N GLN G 142 69.19 48.43 54.62
CA GLN G 142 70.53 49.00 54.62
C GLN G 142 71.61 47.92 54.53
N GLY G 143 71.38 46.77 55.13
CA GLY G 143 72.28 45.65 55.03
C GLY G 143 73.23 45.57 56.22
N THR G 144 73.88 44.41 56.33
CA THR G 144 74.87 44.17 57.38
C THR G 144 76.13 43.64 56.75
N GLN G 145 77.29 44.14 57.19
CA GLN G 145 78.56 43.68 56.66
C GLN G 145 78.98 42.39 57.35
N VAL G 146 79.33 41.38 56.56
CA VAL G 146 79.84 40.11 57.07
C VAL G 146 81.23 39.90 56.49
N THR G 147 82.22 39.78 57.35
CA THR G 147 83.61 39.61 56.94
C THR G 147 84.14 38.30 57.47
N VAL G 148 84.82 37.54 56.63
CA VAL G 148 85.33 36.22 57.00
C VAL G 148 86.84 36.18 56.88
C1 NAG H . -58.99 -48.46 4.63
C2 NAG H . -60.34 -48.50 5.32
C3 NAG H . -60.35 -47.56 6.53
C4 NAG H . -59.19 -47.86 7.45
C5 NAG H . -57.88 -47.82 6.68
C6 NAG H . -56.68 -48.21 7.50
C7 NAG H . -62.51 -48.91 4.23
C8 NAG H . -62.59 -50.16 5.05
N2 NAG H . -61.41 -48.16 4.40
O3 NAG H . -61.58 -47.70 7.23
O4 NAG H . -59.14 -46.91 8.51
O5 NAG H . -57.95 -48.75 5.58
O6 NAG H . -56.47 -49.62 7.49
O7 NAG H . -63.38 -48.60 3.43
C1 NAG H . -59.30 -47.60 9.77
C2 NAG H . -58.66 -46.73 10.87
C3 NAG H . -58.82 -47.40 12.23
C4 NAG H . -60.29 -47.72 12.48
C5 NAG H . -60.87 -48.54 11.33
C6 NAG H . -62.35 -48.79 11.46
C7 NAG H . -56.78 -45.32 10.17
C8 NAG H . -57.79 -44.22 9.99
N2 NAG H . -57.25 -46.49 10.58
O3 NAG H . -58.33 -46.53 13.25
O4 NAG H . -60.42 -48.48 13.68
O5 NAG H . -60.67 -47.83 10.10
O6 NAG H . -62.83 -49.61 10.40
O7 NAG H . -55.59 -45.13 9.93
C1 NAG I . -31.38 -42.42 -5.25
C2 NAG I . -30.71 -42.32 -3.88
C3 NAG I . -31.69 -41.73 -2.86
C4 NAG I . -32.25 -40.41 -3.37
C5 NAG I . -32.83 -40.57 -4.77
C6 NAG I . -33.26 -39.26 -5.39
C7 NAG I . -29.22 -43.73 -2.53
C8 NAG I . -28.84 -45.14 -2.18
N2 NAG I . -30.22 -43.60 -3.42
O3 NAG I . -31.04 -41.54 -1.62
O4 NAG I . -33.29 -39.97 -2.50
O5 NAG I . -31.84 -41.13 -5.65
O6 NAG I . -34.65 -39.25 -5.69
O7 NAG I . -28.68 -42.76 -2.03
C1 NAG I . -32.81 -38.89 -1.67
C2 NAG I . -33.96 -37.93 -1.44
C3 NAG I . -33.52 -36.79 -0.52
C4 NAG I . -32.94 -37.36 0.77
C5 NAG I . -31.84 -38.36 0.46
C6 NAG I . -31.29 -39.05 1.69
C7 NAG I . -35.73 -37.52 -3.11
C8 NAG I . -36.64 -38.24 -2.17
N2 NAG I . -34.45 -37.39 -2.70
O3 NAG I . -34.64 -35.95 -0.23
O4 NAG I . -32.41 -36.30 1.56
O5 NAG I . -32.35 -39.39 -0.41
O6 NAG I . -30.73 -38.12 2.61
O7 NAG I . -36.12 -37.06 -4.18
C1 NAG J . -42.41 -40.17 -52.56
C2 NAG J . -42.75 -40.71 -53.95
C3 NAG J . -41.48 -41.08 -54.70
C4 NAG J . -40.53 -39.90 -54.74
C5 NAG J . -40.26 -39.41 -53.32
C6 NAG J . -39.41 -38.17 -53.27
C7 NAG J . -44.95 -41.79 -54.17
C8 NAG J . -45.73 -43.06 -54.02
N2 NAG J . -43.65 -41.85 -53.86
O3 NAG J . -41.81 -41.49 -56.03
O4 NAG J . -39.30 -40.28 -55.36
O5 NAG J . -41.50 -39.07 -52.68
O6 NAG J . -39.90 -37.15 -54.14
O7 NAG J . -45.48 -40.74 -54.54
C1 NAG J . -39.10 -39.44 -56.52
C2 NAG J . -37.59 -39.26 -56.71
C3 NAG J . -37.31 -38.41 -57.95
C4 NAG J . -38.01 -39.01 -59.16
C5 NAG J . -39.50 -39.22 -58.87
C6 NAG J . -40.23 -39.91 -60.00
C7 NAG J . -36.23 -39.32 -54.66
C8 NAG J . -36.02 -40.78 -54.95
N2 NAG J . -36.98 -38.65 -55.53
O3 NAG J . -35.91 -38.35 -58.18
O4 NAG J . -37.87 -38.14 -60.28
O5 NAG J . -39.66 -40.03 -57.71
O6 NAG J . -41.63 -39.94 -59.75
O7 NAG J . -35.73 -38.79 -53.67
C1 NAG K . -31.03 -25.58 -28.96
C2 NAG K . -29.89 -24.89 -29.68
C3 NAG K . -29.29 -25.80 -30.75
C4 NAG K . -28.92 -27.15 -30.16
C5 NAG K . -30.10 -27.74 -29.39
C6 NAG K . -29.74 -29.00 -28.64
C7 NAG K . -30.06 -22.43 -29.76
C8 NAG K . -29.25 -22.42 -28.51
N2 NAG K . -30.34 -23.63 -30.28
O3 NAG K . -28.15 -25.18 -31.32
O4 NAG K . -28.59 -28.06 -31.21
O5 NAG K . -30.56 -26.81 -28.41
O6 NAG K . -28.44 -28.91 -28.07
O7 NAG K . -30.46 -21.40 -30.29
C1 NAG K . -27.17 -28.24 -31.33
C2 NAG K . -26.92 -29.67 -31.81
C3 NAG K . -25.43 -29.89 -32.03
C4 NAG K . -24.86 -28.83 -32.95
C5 NAG K . -25.18 -27.45 -32.43
C6 NAG K . -24.75 -26.34 -33.36
C7 NAG K . -28.52 -31.41 -31.17
C8 NAG K . -29.14 -31.21 -32.52
N2 NAG K . -27.46 -30.65 -30.89
O3 NAG K . -25.23 -31.19 -32.59
O4 NAG K . -23.45 -28.98 -33.06
O5 NAG K . -26.60 -27.30 -32.24
O6 NAG K . -25.88 -25.64 -33.87
O7 NAG K . -28.96 -32.23 -30.37
C1 NAG L . -27.92 -54.46 -25.95
C2 NAG L . -28.54 -54.12 -27.31
C3 NAG L . -27.69 -54.69 -28.44
C4 NAG L . -26.24 -54.23 -28.30
C5 NAG L . -25.72 -54.59 -26.91
C6 NAG L . -24.33 -54.07 -26.66
C7 NAG L . -30.98 -53.92 -27.05
C8 NAG L . -32.30 -54.60 -27.21
N2 NAG L . -29.90 -54.63 -27.40
O3 NAG L . -28.21 -54.27 -29.69
O4 NAG L . -25.43 -54.87 -29.28
O5 NAG L . -26.57 -54.01 -25.91
O6 NAG L . -24.20 -52.71 -27.05
O7 NAG L . -30.88 -52.78 -26.59
C1 NAG M . -30.61 -70.25 -12.25
C2 NAG M . -29.83 -71.56 -12.17
C3 NAG M . -29.84 -72.08 -10.72
C4 NAG M . -29.33 -71.00 -9.78
C5 NAG M . -30.10 -69.70 -9.98
C6 NAG M . -29.56 -68.55 -9.15
C7 NAG M . -29.91 -72.75 -14.31
C8 NAG M . -30.60 -73.82 -15.10
N2 NAG M . -30.38 -72.56 -13.07
O3 NAG M . -29.02 -73.24 -10.64
O4 NAG M . -29.48 -71.43 -8.43
O5 NAG M . -30.04 -69.29 -11.35
O6 NAG M . -28.40 -67.99 -9.75
O7 NAG M . -28.99 -72.10 -14.76
C1 NAG N . -76.32 -43.65 1.96
C2 NAG N . -76.04 -42.15 2.13
C3 NAG N . -75.39 -41.88 3.48
C4 NAG N . -76.24 -42.47 4.60
C5 NAG N . -76.50 -43.95 4.34
C6 NAG N . -77.43 -44.57 5.35
C7 NAG N . -75.68 -41.00 -0.01
C8 NAG N . -74.66 -40.56 -1.03
N2 NAG N . -75.19 -41.65 1.05
O3 NAG N . -75.25 -40.48 3.66
O4 NAG N . -75.56 -42.32 5.85
O5 NAG N . -77.12 -44.11 3.05
O6 NAG N . -77.07 -45.92 5.64
O7 NAG N . -76.87 -40.76 -0.14
C1 NAG O . -10.22 -34.82 5.71
C2 NAG O . -10.59 -34.70 7.19
C3 NAG O . -9.73 -35.65 8.02
C4 NAG O . -9.83 -37.07 7.48
C5 NAG O . -9.50 -37.09 5.99
C6 NAG O . -9.70 -38.45 5.36
C7 NAG O . -11.46 -32.63 8.18
C8 NAG O . -12.78 -33.34 8.27
N2 NAG O . -10.46 -33.34 7.65
O3 NAG O . -10.17 -35.61 9.38
O4 NAG O . -8.92 -37.91 8.17
O5 NAG O . -10.35 -36.18 5.28
O6 NAG O . -10.83 -39.10 5.89
O7 NAG O . -11.31 -31.48 8.57
N TCR P . -58.79 -55.45 -13.93
CA TCR P . -58.06 -56.11 -15.07
CB TCR P . -58.26 -57.62 -15.09
CG TCR P . -58.12 -58.14 -13.75
CD2 TCR P . -58.05 -59.49 -13.36
CE2 TCR P . -57.90 -59.47 -11.95
CE3 TCR P . -58.10 -60.71 -14.04
CD1 TCR P . -58.00 -57.34 -12.65
NE1 TCR P . -57.87 -58.14 -11.54
CZ2 TCR P . -57.80 -60.64 -11.21
CZ3 TCR P . -57.99 -61.86 -13.30
CH2 TCR P . -57.84 -61.83 -11.91
C9 TCR P . -58.03 -55.85 -12.69
C TCR P . -58.56 -55.50 -16.40
OXT TCR P . -58.40 -56.18 -17.44
O1 TCR P . -59.10 -54.37 -16.40
P PO4 Q . -61.08 -64.33 -5.71
O1 PO4 Q . -60.14 -63.17 -5.81
O2 PO4 Q . -62.39 -63.87 -5.12
O3 PO4 Q . -60.47 -65.40 -4.83
O4 PO4 Q . -61.33 -64.89 -7.10
CA CA R . -63.99 -61.71 -19.89
CA CA S . -55.23 -66.03 -12.31
CA CA T . -29.33 -41.17 -24.82
C13 9IG U . 15.44 0.31 3.54
C14 9IG U . 16.45 0.45 2.37
C15 9IG U . 17.55 -0.57 2.35
C16 9IG U . 17.35 -1.85 1.86
C17 9IG U . 18.39 -2.80 1.83
C18 9IG U . 19.65 -2.49 2.31
C19 9IG U . 19.88 -1.23 2.82
C20 9IG U . 18.85 -0.30 2.83
C01 9IG U . 15.07 2.32 7.41
C02 9IG U . 15.45 2.28 5.93
C03 9IG U . 16.03 3.62 5.48
C04 9IG U . 17.15 3.66 4.63
C05 9IG U . 17.64 4.90 4.26
C06 9IG U . 17.10 6.10 4.65
C07 9IG U . 16.01 6.05 5.49
C08 9IG U . 15.46 4.83 5.91
C10 9IG U . 19.85 5.60 3.95
C12 9IG U . 14.45 1.50 3.73
N11 9IG U . 14.22 1.93 5.15
O09 9IG U . 18.76 4.90 3.41
CL21 9IG U . 19.25 1.25 3.48
C1 AV0 V . 42.69 3.64 2.94
O1 AV0 V . 42.16 3.91 1.69
C2 AV0 V . 42.83 4.98 3.66
O2 AV0 V . 43.86 5.64 3.01
C3 AV0 V . 43.29 4.65 5.10
O3 AV0 V . 43.28 5.91 5.69
C4 AV0 V . 42.25 3.71 5.76
O4 AV0 V . 42.71 3.29 7.02
C5 AV0 V . 42.07 2.48 4.84
O5 AV0 V . 41.67 2.92 3.58
C6 AV0 V . 40.90 1.61 5.29
O6 AV0 V . 41.47 0.36 5.54
CAA AV0 V . 32.24 1.08 -4.69
CAB AV0 V . 44.03 -1.38 -9.03
OAI AV0 V . 40.12 0.85 10.21
OAJ AV0 V . 53.88 4.03 0.90
OAL AV0 V . 49.01 2.91 0.86
OAN AV0 V . 47.09 7.36 0.76
OAP AV0 V . 44.57 6.66 -0.56
OAQ AV0 V . 43.74 0.92 10.42
OAR AV0 V . 53.90 6.16 -0.95
OAS AV0 V . 44.38 3.71 10.77
OAT AV0 V . 52.48 8.51 -0.86
OAU AV0 V . 43.52 5.29 8.65
OAV AV0 V . 49.75 8.33 -0.16
CAW AV0 V . 33.54 1.82 -4.83
CAX AV0 V . 43.66 -2.70 -8.39
CAY AV0 V . 34.30 1.75 -3.52
CAZ AV0 V . 42.23 -2.67 -7.87
CBA AV0 V . 35.42 2.78 -3.46
CBB AV0 V . 42.10 -1.74 -6.67
CBC AV0 V . 35.95 2.89 -2.04
CBD AV0 V . 40.97 -0.72 -6.83
CBE AV0 V . 37.36 3.43 -2.05
CBF AV0 V . 41.31 0.59 -6.14
CBG AV0 V . 37.48 4.60 -1.07
CBH AV0 V . 41.88 0.40 -4.75
CBI AV0 V . 38.70 5.47 -1.38
CBJ AV0 V . 41.11 1.18 -3.69
CBK AV0 V . 39.93 4.62 -1.68
CBL AV0 V . 42.05 1.87 -2.70
CBM AV0 V . 41.16 0.28 9.48
CBN AV0 V . 52.76 3.69 0.14
CBP AV0 V . 48.54 2.83 -0.45
CBQ AV0 V . 40.72 4.36 -0.40
CBR AV0 V . 41.34 2.10 -1.37
CBS AV0 V . 42.13 2.77 0.86
CBT AV0 V . 43.06 3.98 -1.15
OBV AV0 V . 44.19 3.72 -0.32
OBX AV0 V . 46.37 3.58 -0.26
OBY AV0 V . 41.19 2.54 8.56
OBZ AV0 V . 51.03 5.06 0.84
OCB AV0 V . 49.19 5.77 -0.30
CCC AV0 V . 42.01 1.48 9.01
CCD AV0 V . 52.00 4.99 -0.17
CCF AV0 V . 47.63 4.03 -0.68
CCH AV0 V . 46.88 6.33 -0.16
CCJ AV0 V . 45.33 4.42 -0.72
CCL AV0 V . 45.45 5.76 0.05
CCM AV0 V . 41.81 3.30 -0.54
CCN AV0 V . 42.85 1.97 10.18
CCO AV0 V . 52.81 6.29 -0.11
CCQ AV0 V . 47.96 5.28 0.15
CCR AV0 V . 41.86 3.66 8.06
CCS AV0 V . 50.09 6.10 0.73
CCT AV0 V . 43.69 3.16 9.69
CCU AV0 V . 51.80 7.31 -0.68
CCV AV0 V . 42.74 4.26 9.20
CCW AV0 V . 50.71 7.48 0.39
CAA Y01 W . 21.10 -11.99 11.76
CBA Y01 W . 21.45 -11.11 12.96
CAB Y01 W . 20.19 -10.58 13.64
CAN Y01 W . 22.42 -9.96 12.62
CAJ Y01 W . 23.11 -10.01 11.26
CAO Y01 W . 23.64 -8.64 10.84
CBB Y01 W . 25.12 -8.67 10.45
CAC Y01 W . 25.25 -8.71 8.94
CBE Y01 W . 25.79 -7.44 11.11
CAP Y01 W . 25.40 -7.40 12.61
CAQ Y01 W . 26.67 -6.99 13.39
CBG Y01 W . 27.50 -6.33 12.32
CBI Y01 W . 27.34 -7.29 11.15
CAE Y01 W . 28.06 -8.61 11.40
CAU Y01 W . 27.93 -6.56 9.95
CAS Y01 W . 29.38 -6.12 10.16
CBF Y01 W . 29.68 -5.37 11.47
CBD Y01 W . 28.96 -6.06 12.63
CAK Y01 W . 29.09 -5.20 13.87
CAI Y01 W . 30.38 -4.69 14.09
CAZ Y01 W . 31.41 -4.71 13.16
CAV Y01 W . 32.67 -4.11 13.67
CBH Y01 W . 31.17 -5.29 11.82
CAD Y01 W . 31.84 -6.65 11.75
CAT Y01 W . 31.89 -4.35 10.84
CAR Y01 W . 33.36 -4.17 11.19
CBC Y01 W . 33.52 -3.49 12.55
OAW Y01 W . 34.84 -3.59 13.08
CAY Y01 W . 35.72 -2.61 12.73
OAG Y01 W . 35.22 -1.77 11.94
CAM Y01 W . 37.11 -2.59 13.23
CAL Y01 W . 37.74 -1.21 13.15
CAX Y01 W . 39.25 -1.34 12.84
OAH Y01 W . 39.56 -1.87 11.74
OAF Y01 W . 40.03 -0.90 13.71
CAA Y01 X . 28.45 4.21 -8.01
CBA Y01 X . 27.79 4.44 -6.66
CAB Y01 X . 26.27 4.57 -6.81
CAN Y01 X . 28.36 5.63 -5.88
CAJ Y01 X . 29.68 6.22 -6.37
CAO Y01 X . 30.78 6.13 -5.31
CBB Y01 X . 32.22 6.30 -5.88
CAC Y01 X . 32.23 6.08 -7.39
CBE Y01 X . 32.79 7.70 -5.45
CAP Y01 X . 31.78 8.45 -4.53
CAQ Y01 X . 32.62 9.32 -3.57
CBG Y01 X . 34.01 9.25 -4.20
CBI Y01 X . 34.10 7.81 -4.65
CAE Y01 X . 34.18 6.85 -3.46
CAU Y01 X . 35.37 7.72 -5.51
CAS Y01 X . 36.63 8.29 -4.82
CBF Y01 X . 36.47 9.68 -4.17
CBD Y01 X . 35.18 9.65 -3.33
CAK Y01 X . 34.92 11.02 -2.73
CAI Y01 X . 36.06 11.63 -2.16
CAZ Y01 X . 37.36 11.24 -2.39
CAV Y01 X . 38.34 12.07 -1.65
CBH Y01 X . 37.68 10.13 -3.30
CAD Y01 X . 38.25 8.97 -2.49
CAT Y01 X . 38.81 10.65 -4.21
CAR Y01 X . 39.98 11.30 -3.45
CBC Y01 X . 39.51 12.45 -2.54
OAW Y01 X . 40.47 12.86 -1.59
CAY Y01 X . 41.09 14.06 -1.82
OAG Y01 X . 41.10 14.35 -3.03
CAM Y01 X . 41.65 14.88 -0.72
CAL Y01 X . 43.17 15.00 -0.79
CAX Y01 X . 43.70 15.96 0.32
OAH Y01 X . 43.40 17.17 0.20
OAF Y01 X . 44.38 15.45 1.23
CAA Y01 Y . 31.02 6.03 0.82
CBA Y01 Y . 30.92 6.76 -0.52
CAB Y01 Y . 31.59 8.12 -0.43
CAN Y01 Y . 29.51 6.91 -1.06
CAJ Y01 Y . 28.37 6.52 -0.11
CAO Y01 Y . 27.13 6.13 -0.89
CBB Y01 Y . 26.33 5.02 -0.20
CAC Y01 Y . 25.86 5.52 1.16
CBE Y01 Y . 25.18 4.64 -1.16
CAP Y01 Y . 25.74 4.53 -2.61
CAQ Y01 Y . 24.85 3.51 -3.34
CBG Y01 Y . 23.69 3.35 -2.37
CBI Y01 Y . 24.41 3.31 -1.03
CAE Y01 Y . 25.31 2.09 -0.91
CAU Y01 Y . 23.33 3.32 0.06
CAS Y01 Y . 22.23 2.26 -0.14
CBF Y01 Y . 21.61 2.25 -1.55
CBD Y01 Y . 22.74 2.18 -2.56
CAK Y01 Y . 22.20 2.21 -3.97
CAI Y01 Y . 20.99 1.54 -4.18
CAZ Y01 Y . 20.19 1.01 -3.19
CAV Y01 Y . 18.97 0.35 -3.72
CBH Y01 Y . 20.59 1.12 -1.76
CAD Y01 Y . 21.13 -0.22 -1.28
CAT Y01 Y . 19.30 1.42 -0.98
CAR Y01 Y . 18.15 0.47 -1.30
CBC Y01 Y . 17.78 0.56 -2.79
OAW Y01 Y . 16.91 -0.46 -3.22
CAY Y01 Y . 15.59 -0.14 -3.37
OAG Y01 Y . 15.40 1.09 -3.15
CAM Y01 Y . 14.57 -1.12 -3.74
CAL Y01 Y . 14.16 -1.05 -5.19
CAX Y01 Y . 13.12 0.05 -5.43
OAH Y01 Y . 13.31 0.83 -6.39
OAF Y01 Y . 12.16 0.08 -4.62
C1 CLR Z . 40.49 -3.31 21.16
C2 CLR Z . 41.76 -2.68 20.65
C3 CLR Z . 42.73 -3.70 20.12
C4 CLR Z . 42.04 -4.52 19.02
C5 CLR Z . 40.70 -5.10 19.42
C6 CLR Z . 40.46 -6.37 19.15
C7 CLR Z . 39.14 -7.08 19.51
C8 CLR Z . 38.05 -6.04 19.82
C9 CLR Z . 38.61 -4.97 20.79
C10 CLR Z . 39.73 -4.13 20.12
C11 CLR Z . 37.52 -4.10 21.43
C12 CLR Z . 36.33 -4.91 21.98
C13 CLR Z . 35.72 -5.76 20.85
C14 CLR Z . 36.89 -6.75 20.47
C15 CLR Z . 36.20 -7.89 19.65
C16 CLR Z . 34.70 -7.86 20.15
C17 CLR Z . 34.65 -6.79 21.32
C18 CLR Z . 35.24 -4.96 19.68
C19 CLR Z . 39.09 -3.20 19.07
C20 CLR Z . 33.23 -6.23 21.46
C21 CLR Z . 32.89 -5.67 22.84
C22 CLR Z . 32.27 -7.45 21.20
C23 CLR Z . 30.81 -7.00 21.02
C24 CLR Z . 30.25 -7.97 19.91
C25 CLR Z . 29.15 -7.24 19.14
C26 CLR Z . 28.08 -6.81 20.16
C27 CLR Z . 28.59 -8.05 17.96
O1 CLR Z . 43.93 -3.16 19.65
C1 CLR AA . 15.97 5.50 -5.45
C2 CLR AA . 14.74 4.64 -5.59
C3 CLR AA . 14.78 3.78 -6.82
C4 CLR AA . 16.04 2.90 -6.76
C5 CLR AA . 17.32 3.65 -6.52
C6 CLR AA . 18.37 3.35 -7.27
C7 CLR AA . 19.74 4.04 -7.15
C8 CLR AA . 19.81 4.94 -5.90
C9 CLR AA . 18.47 5.70 -5.72
C10 CLR AA . 17.30 4.74 -5.43
C11 CLR AA . 18.57 6.85 -4.71
C12 CLR AA . 19.75 7.78 -5.00
C13 CLR AA . 21.05 6.97 -4.93
C14 CLR AA . 20.92 5.93 -6.11
C15 CLR AA . 22.36 5.37 -6.30
C16 CLR AA . 23.29 6.54 -5.81
C17 CLR AA . 22.34 7.74 -5.42
C18 CLR AA . 21.28 6.30 -3.61
C19 CLR AA . 17.51 4.07 -4.06
C20 CLR AA . 23.03 8.63 -4.39
C21 CLR AA . 22.39 10.01 -4.19
C22 CLR AA . 24.46 8.88 -4.99
C23 CLR AA . 25.20 10.03 -4.30
C24 CLR AA . 26.67 9.93 -4.86
C25 CLR AA . 27.40 11.26 -4.55
C26 CLR AA . 26.64 12.37 -5.28
C27 CLR AA . 28.89 11.20 -4.87
O1 CLR AA . 13.62 3.00 -7.01
C1 CLR BA . 30.92 9.32 36.85
C2 CLR BA . 31.95 9.84 37.82
C3 CLR BA . 31.60 11.20 38.34
C4 CLR BA . 30.24 11.12 39.05
C5 CLR BA . 29.14 10.52 38.19
C6 CLR BA . 27.97 11.13 38.17
C7 CLR BA . 26.76 10.62 37.36
C8 CLR BA . 27.01 9.22 36.77
C9 CLR BA . 28.47 9.13 36.26
C10 CLR BA . 29.49 9.24 37.40
C11 CLR BA . 28.71 7.93 35.34
C12 CLR BA . 27.66 7.80 34.23
C13 CLR BA . 26.26 7.66 34.87
C14 CLR BA . 26.06 9.02 35.63
C15 CLR BA . 24.54 9.06 35.98
C16 CLR BA . 23.88 8.24 34.79
C17 CLR BA . 25.06 7.77 33.85
C18 CLR BA . 26.11 6.47 35.75
C19 CLR BA . 29.36 8.02 38.34
C20 CLR BA . 24.67 6.48 33.13
C21 CLR BA . 25.47 6.18 31.86
C22 CLR BA . 23.16 6.71 32.71
C23 CLR BA . 22.97 7.06 31.23
C24 CLR BA . 21.44 6.83 31.00
C25 CLR BA . 21.20 6.57 29.50
C26 CLR BA . 21.70 7.81 28.74
C27 CLR BA . 19.75 6.20 29.18
O1 CLR BA . 32.57 11.76 39.21
C1 NAG CA . -49.68 -21.62 -13.66
C2 NAG CA . -50.06 -22.66 -12.60
C3 NAG CA . -51.17 -22.11 -11.71
C4 NAG CA . -50.76 -20.77 -11.12
C5 NAG CA . -50.32 -19.81 -12.23
C6 NAG CA . -49.75 -18.52 -11.67
C7 NAG CA . -49.63 -24.94 -13.38
C8 NAG CA . -50.21 -26.16 -14.03
N2 NAG CA . -50.46 -23.91 -13.21
O3 NAG CA . -51.45 -23.04 -10.67
O4 NAG CA . -51.86 -20.19 -10.42
O5 NAG CA . -49.28 -20.41 -13.02
O6 NAG CA . -48.89 -18.76 -10.56
O7 NAG CA . -48.45 -24.89 -13.03
C1 NAG DA . -55.21 -10.27 -29.79
C2 NAG DA . -55.88 -8.91 -29.91
C3 NAG DA . -55.56 -8.27 -31.25
C4 NAG DA . -54.04 -8.22 -31.45
C5 NAG DA . -53.43 -9.60 -31.26
C6 NAG DA . -51.92 -9.59 -31.32
C7 NAG DA . -57.97 -8.64 -28.64
C8 NAG DA . -59.45 -8.83 -28.63
N2 NAG DA . -57.33 -9.03 -29.74
O3 NAG DA . -56.10 -6.95 -31.30
O4 NAG DA . -53.74 -7.74 -32.75
O5 NAG DA . -53.79 -10.12 -29.97
O6 NAG DA . -51.45 -10.58 -32.23
O7 NAG DA . -57.37 -8.15 -27.69
C1 NAG EA . -47.83 -56.20 -58.65
C2 NAG EA . -46.51 -56.82 -58.19
C3 NAG EA . -45.34 -56.17 -58.90
C4 NAG EA . -45.53 -56.24 -60.41
C5 NAG EA . -46.88 -55.63 -60.79
C6 NAG EA . -47.19 -55.76 -62.26
C7 NAG EA . -46.60 -57.72 -55.90
C8 NAG EA . -46.40 -57.42 -54.45
N2 NAG EA . -46.37 -56.71 -56.74
O3 NAG EA . -44.13 -56.84 -58.54
O4 NAG EA . -44.49 -55.52 -61.07
O5 NAG EA . -47.93 -56.30 -60.09
O6 NAG EA . -47.99 -54.68 -62.72
O7 NAG EA . -46.97 -58.82 -56.30
C1 NAG FA . -11.39 -13.54 -23.77
C2 NAG FA . -10.62 -12.62 -24.72
C3 NAG FA . -11.32 -11.28 -24.84
C4 NAG FA . -12.78 -11.46 -25.22
C5 NAG FA . -13.46 -12.43 -24.24
C6 NAG FA . -14.89 -12.74 -24.60
C7 NAG FA . -8.20 -13.02 -24.87
C8 NAG FA . -8.51 -13.88 -26.06
N2 NAG FA . -9.25 -12.45 -24.27
O3 NAG FA . -10.66 -10.48 -25.82
O4 NAG FA . -13.46 -10.21 -25.19
O5 NAG FA . -12.74 -13.67 -24.22
O6 NAG FA . -15.73 -12.73 -23.46
O7 NAG FA . -7.05 -12.86 -24.47
N TCR GA . -57.06 -40.38 -39.49
CA TCR GA . -57.77 -39.77 -38.33
CB TCR GA . -59.04 -39.03 -38.77
CG TCR GA . -58.72 -38.20 -39.89
CD2 TCR GA . -59.52 -37.19 -40.47
CE2 TCR GA . -58.75 -36.65 -41.54
CE3 TCR GA . -60.78 -36.67 -40.21
CD1 TCR GA . -57.53 -38.27 -40.57
NE1 TCR GA . -57.54 -37.33 -41.58
CZ2 TCR GA . -59.24 -35.62 -42.34
CZ3 TCR GA . -61.26 -35.66 -41.01
CH2 TCR GA . -60.49 -35.14 -42.05
C9 TCR GA . -56.44 -39.23 -40.23
C TCR GA . -58.14 -40.86 -37.30
OXT TCR GA . -57.72 -42.04 -37.47
O1 TCR GA . -58.85 -40.54 -36.34
P PO4 HA . -60.38 -34.15 -49.29
O1 PO4 HA . -59.24 -33.94 -48.32
O2 PO4 HA . -59.90 -35.02 -50.43
O3 PO4 HA . -60.84 -32.82 -49.83
O4 PO4 HA . -61.52 -34.83 -48.59
CA CA IA . -69.22 -53.14 -65.20
CA CA JA . -67.36 -41.72 -39.23
CA CA KA . -62.85 -31.13 -39.49
CA CA LA . -39.18 -31.17 -12.48
C13 9IG MA . 26.83 -21.03 -0.45
C14 9IG MA . 25.66 -21.62 -1.25
C15 9IG MA . 24.62 -22.38 -0.46
C16 9IG MA . 24.83 -22.79 0.85
C17 9IG MA . 23.86 -23.49 1.57
C18 9IG MA . 22.64 -23.80 1.00
C19 9IG MA . 22.38 -23.41 -0.31
C20 9IG MA . 23.36 -22.71 -1.00
C01 9IG MA . 29.74 -19.81 -4.34
C02 9IG MA . 29.59 -19.79 -2.81
C03 9IG MA . 30.73 -20.55 -2.15
C04 9IG MA . 31.40 -19.99 -1.05
C05 9IG MA . 32.43 -20.73 -0.47
C06 9IG MA . 32.84 -21.97 -0.90
C07 9IG MA . 32.16 -22.51 -1.99
C08 9IG MA . 31.11 -21.82 -2.60
C10 9IG MA . 32.21 -19.61 1.57
C12 9IG MA . 27.66 -19.94 -1.18
N11 9IG MA . 28.25 -20.38 -2.48
O09 9IG MA . 33.10 -20.13 0.61
CL21 9IG MA . 22.96 -22.25 -2.62
CAA Y01 NA . 25.93 -4.47 -6.88
CBA Y01 NA . 26.35 -5.05 -8.21
CAB Y01 NA . 25.77 -4.23 -9.37
CAN Y01 NA . 27.87 -5.22 -8.38
CAJ Y01 NA . 28.65 -5.63 -7.13
CAO Y01 NA . 29.99 -4.91 -7.03
CBB Y01 NA . 30.37 -4.56 -5.57
CAC Y01 NA . 29.82 -5.62 -4.62
CBE Y01 NA . 31.91 -4.40 -5.51
CAP Y01 NA . 32.38 -3.54 -6.71
CAQ Y01 NA . 33.51 -2.63 -6.20
CBG Y01 NA . 33.93 -3.34 -4.92
CBI Y01 NA . 32.59 -3.69 -4.31
CAE Y01 NA . 31.85 -2.46 -3.83
CAU Y01 NA . 32.93 -4.63 -3.14
CAS Y01 NA . 33.89 -4.00 -2.11
CBF Y01 NA . 35.18 -3.41 -2.72
CBD Y01 NA . 34.84 -2.58 -3.95
CAK Y01 NA . 36.12 -2.19 -4.66
CAI Y01 NA . 37.16 -1.77 -3.80
CAZ Y01 NA . 37.17 -1.91 -2.43
CAV Y01 NA . 38.39 -1.37 -1.80
CBH Y01 NA . 36.00 -2.53 -1.74
CAD Y01 NA . 35.16 -1.44 -1.11
CAT Y01 NA . 36.59 -3.39 -0.60
CAR Y01 NA . 37.60 -2.64 0.27
CBC Y01 NA . 38.79 -2.18 -0.57
OAW Y01 NA . 39.66 -1.29 0.12
CAY Y01 NA . 40.77 -1.82 0.70
OAG Y01 NA . 40.63 -3.04 0.93
CAM Y01 NA . 41.98 -1.03 1.02
CAL Y01 NA . 42.35 -1.09 2.48
CAX Y01 NA . 43.79 -0.58 2.73
OAH Y01 NA . 44.18 0.36 2.00
OAF Y01 NA . 44.43 -1.15 3.63
C1 CLR OA . 17.21 -4.12 -11.08
C2 CLR OA . 15.74 -4.36 -11.36
C3 CLR OA . 14.89 -4.36 -10.11
C4 CLR OA . 15.15 -3.07 -9.30
C5 CLR OA . 16.61 -2.76 -9.08
C6 CLR OA . 17.01 -2.48 -7.86
C7 CLR OA . 18.47 -2.15 -7.52
C8 CLR OA . 19.21 -1.70 -8.78
C9 CLR OA . 18.98 -2.75 -9.91
C10 CLR OA . 17.50 -2.82 -10.34
C11 CLR OA . 19.94 -2.55 -11.09
C12 CLR OA . 21.41 -2.34 -10.68
C13 CLR OA . 21.50 -1.15 -9.71
C14 CLR OA . 20.66 -1.63 -8.47
C15 CLR OA . 21.08 -0.67 -7.31
C16 CLR OA . 22.55 -0.22 -7.70
C17 CLR OA . 22.91 -0.96 -9.05
C18 CLR OA . 20.99 0.14 -10.29
C19 CLR OA . 17.17 -1.61 -11.23
C20 CLR OA . 23.88 -0.10 -9.86
C21 CLR OA . 24.77 -0.89 -10.84
C22 CLR OA . 24.82 0.57 -8.78
C23 CLR OA . 26.06 -0.27 -8.46
C24 CLR OA . 26.74 0.53 -7.29
C25 CLR OA . 28.22 0.12 -7.21
C26 CLR OA . 28.25 -1.39 -6.93
C27 CLR OA . 29.00 0.95 -6.20
O1 CLR OA . 13.51 -4.50 -10.36
C1 CLR PA . 39.20 -13.55 17.53
C2 CLR PA . 40.46 -12.86 18.02
C3 CLR PA . 41.73 -13.47 17.48
C4 CLR PA . 41.64 -13.59 15.94
C5 CLR PA . 40.37 -14.23 15.46
C6 CLR PA . 40.46 -15.27 14.65
C7 CLR PA . 39.24 -16.01 14.10
C8 CLR PA . 38.00 -15.11 14.17
C9 CLR PA . 37.87 -14.50 15.59
C10 CLR PA . 39.08 -13.61 16.01
C11 CLR PA . 36.53 -13.79 15.77
C12 CLR PA . 35.32 -14.66 15.37
C13 CLR PA . 35.46 -15.14 13.91
C14 CLR PA . 36.80 -15.96 13.91
C15 CLR PA . 36.77 -16.74 12.57
C16 CLR PA . 35.24 -17.14 12.46
C17 CLR PA . 34.45 -16.27 13.51
C18 CLR PA . 35.47 -14.03 12.90
C19 CLR PA . 38.89 -12.21 15.43
C20 CLR PA . 33.14 -15.80 12.88
C21 CLR PA . 32.10 -15.25 13.87
C22 CLR PA . 32.52 -17.10 12.24
C23 CLR PA . 31.46 -16.78 11.18
C24 CLR PA . 31.50 -18.00 10.22
C25 CLR PA . 30.63 -17.68 8.98
C26 CLR PA . 29.21 -17.42 9.51
C27 CLR PA . 30.70 -18.75 7.90
O1 CLR PA . 42.90 -12.80 17.86
C1 CLR QA . 39.37 -6.40 13.56
C2 CLR QA . 40.66 -5.65 13.63
C3 CLR QA . 40.49 -4.26 14.18
C4 CLR QA . 39.82 -4.36 15.56
C5 CLR QA . 38.55 -5.17 15.57
C6 CLR QA . 37.49 -4.66 16.16
C7 CLR QA . 36.13 -5.37 16.24
C8 CLR QA . 36.24 -6.86 15.86
C9 CLR QA . 37.18 -7.03 14.63
C10 CLR QA . 38.62 -6.55 14.88
C11 CLR QA . 37.11 -8.46 14.08
C12 CLR QA . 35.68 -8.89 13.75
C13 CLR QA . 34.79 -8.82 15.00
C14 CLR QA . 34.87 -7.30 15.45
C15 CLR QA . 33.73 -7.17 16.51
C16 CLR QA . 32.61 -8.14 15.95
C17 CLR QA . 33.24 -8.89 14.71
C18 CLR QA . 35.18 -9.77 16.09
C19 CLR QA . 39.35 -7.54 15.81
C20 CLR QA . 32.59 -10.26 14.58
C21 CLR QA . 32.98 -11.08 13.35
C22 CLR QA . 31.07 -9.91 14.42
C23 CLR QA . 30.15 -10.94 15.10
C24 CLR QA . 28.75 -10.62 14.50
C25 CLR QA . 27.72 -11.58 15.13
C26 CLR QA . 28.18 -13.01 14.83
C27 CLR QA . 26.28 -11.28 14.70
O1 CLR QA . 41.69 -3.51 14.26
C1 CLR RA . 24.53 -26.79 6.21
C2 CLR RA . 23.32 -27.04 5.36
C3 CLR RA . 22.24 -26.02 5.59
C4 CLR RA . 22.80 -24.61 5.34
C5 CLR RA . 24.09 -24.33 6.09
C6 CLR RA . 24.20 -23.17 6.72
C7 CLR RA . 25.44 -22.75 7.52
C8 CLR RA . 26.63 -23.65 7.16
C9 CLR RA . 26.17 -25.13 7.18
C10 CLR RA . 25.17 -25.41 6.04
C11 CLR RA . 27.33 -26.12 7.23
C12 CLR RA . 28.34 -25.78 8.33
C13 CLR RA . 28.93 -24.39 8.07
C14 CLR RA . 27.70 -23.42 8.20
C15 CLR RA . 28.34 -22.00 8.24
C16 CLR RA . 29.75 -22.26 8.92
C17 CLR RA . 29.81 -23.81 9.24
C18 CLR RA . 29.64 -24.26 6.75
C19 CLR RA . 25.90 -25.32 4.68
C20 CLR RA . 31.26 -24.27 9.30
C21 CLR RA . 31.48 -25.62 10.00
C22 CLR RA . 31.97 -23.18 10.19
C23 CLR RA . 33.49 -23.35 10.21
C24 CLR RA . 34.00 -22.05 10.93
C25 CLR RA . 35.54 -22.06 10.92
C26 CLR RA . 36.00 -23.26 11.75
C27 CLR RA . 36.15 -20.72 11.37
O1 CLR RA . 21.08 -26.22 4.81
C1 CLR SA . 53.93 -6.63 -21.19
C2 CLR SA . 55.21 -5.97 -21.61
C3 CLR SA . 56.39 -6.87 -21.47
C4 CLR SA . 56.15 -8.16 -22.29
C5 CLR SA . 54.83 -8.84 -21.97
C6 CLR SA . 54.84 -10.14 -21.76
C7 CLR SA . 53.57 -10.95 -21.44
C8 CLR SA . 52.30 -10.15 -21.72
C9 CLR SA . 52.47 -8.69 -21.20
C10 CLR SA . 53.59 -7.92 -21.93
C11 CLR SA . 51.15 -7.92 -21.17
C12 CLR SA . 50.03 -8.69 -20.44
C13 CLR SA . 49.79 -10.03 -21.13
C14 CLR SA . 51.16 -10.80 -20.98
C15 CLR SA . 50.81 -12.27 -21.36
C16 CLR SA . 49.34 -12.44 -20.85
C17 CLR SA . 48.87 -11.02 -20.32
C18 CLR SA . 49.34 -9.91 -22.56
C19 CLR SA . 53.14 -7.61 -23.37
C20 CLR SA . 47.37 -10.89 -20.56
C21 CLR SA . 46.70 -9.65 -19.94
C22 CLR SA . 46.75 -12.14 -19.82
C23 CLR SA . 45.23 -12.22 -19.99
C24 CLR SA . 44.86 -13.63 -19.44
C25 CLR SA . 43.35 -13.86 -19.59
C26 CLR SA . 42.65 -12.76 -18.79
C27 CLR SA . 42.92 -15.28 -19.21
O1 CLR SA . 57.62 -6.28 -21.85
#